data_6OZC
#
_entry.id   6OZC
#
loop_
_entity.id
_entity.type
_entity.pdbx_description
1 polymer 'Envelope glycoprotein gp160'
2 polymer 'Envelope glycoprotein gp41'
3 polymer '2G12 Fab light chain'
4 polymer '2G12 Fab Heavy chain'
5 branched alpha-D-mannopyranose-(1-2)-alpha-D-mannopyranose-(1-3)-[alpha-D-mannopyranose-(1-6)]beta-D-mannopyranose-(1-4)-2-acetamido-2-deoxy-beta-D-glucopyranose-(1-4)-2-acetamido-2-deoxy-beta-D-glucopyranose
6 branched alpha-D-mannopyranose-(1-3)-[alpha-D-mannopyranose-(1-6)]beta-D-mannopyranose-(1-4)-2-acetamido-2-deoxy-beta-D-glucopyranose-(1-4)-2-acetamido-2-deoxy-beta-D-glucopyranose
7 branched alpha-D-mannopyranose-(1-2)-alpha-D-mannopyranose-(1-2)-alpha-D-mannopyranose-(1-3)-[alpha-D-mannopyranose-(1-3)-[alpha-D-mannopyranose-(1-6)]alpha-D-mannopyranose-(1-6)]beta-D-mannopyranose-(1-4)-2-acetamido-2-deoxy-beta-D-glucopyranose-(1-4)-2-acetamido-2-deoxy-beta-D-glucopyranose
8 branched alpha-D-mannopyranose-(1-2)-alpha-D-mannopyranose-(1-3)-[alpha-D-mannopyranose-(1-6)]alpha-D-mannopyranose-(1-6)-[alpha-D-mannopyranose-(1-3)]beta-D-mannopyranose-(1-4)-2-acetamido-2-deoxy-beta-D-glucopyranose-(1-4)-2-acetamido-2-deoxy-beta-D-glucopyranose
9 branched alpha-D-mannopyranose-(1-2)-alpha-D-mannopyranose-(1-2)-alpha-D-mannopyranose-(1-3)-[alpha-D-mannopyranose-(1-6)]beta-D-mannopyranose-(1-4)-2-acetamido-2-deoxy-beta-D-glucopyranose-(1-4)-2-acetamido-2-deoxy-beta-D-glucopyranose
10 branched alpha-D-mannopyranose-(1-2)-alpha-D-mannopyranose-(1-3)-[alpha-D-mannopyranose-(1-6)]alpha-D-mannopyranose-(1-6)-[alpha-D-mannopyranose-(1-2)-alpha-D-mannopyranose-(1-3)]beta-D-mannopyranose-(1-4)-2-acetamido-2-deoxy-beta-D-glucopyranose-(1-4)-2-acetamido-2-deoxy-beta-D-glucopyranose
11 branched 2-acetamido-2-deoxy-beta-D-glucopyranose-(1-4)-2-acetamido-2-deoxy-beta-D-glucopyranose
12 non-polymer 2-acetamido-2-deoxy-beta-D-glucopyranose
#
loop_
_entity_poly.entity_id
_entity_poly.type
_entity_poly.pdbx_seq_one_letter_code
_entity_poly.pdbx_strand_id
1 'polypeptide(L)'
;AENLWVTVYYGVPVWKDAETTLFCASDAKAYETEKHNVWATHACVPTDPNPQEIHLENVTEEFNMWKNNMVEQMHTDIIS
LWDQSLKPCVKLTPLCVTLQCTNVTNNITDDMRGELKNCSFNMTTELRDKKQKVYSLFYRLDVVQINENQGNRSNNSNKE
YRLINCNTSAITQACPKVSFEPIPIHYCAPAGFAILKCKDKKFNGTGPCPSVSTVQCTHGIKPVVSTQLLLNGSLAEEEV
MIRSENITNNAKNILVQFNTPVQINCTRPNNNTRKSIRIGPGQAFYATGDIIGDIRQAHCNVSKATWNETLGKVVKQLRK
HFGNNTIIRFANSSGGDLEVTTHSFNCGGEFFYCNTSGLFNSTWISNTSVQGSNSTGSNDSITLPCRIKQIINMWQRIGQ
AMYAPPIQGVIRCVSNITGLILTRDGGSTNSTTETFRPGGGDMRDNWRSELYKYKVVKIEPLGVAPTRCKRRVVG
;
A,E,F
2 'polypeptide(L)'
;AVGIGAVFLGFLGAAGSTMGAASMTLTVQARNLLSGIVQQQSNLLRAPEAQQHLLKLTVWGIKQLQARVLAVERYLRDQQ
LLGIWGCSGKLICCTNVPWNSSWSNRNLSEIWDNMTWLQWDKEISNYTQIIYGLLEESQNQQEKNEQDLLALD
;
B,G,I
3 'polypeptide(L)'
;DVVMTQSPSTLSASVGDTITITCRASQSIETWLAWYQQKPGKAPKLLIYKASTLKTGVPSRFSGSGSGTEFTLTISGLQF
DDFATYHCQHYAGYSATFGQGTRVEIKRTVAAPSVFIFPPSDEQLKSGTASVVCLLNNFYPREAKVQWKVDNALQSGNSQ
ESVTEQDSKDSTYSLSSTLTLSKADYEKHKVYACEVTHQGLSSPVTKSFNRGE
;
L,D,Q,M,R,N
4 'polypeptide(L)'
;EVQLVESGGGLVKAGGSLILSCGVSNFRISAHTMNWVRRVPGGGLEWVASISTSSTYRDYADAVKGRFTVSRDDLEDFVY
LQMHKMRVEDTAIYYCARKGSDRLSDNDPFDAWGPGTVVTVSPASTKGPSVFPLAPSSKSTSGGTAALGCLVKDYFPEPV
TVSWNSGALTSGVHTFPAVLQSSGLYSLSSVVTVPSSSLGTQTYICNVNHKPSNTKVDKKVEPK
;
H,C,O,J,P,K
#
loop_
_chem_comp.id
_chem_comp.type
_chem_comp.name
_chem_comp.formula
BMA D-saccharide, beta linking beta-D-mannopyranose 'C6 H12 O6'
MAN D-saccharide, alpha linking alpha-D-mannopyranose 'C6 H12 O6'
NAG D-saccharide, beta linking 2-acetamido-2-deoxy-beta-D-glucopyranose 'C8 H15 N O6'
#
# COMPACT_ATOMS: atom_id res chain seq x y z
N TRP A 5 -36.83 -47.37 -9.86
CA TRP A 5 -37.31 -46.49 -10.92
C TRP A 5 -36.38 -45.35 -11.16
N VAL A 6 -36.65 -44.18 -10.58
CA VAL A 6 -35.68 -43.12 -10.76
C VAL A 6 -34.63 -43.37 -9.70
N THR A 7 -33.39 -43.50 -10.11
CA THR A 7 -32.35 -43.70 -9.14
C THR A 7 -31.27 -42.68 -9.40
N VAL A 8 -30.48 -42.42 -8.39
CA VAL A 8 -29.43 -41.41 -8.51
C VAL A 8 -28.07 -41.97 -8.17
N TYR A 9 -27.10 -41.54 -8.95
CA TYR A 9 -25.73 -41.96 -8.82
C TYR A 9 -24.85 -40.76 -8.59
N TYR A 10 -23.81 -40.93 -7.79
CA TYR A 10 -22.96 -39.78 -7.47
C TYR A 10 -21.65 -39.68 -8.25
N GLY A 11 -20.75 -40.63 -8.12
CA GLY A 11 -19.42 -40.46 -8.76
C GLY A 11 -19.41 -40.75 -10.26
N VAL A 12 -20.24 -40.04 -11.00
CA VAL A 12 -20.44 -40.26 -12.41
C VAL A 12 -19.47 -39.35 -13.15
N PRO A 13 -18.83 -39.82 -14.23
CA PRO A 13 -17.84 -39.11 -15.00
C PRO A 13 -18.43 -38.09 -15.93
N VAL A 14 -19.07 -37.10 -15.38
CA VAL A 14 -19.69 -36.11 -16.21
C VAL A 14 -19.13 -34.75 -15.96
N TRP A 15 -18.71 -34.11 -17.03
CA TRP A 15 -18.14 -32.80 -16.92
C TRP A 15 -18.60 -31.86 -18.01
N LYS A 16 -18.49 -30.58 -17.69
CA LYS A 16 -18.89 -29.50 -18.57
C LYS A 16 -17.80 -28.46 -18.68
N ASP A 17 -17.81 -27.71 -19.79
CA ASP A 17 -16.84 -26.63 -19.91
C ASP A 17 -17.01 -25.70 -18.75
N ALA A 18 -15.93 -25.24 -18.15
CA ALA A 18 -16.09 -24.36 -17.02
C ALA A 18 -14.95 -23.40 -16.84
N GLU A 19 -15.23 -22.31 -16.16
CA GLU A 19 -14.16 -21.40 -15.85
C GLU A 19 -14.04 -21.19 -14.36
N THR A 20 -12.87 -21.46 -13.84
CA THR A 20 -12.57 -21.28 -12.44
C THR A 20 -11.21 -20.72 -12.30
N THR A 21 -10.82 -20.47 -11.07
CA THR A 21 -9.51 -19.96 -10.76
C THR A 21 -8.54 -21.10 -10.67
N LEU A 22 -7.46 -21.03 -11.42
CA LEU A 22 -6.44 -22.07 -11.33
C LEU A 22 -5.33 -21.53 -10.50
N PHE A 23 -4.61 -22.41 -9.82
CA PHE A 23 -3.51 -21.94 -9.00
C PHE A 23 -2.17 -22.51 -9.37
N CYS A 24 -1.13 -21.82 -8.95
CA CYS A 24 0.25 -22.21 -9.18
C CYS A 24 0.70 -23.34 -8.28
N ALA A 25 1.53 -24.18 -8.87
CA ALA A 25 2.27 -25.24 -8.19
C ALA A 25 3.68 -25.19 -8.77
N SER A 26 4.69 -25.55 -7.97
CA SER A 26 6.06 -25.54 -8.51
C SER A 26 6.85 -26.67 -7.91
N ASP A 27 8.08 -26.85 -8.34
CA ASP A 27 8.84 -27.96 -7.81
C ASP A 27 9.58 -27.57 -6.53
N ALA A 28 9.36 -26.35 -6.06
CA ALA A 28 9.98 -25.84 -4.86
C ALA A 28 11.42 -26.32 -4.73
N LYS A 35 16.95 -18.07 -6.26
CA LYS A 35 15.90 -17.97 -5.26
C LYS A 35 15.26 -16.60 -5.29
N HIS A 36 14.02 -16.49 -4.83
CA HIS A 36 13.31 -15.21 -4.72
C HIS A 36 13.27 -14.47 -6.04
N ASN A 37 12.90 -15.19 -7.08
CA ASN A 37 12.83 -14.59 -8.39
C ASN A 37 11.57 -13.78 -8.55
N VAL A 38 11.47 -13.12 -9.69
CA VAL A 38 10.36 -12.22 -9.94
C VAL A 38 8.99 -12.90 -9.96
N TRP A 39 8.98 -14.23 -10.11
CA TRP A 39 7.68 -14.99 -10.16
C TRP A 39 7.38 -15.67 -8.84
N ALA A 40 8.08 -15.28 -7.77
CA ALA A 40 7.85 -15.72 -6.40
C ALA A 40 7.40 -17.16 -6.30
N THR A 41 8.00 -18.06 -7.06
CA THR A 41 7.56 -19.44 -7.08
C THR A 41 8.09 -20.27 -5.93
N HIS A 42 7.79 -19.79 -4.73
CA HIS A 42 8.11 -20.41 -3.48
C HIS A 42 6.77 -20.48 -2.80
N ALA A 43 5.91 -19.58 -3.25
CA ALA A 43 4.58 -19.37 -2.70
C ALA A 43 3.57 -20.30 -3.32
N CYS A 44 4.03 -21.08 -4.28
CA CYS A 44 3.19 -21.95 -5.06
C CYS A 44 2.85 -23.31 -4.51
N VAL A 45 3.45 -23.75 -3.41
CA VAL A 45 3.22 -25.10 -2.89
C VAL A 45 3.92 -26.09 -3.83
N PRO A 46 4.66 -27.07 -3.32
CA PRO A 46 5.30 -28.11 -4.09
C PRO A 46 4.33 -28.93 -4.92
N THR A 47 4.81 -29.35 -6.08
CA THR A 47 4.11 -30.22 -7.00
C THR A 47 4.02 -31.64 -6.55
N ASP A 48 3.12 -32.34 -7.22
CA ASP A 48 2.85 -33.75 -7.07
C ASP A 48 3.97 -34.57 -7.69
N PRO A 49 4.72 -35.38 -6.93
CA PRO A 49 5.78 -36.25 -7.42
C PRO A 49 5.28 -37.30 -8.41
N ASN A 50 3.97 -37.58 -8.40
CA ASN A 50 3.41 -38.58 -9.28
C ASN A 50 2.10 -38.12 -9.91
N PRO A 51 2.13 -37.12 -10.80
CA PRO A 51 0.98 -36.50 -11.40
C PRO A 51 0.46 -37.38 -12.52
N GLN A 52 -0.01 -38.56 -12.16
CA GLN A 52 -0.44 -39.51 -13.17
C GLN A 52 -1.73 -39.10 -13.81
N GLU A 53 -1.72 -39.04 -15.14
CA GLU A 53 -2.90 -38.69 -15.89
C GLU A 53 -3.83 -39.87 -15.97
N ILE A 54 -5.10 -39.57 -16.14
CA ILE A 54 -6.01 -40.65 -16.35
C ILE A 54 -6.49 -40.64 -17.77
N HIS A 55 -6.09 -41.63 -18.55
CA HIS A 55 -6.52 -41.61 -19.94
C HIS A 55 -7.99 -41.84 -19.96
N LEU A 56 -8.73 -41.11 -20.77
CA LEU A 56 -10.13 -41.41 -20.80
C LEU A 56 -10.46 -42.27 -22.00
N GLU A 57 -10.68 -43.55 -21.75
CA GLU A 57 -10.95 -44.49 -22.82
C GLU A 57 -12.27 -44.19 -23.51
N ASN A 58 -12.26 -44.24 -24.84
CA ASN A 58 -13.43 -44.00 -25.68
C ASN A 58 -14.07 -42.63 -25.45
N VAL A 59 -13.24 -41.62 -25.25
CA VAL A 59 -13.74 -40.29 -25.03
C VAL A 59 -13.22 -39.29 -26.03
N THR A 60 -14.16 -38.51 -26.54
CA THR A 60 -13.87 -37.43 -27.44
C THR A 60 -14.06 -36.14 -26.69
N GLU A 61 -13.50 -35.08 -27.22
CA GLU A 61 -13.56 -33.78 -26.57
C GLU A 61 -13.35 -32.67 -27.60
N GLU A 62 -13.79 -31.45 -27.29
CA GLU A 62 -13.57 -30.31 -28.19
C GLU A 62 -12.79 -29.15 -27.57
N PHE A 63 -11.75 -28.72 -28.27
CA PHE A 63 -10.85 -27.68 -27.80
C PHE A 63 -10.79 -26.45 -28.72
N ASN A 64 -10.45 -25.29 -28.15
CA ASN A 64 -10.24 -24.10 -28.96
C ASN A 64 -9.21 -23.20 -28.28
N MET A 65 -7.99 -23.20 -28.78
CA MET A 65 -6.92 -22.48 -28.13
C MET A 65 -7.10 -20.97 -28.16
N TRP A 66 -8.02 -20.59 -29.12
CA TRP A 66 -8.20 -19.14 -29.37
C TRP A 66 -9.36 -18.60 -28.56
N LYS A 67 -9.92 -19.40 -27.65
CA LYS A 67 -11.04 -19.01 -26.81
C LYS A 67 -10.79 -19.55 -25.41
N ASN A 68 -9.56 -19.96 -25.17
CA ASN A 68 -9.14 -20.61 -23.94
C ASN A 68 -8.79 -19.62 -22.84
N ASN A 69 -9.59 -19.60 -21.79
CA ASN A 69 -9.44 -18.61 -20.73
C ASN A 69 -8.24 -18.88 -19.82
N MET A 70 -7.56 -19.99 -20.05
CA MET A 70 -6.39 -20.29 -19.27
C MET A 70 -5.32 -19.31 -19.67
N VAL A 71 -5.41 -18.78 -20.90
CA VAL A 71 -4.43 -17.84 -21.40
C VAL A 71 -4.61 -16.55 -20.66
N GLU A 72 -5.85 -16.13 -20.48
CA GLU A 72 -6.12 -14.90 -19.81
C GLU A 72 -5.67 -14.97 -18.37
N GLN A 73 -5.84 -16.12 -17.71
CA GLN A 73 -5.34 -16.14 -16.36
C GLN A 73 -3.84 -16.10 -16.36
N MET A 74 -3.17 -16.82 -17.25
CA MET A 74 -1.72 -16.77 -17.18
C MET A 74 -1.25 -15.35 -17.40
N HIS A 75 -1.85 -14.64 -18.33
CA HIS A 75 -1.46 -13.27 -18.57
C HIS A 75 -1.71 -12.42 -17.35
N THR A 76 -2.89 -12.54 -16.78
CA THR A 76 -3.25 -11.71 -15.66
C THR A 76 -2.30 -11.95 -14.51
N ASP A 77 -1.97 -13.21 -14.25
CA ASP A 77 -1.12 -13.52 -13.14
C ASP A 77 0.26 -13.00 -13.34
N ILE A 78 0.77 -13.09 -14.56
CA ILE A 78 2.11 -12.62 -14.78
C ILE A 78 2.21 -11.13 -14.63
N ILE A 79 1.26 -10.38 -15.17
CA ILE A 79 1.38 -8.95 -15.04
C ILE A 79 1.23 -8.52 -13.59
N SER A 80 0.27 -9.10 -12.89
CA SER A 80 0.06 -8.72 -11.51
C SER A 80 1.29 -9.03 -10.68
N LEU A 81 1.86 -10.21 -10.90
CA LEU A 81 3.02 -10.69 -10.19
C LEU A 81 4.20 -9.82 -10.49
N TRP A 82 4.36 -9.43 -11.73
CA TRP A 82 5.44 -8.56 -12.11
C TRP A 82 5.39 -7.27 -11.31
N ASP A 83 4.21 -6.65 -11.28
CA ASP A 83 4.09 -5.40 -10.55
C ASP A 83 4.29 -5.59 -9.08
N GLN A 84 3.83 -6.71 -8.52
CA GLN A 84 4.03 -6.96 -7.11
C GLN A 84 5.51 -7.01 -6.78
N SER A 85 6.26 -7.75 -7.57
CA SER A 85 7.67 -7.96 -7.32
C SER A 85 8.48 -6.69 -7.39
N LEU A 86 8.08 -5.79 -8.27
CA LEU A 86 8.79 -4.53 -8.42
C LEU A 86 8.28 -3.44 -7.52
N LYS A 87 7.26 -3.70 -6.72
CA LYS A 87 6.71 -2.64 -5.91
C LYS A 87 7.65 -2.12 -4.83
N PRO A 88 8.21 -2.95 -3.93
CA PRO A 88 9.02 -2.50 -2.82
C PRO A 88 10.45 -2.23 -3.26
N CYS A 89 10.64 -1.31 -4.17
CA CYS A 89 11.96 -1.04 -4.72
C CYS A 89 12.23 0.46 -4.82
N VAL A 90 13.47 0.82 -5.10
CA VAL A 90 13.92 2.20 -5.19
C VAL A 90 13.33 2.95 -6.36
N LYS A 91 12.81 4.14 -6.09
CA LYS A 91 12.23 4.95 -7.14
C LYS A 91 13.34 5.76 -7.76
N LEU A 92 13.29 5.96 -9.07
CA LEU A 92 14.31 6.75 -9.73
C LEU A 92 13.84 8.14 -10.13
N THR A 93 12.76 8.61 -9.55
CA THR A 93 12.25 9.94 -9.85
C THR A 93 13.35 11.01 -9.89
N PRO A 94 14.30 11.08 -8.93
CA PRO A 94 15.38 12.04 -8.85
C PRO A 94 16.33 12.02 -10.03
N LEU A 95 16.23 11.01 -10.90
CA LEU A 95 17.11 10.96 -12.05
C LEU A 95 16.56 11.82 -13.18
N CYS A 96 15.31 12.23 -13.06
CA CYS A 96 14.75 13.07 -14.12
C CYS A 96 15.18 14.51 -13.96
N VAL A 97 16.42 14.75 -14.31
CA VAL A 97 17.07 16.03 -14.26
C VAL A 97 17.75 16.25 -15.57
N THR A 98 18.15 17.47 -15.86
CA THR A 98 18.87 17.69 -17.09
C THR A 98 20.18 16.94 -17.03
N LEU A 99 20.48 16.20 -18.07
CA LEU A 99 21.73 15.45 -18.12
C LEU A 99 22.69 16.11 -19.11
N GLN A 100 23.98 16.10 -18.80
CA GLN A 100 25.00 16.64 -19.71
C GLN A 100 25.76 15.50 -20.34
N CYS A 101 25.47 15.19 -21.61
CA CYS A 101 26.06 13.96 -22.13
C CYS A 101 27.02 14.18 -23.29
N THR A 102 28.03 13.32 -23.35
CA THR A 102 28.97 13.23 -24.47
C THR A 102 29.11 11.78 -24.92
N ASN A 103 29.94 11.53 -25.90
CA ASN A 103 30.08 10.17 -26.42
C ASN A 103 31.19 9.42 -25.72
N VAL A 104 31.03 8.10 -25.61
CA VAL A 104 32.13 7.31 -25.09
C VAL A 104 32.99 6.96 -26.26
N THR A 105 34.19 7.55 -26.32
CA THR A 105 35.04 7.40 -27.49
C THR A 105 36.39 6.75 -27.24
N ASN A 106 36.58 6.16 -26.09
CA ASN A 106 37.89 5.62 -25.77
C ASN A 106 38.37 4.51 -26.70
N ASN A 107 37.47 3.64 -27.11
CA ASN A 107 37.81 2.52 -27.95
C ASN A 107 36.65 1.98 -28.77
N ILE A 108 36.13 2.79 -29.66
CA ILE A 108 34.98 2.39 -30.45
C ILE A 108 35.32 1.44 -31.56
N THR A 109 34.66 0.31 -31.55
CA THR A 109 34.80 -0.77 -32.51
C THR A 109 33.84 -0.60 -33.68
N ASP A 110 33.99 0.54 -34.35
CA ASP A 110 33.29 0.96 -35.56
C ASP A 110 31.77 1.14 -35.51
N ASP A 111 31.04 0.12 -35.10
CA ASP A 111 29.58 0.20 -35.13
C ASP A 111 29.00 0.88 -33.91
N MET A 112 29.64 0.70 -32.78
CA MET A 112 29.17 1.27 -31.52
C MET A 112 29.65 2.70 -31.44
N ARG A 113 29.23 3.51 -32.39
CA ARG A 113 29.73 4.85 -32.53
C ARG A 113 29.02 5.85 -31.64
N GLY A 114 27.69 5.83 -31.67
CA GLY A 114 26.91 6.77 -30.88
C GLY A 114 26.11 6.05 -29.82
N GLU A 115 26.35 4.76 -29.68
CA GLU A 115 25.59 3.90 -28.79
C GLU A 115 25.78 4.12 -27.31
N LEU A 116 26.97 4.49 -26.88
CA LEU A 116 27.15 4.69 -25.47
C LEU A 116 27.50 6.10 -25.19
N LYS A 117 26.78 6.67 -24.23
CA LYS A 117 27.01 8.03 -23.85
C LYS A 117 27.47 8.16 -22.42
N ASN A 118 28.42 9.06 -22.25
CA ASN A 118 29.00 9.38 -20.95
C ASN A 118 28.31 10.58 -20.38
N CYS A 119 27.54 10.40 -19.33
CA CYS A 119 26.74 11.54 -18.97
C CYS A 119 26.64 11.88 -17.49
N SER A 120 26.77 13.18 -17.20
CA SER A 120 26.76 13.67 -15.83
C SER A 120 25.57 14.51 -15.42
N PHE A 121 25.33 14.52 -14.12
CA PHE A 121 24.22 15.24 -13.52
C PHE A 121 24.39 15.56 -12.04
N ASN A 122 23.57 16.49 -11.55
CA ASN A 122 23.56 16.85 -10.13
C ASN A 122 22.49 16.08 -9.37
N MET A 123 22.94 15.10 -8.62
CA MET A 123 22.07 14.16 -7.90
C MET A 123 21.88 14.47 -6.42
N THR A 124 20.71 14.12 -5.90
CA THR A 124 20.34 14.22 -4.50
C THR A 124 21.24 13.30 -3.66
N THR A 125 21.58 13.73 -2.46
CA THR A 125 22.44 13.01 -1.53
C THR A 125 21.69 12.66 -0.26
N GLU A 126 22.34 11.97 0.66
CA GLU A 126 21.67 11.59 1.89
C GLU A 126 21.16 12.81 2.63
N LEU A 127 21.92 13.90 2.59
CA LEU A 127 21.50 15.10 3.25
C LEU A 127 20.91 16.03 2.22
N ARG A 128 19.64 16.27 2.38
CA ARG A 128 18.86 16.96 1.39
C ARG A 128 19.01 18.47 1.43
N ASP A 129 20.23 18.91 1.21
CA ASP A 129 20.59 20.30 1.16
C ASP A 129 21.87 20.41 0.38
N LYS A 130 22.43 19.25 0.01
CA LYS A 130 23.65 19.22 -0.80
C LYS A 130 23.52 18.21 -1.93
N LYS A 131 23.96 18.60 -3.12
CA LYS A 131 23.93 17.70 -4.27
C LYS A 131 25.32 17.18 -4.60
N GLN A 132 25.36 16.06 -5.28
CA GLN A 132 26.61 15.46 -5.72
C GLN A 132 26.69 15.44 -7.23
N LYS A 133 27.89 15.60 -7.76
CA LYS A 133 28.06 15.50 -9.20
C LYS A 133 28.51 14.10 -9.54
N VAL A 134 27.69 13.40 -10.29
CA VAL A 134 27.96 12.03 -10.64
C VAL A 134 27.81 11.81 -12.10
N TYR A 135 28.33 10.70 -12.58
CA TYR A 135 28.12 10.34 -13.97
C TYR A 135 27.92 8.87 -14.10
N SER A 136 27.30 8.51 -15.19
CA SER A 136 27.03 7.13 -15.52
C SER A 136 26.95 6.93 -17.01
N LEU A 137 26.95 5.69 -17.44
CA LEU A 137 26.80 5.47 -18.86
C LEU A 137 25.39 5.08 -19.21
N PHE A 138 24.96 5.55 -20.36
CA PHE A 138 23.64 5.23 -20.87
C PHE A 138 23.70 4.71 -22.28
N TYR A 139 22.74 3.88 -22.62
CA TYR A 139 22.63 3.42 -23.98
C TYR A 139 21.82 4.44 -24.73
N ARG A 140 22.12 4.61 -26.01
CA ARG A 140 21.41 5.58 -26.82
C ARG A 140 19.90 5.51 -26.75
N LEU A 141 19.36 4.31 -26.65
CA LEU A 141 17.92 4.12 -26.65
C LEU A 141 17.25 4.60 -25.39
N ASP A 142 18.02 4.90 -24.35
CA ASP A 142 17.46 5.35 -23.10
C ASP A 142 17.43 6.86 -22.92
N VAL A 143 17.94 7.65 -23.88
CA VAL A 143 17.91 9.09 -23.67
C VAL A 143 17.31 9.87 -24.82
N VAL A 144 16.85 11.06 -24.51
CA VAL A 144 16.28 11.98 -25.47
C VAL A 144 17.01 13.30 -25.46
N GLN A 145 17.45 13.78 -26.63
CA GLN A 145 18.14 15.06 -26.64
C GLN A 145 17.15 16.20 -26.61
N ILE A 146 17.38 17.16 -25.72
CA ILE A 146 16.50 18.31 -25.60
C ILE A 146 17.18 19.58 -26.01
N ASN A 147 16.65 20.22 -27.04
CA ASN A 147 17.26 21.44 -27.52
C ASN A 147 16.50 22.65 -27.00
N LYS A 159 24.29 19.72 -25.79
CA LYS A 159 24.08 18.29 -25.71
C LYS A 159 23.41 17.90 -24.41
N GLU A 160 22.25 18.47 -24.19
CA GLU A 160 21.48 18.18 -22.98
C GLU A 160 20.47 17.09 -23.26
N TYR A 161 20.30 16.21 -22.29
CA TYR A 161 19.42 15.06 -22.39
C TYR A 161 18.52 14.82 -21.21
N ARG A 162 17.47 14.05 -21.46
CA ARG A 162 16.62 13.56 -20.38
C ARG A 162 16.41 12.08 -20.57
N LEU A 163 16.04 11.39 -19.52
CA LEU A 163 15.78 9.98 -19.70
C LEU A 163 14.52 9.77 -20.49
N ILE A 164 14.56 8.76 -21.34
CA ILE A 164 13.41 8.41 -22.13
C ILE A 164 12.34 7.94 -21.18
N ASN A 165 11.13 8.32 -21.49
CA ASN A 165 9.92 8.02 -20.75
C ASN A 165 9.85 8.82 -19.46
N CYS A 166 10.79 9.71 -19.20
CA CYS A 166 10.65 10.52 -18.03
C CYS A 166 9.41 11.37 -18.10
N ASN A 167 9.05 11.82 -19.29
CA ASN A 167 7.90 12.70 -19.42
C ASN A 167 6.58 11.93 -19.43
N THR A 168 6.65 10.61 -19.37
CA THR A 168 5.48 9.78 -19.47
C THR A 168 5.17 9.02 -18.21
N SER A 169 6.19 8.51 -17.54
CA SER A 169 5.94 7.70 -16.38
C SER A 169 7.06 7.67 -15.37
N ALA A 170 6.74 7.30 -14.15
CA ALA A 170 7.74 7.12 -13.13
C ALA A 170 8.59 5.93 -13.49
N ILE A 171 9.88 6.03 -13.20
CA ILE A 171 10.79 4.94 -13.46
C ILE A 171 11.20 4.32 -12.14
N THR A 172 11.04 3.01 -12.00
CA THR A 172 11.39 2.28 -10.79
C THR A 172 12.53 1.31 -11.03
N GLN A 173 13.52 1.30 -10.15
CA GLN A 173 14.64 0.37 -10.30
C GLN A 173 14.23 -0.97 -9.82
N ALA A 174 14.50 -2.00 -10.61
CA ALA A 174 14.16 -3.32 -10.11
C ALA A 174 15.05 -3.63 -8.96
N CYS A 175 14.53 -4.32 -7.96
CA CYS A 175 15.38 -4.69 -6.87
C CYS A 175 16.48 -5.59 -7.45
N PRO A 176 17.76 -5.30 -7.18
CA PRO A 176 18.94 -5.94 -7.75
C PRO A 176 19.10 -7.39 -7.42
N LYS A 177 18.41 -7.86 -6.40
CA LYS A 177 18.53 -9.24 -5.99
C LYS A 177 17.50 -10.15 -6.62
N VAL A 178 16.59 -9.60 -7.42
CA VAL A 178 15.55 -10.44 -7.97
C VAL A 178 15.87 -10.99 -9.33
N SER A 179 15.92 -12.30 -9.41
CA SER A 179 16.17 -13.03 -10.64
C SER A 179 15.05 -12.96 -11.65
N PHE A 180 15.42 -12.91 -12.91
CA PHE A 180 14.45 -12.94 -14.00
C PHE A 180 14.51 -14.22 -14.78
N GLU A 181 15.10 -15.26 -14.20
CA GLU A 181 15.18 -16.55 -14.89
C GLU A 181 13.84 -17.27 -14.82
N PRO A 182 13.18 -17.59 -15.93
CA PRO A 182 11.91 -18.28 -15.93
C PRO A 182 12.00 -19.62 -15.24
N ILE A 183 11.04 -19.91 -14.37
CA ILE A 183 10.94 -21.15 -13.64
C ILE A 183 9.65 -21.81 -14.08
N PRO A 184 9.59 -23.10 -14.37
CA PRO A 184 8.37 -23.71 -14.80
C PRO A 184 7.28 -23.57 -13.77
N ILE A 185 6.12 -23.16 -14.22
CA ILE A 185 4.93 -23.04 -13.38
C ILE A 185 3.89 -24.01 -13.83
N HIS A 186 3.34 -24.76 -12.90
CA HIS A 186 2.29 -25.70 -13.23
C HIS A 186 0.98 -25.10 -12.82
N TYR A 187 -0.05 -25.23 -13.64
CA TYR A 187 -1.35 -24.78 -13.18
C TYR A 187 -2.16 -25.95 -12.74
N CYS A 188 -2.80 -25.79 -11.60
CA CYS A 188 -3.60 -26.86 -11.04
C CYS A 188 -5.03 -26.44 -10.78
N ALA A 189 -5.92 -27.39 -10.96
CA ALA A 189 -7.34 -27.18 -10.72
C ALA A 189 -7.66 -27.41 -9.24
N PRO A 190 -8.65 -26.70 -8.69
CA PRO A 190 -9.20 -26.92 -7.38
C PRO A 190 -10.00 -28.20 -7.41
N ALA A 191 -10.18 -28.86 -6.28
CA ALA A 191 -10.97 -30.07 -6.32
C ALA A 191 -12.36 -29.74 -6.82
N GLY A 192 -12.91 -30.64 -7.63
CA GLY A 192 -14.23 -30.49 -8.22
C GLY A 192 -14.09 -30.07 -9.68
N PHE A 193 -12.86 -29.72 -10.05
CA PHE A 193 -12.46 -29.31 -11.39
C PHE A 193 -11.31 -30.16 -11.88
N ALA A 194 -11.15 -30.17 -13.18
CA ALA A 194 -10.06 -30.91 -13.78
C ALA A 194 -9.63 -30.27 -15.07
N ILE A 195 -8.42 -30.58 -15.49
CA ILE A 195 -7.93 -30.06 -16.73
C ILE A 195 -7.80 -31.20 -17.72
N LEU A 196 -8.38 -31.01 -18.89
CA LEU A 196 -8.28 -32.05 -19.89
C LEU A 196 -7.20 -31.72 -20.86
N LYS A 197 -6.40 -32.73 -21.19
CA LYS A 197 -5.28 -32.61 -22.10
C LYS A 197 -5.51 -33.29 -23.44
N CYS A 198 -5.32 -32.55 -24.52
CA CYS A 198 -5.49 -33.07 -25.87
C CYS A 198 -4.26 -33.87 -26.29
N LYS A 199 -4.46 -35.15 -26.67
CA LYS A 199 -3.34 -35.99 -27.06
C LYS A 199 -3.29 -36.27 -28.56
N ASP A 200 -4.04 -35.55 -29.34
CA ASP A 200 -4.03 -35.78 -30.78
C ASP A 200 -2.83 -35.02 -31.34
N LYS A 201 -1.76 -35.74 -31.68
CA LYS A 201 -0.47 -35.12 -32.04
C LYS A 201 -0.41 -34.57 -33.46
N LYS A 202 -1.42 -33.80 -33.80
CA LYS A 202 -1.53 -33.11 -35.07
C LYS A 202 -2.62 -32.08 -34.88
N PHE A 203 -3.02 -31.93 -33.64
CA PHE A 203 -4.08 -30.99 -33.33
C PHE A 203 -3.70 -29.59 -33.78
N ASN A 204 -4.59 -28.95 -34.50
CA ASN A 204 -4.31 -27.64 -35.08
C ASN A 204 -4.81 -26.48 -34.24
N GLY A 205 -5.18 -26.74 -33.01
CA GLY A 205 -5.62 -25.68 -32.14
C GLY A 205 -7.11 -25.54 -32.01
N THR A 206 -7.85 -26.18 -32.89
CA THR A 206 -9.29 -26.07 -32.76
C THR A 206 -10.06 -27.26 -33.27
N GLY A 207 -11.20 -27.48 -32.64
CA GLY A 207 -12.12 -28.51 -33.04
C GLY A 207 -11.89 -29.76 -32.22
N PRO A 208 -12.52 -30.86 -32.60
CA PRO A 208 -12.50 -32.11 -31.91
C PRO A 208 -11.09 -32.62 -31.78
N CYS A 209 -10.82 -33.27 -30.66
CA CYS A 209 -9.57 -33.91 -30.32
C CYS A 209 -9.80 -35.26 -29.72
N PRO A 210 -10.09 -36.29 -30.50
CA PRO A 210 -10.33 -37.62 -29.99
C PRO A 210 -9.08 -38.01 -29.27
N SER A 211 -9.21 -38.70 -28.12
CA SER A 211 -8.08 -39.14 -27.29
C SER A 211 -7.65 -38.00 -26.38
N VAL A 212 -8.22 -38.00 -25.20
CA VAL A 212 -8.01 -37.00 -24.19
C VAL A 212 -7.71 -37.64 -22.85
N SER A 213 -6.83 -37.03 -22.07
CA SER A 213 -6.55 -37.52 -20.73
C SER A 213 -6.86 -36.47 -19.68
N THR A 214 -7.14 -36.91 -18.47
CA THR A 214 -7.41 -35.97 -17.39
C THR A 214 -6.27 -35.81 -16.42
N VAL A 215 -5.93 -34.55 -16.13
CA VAL A 215 -4.92 -34.29 -15.14
C VAL A 215 -5.43 -33.28 -14.14
N GLN A 216 -4.87 -33.28 -12.94
CA GLN A 216 -5.24 -32.22 -12.01
C GLN A 216 -4.37 -31.00 -12.24
N CYS A 217 -3.21 -31.20 -12.88
CA CYS A 217 -2.25 -30.14 -13.14
C CYS A 217 -1.63 -30.26 -14.52
N THR A 218 -1.29 -29.11 -15.11
CA THR A 218 -0.60 -29.05 -16.39
C THR A 218 0.85 -29.32 -16.13
N HIS A 219 1.62 -29.50 -17.18
CA HIS A 219 3.04 -29.66 -17.05
C HIS A 219 3.57 -28.28 -16.73
N GLY A 220 4.84 -28.17 -16.42
CA GLY A 220 5.32 -26.84 -16.11
C GLY A 220 5.59 -26.05 -17.35
N ILE A 221 5.15 -24.81 -17.33
CA ILE A 221 5.42 -23.90 -18.41
C ILE A 221 6.28 -22.76 -17.93
N LYS A 222 7.42 -22.57 -18.54
CA LYS A 222 8.23 -21.45 -18.13
C LYS A 222 7.65 -20.18 -18.70
N PRO A 223 7.51 -19.10 -17.92
CA PRO A 223 6.98 -17.82 -18.33
C PRO A 223 8.02 -17.03 -19.09
N VAL A 224 8.42 -17.56 -20.23
CA VAL A 224 9.45 -16.93 -21.03
C VAL A 224 8.79 -15.87 -21.87
N VAL A 225 9.35 -14.69 -21.90
CA VAL A 225 8.77 -13.63 -22.68
C VAL A 225 9.67 -13.24 -23.82
N SER A 226 9.08 -13.18 -25.00
CA SER A 226 9.79 -12.80 -26.19
C SER A 226 8.82 -12.35 -27.26
N THR A 227 9.37 -11.75 -28.29
CA THR A 227 8.58 -11.39 -29.46
C THR A 227 9.23 -12.03 -30.67
N GLN A 228 8.52 -12.17 -31.77
CA GLN A 228 9.03 -12.72 -33.04
C GLN A 228 9.44 -14.21 -32.97
N LEU A 229 10.43 -14.53 -32.15
CA LEU A 229 10.89 -15.90 -31.98
C LEU A 229 10.56 -16.38 -30.60
N LEU A 230 9.88 -17.53 -30.58
CA LEU A 230 9.46 -18.16 -29.36
C LEU A 230 10.62 -18.97 -28.84
N LEU A 231 10.99 -18.72 -27.60
CA LEU A 231 12.13 -19.40 -27.02
C LEU A 231 11.77 -20.33 -25.89
N ASN A 232 12.53 -21.40 -25.79
CA ASN A 232 12.49 -22.35 -24.69
C ASN A 232 11.09 -22.90 -24.43
N GLY A 233 10.32 -23.16 -25.47
CA GLY A 233 9.00 -23.72 -25.28
C GLY A 233 9.04 -25.19 -25.55
N SER A 234 7.87 -25.77 -25.72
CA SER A 234 7.80 -27.18 -26.00
C SER A 234 7.88 -27.39 -27.50
N LEU A 235 8.19 -28.60 -27.91
CA LEU A 235 8.25 -28.92 -29.33
C LEU A 235 7.07 -29.71 -29.79
N ALA A 236 6.78 -29.59 -31.07
CA ALA A 236 5.75 -30.36 -31.71
C ALA A 236 6.22 -31.80 -31.72
N GLU A 237 5.30 -32.74 -31.64
CA GLU A 237 5.67 -34.14 -31.59
C GLU A 237 6.29 -34.72 -32.85
N GLU A 238 5.75 -34.36 -34.01
CA GLU A 238 6.27 -34.94 -35.26
C GLU A 238 6.59 -33.90 -36.32
N GLU A 239 5.58 -33.17 -36.74
CA GLU A 239 5.69 -32.17 -37.79
C GLU A 239 5.73 -30.78 -37.25
N VAL A 240 6.24 -29.87 -38.04
CA VAL A 240 6.13 -28.48 -37.65
C VAL A 240 4.66 -28.15 -37.75
N MET A 241 4.12 -27.54 -36.73
CA MET A 241 2.71 -27.21 -36.78
C MET A 241 2.43 -25.77 -37.06
N ILE A 242 1.45 -25.55 -37.92
CA ILE A 242 1.01 -24.22 -38.24
C ILE A 242 -0.34 -24.02 -37.61
N ARG A 243 -0.49 -23.02 -36.75
CA ARG A 243 -1.79 -22.85 -36.12
C ARG A 243 -2.25 -21.41 -36.16
N SER A 244 -3.50 -21.19 -36.50
CA SER A 244 -4.04 -19.83 -36.49
C SER A 244 -5.53 -19.82 -36.28
N GLU A 245 -6.07 -18.73 -35.74
CA GLU A 245 -7.51 -18.64 -35.56
C GLU A 245 -8.20 -18.68 -36.92
N ASN A 246 -7.61 -17.97 -37.86
CA ASN A 246 -8.09 -17.88 -39.23
C ASN A 246 -6.90 -17.64 -40.15
N ILE A 247 -6.46 -18.66 -40.84
CA ILE A 247 -5.25 -18.55 -41.64
C ILE A 247 -5.38 -17.63 -42.84
N THR A 248 -6.59 -17.29 -43.23
CA THR A 248 -6.76 -16.41 -44.39
C THR A 248 -7.04 -14.98 -43.96
N ASN A 249 -7.03 -14.75 -42.65
CA ASN A 249 -7.30 -13.44 -42.11
C ASN A 249 -5.96 -12.75 -41.81
N ASN A 250 -5.64 -11.68 -42.51
CA ASN A 250 -4.33 -11.07 -42.34
C ASN A 250 -4.19 -10.34 -41.01
N ALA A 251 -5.29 -10.21 -40.29
CA ALA A 251 -5.29 -9.56 -38.99
C ALA A 251 -4.94 -10.54 -37.88
N LYS A 252 -4.78 -11.81 -38.21
CA LYS A 252 -4.49 -12.81 -37.21
C LYS A 252 -3.07 -13.29 -37.32
N ASN A 253 -2.49 -13.71 -36.21
CA ASN A 253 -1.14 -14.22 -36.24
C ASN A 253 -1.15 -15.72 -36.48
N ILE A 254 -0.08 -16.21 -37.04
CA ILE A 254 0.13 -17.61 -37.25
C ILE A 254 1.22 -18.07 -36.31
N LEU A 255 0.93 -19.05 -35.50
CA LEU A 255 1.96 -19.50 -34.60
C LEU A 255 2.56 -20.73 -35.20
N VAL A 256 3.87 -20.81 -35.16
CA VAL A 256 4.52 -21.98 -35.70
C VAL A 256 5.28 -22.70 -34.64
N GLN A 257 4.95 -23.96 -34.46
CA GLN A 257 5.64 -24.75 -33.44
C GLN A 257 6.59 -25.72 -34.10
N PHE A 258 7.86 -25.58 -33.80
CA PHE A 258 8.86 -26.42 -34.41
C PHE A 258 8.84 -27.79 -33.79
N ASN A 259 9.28 -28.77 -34.56
CA ASN A 259 9.46 -30.14 -34.10
C ASN A 259 10.92 -30.45 -33.84
N THR A 260 11.73 -29.41 -33.75
CA THR A 260 13.15 -29.51 -33.49
C THR A 260 13.58 -28.13 -33.01
N PRO A 261 14.51 -27.98 -32.08
CA PRO A 261 15.03 -26.72 -31.63
C PRO A 261 16.02 -26.14 -32.61
N VAL A 262 16.19 -24.83 -32.59
CA VAL A 262 17.29 -24.21 -33.31
C VAL A 262 18.16 -23.51 -32.28
N GLN A 263 19.47 -23.71 -32.30
CA GLN A 263 20.25 -23.06 -31.26
C GLN A 263 20.57 -21.62 -31.56
N ILE A 264 20.32 -20.77 -30.56
CA ILE A 264 20.67 -19.37 -30.62
C ILE A 264 21.55 -18.96 -29.43
N ASN A 265 22.68 -18.37 -29.73
CA ASN A 265 23.67 -17.98 -28.73
C ASN A 265 23.85 -16.48 -28.63
N CYS A 266 23.44 -15.91 -27.53
CA CYS A 266 23.54 -14.47 -27.41
C CYS A 266 24.56 -14.05 -26.39
N THR A 267 25.19 -12.93 -26.66
CA THR A 267 26.19 -12.38 -25.76
C THR A 267 26.17 -10.89 -25.62
N ARG A 268 26.72 -10.42 -24.52
CA ARG A 268 26.95 -9.01 -24.31
C ARG A 268 28.37 -8.84 -23.77
N PRO A 269 29.40 -8.93 -24.61
CA PRO A 269 30.83 -9.05 -24.30
C PRO A 269 31.46 -7.95 -23.49
N ASN A 270 30.86 -6.78 -23.43
CA ASN A 270 31.47 -5.70 -22.70
C ASN A 270 31.64 -6.10 -21.24
N ASN A 271 32.82 -5.89 -20.69
CA ASN A 271 33.02 -6.21 -19.28
C ASN A 271 32.62 -5.00 -18.44
N ASN A 272 31.49 -5.10 -17.78
CA ASN A 272 30.89 -3.96 -17.11
C ASN A 272 31.27 -3.82 -15.67
N THR A 273 31.09 -2.63 -15.18
CA THR A 273 31.24 -2.34 -13.77
C THR A 273 30.00 -1.58 -13.41
N ARG A 274 29.67 -1.52 -12.14
CA ARG A 274 28.56 -0.68 -11.73
C ARG A 274 28.92 0.14 -10.52
N LYS A 275 28.27 1.28 -10.39
CA LYS A 275 28.50 2.13 -9.24
C LYS A 275 27.24 2.21 -8.43
N SER A 276 27.36 2.30 -7.12
CA SER A 276 26.17 2.47 -6.32
C SER A 276 26.12 3.88 -5.81
N ILE A 277 25.11 4.62 -6.25
CA ILE A 277 25.01 6.01 -5.88
C ILE A 277 23.91 6.21 -4.90
N ARG A 278 24.26 6.65 -3.70
CA ARG A 278 23.22 6.86 -2.73
C ARG A 278 22.50 8.13 -3.10
N ILE A 279 21.20 8.04 -3.13
CA ILE A 279 20.31 9.13 -3.45
C ILE A 279 19.73 9.68 -2.18
N GLY A 280 19.38 8.78 -1.29
CA GLY A 280 18.71 9.20 -0.08
C GLY A 280 18.92 8.18 1.02
N PRO A 281 18.11 8.21 2.06
CA PRO A 281 18.24 7.42 3.26
C PRO A 281 17.90 5.96 3.07
N GLY A 282 18.85 5.24 2.48
CA GLY A 282 18.68 3.82 2.17
C GLY A 282 18.21 3.62 0.75
N GLN A 283 18.24 4.69 -0.01
CA GLN A 283 17.82 4.67 -1.39
C GLN A 283 19.02 4.81 -2.30
N ALA A 284 19.30 3.78 -3.09
CA ALA A 284 20.47 3.84 -3.94
C ALA A 284 20.20 3.28 -5.32
N PHE A 285 20.84 3.91 -6.27
CA PHE A 285 20.79 3.62 -7.68
C PHE A 285 22.00 2.91 -8.21
N TYR A 286 21.77 1.94 -9.06
CA TYR A 286 22.88 1.25 -9.68
C TYR A 286 23.14 1.78 -11.05
N ALA A 287 24.25 2.46 -11.17
CA ALA A 287 24.63 3.12 -12.38
C ALA A 287 25.52 2.26 -13.20
N THR A 288 25.38 2.32 -14.51
CA THR A 288 26.33 1.61 -15.34
C THR A 288 27.62 2.34 -15.14
N GLY A 289 28.68 1.61 -14.81
CA GLY A 289 29.98 2.19 -14.56
C GLY A 289 30.83 2.11 -15.79
N ASP A 290 32.13 2.24 -15.64
CA ASP A 290 33.02 2.22 -16.78
C ASP A 290 33.10 0.83 -17.37
N ILE A 291 33.40 0.77 -18.66
CA ILE A 291 33.57 -0.51 -19.31
C ILE A 291 35.04 -0.84 -19.43
N ILE A 292 35.37 -2.04 -19.02
CA ILE A 292 36.70 -2.57 -19.02
C ILE A 292 36.97 -3.24 -20.33
N GLY A 293 38.09 -2.92 -20.95
CA GLY A 293 38.39 -3.50 -22.24
C GLY A 293 37.72 -2.68 -23.32
N ASP A 294 37.41 -3.31 -24.43
CA ASP A 294 36.83 -2.66 -25.58
C ASP A 294 35.33 -2.90 -25.68
N ILE A 295 34.73 -2.41 -26.75
CA ILE A 295 33.29 -2.44 -26.88
C ILE A 295 32.80 -3.38 -27.99
N ARG A 296 31.69 -4.07 -27.75
CA ARG A 296 31.07 -4.95 -28.75
C ARG A 296 29.59 -4.72 -28.95
N GLN A 297 29.10 -5.17 -30.10
CA GLN A 297 27.71 -5.06 -30.55
C GLN A 297 26.70 -5.91 -29.80
N ALA A 298 27.16 -6.86 -29.01
CA ALA A 298 26.28 -7.74 -28.23
C ALA A 298 25.29 -8.49 -29.10
N HIS A 299 25.82 -9.11 -30.12
CA HIS A 299 25.11 -9.89 -31.10
C HIS A 299 24.68 -11.30 -30.68
N CYS A 300 23.82 -11.88 -31.51
CA CYS A 300 23.39 -13.28 -31.35
C CYS A 300 23.71 -14.15 -32.56
N ASN A 301 24.12 -15.37 -32.30
CA ASN A 301 24.44 -16.34 -33.34
C ASN A 301 23.38 -17.40 -33.51
N VAL A 302 22.93 -17.60 -34.73
CA VAL A 302 21.97 -18.64 -35.02
C VAL A 302 22.63 -19.61 -35.97
N SER A 303 22.62 -20.91 -35.63
CA SER A 303 23.32 -21.82 -36.54
C SER A 303 22.74 -21.66 -37.92
N LYS A 304 23.59 -21.43 -38.93
CA LYS A 304 23.02 -21.11 -40.23
C LYS A 304 22.24 -22.20 -40.89
N ALA A 305 22.81 -23.39 -40.96
CA ALA A 305 22.09 -24.43 -41.67
C ALA A 305 20.86 -24.84 -40.93
N THR A 306 20.94 -24.92 -39.62
CA THR A 306 19.78 -25.39 -38.90
C THR A 306 18.65 -24.43 -39.09
N TRP A 307 18.92 -23.14 -39.01
CA TRP A 307 17.86 -22.19 -39.17
C TRP A 307 17.17 -22.26 -40.48
N ASN A 308 17.91 -22.21 -41.58
CA ASN A 308 17.18 -22.18 -42.83
C ASN A 308 16.62 -23.54 -43.19
N GLU A 309 17.22 -24.64 -42.71
CA GLU A 309 16.63 -25.93 -42.97
C GLU A 309 15.26 -25.96 -42.33
N THR A 310 15.20 -25.46 -41.10
CA THR A 310 13.97 -25.44 -40.36
C THR A 310 12.97 -24.61 -41.10
N LEU A 311 13.37 -23.47 -41.65
CA LEU A 311 12.37 -22.72 -42.39
C LEU A 311 11.88 -23.54 -43.56
N GLY A 312 12.73 -24.35 -44.17
CA GLY A 312 12.26 -25.16 -45.27
C GLY A 312 11.11 -26.07 -44.80
N LYS A 313 11.19 -26.56 -43.57
CA LYS A 313 10.14 -27.39 -43.01
C LYS A 313 8.88 -26.55 -42.80
N VAL A 314 9.06 -25.30 -42.37
CA VAL A 314 7.95 -24.42 -42.12
C VAL A 314 7.22 -24.18 -43.42
N VAL A 315 7.98 -23.96 -44.49
CA VAL A 315 7.38 -23.72 -45.78
C VAL A 315 6.63 -24.94 -46.25
N LYS A 316 7.21 -26.12 -46.12
CA LYS A 316 6.51 -27.31 -46.56
C LYS A 316 5.14 -27.39 -45.93
N GLN A 317 5.04 -27.05 -44.65
CA GLN A 317 3.77 -27.11 -43.99
C GLN A 317 2.87 -25.93 -44.35
N LEU A 318 3.43 -24.72 -44.56
CA LEU A 318 2.55 -23.60 -44.90
C LEU A 318 1.84 -23.87 -46.20
N ARG A 319 2.52 -24.51 -47.14
CA ARG A 319 1.96 -24.80 -48.43
C ARG A 319 0.63 -25.55 -48.35
N LYS A 320 0.42 -26.34 -47.31
CA LYS A 320 -0.81 -27.12 -47.23
C LYS A 320 -2.06 -26.26 -47.22
N HIS A 321 -1.93 -25.00 -46.83
CA HIS A 321 -3.05 -24.10 -46.77
C HIS A 321 -3.10 -23.11 -47.93
N PHE A 322 -2.11 -23.13 -48.80
CA PHE A 322 -2.06 -22.15 -49.86
C PHE A 322 -2.01 -22.75 -51.25
N GLY A 323 -1.46 -23.96 -51.35
CA GLY A 323 -1.26 -24.68 -52.60
C GLY A 323 0.16 -25.20 -52.72
N ASN A 324 0.32 -26.31 -53.42
CA ASN A 324 1.62 -26.94 -53.53
C ASN A 324 2.45 -26.38 -54.66
N ASN A 325 1.92 -25.36 -55.30
CA ASN A 325 2.57 -24.67 -56.37
C ASN A 325 2.83 -23.23 -55.99
N THR A 326 2.77 -22.91 -54.70
CA THR A 326 2.98 -21.55 -54.28
C THR A 326 4.40 -21.17 -53.95
N ILE A 327 4.60 -19.88 -53.84
CA ILE A 327 5.87 -19.31 -53.46
C ILE A 327 5.78 -18.72 -52.09
N ILE A 328 6.68 -19.16 -51.23
CA ILE A 328 6.68 -18.62 -49.89
C ILE A 328 7.91 -17.80 -49.69
N ARG A 329 7.69 -16.55 -49.34
CA ARG A 329 8.77 -15.62 -49.15
C ARG A 329 8.80 -15.08 -47.75
N PHE A 330 9.98 -14.83 -47.24
CA PHE A 330 10.07 -14.21 -45.94
C PHE A 330 10.64 -12.83 -46.05
N ALA A 331 10.21 -11.99 -45.15
CA ALA A 331 10.66 -10.62 -45.08
C ALA A 331 10.69 -10.20 -43.65
N ASN A 332 11.37 -9.13 -43.33
CA ASN A 332 11.45 -8.71 -41.96
C ASN A 332 10.24 -7.89 -41.54
N SER A 333 10.18 -7.54 -40.27
CA SER A 333 9.07 -6.74 -39.77
C SER A 333 9.11 -5.39 -40.44
N SER A 334 7.94 -4.91 -40.86
CA SER A 334 7.85 -3.66 -41.59
C SER A 334 8.00 -2.38 -40.79
N GLY A 335 7.77 -2.40 -39.49
CA GLY A 335 7.89 -1.17 -38.74
C GLY A 335 7.14 -1.22 -37.43
N GLY A 336 7.28 -0.16 -36.63
CA GLY A 336 6.66 -0.09 -35.33
C GLY A 336 7.71 -0.05 -34.23
N ASP A 337 7.25 -0.25 -33.00
CA ASP A 337 8.05 -0.19 -31.79
C ASP A 337 9.09 -1.30 -31.75
N LEU A 338 10.13 -1.14 -30.94
CA LEU A 338 11.17 -2.17 -30.94
C LEU A 338 10.61 -3.53 -30.61
N GLU A 339 9.62 -3.62 -29.76
CA GLU A 339 9.07 -4.91 -29.40
C GLU A 339 8.41 -5.66 -30.57
N VAL A 340 8.07 -4.97 -31.65
CA VAL A 340 7.45 -5.62 -32.79
C VAL A 340 8.35 -5.62 -34.01
N THR A 341 9.47 -4.88 -33.96
CA THR A 341 10.38 -4.90 -35.08
C THR A 341 11.60 -5.73 -34.79
N THR A 342 11.89 -5.98 -33.52
CA THR A 342 13.07 -6.73 -33.13
C THR A 342 12.78 -7.94 -32.26
N HIS A 343 13.78 -8.76 -32.10
CA HIS A 343 13.64 -9.91 -31.26
C HIS A 343 13.83 -9.52 -29.85
N SER A 344 12.75 -9.28 -29.16
CA SER A 344 12.88 -8.89 -27.77
C SER A 344 13.03 -10.13 -26.91
N PHE A 345 14.02 -10.11 -26.02
CA PHE A 345 14.24 -11.20 -25.05
C PHE A 345 15.06 -10.73 -23.86
N ASN A 346 15.15 -11.58 -22.84
CA ASN A 346 15.90 -11.26 -21.63
C ASN A 346 16.85 -12.35 -21.18
N CYS A 347 18.12 -11.97 -21.01
CA CYS A 347 19.14 -12.89 -20.51
C CYS A 347 19.81 -12.38 -19.26
N GLY A 348 19.53 -13.03 -18.14
CA GLY A 348 20.14 -12.67 -16.88
C GLY A 348 19.60 -11.39 -16.27
N GLY A 349 18.51 -10.87 -16.82
CA GLY A 349 18.00 -9.61 -16.35
C GLY A 349 18.35 -8.50 -17.35
N GLU A 350 19.21 -8.79 -18.34
CA GLU A 350 19.52 -7.78 -19.34
C GLU A 350 18.53 -7.85 -20.50
N PHE A 351 18.16 -6.69 -21.02
CA PHE A 351 17.20 -6.62 -22.11
C PHE A 351 17.75 -6.35 -23.48
N PHE A 352 17.57 -7.33 -24.35
CA PHE A 352 18.07 -7.34 -25.70
C PHE A 352 16.98 -7.10 -26.72
N TYR A 353 17.36 -6.37 -27.75
CA TYR A 353 16.54 -6.09 -28.90
C TYR A 353 17.31 -6.42 -30.17
N CYS A 354 17.18 -7.64 -30.68
CA CYS A 354 18.04 -8.04 -31.80
C CYS A 354 17.39 -7.88 -33.17
N ASN A 355 18.21 -7.54 -34.14
CA ASN A 355 17.81 -7.35 -35.52
C ASN A 355 17.74 -8.68 -36.26
N THR A 356 16.53 -9.07 -36.62
CA THR A 356 16.23 -10.35 -37.23
C THR A 356 16.09 -10.33 -38.72
N SER A 357 16.50 -9.24 -39.33
CA SER A 357 16.42 -9.13 -40.78
C SER A 357 17.39 -10.07 -41.44
N GLY A 358 18.34 -10.57 -40.68
CA GLY A 358 19.29 -11.53 -41.18
C GLY A 358 18.72 -12.94 -41.17
N LEU A 359 17.54 -13.13 -40.59
CA LEU A 359 16.92 -14.44 -40.53
C LEU A 359 15.74 -14.53 -41.46
N PHE A 360 14.91 -13.50 -41.45
CA PHE A 360 13.70 -13.55 -42.26
C PHE A 360 13.93 -13.00 -43.62
N ASN A 361 14.43 -13.89 -44.44
CA ASN A 361 14.83 -13.58 -45.80
C ASN A 361 14.64 -14.80 -46.69
N SER A 362 14.89 -14.59 -47.96
CA SER A 362 14.85 -15.57 -49.03
C SER A 362 13.48 -16.10 -49.36
N THR A 363 13.47 -16.89 -50.42
CA THR A 363 12.25 -17.42 -50.99
C THR A 363 12.36 -18.90 -51.32
N TRP A 364 11.30 -19.60 -51.00
CA TRP A 364 11.27 -21.02 -51.37
C TRP A 364 10.28 -21.20 -52.53
N ILE A 365 10.74 -21.82 -53.61
CA ILE A 365 9.93 -22.04 -54.79
C ILE A 365 9.46 -23.47 -54.86
N SER A 366 10.38 -24.41 -54.78
CA SER A 366 10.07 -25.82 -54.89
C SER A 366 11.21 -26.68 -54.41
N ASP A 380 28.73 -22.72 -40.37
CA ASP A 380 28.54 -21.29 -40.64
C ASP A 380 27.49 -20.73 -39.68
N SER A 381 27.49 -19.42 -39.52
CA SER A 381 26.63 -18.78 -38.52
C SER A 381 26.05 -17.46 -38.96
N ILE A 382 24.79 -17.25 -38.62
CA ILE A 382 24.13 -16.00 -38.92
C ILE A 382 24.24 -15.13 -37.71
N THR A 383 24.78 -13.93 -37.85
CA THR A 383 24.87 -13.09 -36.68
C THR A 383 23.90 -11.94 -36.76
N LEU A 384 23.26 -11.69 -35.64
CA LEU A 384 22.28 -10.64 -35.52
C LEU A 384 22.85 -9.55 -34.64
N PRO A 385 23.02 -8.31 -35.10
CA PRO A 385 23.44 -7.20 -34.28
C PRO A 385 22.32 -6.96 -33.31
N CYS A 386 22.61 -6.45 -32.13
CA CYS A 386 21.51 -6.16 -31.21
C CYS A 386 21.70 -4.86 -30.48
N ARG A 387 20.63 -4.38 -29.89
CA ARG A 387 20.72 -3.22 -29.06
C ARG A 387 20.39 -3.59 -27.63
N ILE A 388 20.96 -2.85 -26.71
CA ILE A 388 20.71 -3.03 -25.29
C ILE A 388 19.98 -1.83 -24.76
N LYS A 389 18.92 -2.06 -23.99
CA LYS A 389 18.15 -0.95 -23.44
C LYS A 389 17.87 -1.18 -21.96
N GLN A 390 18.04 -0.16 -21.10
CA GLN A 390 17.76 -0.35 -19.68
C GLN A 390 16.38 0.09 -19.20
N ILE A 391 15.72 1.05 -19.89
CA ILE A 391 14.41 1.47 -19.38
C ILE A 391 13.34 0.78 -20.18
N ILE A 392 12.65 -0.14 -19.54
CA ILE A 392 11.73 -1.01 -20.24
C ILE A 392 10.27 -0.85 -19.85
N ASN A 393 9.41 -0.66 -20.83
CA ASN A 393 7.98 -0.59 -20.57
C ASN A 393 7.38 -1.96 -20.85
N MET A 394 7.31 -2.83 -19.85
CA MET A 394 6.83 -4.16 -20.18
C MET A 394 5.34 -4.25 -20.27
N TRP A 395 4.91 -5.23 -21.05
CA TRP A 395 3.53 -5.60 -21.28
C TRP A 395 2.80 -4.55 -22.09
N GLN A 396 3.57 -3.71 -22.76
CA GLN A 396 3.07 -2.70 -23.68
C GLN A 396 2.05 -1.77 -23.06
N ARG A 397 2.33 -1.33 -21.84
CA ARG A 397 1.50 -0.39 -21.12
C ARG A 397 2.07 0.98 -21.32
N ILE A 398 1.27 2.01 -21.09
CA ILE A 398 1.81 3.35 -21.24
C ILE A 398 2.51 3.79 -19.97
N GLY A 399 1.87 3.60 -18.83
CA GLY A 399 2.50 4.01 -17.59
C GLY A 399 3.37 2.89 -17.06
N GLN A 400 4.18 3.22 -16.06
CA GLN A 400 5.08 2.34 -15.31
C GLN A 400 6.31 1.85 -16.07
N ALA A 401 7.46 2.44 -15.79
CA ALA A 401 8.67 1.97 -16.48
C ALA A 401 9.60 1.32 -15.50
N MET A 402 10.26 0.25 -15.92
CA MET A 402 11.21 -0.40 -15.04
C MET A 402 12.63 -0.17 -15.51
N TYR A 403 13.52 0.09 -14.57
CA TYR A 403 14.92 0.25 -14.92
C TYR A 403 15.72 -0.97 -14.57
N ALA A 404 16.33 -1.53 -15.58
CA ALA A 404 17.12 -2.71 -15.37
C ALA A 404 18.49 -2.29 -14.88
N PRO A 405 18.93 -2.70 -13.69
CA PRO A 405 20.18 -2.30 -13.14
C PRO A 405 21.21 -3.01 -13.96
N PRO A 406 22.42 -2.52 -14.04
CA PRO A 406 23.52 -3.13 -14.73
C PRO A 406 23.99 -4.40 -14.07
N ILE A 407 24.46 -5.31 -14.91
CA ILE A 407 25.06 -6.58 -14.59
C ILE A 407 26.53 -6.47 -14.95
N GLN A 408 27.42 -6.78 -14.02
CA GLN A 408 28.84 -6.59 -14.33
C GLN A 408 29.48 -7.74 -15.12
N GLY A 409 29.07 -8.95 -14.82
CA GLY A 409 29.70 -10.08 -15.47
C GLY A 409 29.35 -10.11 -16.94
N VAL A 410 30.21 -10.70 -17.74
CA VAL A 410 29.89 -10.77 -19.15
C VAL A 410 28.77 -11.77 -19.34
N ILE A 411 27.74 -11.35 -20.05
CA ILE A 411 26.57 -12.17 -20.26
C ILE A 411 26.66 -13.07 -21.45
N ARG A 412 26.32 -14.31 -21.20
CA ARG A 412 26.22 -15.28 -22.25
C ARG A 412 25.03 -16.15 -21.96
N CYS A 413 24.22 -16.40 -22.97
CA CYS A 413 23.07 -17.27 -22.81
C CYS A 413 22.77 -18.07 -24.06
N VAL A 414 22.34 -19.31 -23.87
CA VAL A 414 21.98 -20.16 -24.98
C VAL A 414 20.55 -20.60 -24.87
N SER A 415 19.79 -20.31 -25.89
CA SER A 415 18.38 -20.63 -25.89
C SER A 415 17.97 -21.52 -27.04
N ASN A 416 16.83 -22.14 -26.87
CA ASN A 416 16.23 -22.98 -27.91
C ASN A 416 15.15 -22.25 -28.67
N ILE A 417 15.33 -22.01 -29.95
CA ILE A 417 14.21 -21.37 -30.62
C ILE A 417 13.28 -22.53 -30.84
N THR A 418 12.05 -22.39 -30.40
CA THR A 418 11.07 -23.45 -30.52
C THR A 418 9.94 -23.07 -31.44
N GLY A 419 9.89 -21.82 -31.86
CA GLY A 419 8.81 -21.45 -32.75
C GLY A 419 8.85 -20.01 -33.24
N LEU A 420 7.87 -19.69 -34.04
CA LEU A 420 7.77 -18.38 -34.67
C LEU A 420 6.43 -17.72 -34.51
N ILE A 421 6.42 -16.40 -34.53
CA ILE A 421 5.17 -15.70 -34.70
C ILE A 421 5.18 -15.04 -36.06
N LEU A 422 4.32 -15.48 -36.95
CA LEU A 422 4.32 -14.92 -38.29
C LEU A 422 3.03 -14.27 -38.68
N THR A 423 3.12 -13.28 -39.52
CA THR A 423 1.91 -12.72 -40.07
C THR A 423 1.99 -12.79 -41.57
N ARG A 424 0.84 -12.97 -42.19
CA ARG A 424 0.71 -13.01 -43.63
C ARG A 424 0.56 -11.58 -44.08
N ASP A 425 1.25 -11.19 -45.13
CA ASP A 425 1.15 -9.79 -45.50
C ASP A 425 -0.13 -9.53 -46.28
N GLY A 426 -0.33 -8.29 -46.64
CA GLY A 426 -1.51 -7.82 -47.34
C GLY A 426 -1.24 -7.41 -48.77
N GLY A 427 -1.90 -6.33 -49.18
CA GLY A 427 -1.79 -5.90 -50.56
C GLY A 427 -2.73 -6.78 -51.36
N SER A 428 -2.47 -6.92 -52.66
CA SER A 428 -3.34 -7.67 -53.55
C SER A 428 -3.24 -9.18 -53.36
N THR A 429 -2.18 -9.62 -52.67
CA THR A 429 -1.89 -11.03 -52.42
C THR A 429 -2.30 -11.85 -53.63
N ASN A 430 -1.71 -11.51 -54.77
CA ASN A 430 -2.12 -12.10 -56.02
C ASN A 430 -1.30 -13.33 -56.37
N SER A 431 -1.67 -13.92 -57.50
CA SER A 431 -1.00 -15.08 -58.02
C SER A 431 -0.90 -16.14 -56.98
N THR A 432 0.27 -16.74 -56.93
CA THR A 432 0.58 -17.80 -56.02
C THR A 432 1.70 -17.40 -55.06
N THR A 433 1.97 -16.10 -54.92
CA THR A 433 3.07 -15.70 -54.04
C THR A 433 2.61 -15.01 -52.78
N GLU A 434 3.08 -15.50 -51.65
CA GLU A 434 2.72 -14.90 -50.37
C GLU A 434 3.96 -14.65 -49.53
N THR A 435 3.93 -13.56 -48.78
CA THR A 435 5.07 -13.21 -47.94
C THR A 435 4.68 -13.19 -46.49
N PHE A 436 5.55 -13.76 -45.68
CA PHE A 436 5.36 -13.81 -44.24
C PHE A 436 6.39 -12.97 -43.53
N ARG A 437 5.97 -12.35 -42.44
CA ARG A 437 6.87 -11.52 -41.67
C ARG A 437 6.85 -11.88 -40.18
N PRO A 438 7.94 -11.64 -39.45
CA PRO A 438 8.10 -11.85 -38.04
C PRO A 438 7.44 -10.77 -37.23
N GLY A 439 6.13 -10.83 -37.20
CA GLY A 439 5.36 -9.86 -36.47
C GLY A 439 5.39 -10.27 -35.00
N GLY A 440 4.59 -9.63 -34.17
CA GLY A 440 4.64 -9.98 -32.76
C GLY A 440 3.98 -8.94 -31.88
N GLY A 441 4.17 -9.10 -30.58
CA GLY A 441 3.58 -8.23 -29.59
C GLY A 441 2.44 -9.01 -28.99
N ASP A 442 1.93 -8.57 -27.84
CA ASP A 442 0.84 -9.27 -27.16
C ASP A 442 1.32 -10.64 -26.66
N MET A 443 1.85 -10.64 -25.44
CA MET A 443 2.46 -11.82 -24.83
C MET A 443 1.50 -12.97 -24.67
N ARG A 444 0.21 -12.71 -24.76
CA ARG A 444 -0.77 -13.75 -24.64
C ARG A 444 -0.53 -14.83 -25.68
N ASP A 445 0.02 -14.48 -26.84
CA ASP A 445 0.25 -15.53 -27.82
C ASP A 445 1.34 -16.48 -27.38
N ASN A 446 2.31 -16.04 -26.57
CA ASN A 446 3.37 -16.96 -26.22
C ASN A 446 2.80 -17.98 -25.28
N TRP A 447 1.94 -17.49 -24.39
CA TRP A 447 1.29 -18.42 -23.46
C TRP A 447 0.50 -19.37 -24.35
N ARG A 448 -0.38 -18.80 -25.16
CA ARG A 448 -1.30 -19.59 -25.92
C ARG A 448 -0.59 -20.76 -26.59
N SER A 449 0.64 -20.54 -27.02
CA SER A 449 1.43 -21.57 -27.67
C SER A 449 1.76 -22.75 -26.76
N GLU A 450 1.62 -22.62 -25.45
CA GLU A 450 1.91 -23.73 -24.56
C GLU A 450 0.63 -24.33 -23.96
N LEU A 451 -0.38 -23.50 -23.78
CA LEU A 451 -1.64 -23.92 -23.16
C LEU A 451 -2.65 -24.50 -24.12
N TYR A 452 -2.33 -24.57 -25.39
CA TYR A 452 -3.27 -25.01 -26.42
C TYR A 452 -3.78 -26.42 -26.23
N LYS A 453 -3.06 -27.23 -25.51
CA LYS A 453 -3.48 -28.60 -25.31
C LYS A 453 -4.41 -28.74 -24.14
N TYR A 454 -4.69 -27.65 -23.41
CA TYR A 454 -5.52 -27.82 -22.22
C TYR A 454 -6.82 -27.05 -22.15
N LYS A 455 -7.82 -27.67 -21.51
CA LYS A 455 -9.07 -26.96 -21.22
C LYS A 455 -9.55 -27.26 -19.82
N VAL A 456 -10.26 -26.33 -19.22
CA VAL A 456 -10.81 -26.52 -17.89
C VAL A 456 -12.26 -26.96 -17.91
N VAL A 457 -12.54 -28.01 -17.15
CA VAL A 457 -13.90 -28.50 -17.05
C VAL A 457 -14.27 -28.62 -15.59
N LYS A 458 -15.56 -28.66 -15.32
CA LYS A 458 -16.03 -28.88 -13.96
C LYS A 458 -16.70 -30.20 -13.92
N ILE A 459 -16.59 -30.85 -12.80
CA ILE A 459 -17.20 -32.13 -12.63
C ILE A 459 -18.48 -31.96 -11.86
N GLU A 460 -19.54 -32.56 -12.40
CA GLU A 460 -20.85 -32.50 -11.79
C GLU A 460 -21.25 -33.91 -11.40
N PRO A 461 -20.79 -34.40 -10.24
CA PRO A 461 -20.87 -35.77 -9.81
C PRO A 461 -22.25 -36.10 -9.32
N LEU A 462 -23.24 -35.96 -10.16
CA LEU A 462 -24.55 -36.29 -9.72
C LEU A 462 -25.46 -36.46 -10.91
N GLY A 463 -26.16 -37.56 -10.99
CA GLY A 463 -27.08 -37.71 -12.09
C GLY A 463 -28.01 -38.86 -11.91
N VAL A 464 -29.00 -38.94 -12.78
CA VAL A 464 -30.00 -39.97 -12.65
C VAL A 464 -30.10 -40.75 -13.90
N ALA A 465 -30.68 -41.92 -13.78
CA ALA A 465 -30.93 -42.82 -14.88
C ALA A 465 -32.10 -43.71 -14.46
N PRO A 466 -32.86 -44.28 -15.39
CA PRO A 466 -33.90 -45.23 -15.13
C PRO A 466 -33.38 -46.59 -14.76
N THR A 467 -34.12 -47.25 -13.90
CA THR A 467 -33.90 -48.64 -13.57
C THR A 467 -35.18 -49.22 -13.03
N ARG A 468 -35.11 -50.38 -12.42
CA ARG A 468 -36.28 -50.98 -11.81
C ARG A 468 -35.99 -51.42 -10.38
N CYS A 469 -35.97 -50.46 -9.46
CA CYS A 469 -35.62 -50.73 -8.07
C CYS A 469 -35.95 -49.53 -7.17
N LEU B 12 -11.52 -39.32 -12.74
CA LEU B 12 -12.41 -39.66 -13.88
C LEU B 12 -11.75 -40.77 -14.71
N GLY B 13 -12.08 -42.01 -14.39
CA GLY B 13 -11.56 -43.21 -15.05
C GLY B 13 -12.64 -44.01 -15.75
N ALA B 14 -13.88 -43.80 -15.34
CA ALA B 14 -15.01 -44.46 -15.96
C ALA B 14 -15.04 -44.05 -17.43
N ALA B 15 -14.62 -42.81 -17.71
CA ALA B 15 -14.50 -42.29 -19.05
C ALA B 15 -15.68 -42.59 -19.95
N GLY B 16 -15.41 -43.30 -21.05
CA GLY B 16 -16.37 -43.63 -22.07
C GLY B 16 -17.04 -44.97 -21.83
N SER B 17 -16.86 -45.56 -20.65
CA SER B 17 -17.52 -46.82 -20.37
C SER B 17 -19.00 -46.48 -20.23
N THR B 18 -19.85 -47.48 -20.35
CA THR B 18 -21.26 -47.20 -20.29
C THR B 18 -21.75 -46.95 -18.90
N MET B 19 -22.96 -46.42 -18.76
CA MET B 19 -23.44 -46.09 -17.43
C MET B 19 -23.53 -47.30 -16.55
N GLY B 20 -23.87 -48.43 -17.14
CA GLY B 20 -23.93 -49.64 -16.37
C GLY B 20 -22.54 -49.95 -15.84
N ALA B 21 -21.56 -49.99 -16.74
CA ALA B 21 -20.18 -50.31 -16.37
C ALA B 21 -19.56 -49.34 -15.38
N ALA B 22 -19.92 -48.07 -15.54
CA ALA B 22 -19.40 -46.93 -14.82
C ALA B 22 -19.83 -46.90 -13.37
N SER B 23 -20.78 -47.75 -13.01
CA SER B 23 -21.27 -47.80 -11.65
C SER B 23 -20.20 -48.33 -10.69
N MET B 24 -19.46 -49.37 -11.08
CA MET B 24 -18.54 -49.97 -10.11
C MET B 24 -17.20 -49.29 -10.08
N THR B 25 -17.23 -48.01 -9.73
CA THR B 25 -16.06 -47.15 -9.70
C THR B 25 -16.44 -45.78 -9.18
N LEU B 26 -17.70 -45.66 -8.75
CA LEU B 26 -18.16 -44.35 -8.27
C LEU B 26 -17.32 -43.89 -7.08
N THR B 27 -16.84 -44.85 -6.28
CA THR B 27 -16.02 -44.62 -5.11
C THR B 27 -14.77 -43.83 -5.46
N VAL B 28 -14.13 -44.20 -6.56
CA VAL B 28 -12.87 -43.60 -6.93
C VAL B 28 -13.05 -42.17 -7.33
N GLN B 29 -14.06 -41.92 -8.12
CA GLN B 29 -14.25 -40.55 -8.50
C GLN B 29 -14.65 -39.70 -7.31
N ALA B 30 -15.52 -40.24 -6.44
CA ALA B 30 -16.03 -39.53 -5.28
C ALA B 30 -14.90 -39.12 -4.34
N ARG B 31 -13.90 -39.98 -4.23
CA ARG B 31 -12.77 -39.77 -3.35
C ARG B 31 -12.05 -38.46 -3.57
N ASN B 32 -11.94 -38.00 -4.81
CA ASN B 32 -11.15 -36.80 -5.07
C ASN B 32 -12.00 -35.55 -5.30
N LEU B 33 -13.29 -35.60 -4.96
CA LEU B 33 -14.12 -34.43 -5.16
C LEU B 33 -13.82 -33.33 -4.16
N LEU B 34 -13.40 -33.69 -2.94
CA LEU B 34 -13.06 -32.70 -1.93
C LEU B 34 -11.55 -32.59 -1.79
N SER B 35 -10.88 -33.74 -1.83
CA SER B 35 -9.42 -33.89 -1.73
C SER B 35 -8.81 -33.49 -0.39
N GLY B 36 -8.98 -32.24 -0.01
CA GLY B 36 -8.44 -31.70 1.24
C GLY B 36 -7.11 -32.35 1.60
N LYS B 56 0.49 -13.54 4.27
CA LYS B 56 -0.11 -14.34 3.21
C LYS B 56 -0.55 -13.41 2.07
N LEU B 57 -1.73 -13.68 1.52
CA LEU B 57 -2.29 -12.94 0.40
C LEU B 57 -1.30 -12.95 -0.75
N THR B 58 -1.12 -11.80 -1.43
CA THR B 58 -0.21 -11.73 -2.56
C THR B 58 -0.60 -12.66 -3.70
N VAL B 59 0.09 -12.50 -4.80
CA VAL B 59 -0.20 -13.36 -5.93
C VAL B 59 0.06 -14.78 -5.50
N TRP B 60 -0.82 -15.66 -5.95
CA TRP B 60 -0.87 -17.09 -5.67
C TRP B 60 -1.55 -17.34 -4.33
N GLY B 61 -1.12 -16.69 -3.28
CA GLY B 61 -1.74 -16.93 -1.98
C GLY B 61 -3.25 -16.66 -2.01
N ILE B 62 -3.66 -15.64 -2.76
CA ILE B 62 -5.08 -15.33 -2.91
C ILE B 62 -5.82 -16.45 -3.58
N LYS B 63 -5.20 -17.01 -4.61
CA LYS B 63 -5.83 -18.05 -5.40
C LYS B 63 -5.95 -19.31 -4.61
N GLN B 64 -4.94 -19.62 -3.82
CA GLN B 64 -4.95 -20.84 -3.05
C GLN B 64 -6.06 -20.75 -2.03
N LEU B 65 -6.25 -19.58 -1.44
CA LEU B 65 -7.32 -19.47 -0.48
C LEU B 65 -8.66 -19.65 -1.13
N GLN B 66 -8.92 -18.97 -2.25
CA GLN B 66 -10.25 -19.15 -2.79
C GLN B 66 -10.43 -20.54 -3.37
N ALA B 67 -9.34 -21.18 -3.79
CA ALA B 67 -9.42 -22.52 -4.32
C ALA B 67 -9.92 -23.48 -3.26
N ARG B 68 -9.46 -23.28 -2.03
CA ARG B 68 -9.87 -24.13 -0.94
C ARG B 68 -11.31 -23.86 -0.58
N VAL B 69 -11.70 -22.59 -0.59
CA VAL B 69 -13.06 -22.24 -0.25
C VAL B 69 -14.01 -22.81 -1.26
N LEU B 70 -13.67 -22.69 -2.54
CA LEU B 70 -14.51 -23.20 -3.58
C LEU B 70 -14.68 -24.69 -3.49
N ALA B 71 -13.59 -25.43 -3.27
CA ALA B 71 -13.76 -26.87 -3.21
C ALA B 71 -14.74 -27.23 -2.12
N VAL B 72 -14.67 -26.54 -1.00
CA VAL B 72 -15.60 -26.83 0.06
C VAL B 72 -17.00 -26.47 -0.30
N GLU B 73 -17.20 -25.29 -0.86
CA GLU B 73 -18.54 -24.88 -1.18
C GLU B 73 -19.17 -25.82 -2.18
N ARG B 74 -18.44 -26.26 -3.20
CA ARG B 74 -19.06 -27.15 -4.17
C ARG B 74 -19.38 -28.48 -3.54
N TYR B 75 -18.50 -28.99 -2.72
CA TYR B 75 -18.73 -30.26 -2.11
C TYR B 75 -20.02 -30.24 -1.32
N LEU B 76 -20.19 -29.23 -0.48
CA LEU B 76 -21.37 -29.19 0.35
C LEU B 76 -22.60 -28.88 -0.44
N ARG B 77 -22.44 -28.09 -1.49
CA ARG B 77 -23.57 -27.74 -2.29
C ARG B 77 -24.27 -29.00 -2.74
N ASP B 78 -23.49 -30.04 -3.11
CA ASP B 78 -24.11 -31.28 -3.50
C ASP B 78 -24.47 -32.18 -2.32
N GLN B 79 -23.70 -32.15 -1.22
CA GLN B 79 -24.04 -33.09 -0.16
C GLN B 79 -25.42 -32.79 0.41
N GLN B 80 -25.79 -31.52 0.47
CA GLN B 80 -27.08 -31.21 1.06
C GLN B 80 -28.19 -31.71 0.15
N LEU B 81 -27.92 -31.90 -1.12
CA LEU B 81 -28.96 -32.25 -2.04
C LEU B 81 -29.28 -33.70 -1.87
N LEU B 82 -28.25 -34.51 -1.64
CA LEU B 82 -28.45 -35.92 -1.38
C LEU B 82 -29.05 -36.13 -0.01
N GLY B 83 -28.83 -35.16 0.88
CA GLY B 83 -29.46 -35.13 2.18
C GLY B 83 -30.97 -34.95 1.99
N ILE B 84 -31.37 -33.95 1.19
CA ILE B 84 -32.78 -33.67 0.93
C ILE B 84 -33.43 -34.80 0.16
N TRP B 85 -32.79 -35.31 -0.89
CA TRP B 85 -33.31 -36.43 -1.66
C TRP B 85 -32.91 -37.63 -0.86
N GLY B 86 -33.57 -37.80 0.25
CA GLY B 86 -33.18 -38.73 1.28
C GLY B 86 -32.38 -39.94 0.85
N CYS B 87 -31.07 -39.73 0.73
CA CYS B 87 -30.11 -40.79 0.49
C CYS B 87 -29.03 -40.80 1.54
N SER B 88 -28.24 -39.71 1.58
CA SER B 88 -27.11 -39.53 2.53
C SER B 88 -25.99 -40.56 2.37
N GLY B 89 -26.31 -41.83 2.60
CA GLY B 89 -25.45 -43.00 2.43
C GLY B 89 -25.48 -43.31 0.95
N LYS B 90 -24.89 -42.38 0.24
CA LYS B 90 -24.86 -42.20 -1.19
C LYS B 90 -24.03 -43.15 -2.02
N LEU B 91 -23.51 -42.61 -3.12
CA LEU B 91 -22.87 -43.29 -4.23
C LEU B 91 -23.97 -43.88 -5.08
N ILE B 92 -24.74 -44.80 -4.52
CA ILE B 92 -25.93 -45.29 -5.19
C ILE B 92 -27.15 -45.31 -4.27
N CYS B 93 -28.26 -44.74 -4.73
CA CYS B 93 -29.51 -44.85 -3.96
C CYS B 93 -30.74 -44.80 -4.84
N CYS B 94 -31.86 -45.28 -4.29
CA CYS B 94 -33.12 -45.32 -5.00
C CYS B 94 -34.19 -44.51 -4.31
N THR B 95 -35.13 -43.95 -5.08
CA THR B 95 -36.25 -43.22 -4.48
C THR B 95 -37.59 -43.79 -4.92
N ASN B 96 -38.68 -43.12 -4.56
CA ASN B 96 -40.04 -43.57 -4.84
C ASN B 96 -40.72 -42.84 -6.00
N VAL B 97 -39.92 -42.29 -6.87
CA VAL B 97 -40.39 -41.57 -8.03
C VAL B 97 -40.31 -42.52 -9.23
N PRO B 98 -41.41 -42.72 -9.99
CA PRO B 98 -41.49 -43.55 -11.18
C PRO B 98 -40.77 -42.83 -12.30
N TRP B 99 -40.31 -43.55 -13.31
CA TRP B 99 -39.68 -42.89 -14.43
C TRP B 99 -40.74 -42.44 -15.44
N ASN B 100 -40.66 -41.20 -15.91
CA ASN B 100 -41.60 -40.65 -16.89
C ASN B 100 -41.24 -41.09 -18.30
N SER B 101 -42.23 -41.33 -19.13
CA SER B 101 -42.01 -41.73 -20.51
C SER B 101 -41.44 -40.62 -21.40
N SER B 102 -41.55 -39.39 -20.96
CA SER B 102 -41.04 -38.27 -21.73
C SER B 102 -39.54 -38.13 -21.51
N TRP B 103 -39.04 -38.77 -20.46
CA TRP B 103 -37.67 -38.63 -20.09
C TRP B 103 -36.81 -39.61 -20.85
N SER B 104 -36.64 -39.35 -22.14
CA SER B 104 -35.86 -40.24 -22.99
C SER B 104 -36.30 -41.69 -22.84
N ASN B 105 -37.55 -41.99 -23.17
CA ASN B 105 -37.94 -43.36 -22.96
C ASN B 105 -37.37 -44.21 -24.05
N ARG B 106 -36.29 -44.86 -23.67
CA ARG B 106 -35.47 -45.73 -24.45
C ARG B 106 -35.25 -46.97 -23.62
N ASN B 107 -34.92 -48.07 -24.24
CA ASN B 107 -34.74 -49.31 -23.50
C ASN B 107 -33.60 -49.26 -22.50
N LEU B 108 -33.79 -49.96 -21.38
CA LEU B 108 -32.75 -50.07 -20.35
C LEU B 108 -31.55 -50.78 -20.93
N SER B 109 -31.79 -51.68 -21.89
CA SER B 109 -30.74 -52.45 -22.54
C SER B 109 -29.82 -51.54 -23.35
N GLU B 110 -30.24 -50.31 -23.61
CA GLU B 110 -29.35 -49.38 -24.27
C GLU B 110 -28.84 -48.44 -23.20
N ILE B 111 -29.77 -47.85 -22.47
CA ILE B 111 -29.46 -46.77 -21.56
C ILE B 111 -28.55 -47.14 -20.45
N TRP B 112 -28.73 -48.29 -19.83
CA TRP B 112 -27.90 -48.61 -18.70
C TRP B 112 -26.97 -49.76 -19.07
N ASP B 113 -26.60 -49.85 -20.35
CA ASP B 113 -25.72 -50.93 -20.78
C ASP B 113 -24.76 -50.51 -21.90
N ASN B 114 -25.29 -49.86 -22.97
CA ASN B 114 -24.53 -49.54 -24.18
C ASN B 114 -24.23 -48.06 -24.46
N MET B 115 -24.45 -47.18 -23.49
CA MET B 115 -24.14 -45.75 -23.66
C MET B 115 -23.60 -45.15 -22.38
N THR B 116 -22.84 -44.07 -22.52
CA THR B 116 -22.13 -43.42 -21.42
C THR B 116 -22.92 -42.39 -20.65
N TRP B 117 -22.49 -42.04 -19.53
CA TRP B 117 -23.12 -40.97 -18.75
C TRP B 117 -23.18 -39.73 -19.65
N LEU B 118 -21.96 -39.34 -20.20
CA LEU B 118 -21.94 -38.06 -20.87
C LEU B 118 -23.05 -38.02 -21.90
N GLN B 119 -23.21 -39.13 -22.62
CA GLN B 119 -24.22 -39.18 -23.66
C GLN B 119 -25.60 -39.07 -23.07
N TRP B 120 -25.79 -39.71 -21.94
CA TRP B 120 -27.05 -39.67 -21.26
C TRP B 120 -27.37 -38.28 -20.79
N ASP B 121 -26.40 -37.61 -20.16
CA ASP B 121 -26.64 -36.29 -19.60
C ASP B 121 -27.09 -35.34 -20.69
N LYS B 122 -26.54 -35.51 -21.88
CA LYS B 122 -26.90 -34.63 -22.98
C LYS B 122 -28.40 -34.65 -23.33
N GLU B 123 -29.11 -35.72 -22.99
CA GLU B 123 -30.54 -35.78 -23.29
C GLU B 123 -31.39 -35.64 -22.04
N ILE B 124 -30.98 -36.28 -20.96
CA ILE B 124 -31.80 -36.26 -19.76
C ILE B 124 -31.83 -34.92 -19.06
N SER B 125 -30.79 -34.11 -19.22
CA SER B 125 -30.64 -32.84 -18.53
C SER B 125 -31.78 -31.87 -18.80
N ASN B 126 -32.56 -32.10 -19.84
CA ASN B 126 -33.67 -31.21 -20.15
C ASN B 126 -34.75 -31.26 -19.07
N TYR B 127 -34.75 -32.31 -18.27
CA TYR B 127 -35.73 -32.53 -17.23
C TYR B 127 -35.14 -32.36 -15.84
N THR B 128 -33.97 -31.73 -15.75
CA THR B 128 -33.28 -31.65 -14.46
C THR B 128 -34.10 -31.09 -13.32
N GLN B 129 -34.77 -29.98 -13.54
CA GLN B 129 -35.48 -29.35 -12.44
C GLN B 129 -36.73 -30.12 -12.09
N ILE B 130 -37.33 -30.74 -13.10
CA ILE B 130 -38.53 -31.49 -12.88
C ILE B 130 -38.21 -32.69 -12.03
N ILE B 131 -37.15 -33.38 -12.42
CA ILE B 131 -36.77 -34.57 -11.71
C ILE B 131 -36.36 -34.23 -10.32
N TYR B 132 -35.56 -33.19 -10.15
CA TYR B 132 -35.11 -32.85 -8.84
C TYR B 132 -36.26 -32.48 -7.91
N GLY B 133 -37.24 -31.72 -8.39
CA GLY B 133 -38.34 -31.37 -7.50
C GLY B 133 -39.08 -32.62 -7.03
N LEU B 134 -39.25 -33.58 -7.93
CA LEU B 134 -39.89 -34.82 -7.57
C LEU B 134 -39.04 -35.64 -6.61
N LEU B 135 -37.73 -35.65 -6.81
CA LEU B 135 -36.89 -36.43 -5.94
C LEU B 135 -36.96 -35.91 -4.52
N GLU B 136 -37.08 -34.61 -4.35
CA GLU B 136 -37.13 -34.06 -3.00
C GLU B 136 -38.44 -34.36 -2.32
N GLU B 137 -39.53 -33.92 -2.94
CA GLU B 137 -40.81 -34.02 -2.30
C GLU B 137 -41.51 -35.34 -2.37
N SER B 138 -41.40 -36.11 -3.42
CA SER B 138 -42.19 -37.32 -3.37
C SER B 138 -41.69 -38.20 -2.24
N GLN B 139 -40.39 -38.20 -2.02
CA GLN B 139 -39.88 -39.02 -0.96
C GLN B 139 -40.12 -38.39 0.38
N ASN B 140 -39.89 -37.09 0.53
CA ASN B 140 -40.09 -36.58 1.86
C ASN B 140 -41.55 -36.52 2.25
N GLN B 141 -42.44 -36.27 1.32
CA GLN B 141 -43.84 -36.19 1.70
C GLN B 141 -44.36 -37.53 2.15
N GLN B 142 -43.92 -38.63 1.50
CA GLN B 142 -44.41 -39.93 1.89
C GLN B 142 -43.61 -40.67 2.96
N GLU B 143 -42.30 -40.44 3.07
CA GLU B 143 -41.57 -41.15 4.12
C GLU B 143 -41.65 -40.41 5.43
N LYS B 144 -41.58 -39.10 5.38
CA LYS B 144 -41.66 -38.33 6.58
C LYS B 144 -43.15 -38.18 6.73
N ASN B 145 -43.62 -37.83 7.91
CA ASN B 145 -45.04 -37.71 8.21
C ASN B 145 -45.55 -39.12 8.43
N GLU B 146 -45.41 -40.00 7.45
CA GLU B 146 -45.88 -41.37 7.61
C GLU B 146 -45.11 -42.07 8.71
N GLN B 147 -43.80 -41.83 8.80
CA GLN B 147 -43.10 -42.53 9.86
C GLN B 147 -43.15 -41.78 11.18
N ASP B 148 -43.77 -40.60 11.17
CA ASP B 148 -43.91 -39.81 12.39
C ASP B 148 -45.22 -40.23 13.02
N LEU B 149 -46.17 -40.63 12.17
CA LEU B 149 -47.44 -41.15 12.62
C LEU B 149 -47.15 -42.52 13.21
N LEU B 150 -46.19 -43.21 12.58
CA LEU B 150 -45.74 -44.52 12.99
C LEU B 150 -44.39 -44.40 13.69
N VAL C 2 39.48 -8.42 -72.38
CA VAL C 2 39.72 -7.50 -73.47
C VAL C 2 41.03 -7.70 -74.20
N VAL C 3 40.92 -7.72 -75.52
CA VAL C 3 42.12 -7.84 -76.33
C VAL C 3 42.70 -6.46 -76.41
N MET C 4 43.94 -6.34 -75.98
CA MET C 4 44.58 -5.05 -75.89
C MET C 4 46.03 -5.12 -76.33
N THR C 5 46.50 -4.03 -76.94
CA THR C 5 47.88 -3.91 -77.38
C THR C 5 48.50 -2.56 -77.09
N GLN C 6 49.78 -2.44 -77.43
CA GLN C 6 50.53 -1.19 -77.23
C GLN C 6 51.39 -0.83 -78.42
N SER C 7 51.59 0.47 -78.61
CA SER C 7 52.46 0.97 -79.66
C SER C 7 53.14 2.27 -79.24
N PRO C 8 54.45 2.39 -79.49
CA PRO C 8 55.41 1.51 -80.15
C PRO C 8 55.84 0.38 -79.23
N SER C 9 56.53 -0.63 -79.74
CA SER C 9 57.07 -1.65 -78.84
C SER C 9 58.30 -1.14 -78.09
N THR C 10 59.01 -0.21 -78.71
CA THR C 10 60.18 0.42 -78.13
C THR C 10 60.11 1.90 -78.41
N LEU C 11 60.71 2.69 -77.56
CA LEU C 11 60.73 4.12 -77.77
C LEU C 11 62.07 4.71 -77.40
N SER C 12 62.64 5.55 -78.25
CA SER C 12 63.91 6.16 -77.85
C SER C 12 63.67 7.60 -77.51
N ALA C 13 64.40 8.09 -76.54
CA ALA C 13 64.30 9.48 -76.14
C ALA C 13 65.55 9.95 -75.42
N SER C 14 65.77 11.25 -75.38
CA SER C 14 66.86 11.74 -74.56
C SER C 14 66.31 12.03 -73.18
N VAL C 15 67.18 12.25 -72.23
CA VAL C 15 66.71 12.54 -70.89
C VAL C 15 66.22 13.99 -70.93
N GLY C 16 65.00 14.22 -70.47
CA GLY C 16 64.35 15.51 -70.47
C GLY C 16 63.28 15.65 -71.57
N ASP C 17 63.27 14.72 -72.52
CA ASP C 17 62.29 14.73 -73.60
C ASP C 17 60.90 14.35 -73.14
N THR C 18 59.89 14.80 -73.90
CA THR C 18 58.52 14.40 -73.62
C THR C 18 58.16 13.27 -74.54
N ILE C 19 57.63 12.20 -73.98
CA ILE C 19 57.28 11.07 -74.81
C ILE C 19 55.85 10.63 -74.60
N THR C 20 55.32 9.92 -75.59
CA THR C 20 54.00 9.34 -75.46
C THR C 20 53.97 7.88 -75.86
N ILE C 21 53.17 7.10 -75.14
CA ILE C 21 52.94 5.68 -75.39
C ILE C 21 51.45 5.40 -75.56
N THR C 22 51.05 4.69 -76.62
CA THR C 22 49.63 4.46 -76.82
C THR C 22 49.17 3.03 -76.57
N CYS C 23 48.10 2.91 -75.80
CA CYS C 23 47.45 1.65 -75.50
C CYS C 23 46.15 1.56 -76.28
N ARG C 24 45.99 0.46 -77.00
CA ARG C 24 44.82 0.28 -77.85
C ARG C 24 44.04 -0.98 -77.54
N ALA C 25 42.75 -0.96 -77.86
CA ALA C 25 41.96 -2.16 -77.60
C ALA C 25 40.90 -2.43 -78.63
N SER C 26 40.47 -3.69 -78.68
CA SER C 26 39.40 -4.11 -79.57
C SER C 26 38.03 -3.94 -78.92
N GLN C 27 38.04 -3.57 -77.65
CA GLN C 27 36.83 -3.36 -76.87
C GLN C 27 37.06 -2.15 -75.98
N SER C 28 36.05 -1.76 -75.21
CA SER C 28 36.22 -0.59 -74.37
C SER C 28 37.14 -0.78 -73.18
N ILE C 29 37.98 0.22 -72.98
CA ILE C 29 38.90 0.37 -71.86
C ILE C 29 38.67 1.78 -71.30
N GLU C 30 37.43 2.26 -71.44
CA GLU C 30 37.00 3.63 -71.11
C GLU C 30 37.35 4.13 -69.71
N THR C 31 37.21 3.29 -68.70
CA THR C 31 37.55 3.70 -67.35
C THR C 31 38.40 2.62 -66.77
N TRP C 32 38.19 1.42 -67.26
CA TRP C 32 38.85 0.27 -66.68
C TRP C 32 40.19 0.00 -67.32
N LEU C 33 41.11 0.92 -67.06
CA LEU C 33 42.45 0.93 -67.62
C LEU C 33 43.49 1.48 -66.63
N ALA C 34 44.68 0.90 -66.61
CA ALA C 34 45.71 1.47 -65.78
C ALA C 34 47.08 1.35 -66.42
N TRP C 35 47.98 2.24 -66.02
CA TRP C 35 49.35 2.17 -66.50
C TRP C 35 50.34 1.90 -65.40
N TYR C 36 51.30 1.04 -65.73
CA TYR C 36 52.41 0.67 -64.87
C TYR C 36 53.78 0.95 -65.48
N GLN C 37 54.74 1.24 -64.61
CA GLN C 37 56.14 1.50 -64.96
C GLN C 37 57.09 0.52 -64.28
N GLN C 38 57.93 -0.16 -65.06
CA GLN C 38 58.83 -1.12 -64.43
C GLN C 38 60.26 -1.10 -64.96
N LYS C 39 61.20 -1.12 -64.02
CA LYS C 39 62.62 -1.17 -64.34
C LYS C 39 63.09 -2.60 -64.12
N PRO C 40 64.18 -3.05 -64.76
CA PRO C 40 64.73 -4.37 -64.56
C PRO C 40 65.03 -4.62 -63.11
N GLY C 41 64.67 -5.79 -62.63
CA GLY C 41 64.93 -6.19 -61.26
C GLY C 41 63.89 -5.68 -60.26
N LYS C 42 62.90 -4.94 -60.74
CA LYS C 42 61.89 -4.38 -59.85
C LYS C 42 60.49 -4.86 -60.14
N ALA C 43 59.63 -4.77 -59.13
CA ALA C 43 58.21 -5.02 -59.28
C ALA C 43 57.68 -3.82 -60.06
N PRO C 44 56.59 -3.93 -60.83
CA PRO C 44 56.04 -2.81 -61.55
C PRO C 44 55.38 -1.85 -60.58
N LYS C 45 55.40 -0.57 -60.92
CA LYS C 45 54.72 0.43 -60.10
C LYS C 45 53.55 1.04 -60.83
N LEU C 46 52.48 1.31 -60.09
CA LEU C 46 51.31 1.94 -60.68
C LEU C 46 51.46 3.43 -60.86
N LEU C 47 51.13 3.91 -62.04
CA LEU C 47 51.14 5.33 -62.32
C LEU C 47 49.74 5.91 -62.46
N ILE C 48 48.96 5.30 -63.36
CA ILE C 48 47.64 5.82 -63.73
C ILE C 48 46.56 4.79 -63.53
N TYR C 49 45.45 5.18 -62.91
CA TYR C 49 44.36 4.24 -62.73
C TYR C 49 43.02 4.83 -63.10
N LYS C 50 42.07 3.94 -63.33
CA LYS C 50 40.71 4.32 -63.71
C LYS C 50 40.79 5.15 -65.00
N ALA C 51 41.72 4.73 -65.86
CA ALA C 51 42.09 5.23 -67.18
C ALA C 51 42.60 6.68 -67.24
N SER C 52 42.83 7.36 -66.10
CA SER C 52 43.34 8.75 -66.18
C SER C 52 43.75 9.37 -64.85
N THR C 53 43.54 8.68 -63.74
CA THR C 53 43.84 9.24 -62.44
C THR C 53 45.24 8.91 -62.02
N LEU C 54 45.99 9.91 -61.61
CA LEU C 54 47.35 9.62 -61.19
C LEU C 54 47.35 9.15 -59.76
N LYS C 55 48.13 8.12 -59.50
CA LYS C 55 48.27 7.57 -58.16
C LYS C 55 48.96 8.56 -57.25
N THR C 56 48.51 8.63 -56.01
CA THR C 56 49.14 9.50 -55.05
C THR C 56 50.60 9.12 -54.94
N GLY C 57 51.48 10.12 -55.01
CA GLY C 57 52.92 9.91 -54.92
C GLY C 57 53.61 9.90 -56.28
N VAL C 58 52.84 9.82 -57.35
CA VAL C 58 53.41 9.82 -58.68
C VAL C 58 53.77 11.25 -59.08
N PRO C 59 55.00 11.53 -59.53
CA PRO C 59 55.45 12.84 -59.93
C PRO C 59 54.54 13.46 -60.99
N SER C 60 54.44 14.78 -60.93
CA SER C 60 53.59 15.60 -61.80
C SER C 60 53.94 15.56 -63.26
N ARG C 61 55.12 15.04 -63.58
CA ARG C 61 55.53 14.91 -64.96
C ARG C 61 54.73 13.82 -65.68
N PHE C 62 54.04 12.96 -64.92
CA PHE C 62 53.23 11.91 -65.51
C PHE C 62 51.80 12.36 -65.67
N SER C 63 51.23 12.04 -66.82
CA SER C 63 49.83 12.35 -67.10
C SER C 63 49.33 11.41 -68.17
N GLY C 64 48.04 11.44 -68.44
CA GLY C 64 47.51 10.64 -69.53
C GLY C 64 46.03 10.86 -69.70
N SER C 65 45.53 10.45 -70.85
CA SER C 65 44.13 10.61 -71.19
C SER C 65 43.73 9.77 -72.40
N GLY C 66 42.43 9.69 -72.65
CA GLY C 66 41.93 8.99 -73.82
C GLY C 66 40.48 8.60 -73.63
N SER C 67 39.98 7.79 -74.54
CA SER C 67 38.59 7.34 -74.51
C SER C 67 38.43 6.09 -75.33
N GLY C 68 37.32 5.40 -75.16
CA GLY C 68 37.03 4.28 -76.05
C GLY C 68 38.08 3.20 -76.02
N THR C 69 38.64 3.00 -77.19
CA THR C 69 39.65 2.01 -77.52
C THR C 69 41.05 2.60 -77.70
N GLU C 70 41.23 3.90 -77.39
CA GLU C 70 42.56 4.50 -77.54
C GLU C 70 42.97 5.44 -76.41
N PHE C 71 44.02 5.05 -75.69
CA PHE C 71 44.55 5.83 -74.57
C PHE C 71 46.04 6.12 -74.62
N THR C 72 46.42 7.30 -74.14
CA THR C 72 47.83 7.67 -74.15
C THR C 72 48.44 8.04 -72.80
N LEU C 73 49.62 7.48 -72.59
CA LEU C 73 50.48 7.79 -71.45
C LEU C 73 51.47 8.86 -71.87
N THR C 74 51.49 9.97 -71.16
CA THR C 74 52.39 11.07 -71.48
C THR C 74 53.37 11.35 -70.37
N ILE C 75 54.65 11.40 -70.70
CA ILE C 75 55.64 11.72 -69.68
C ILE C 75 56.52 12.88 -70.11
N SER C 76 56.44 14.01 -69.41
CA SER C 76 57.28 15.15 -69.79
C SER C 76 58.53 15.11 -68.97
N GLY C 77 59.60 15.76 -69.40
CA GLY C 77 60.73 15.79 -68.48
C GLY C 77 61.23 14.40 -68.17
N LEU C 78 61.23 13.50 -69.15
CA LEU C 78 61.58 12.10 -68.91
C LEU C 78 62.92 11.98 -68.19
N GLN C 79 62.92 11.24 -67.08
CA GLN C 79 64.13 11.06 -66.27
C GLN C 79 64.80 9.73 -66.50
N PHE C 80 65.97 9.52 -65.91
CA PHE C 80 66.69 8.26 -66.10
C PHE C 80 65.89 7.06 -65.61
N ASP C 81 65.10 7.26 -64.56
CA ASP C 81 64.33 6.18 -63.96
C ASP C 81 63.05 5.93 -64.73
N ASP C 82 62.82 6.75 -65.74
CA ASP C 82 61.64 6.62 -66.54
C ASP C 82 61.97 5.89 -67.84
N PHE C 83 63.21 5.46 -68.02
CA PHE C 83 63.54 4.69 -69.23
C PHE C 83 63.27 3.23 -68.85
N ALA C 84 61.99 3.00 -68.67
CA ALA C 84 61.35 1.83 -68.15
C ALA C 84 60.44 1.23 -69.17
N THR C 85 59.98 0.01 -68.91
CA THR C 85 59.02 -0.56 -69.81
C THR C 85 57.67 -0.23 -69.23
N TYR C 86 56.82 0.34 -70.06
CA TYR C 86 55.52 0.73 -69.60
C TYR C 86 54.48 -0.22 -70.07
N HIS C 87 53.50 -0.47 -69.24
CA HIS C 87 52.46 -1.39 -69.64
C HIS C 87 51.09 -0.85 -69.34
N CYS C 88 50.14 -1.20 -70.18
CA CYS C 88 48.77 -0.86 -69.86
C CYS C 88 48.05 -2.12 -69.43
N GLN C 89 47.08 -1.96 -68.51
CA GLN C 89 46.28 -3.04 -67.98
C GLN C 89 44.78 -2.77 -68.06
N HIS C 90 44.03 -3.81 -68.41
CA HIS C 90 42.57 -3.79 -68.48
C HIS C 90 41.98 -4.33 -67.22
N TYR C 91 40.93 -3.68 -66.73
CA TYR C 91 40.29 -4.16 -65.52
C TYR C 91 38.95 -4.77 -65.64
N ALA C 92 38.75 -5.74 -64.78
CA ALA C 92 37.53 -6.45 -64.58
C ALA C 92 37.52 -6.91 -63.13
N GLY C 93 36.36 -7.17 -62.58
CA GLY C 93 36.31 -7.64 -61.20
C GLY C 93 37.03 -8.96 -60.98
N TYR C 94 36.99 -9.88 -61.94
CA TYR C 94 37.60 -11.17 -61.68
C TYR C 94 38.74 -11.53 -62.63
N SER C 95 39.16 -10.60 -63.45
CA SER C 95 40.20 -10.86 -64.43
C SER C 95 40.94 -9.60 -64.82
N ALA C 96 41.91 -9.75 -65.69
CA ALA C 96 42.66 -8.62 -66.18
C ALA C 96 43.36 -9.02 -67.45
N THR C 97 43.70 -8.04 -68.26
CA THR C 97 44.54 -8.33 -69.42
C THR C 97 45.61 -7.26 -69.48
N PHE C 98 46.67 -7.54 -70.21
CA PHE C 98 47.76 -6.59 -70.36
C PHE C 98 48.14 -6.38 -71.80
N GLY C 99 48.68 -5.20 -72.07
CA GLY C 99 49.22 -4.91 -73.37
C GLY C 99 50.59 -5.55 -73.37
N GLN C 100 51.35 -5.42 -74.45
CA GLN C 100 52.62 -6.14 -74.51
C GLN C 100 53.80 -5.36 -73.99
N GLY C 101 53.58 -4.10 -73.65
CA GLY C 101 54.60 -3.24 -73.10
C GLY C 101 55.38 -2.41 -74.12
N THR C 102 55.83 -1.23 -73.69
CA THR C 102 56.69 -0.37 -74.50
C THR C 102 57.98 -0.10 -73.77
N ARG C 103 59.11 -0.46 -74.36
CA ARG C 103 60.39 -0.25 -73.68
C ARG C 103 61.04 1.06 -74.07
N VAL C 104 61.18 1.95 -73.11
CA VAL C 104 61.77 3.25 -73.36
C VAL C 104 63.29 3.18 -73.11
N GLU C 105 64.07 3.63 -74.08
CA GLU C 105 65.54 3.59 -74.05
C GLU C 105 66.13 4.98 -74.26
N ILE C 106 67.32 5.23 -73.72
CA ILE C 106 67.91 6.54 -73.89
C ILE C 106 68.48 6.67 -75.29
N GLU D 1 54.92 -0.95 -44.86
CA GLU D 1 53.90 -0.89 -45.89
C GLU D 1 53.50 -2.28 -46.32
N VAL D 2 52.58 -2.36 -47.26
CA VAL D 2 52.21 -3.66 -47.74
C VAL D 2 53.18 -4.21 -48.74
N GLN D 3 53.59 -5.43 -48.47
CA GLN D 3 54.51 -6.14 -49.34
C GLN D 3 54.00 -7.54 -49.54
N LEU D 4 54.24 -8.11 -50.69
CA LEU D 4 53.84 -9.49 -50.92
C LEU D 4 55.12 -10.27 -51.09
N VAL D 5 55.22 -11.52 -50.64
CA VAL D 5 56.46 -12.24 -50.87
C VAL D 5 56.31 -13.63 -51.51
N GLU D 6 56.82 -13.77 -52.73
CA GLU D 6 56.81 -15.00 -53.51
C GLU D 6 57.83 -16.02 -53.05
N SER D 7 57.46 -17.29 -53.13
CA SER D 7 58.38 -18.38 -52.85
C SER D 7 58.04 -19.64 -53.64
N GLY D 8 59.01 -20.57 -53.70
CA GLY D 8 58.80 -21.87 -54.35
C GLY D 8 59.17 -21.93 -55.83
N GLY D 9 59.98 -20.98 -56.31
CA GLY D 9 60.36 -20.99 -57.73
C GLY D 9 61.43 -22.04 -57.97
N GLY D 10 62.03 -22.04 -59.15
CA GLY D 10 63.00 -23.07 -59.50
C GLY D 10 62.79 -23.63 -60.91
N LEU D 11 63.66 -24.55 -61.33
CA LEU D 11 63.55 -25.12 -62.67
C LEU D 11 62.96 -26.51 -62.66
N VAL D 12 62.08 -26.76 -63.62
CA VAL D 12 61.52 -28.09 -63.84
C VAL D 12 61.65 -28.46 -65.30
N LYS D 13 61.52 -29.74 -65.61
CA LYS D 13 61.48 -30.16 -66.99
C LYS D 13 60.04 -30.01 -67.47
N ALA D 14 59.84 -29.66 -68.73
CA ALA D 14 58.49 -29.55 -69.23
C ALA D 14 57.72 -30.85 -68.99
N GLY D 15 56.47 -30.67 -68.59
CA GLY D 15 55.54 -31.72 -68.25
C GLY D 15 55.44 -31.90 -66.73
N GLY D 16 56.36 -31.27 -66.00
CA GLY D 16 56.38 -31.36 -64.54
C GLY D 16 55.48 -30.32 -63.90
N SER D 17 55.69 -30.05 -62.62
CA SER D 17 54.83 -29.09 -61.94
C SER D 17 55.53 -28.35 -60.83
N LEU D 18 55.01 -27.16 -60.56
CA LEU D 18 55.44 -26.35 -59.42
C LEU D 18 54.29 -25.89 -58.61
N ILE D 19 54.54 -25.69 -57.34
CA ILE D 19 53.54 -25.04 -56.54
C ILE D 19 54.22 -23.83 -55.98
N LEU D 20 53.62 -22.67 -56.22
CA LEU D 20 54.16 -21.41 -55.75
C LEU D 20 53.26 -20.86 -54.69
N SER D 21 53.82 -20.04 -53.83
CA SER D 21 52.97 -19.36 -52.87
C SER D 21 53.46 -17.99 -52.54
N CYS D 22 52.56 -17.19 -51.98
CA CYS D 22 52.96 -15.91 -51.46
C CYS D 22 52.44 -15.70 -50.06
N GLY D 23 53.32 -15.25 -49.20
CA GLY D 23 52.91 -14.89 -47.86
C GLY D 23 52.73 -13.40 -48.01
N VAL D 24 52.11 -12.75 -47.06
CA VAL D 24 52.01 -11.31 -47.24
C VAL D 24 52.36 -10.56 -45.97
N SER D 25 52.73 -9.30 -46.13
CA SER D 25 52.99 -8.48 -44.97
C SER D 25 52.10 -7.26 -44.85
N ASN D 26 51.75 -7.01 -43.60
CA ASN D 26 51.01 -5.87 -43.08
C ASN D 26 49.58 -5.63 -43.57
N PHE D 27 48.84 -6.69 -43.88
CA PHE D 27 47.43 -6.51 -44.19
C PHE D 27 46.70 -7.79 -43.99
N ARG D 28 45.38 -7.72 -43.93
CA ARG D 28 44.56 -8.90 -43.84
C ARG D 28 44.17 -9.34 -45.24
N ILE D 29 44.54 -10.55 -45.63
CA ILE D 29 44.33 -10.93 -47.00
C ILE D 29 42.87 -11.11 -47.36
N SER D 30 42.02 -11.38 -46.39
CA SER D 30 40.60 -11.65 -46.61
C SER D 30 39.84 -10.49 -47.23
N ALA D 31 40.41 -9.30 -47.22
CA ALA D 31 39.74 -8.15 -47.83
C ALA D 31 40.08 -8.00 -49.30
N HIS D 32 40.95 -8.85 -49.83
CA HIS D 32 41.37 -8.61 -51.21
C HIS D 32 41.40 -9.80 -52.15
N THR D 33 41.15 -9.45 -53.39
CA THR D 33 41.28 -10.36 -54.52
C THR D 33 42.75 -10.44 -54.87
N MET D 34 43.23 -11.65 -54.99
CA MET D 34 44.64 -11.85 -55.29
C MET D 34 44.78 -12.30 -56.70
N ASN D 35 45.84 -11.85 -57.34
CA ASN D 35 46.07 -12.22 -58.71
C ASN D 35 47.49 -12.62 -58.96
N TRP D 36 47.63 -13.61 -59.81
CA TRP D 36 48.91 -14.00 -60.28
C TRP D 36 49.12 -13.33 -61.60
N VAL D 37 50.25 -12.67 -61.72
CA VAL D 37 50.65 -11.95 -62.90
C VAL D 37 52.04 -12.41 -63.24
N ARG D 38 52.35 -12.57 -64.51
CA ARG D 38 53.71 -12.98 -64.81
C ARG D 38 54.40 -12.09 -65.82
N ARG D 39 55.70 -11.92 -65.64
CA ARG D 39 56.51 -11.18 -66.59
C ARG D 39 57.11 -12.22 -67.48
N VAL D 40 57.07 -11.99 -68.76
CA VAL D 40 57.52 -13.03 -69.66
C VAL D 40 58.78 -12.59 -70.41
N PRO D 41 59.53 -13.52 -71.03
CA PRO D 41 60.78 -13.27 -71.74
C PRO D 41 60.70 -12.22 -72.84
N GLY D 42 59.50 -11.96 -73.34
CA GLY D 42 59.34 -10.96 -74.39
C GLY D 42 59.38 -9.54 -73.83
N GLY D 43 59.39 -9.42 -72.50
CA GLY D 43 59.44 -8.15 -71.80
C GLY D 43 58.08 -7.63 -71.33
N GLY D 44 57.00 -8.24 -71.80
CA GLY D 44 55.67 -7.80 -71.40
C GLY D 44 55.14 -8.56 -70.19
N LEU D 45 53.85 -8.37 -69.93
CA LEU D 45 53.13 -8.98 -68.82
C LEU D 45 51.92 -9.74 -69.29
N GLU D 46 51.59 -10.77 -68.55
CA GLU D 46 50.38 -11.52 -68.80
C GLU D 46 49.64 -11.76 -67.50
N TRP D 47 48.33 -11.68 -67.53
CA TRP D 47 47.55 -12.03 -66.37
C TRP D 47 47.49 -13.52 -66.36
N VAL D 48 47.61 -14.14 -65.20
CA VAL D 48 47.55 -15.59 -65.15
C VAL D 48 46.32 -16.12 -64.46
N ALA D 49 46.05 -15.65 -63.26
CA ALA D 49 44.92 -16.21 -62.52
C ALA D 49 44.45 -15.31 -61.42
N SER D 50 43.21 -15.50 -60.99
CA SER D 50 42.68 -14.72 -59.89
C SER D 50 41.74 -15.45 -58.98
N ILE D 51 41.72 -15.02 -57.71
CA ILE D 51 40.72 -15.53 -56.80
C ILE D 51 40.06 -14.39 -56.03
N SER D 52 38.76 -14.32 -56.09
CA SER D 52 37.98 -13.29 -55.41
C SER D 52 37.89 -13.59 -53.94
N THR D 53 37.40 -12.65 -53.16
CA THR D 53 37.40 -12.99 -51.78
C THR D 53 36.36 -14.05 -51.55
N SER D 54 36.57 -14.78 -50.46
CA SER D 54 35.74 -15.91 -50.03
C SER D 54 35.69 -17.03 -51.09
N SER D 55 36.58 -16.95 -52.09
CA SER D 55 36.70 -17.88 -53.18
C SER D 55 35.38 -18.02 -53.92
N THR D 56 34.66 -16.90 -54.06
CA THR D 56 33.40 -16.93 -54.77
C THR D 56 33.64 -17.19 -56.23
N TYR D 57 34.66 -16.55 -56.77
CA TYR D 57 34.99 -16.70 -58.17
C TYR D 57 36.45 -17.02 -58.34
N ARG D 58 36.73 -17.84 -59.35
CA ARG D 58 38.11 -18.13 -59.72
C ARG D 58 38.19 -18.07 -61.21
N ASP D 59 39.31 -17.60 -61.72
CA ASP D 59 39.47 -17.55 -63.16
C ASP D 59 40.92 -17.70 -63.56
N TYR D 60 41.13 -18.13 -64.79
CA TYR D 60 42.46 -18.40 -65.33
C TYR D 60 42.63 -17.89 -66.74
N ALA D 61 43.85 -17.54 -67.11
CA ALA D 61 44.13 -17.15 -68.47
C ALA D 61 43.90 -18.35 -69.36
N ASP D 62 43.37 -18.13 -70.56
CA ASP D 62 43.07 -19.23 -71.46
C ASP D 62 44.24 -20.14 -71.74
N ALA D 63 45.42 -19.58 -71.77
CA ALA D 63 46.62 -20.35 -72.05
C ALA D 63 46.82 -21.49 -71.07
N VAL D 64 46.34 -21.33 -69.85
CA VAL D 64 46.53 -22.31 -68.81
C VAL D 64 45.22 -22.86 -68.25
N LYS D 65 44.11 -22.68 -68.95
CA LYS D 65 42.92 -23.28 -68.38
C LYS D 65 43.10 -24.77 -68.44
N GLY D 66 42.89 -25.42 -67.30
CA GLY D 66 43.06 -26.86 -67.20
C GLY D 66 44.47 -27.24 -66.73
N ARG D 67 45.38 -26.29 -66.69
CA ARG D 67 46.73 -26.59 -66.24
C ARG D 67 46.97 -25.93 -64.91
N PHE D 68 46.44 -24.72 -64.74
CA PHE D 68 46.70 -24.01 -63.51
C PHE D 68 45.50 -24.06 -62.57
N THR D 69 45.82 -24.17 -61.29
CA THR D 69 44.84 -24.13 -60.20
C THR D 69 45.29 -23.16 -59.11
N VAL D 70 44.39 -22.38 -58.58
CA VAL D 70 44.75 -21.47 -57.49
C VAL D 70 43.88 -21.61 -56.27
N SER D 71 44.40 -21.13 -55.13
CA SER D 71 43.65 -21.12 -53.87
C SER D 71 44.09 -19.99 -52.93
N ARG D 72 43.27 -19.71 -51.90
CA ARG D 72 43.58 -18.69 -50.90
C ARG D 72 43.44 -19.24 -49.51
N ASP D 73 44.18 -18.67 -48.57
CA ASP D 73 44.07 -19.01 -47.16
C ASP D 73 43.90 -17.76 -46.33
N ASP D 74 42.70 -17.58 -45.79
CA ASP D 74 42.34 -16.39 -45.04
C ASP D 74 42.78 -16.37 -43.60
N LEU D 75 43.38 -17.44 -43.12
CA LEU D 75 43.76 -17.44 -41.73
C LEU D 75 45.26 -17.23 -41.59
N GLU D 76 46.02 -17.79 -42.53
CA GLU D 76 47.48 -17.63 -42.53
C GLU D 76 47.93 -16.63 -43.58
N ASP D 77 46.98 -15.96 -44.20
CA ASP D 77 47.24 -14.95 -45.20
C ASP D 77 48.13 -15.38 -46.38
N PHE D 78 47.77 -16.50 -47.00
CA PHE D 78 48.52 -17.02 -48.16
C PHE D 78 47.77 -17.12 -49.47
N VAL D 79 48.55 -17.01 -50.53
CA VAL D 79 48.10 -17.19 -51.91
C VAL D 79 48.80 -18.38 -52.53
N TYR D 80 48.09 -19.30 -53.17
CA TYR D 80 48.75 -20.43 -53.83
C TYR D 80 48.44 -20.54 -55.31
N LEU D 81 49.43 -21.04 -56.05
CA LEU D 81 49.30 -21.41 -57.46
C LEU D 81 49.94 -22.74 -57.78
N GLN D 82 49.15 -23.64 -58.34
CA GLN D 82 49.60 -24.95 -58.72
C GLN D 82 49.68 -24.99 -60.22
N MET D 83 50.87 -25.18 -60.75
CA MET D 83 51.04 -25.15 -62.19
C MET D 83 51.42 -26.52 -62.73
N HIS D 84 50.49 -27.19 -63.38
CA HIS D 84 50.69 -28.53 -63.87
C HIS D 84 51.06 -28.59 -65.33
N LYS D 85 51.71 -29.68 -65.72
CA LYS D 85 52.04 -29.91 -67.12
C LYS D 85 52.77 -28.71 -67.68
N MET D 86 53.79 -28.25 -66.97
CA MET D 86 54.50 -27.05 -67.38
C MET D 86 55.02 -27.12 -68.77
N ARG D 87 54.80 -26.05 -69.53
CA ARG D 87 55.26 -25.96 -70.89
C ARG D 87 56.52 -25.12 -70.91
N VAL D 88 57.34 -25.23 -71.94
CA VAL D 88 58.54 -24.41 -71.97
C VAL D 88 58.15 -22.93 -71.96
N GLU D 89 57.07 -22.65 -72.66
CA GLU D 89 56.50 -21.32 -72.81
C GLU D 89 56.03 -20.70 -71.48
N ASP D 90 55.95 -21.48 -70.41
CA ASP D 90 55.50 -20.96 -69.12
C ASP D 90 56.67 -20.42 -68.30
N THR D 91 57.87 -20.42 -68.88
CA THR D 91 58.99 -19.82 -68.16
C THR D 91 58.66 -18.36 -67.98
N ALA D 92 58.71 -17.88 -66.75
CA ALA D 92 58.33 -16.50 -66.46
C ALA D 92 58.68 -16.10 -65.04
N ILE D 93 58.57 -14.81 -64.77
CA ILE D 93 58.71 -14.35 -63.40
C ILE D 93 57.31 -14.25 -62.88
N TYR D 94 57.02 -14.96 -61.83
CA TYR D 94 55.68 -14.98 -61.30
C TYR D 94 55.58 -14.08 -60.11
N TYR D 95 54.51 -13.31 -60.07
CA TYR D 95 54.26 -12.39 -58.99
C TYR D 95 52.88 -12.51 -58.39
N CYS D 96 52.80 -12.25 -57.11
CA CYS D 96 51.48 -12.04 -56.55
C CYS D 96 51.23 -10.58 -56.59
N ALA D 97 49.98 -10.23 -56.81
CA ALA D 97 49.59 -8.86 -56.78
C ALA D 97 48.21 -8.73 -56.15
N ARG D 98 48.02 -7.61 -55.48
CA ARG D 98 46.77 -7.35 -54.79
C ARG D 98 46.01 -6.21 -55.40
N LYS D 99 44.75 -6.44 -55.74
CA LYS D 99 43.94 -5.34 -56.27
C LYS D 99 43.44 -4.48 -55.15
N GLY D 100 43.56 -3.17 -55.34
CA GLY D 100 43.04 -2.25 -54.34
C GLY D 100 43.39 -0.79 -54.48
N SER D 101 42.66 -0.04 -53.67
CA SER D 101 42.73 1.39 -53.48
C SER D 101 42.07 1.54 -52.15
N ASP D 102 42.16 2.68 -51.51
CA ASP D 102 41.53 2.84 -50.20
C ASP D 102 40.00 2.73 -50.25
N ARG D 103 39.43 2.97 -51.41
CA ARG D 103 38.01 2.93 -51.59
C ARG D 103 37.44 1.52 -51.81
N LEU D 104 38.30 0.56 -52.16
CA LEU D 104 37.87 -0.80 -52.48
C LEU D 104 36.76 -0.87 -53.53
N SER D 105 37.07 -0.41 -54.73
CA SER D 105 36.08 -0.39 -55.82
C SER D 105 36.10 -1.74 -56.46
N ASP D 106 35.26 -1.96 -57.44
CA ASP D 106 35.21 -3.27 -58.07
C ASP D 106 36.26 -3.47 -59.15
N ASN D 107 36.95 -2.40 -59.53
CA ASN D 107 37.95 -2.48 -60.60
C ASN D 107 39.22 -1.73 -60.24
N ASP D 108 39.69 -1.91 -59.03
CA ASP D 108 40.89 -1.25 -58.60
C ASP D 108 42.13 -1.83 -59.27
N PRO D 109 43.19 -1.02 -59.42
CA PRO D 109 44.47 -1.36 -59.96
C PRO D 109 45.22 -2.19 -58.95
N PHE D 110 46.31 -2.80 -59.33
CA PHE D 110 47.06 -3.52 -58.33
C PHE D 110 47.90 -2.54 -57.59
N ASP D 111 47.70 -2.47 -56.25
CA ASP D 111 48.46 -1.50 -55.46
C ASP D 111 49.56 -2.16 -54.66
N ALA D 112 49.66 -3.47 -54.72
CA ALA D 112 50.74 -4.12 -54.02
C ALA D 112 51.23 -5.25 -54.86
N TRP D 113 52.54 -5.33 -54.93
CA TRP D 113 53.23 -6.35 -55.71
C TRP D 113 54.35 -6.95 -54.91
N GLY D 114 54.62 -8.21 -55.14
CA GLY D 114 55.81 -8.77 -54.52
C GLY D 114 57.00 -8.58 -55.44
N PRO D 115 58.21 -8.96 -55.02
CA PRO D 115 59.43 -8.91 -55.81
C PRO D 115 59.45 -9.92 -56.95
N GLY D 116 58.66 -10.98 -56.82
CA GLY D 116 58.57 -12.01 -57.84
C GLY D 116 59.53 -13.15 -57.63
N THR D 117 59.22 -14.29 -58.26
CA THR D 117 60.09 -15.46 -58.22
C THR D 117 60.25 -15.99 -59.61
N VAL D 118 61.30 -16.74 -59.87
CA VAL D 118 61.48 -17.24 -61.23
C VAL D 118 61.25 -18.71 -61.37
N VAL D 119 60.47 -19.03 -62.39
CA VAL D 119 60.19 -20.38 -62.76
C VAL D 119 60.67 -20.65 -64.16
N THR D 120 61.49 -21.67 -64.29
CA THR D 120 62.05 -22.02 -65.58
C THR D 120 61.68 -23.41 -66.00
N VAL D 121 61.28 -23.54 -67.26
CA VAL D 121 60.89 -24.85 -67.73
C VAL D 121 61.79 -25.28 -68.88
N SER D 122 62.40 -26.44 -68.73
CA SER D 122 63.33 -26.95 -69.74
C SER D 122 62.68 -27.80 -70.81
N VAL E 2 54.25 -38.90 -27.59
CA VAL E 2 54.30 -40.31 -27.24
C VAL E 2 55.32 -40.99 -28.14
N VAL E 3 56.43 -41.42 -27.57
CA VAL E 3 57.45 -42.07 -28.36
C VAL E 3 57.08 -43.52 -28.61
N MET E 4 57.16 -43.92 -29.87
CA MET E 4 56.83 -45.29 -30.23
C MET E 4 58.07 -46.10 -30.51
N THR E 5 58.32 -47.15 -29.75
CA THR E 5 59.53 -47.94 -30.01
C THR E 5 59.19 -49.36 -30.42
N GLN E 6 59.64 -49.74 -31.61
CA GLN E 6 59.35 -51.08 -32.12
C GLN E 6 60.53 -52.03 -32.00
N SER E 7 60.23 -53.33 -31.94
CA SER E 7 61.27 -54.33 -31.96
C SER E 7 60.76 -55.72 -32.40
N PRO E 8 61.65 -56.58 -32.92
CA PRO E 8 63.07 -56.46 -33.26
C PRO E 8 63.18 -55.61 -34.50
N SER E 9 64.34 -55.03 -34.79
CA SER E 9 64.44 -54.26 -36.04
C SER E 9 64.31 -55.17 -37.25
N THR E 10 64.80 -56.40 -37.13
CA THR E 10 64.68 -57.39 -38.16
C THR E 10 64.11 -58.65 -37.54
N LEU E 11 63.05 -59.17 -38.12
CA LEU E 11 62.47 -60.39 -37.60
C LEU E 11 62.64 -61.47 -38.67
N SER E 12 63.49 -62.44 -38.42
CA SER E 12 63.67 -63.48 -39.43
C SER E 12 62.61 -64.54 -39.26
N ALA E 13 61.95 -64.91 -40.35
CA ALA E 13 60.92 -65.95 -40.32
C ALA E 13 60.82 -66.60 -41.67
N SER E 14 60.35 -67.84 -41.72
CA SER E 14 60.13 -68.47 -43.01
C SER E 14 58.72 -68.22 -43.49
N VAL E 15 58.48 -68.49 -44.76
CA VAL E 15 57.13 -68.35 -45.28
C VAL E 15 56.37 -69.51 -44.64
N GLY E 16 55.22 -69.22 -44.06
CA GLY E 16 54.42 -70.20 -43.36
C GLY E 16 54.59 -70.15 -41.83
N ASP E 17 55.54 -69.37 -41.32
CA ASP E 17 55.75 -69.27 -39.88
C ASP E 17 54.80 -68.33 -39.15
N THR E 18 54.98 -68.27 -37.83
CA THR E 18 54.22 -67.40 -36.96
C THR E 18 55.19 -66.46 -36.28
N ILE E 19 54.87 -65.18 -36.28
CA ILE E 19 55.76 -64.21 -35.66
C ILE E 19 55.03 -63.30 -34.68
N THR E 20 55.81 -62.66 -33.82
CA THR E 20 55.28 -61.63 -32.93
C THR E 20 56.10 -60.35 -33.10
N ILE E 21 55.41 -59.24 -33.34
CA ILE E 21 56.07 -57.94 -33.49
C ILE E 21 55.61 -57.07 -32.35
N THR E 22 56.52 -56.38 -31.66
CA THR E 22 56.05 -55.57 -30.54
C THR E 22 56.36 -54.09 -30.70
N CYS E 23 55.60 -53.30 -29.95
CA CYS E 23 55.81 -51.86 -29.87
C CYS E 23 55.43 -51.32 -28.50
N ARG E 24 56.31 -50.50 -27.95
CA ARG E 24 56.07 -49.89 -26.68
C ARG E 24 55.78 -48.42 -26.79
N ALA E 25 54.71 -48.00 -26.15
CA ALA E 25 54.40 -46.58 -26.13
C ALA E 25 55.02 -45.99 -24.87
N SER E 26 55.61 -44.80 -24.99
CA SER E 26 56.16 -44.13 -23.81
C SER E 26 55.10 -43.61 -22.84
N GLN E 27 53.85 -43.55 -23.30
CA GLN E 27 52.68 -43.12 -22.53
C GLN E 27 51.54 -44.04 -22.85
N SER E 28 50.65 -44.25 -21.89
CA SER E 28 49.52 -45.08 -22.21
C SER E 28 48.64 -44.42 -23.24
N ILE E 29 48.27 -45.19 -24.25
CA ILE E 29 47.39 -44.81 -25.32
C ILE E 29 46.46 -45.99 -25.47
N GLU E 30 45.56 -46.16 -24.52
CA GLU E 30 45.00 -47.49 -24.31
C GLU E 30 44.44 -48.19 -25.51
N THR E 31 43.70 -47.47 -26.36
CA THR E 31 43.11 -47.99 -27.59
C THR E 31 43.54 -47.12 -28.75
N TRP E 32 44.61 -46.37 -28.58
CA TRP E 32 45.02 -45.45 -29.64
C TRP E 32 46.30 -45.84 -30.34
N LEU E 33 46.66 -47.11 -30.24
CA LEU E 33 47.83 -47.55 -30.99
C LEU E 33 47.30 -48.29 -32.22
N ALA E 34 47.92 -47.96 -33.34
CA ALA E 34 47.63 -48.55 -34.66
C ALA E 34 48.87 -49.10 -35.29
N TRP E 35 48.66 -50.03 -36.20
CA TRP E 35 49.73 -50.59 -36.98
C TRP E 35 49.42 -50.54 -38.46
N TYR E 36 50.47 -50.34 -39.22
CA TYR E 36 50.44 -50.33 -40.68
C TYR E 36 51.44 -51.32 -41.28
N GLN E 37 51.10 -51.88 -42.45
CA GLN E 37 51.99 -52.78 -43.18
C GLN E 37 52.46 -52.11 -44.45
N GLN E 38 53.75 -52.14 -44.75
CA GLN E 38 54.22 -51.52 -45.96
C GLN E 38 55.30 -52.27 -46.71
N LYS E 39 55.16 -52.33 -48.02
CA LYS E 39 56.20 -52.92 -48.82
C LYS E 39 56.87 -51.76 -49.54
N PRO E 40 58.15 -51.81 -49.87
CA PRO E 40 58.85 -50.76 -50.58
C PRO E 40 58.11 -50.47 -51.87
N GLY E 41 57.97 -49.18 -52.18
CA GLY E 41 57.29 -48.75 -53.39
C GLY E 41 55.80 -48.57 -53.20
N LYS E 42 55.28 -48.93 -52.03
CA LYS E 42 53.86 -48.80 -51.76
C LYS E 42 53.54 -47.89 -50.59
N ALA E 43 52.31 -47.36 -50.58
CA ALA E 43 51.81 -46.58 -49.46
C ALA E 43 51.62 -47.55 -48.31
N PRO E 44 51.74 -47.14 -47.04
CA PRO E 44 51.50 -48.01 -45.91
C PRO E 44 50.01 -48.27 -45.83
N LYS E 45 49.62 -49.44 -45.37
CA LYS E 45 48.19 -49.74 -45.22
C LYS E 45 47.80 -50.07 -43.80
N LEU E 46 46.64 -49.60 -43.38
CA LEU E 46 46.17 -49.86 -42.03
C LEU E 46 45.84 -51.31 -41.80
N LEU E 47 46.36 -51.81 -40.69
CA LEU E 47 46.14 -53.16 -40.23
C LEU E 47 45.31 -53.19 -38.99
N ILE E 48 45.80 -52.44 -38.00
CA ILE E 48 45.33 -52.37 -36.63
C ILE E 48 45.08 -50.99 -36.17
N TYR E 49 44.03 -50.85 -35.40
CA TYR E 49 43.61 -49.65 -34.73
C TYR E 49 42.96 -50.12 -33.48
N LYS E 50 42.83 -49.31 -32.47
CA LYS E 50 42.18 -49.81 -31.28
C LYS E 50 42.85 -51.09 -30.77
N ALA E 51 44.19 -51.04 -30.69
CA ALA E 51 45.07 -52.06 -30.10
C ALA E 51 45.14 -53.39 -30.83
N SER E 52 44.01 -54.07 -30.92
CA SER E 52 43.94 -55.39 -31.54
C SER E 52 42.98 -55.48 -32.70
N THR E 53 42.09 -54.50 -32.81
CA THR E 53 41.05 -54.56 -33.82
C THR E 53 41.63 -54.41 -35.22
N LEU E 54 41.24 -55.31 -36.12
CA LEU E 54 41.74 -55.22 -37.48
C LEU E 54 40.82 -54.52 -38.44
N LYS E 55 41.42 -54.02 -39.51
CA LYS E 55 40.68 -53.41 -40.60
C LYS E 55 39.93 -54.44 -41.43
N THR E 56 38.73 -54.10 -41.86
CA THR E 56 37.98 -54.99 -42.73
C THR E 56 38.78 -55.19 -44.01
N GLY E 57 38.95 -56.45 -44.41
CA GLY E 57 39.69 -56.79 -45.62
C GLY E 57 41.06 -57.38 -45.29
N VAL E 58 41.48 -57.22 -44.04
CA VAL E 58 42.72 -57.78 -43.55
C VAL E 58 42.50 -59.29 -43.41
N PRO E 59 43.44 -60.15 -43.87
CA PRO E 59 43.33 -61.60 -43.83
C PRO E 59 43.37 -62.12 -42.41
N SER E 60 42.79 -63.30 -42.22
CA SER E 60 42.66 -64.01 -40.93
C SER E 60 43.98 -64.40 -40.29
N ARG E 61 45.03 -64.35 -41.09
CA ARG E 61 46.39 -64.63 -40.67
C ARG E 61 46.82 -63.60 -39.64
N PHE E 62 46.23 -62.43 -39.76
CA PHE E 62 46.63 -61.30 -38.99
C PHE E 62 45.64 -60.81 -37.91
N SER E 63 46.16 -60.52 -36.73
CA SER E 63 45.38 -59.89 -35.65
C SER E 63 46.34 -59.18 -34.71
N GLY E 64 45.86 -58.26 -33.86
CA GLY E 64 46.82 -57.67 -32.92
C GLY E 64 46.47 -58.01 -31.48
N SER E 65 47.21 -57.42 -30.56
CA SER E 65 47.01 -57.61 -29.13
C SER E 65 47.67 -56.53 -28.29
N GLY E 66 47.48 -56.67 -26.99
CA GLY E 66 48.07 -55.79 -25.99
C GLY E 66 47.24 -54.56 -25.70
N SER E 67 47.72 -53.76 -24.75
CA SER E 67 47.01 -52.57 -24.33
C SER E 67 47.85 -51.57 -23.54
N GLY E 68 47.36 -50.33 -23.48
CA GLY E 68 48.01 -49.35 -22.62
C GLY E 68 49.28 -48.87 -23.26
N THR E 69 50.37 -49.54 -22.90
CA THR E 69 51.67 -49.25 -23.48
C THR E 69 52.27 -50.43 -24.20
N GLU E 70 51.76 -51.64 -23.94
CA GLU E 70 52.40 -52.83 -24.46
C GLU E 70 51.57 -53.47 -25.53
N PHE E 71 51.98 -53.32 -26.79
CA PHE E 71 51.17 -53.81 -27.89
C PHE E 71 51.94 -54.72 -28.81
N THR E 72 51.24 -55.69 -29.38
CA THR E 72 51.85 -56.58 -30.35
C THR E 72 51.00 -56.89 -31.56
N LEU E 73 51.67 -57.43 -32.58
CA LEU E 73 51.01 -58.01 -33.73
C LEU E 73 51.25 -59.49 -33.75
N THR E 74 50.20 -60.25 -34.04
CA THR E 74 50.33 -61.69 -34.18
C THR E 74 50.08 -62.04 -35.61
N ILE E 75 51.04 -62.68 -36.26
CA ILE E 75 50.79 -63.02 -37.64
C ILE E 75 51.08 -64.50 -37.79
N SER E 76 50.12 -65.28 -38.29
CA SER E 76 50.30 -66.73 -38.39
C SER E 76 50.06 -67.38 -39.75
N GLY E 77 51.13 -67.95 -40.30
CA GLY E 77 51.11 -68.59 -41.61
C GLY E 77 51.46 -67.55 -42.64
N LEU E 78 52.56 -66.83 -42.38
CA LEU E 78 52.96 -65.70 -43.21
C LEU E 78 53.20 -66.00 -44.65
N GLN E 79 52.71 -65.12 -45.49
CA GLN E 79 52.88 -65.24 -46.92
C GLN E 79 53.97 -64.32 -47.36
N PHE E 80 54.32 -64.35 -48.63
CA PHE E 80 55.41 -63.50 -49.09
C PHE E 80 55.12 -62.02 -48.91
N ASP E 81 53.84 -61.65 -48.94
CA ASP E 81 53.46 -60.25 -48.82
C ASP E 81 53.49 -59.78 -47.38
N ASP E 82 53.69 -60.69 -46.45
CA ASP E 82 53.72 -60.31 -45.05
C ASP E 82 55.14 -60.01 -44.59
N PHE E 83 56.13 -60.18 -45.48
CA PHE E 83 57.52 -59.89 -45.12
C PHE E 83 57.80 -58.43 -45.46
N ALA E 84 57.00 -57.63 -44.78
CA ALA E 84 56.80 -56.20 -44.91
C ALA E 84 57.38 -55.45 -43.74
N THR E 85 57.49 -54.14 -43.92
CA THR E 85 57.91 -53.29 -42.85
C THR E 85 56.64 -52.99 -42.08
N TYR E 86 56.69 -53.11 -40.78
CA TYR E 86 55.54 -52.81 -39.97
C TYR E 86 55.78 -51.54 -39.24
N HIS E 87 54.74 -50.76 -39.10
CA HIS E 87 54.89 -49.50 -38.41
C HIS E 87 53.91 -49.34 -37.31
N CYS E 88 54.43 -48.89 -36.20
CA CYS E 88 53.69 -48.62 -34.99
C CYS E 88 53.40 -47.15 -34.82
N GLN E 89 52.15 -46.79 -34.59
CA GLN E 89 51.87 -45.37 -34.38
C GLN E 89 50.84 -45.07 -33.30
N HIS E 90 50.97 -43.88 -32.76
CA HIS E 90 50.00 -43.33 -31.85
C HIS E 90 49.12 -42.42 -32.63
N TYR E 91 47.82 -42.59 -32.54
CA TYR E 91 47.00 -41.64 -33.24
C TYR E 91 46.16 -40.83 -32.26
N ALA E 92 45.98 -39.55 -32.59
CA ALA E 92 45.20 -38.62 -31.80
C ALA E 92 44.55 -37.63 -32.76
N GLY E 93 43.50 -36.98 -32.35
CA GLY E 93 42.78 -36.07 -33.24
C GLY E 93 43.62 -34.98 -33.90
N TYR E 94 44.62 -34.43 -33.25
CA TYR E 94 45.36 -33.37 -33.90
C TYR E 94 46.81 -33.72 -34.15
N SER E 95 47.18 -34.99 -34.00
CA SER E 95 48.57 -35.39 -34.13
C SER E 95 48.77 -36.89 -34.33
N ALA E 96 50.00 -37.26 -34.58
CA ALA E 96 50.36 -38.66 -34.64
C ALA E 96 51.81 -38.79 -34.31
N THR E 97 52.19 -39.96 -33.84
CA THR E 97 53.61 -40.21 -33.66
C THR E 97 53.87 -41.56 -34.27
N PHE E 98 55.07 -41.76 -34.76
CA PHE E 98 55.39 -43.02 -35.39
C PHE E 98 56.66 -43.67 -34.88
N GLY E 99 56.70 -45.00 -34.97
CA GLY E 99 57.91 -45.74 -34.66
C GLY E 99 58.84 -45.75 -35.85
N GLN E 100 60.01 -46.35 -35.64
CA GLN E 100 61.04 -46.39 -36.66
C GLN E 100 60.77 -47.43 -37.72
N GLY E 101 59.86 -48.34 -37.44
CA GLY E 101 59.52 -49.40 -38.36
C GLY E 101 60.39 -50.63 -38.15
N THR E 102 59.83 -51.80 -38.38
CA THR E 102 60.61 -53.04 -38.30
C THR E 102 60.32 -53.87 -39.51
N ARG E 103 61.21 -54.75 -39.92
CA ARG E 103 60.86 -55.57 -41.06
C ARG E 103 60.97 -57.04 -40.79
N VAL E 104 60.02 -57.77 -41.34
CA VAL E 104 60.07 -59.20 -41.24
C VAL E 104 60.67 -59.68 -42.54
N GLU E 105 61.71 -60.50 -42.47
CA GLU E 105 62.39 -60.97 -43.67
C GLU E 105 62.28 -62.47 -43.75
N ILE E 106 62.25 -63.00 -44.96
CA ILE E 106 62.10 -64.44 -45.09
C ILE E 106 63.31 -65.18 -44.52
N GLU F 1 37.42 -45.45 -56.40
CA GLU F 1 37.93 -45.65 -55.07
C GLU F 1 38.40 -44.36 -54.45
N VAL F 2 38.90 -44.43 -53.23
CA VAL F 2 39.38 -43.24 -52.58
C VAL F 2 40.78 -42.92 -53.05
N GLN F 3 40.96 -41.76 -53.70
CA GLN F 3 42.30 -41.45 -54.19
C GLN F 3 42.81 -40.17 -53.59
N LEU F 4 44.06 -40.22 -53.17
CA LEU F 4 44.75 -39.06 -52.63
C LEU F 4 46.08 -39.01 -53.38
N VAL F 5 46.35 -37.92 -54.09
CA VAL F 5 47.56 -37.90 -54.91
C VAL F 5 48.50 -36.72 -54.72
N GLU F 6 49.74 -37.03 -54.33
CA GLU F 6 50.82 -36.07 -54.13
C GLU F 6 51.39 -35.53 -55.42
N SER F 7 51.71 -34.25 -55.41
CA SER F 7 52.39 -33.62 -56.55
C SER F 7 53.30 -32.48 -56.09
N GLY F 8 54.20 -32.07 -56.99
CA GLY F 8 55.09 -30.95 -56.71
C GLY F 8 56.42 -31.32 -56.04
N GLY F 9 56.85 -32.58 -56.14
CA GLY F 9 58.11 -32.99 -55.51
C GLY F 9 59.29 -32.52 -56.36
N GLY F 10 60.51 -32.93 -56.02
CA GLY F 10 61.68 -32.44 -56.75
C GLY F 10 62.92 -32.25 -55.87
N LEU F 11 63.94 -31.59 -56.44
CA LEU F 11 65.22 -31.34 -55.77
C LEU F 11 65.32 -29.91 -55.24
N VAL F 12 65.66 -29.81 -53.97
CA VAL F 12 65.81 -28.57 -53.22
C VAL F 12 67.21 -28.36 -52.71
N LYS F 13 67.76 -27.18 -52.88
CA LYS F 13 69.07 -26.94 -52.27
C LYS F 13 68.78 -26.60 -50.82
N ALA F 14 69.55 -27.13 -49.88
CA ALA F 14 69.26 -26.84 -48.48
C ALA F 14 69.27 -25.35 -48.24
N GLY F 15 68.32 -24.93 -47.42
CA GLY F 15 68.09 -23.54 -47.05
C GLY F 15 66.97 -22.92 -47.88
N GLY F 16 66.55 -23.61 -48.95
CA GLY F 16 65.50 -23.14 -49.84
C GLY F 16 64.13 -23.67 -49.47
N SER F 17 63.26 -23.79 -50.48
CA SER F 17 61.89 -24.20 -50.22
C SER F 17 61.27 -25.02 -51.34
N LEU F 18 60.23 -25.75 -50.96
CA LEU F 18 59.42 -26.56 -51.86
C LEU F 18 58.02 -26.68 -51.31
N ILE F 19 57.04 -26.54 -52.19
CA ILE F 19 55.68 -26.66 -51.73
C ILE F 19 55.02 -27.86 -52.36
N LEU F 20 54.44 -28.71 -51.52
CA LEU F 20 53.72 -29.89 -51.96
C LEU F 20 52.23 -29.76 -51.83
N SER F 21 51.52 -30.49 -52.66
CA SER F 21 50.09 -30.55 -52.45
C SER F 21 49.51 -31.87 -52.86
N CYS F 22 48.32 -32.15 -52.36
CA CYS F 22 47.63 -33.36 -52.78
C CYS F 22 46.22 -33.08 -53.26
N GLY F 23 45.87 -33.70 -54.38
CA GLY F 23 44.52 -33.61 -54.89
C GLY F 23 43.76 -34.85 -54.45
N VAL F 24 42.45 -34.84 -54.60
CA VAL F 24 41.70 -36.03 -54.25
C VAL F 24 40.69 -36.41 -55.30
N SER F 25 40.20 -37.63 -55.20
CA SER F 25 39.10 -38.05 -56.04
C SER F 25 38.14 -38.95 -55.30
N ASN F 26 36.85 -38.72 -55.61
CA ASN F 26 35.67 -39.40 -55.09
C ASN F 26 35.40 -39.20 -53.60
N PHE F 27 35.90 -38.11 -53.04
CA PHE F 27 35.59 -37.77 -51.66
C PHE F 27 35.83 -36.29 -51.50
N ARG F 28 35.37 -35.75 -50.40
CA ARG F 28 35.62 -34.35 -50.08
C ARG F 28 36.52 -34.31 -48.88
N ILE F 29 37.32 -33.26 -48.73
CA ILE F 29 38.18 -33.23 -47.55
C ILE F 29 37.56 -32.41 -46.43
N SER F 30 36.44 -31.78 -46.69
CA SER F 30 35.82 -30.91 -45.70
C SER F 30 35.38 -31.67 -44.45
N ALA F 31 35.26 -32.98 -44.56
CA ALA F 31 34.87 -33.86 -43.47
C ALA F 31 36.05 -34.55 -42.80
N HIS F 32 37.27 -34.25 -43.22
CA HIS F 32 38.42 -34.95 -42.67
C HIS F 32 39.60 -34.05 -42.32
N THR F 33 40.31 -34.46 -41.30
CA THR F 33 41.57 -33.87 -40.93
C THR F 33 42.62 -34.47 -41.83
N MET F 34 43.47 -33.61 -42.36
CA MET F 34 44.49 -34.08 -43.27
C MET F 34 45.83 -33.98 -42.60
N ASN F 35 46.69 -34.93 -42.90
CA ASN F 35 48.02 -34.96 -42.33
C ASN F 35 49.11 -35.22 -43.31
N TRP F 36 50.28 -34.75 -42.96
CA TRP F 36 51.44 -35.04 -43.74
C TRP F 36 52.31 -35.98 -42.96
N VAL F 37 52.73 -37.03 -43.64
CA VAL F 37 53.58 -38.05 -43.08
C VAL F 37 54.81 -38.25 -43.96
N ARG F 38 55.94 -38.31 -43.32
CA ARG F 38 57.20 -38.48 -44.00
C ARG F 38 57.76 -39.88 -43.89
N ARG F 39 58.12 -40.48 -45.02
CA ARG F 39 58.75 -41.78 -44.97
C ARG F 39 60.24 -41.54 -45.10
N VAL F 40 60.93 -41.75 -44.00
CA VAL F 40 62.32 -41.36 -43.92
C VAL F 40 63.14 -42.36 -44.73
N PRO F 41 64.39 -42.05 -45.12
CA PRO F 41 65.29 -42.92 -45.86
C PRO F 41 65.48 -44.31 -45.23
N GLY F 42 65.33 -44.42 -43.91
CA GLY F 42 65.50 -45.69 -43.23
C GLY F 42 64.26 -46.57 -43.35
N GLY F 43 63.18 -46.04 -43.94
CA GLY F 43 61.92 -46.75 -44.14
C GLY F 43 60.89 -46.58 -43.03
N GLY F 44 61.20 -45.79 -42.02
CA GLY F 44 60.28 -45.56 -40.92
C GLY F 44 59.39 -44.38 -41.23
N LEU F 45 58.52 -44.01 -40.31
CA LEU F 45 57.64 -42.88 -40.60
C LEU F 45 57.84 -41.78 -39.59
N GLU F 46 57.63 -40.57 -40.03
CA GLU F 46 57.67 -39.41 -39.17
C GLU F 46 56.42 -38.54 -39.39
N TRP F 47 55.76 -38.16 -38.32
CA TRP F 47 54.62 -37.28 -38.50
C TRP F 47 55.17 -35.92 -38.80
N VAL F 48 54.61 -35.23 -39.78
CA VAL F 48 55.09 -33.90 -40.10
C VAL F 48 54.13 -32.80 -39.67
N ALA F 49 52.86 -32.95 -40.03
CA ALA F 49 51.90 -31.89 -39.74
C ALA F 49 50.45 -32.35 -39.78
N SER F 50 49.58 -31.59 -39.12
CA SER F 50 48.14 -31.85 -39.18
C SER F 50 47.34 -30.59 -39.32
N ILE F 51 46.28 -30.68 -40.11
CA ILE F 51 45.32 -29.60 -40.23
C ILE F 51 43.89 -30.12 -40.09
N SER F 52 43.16 -29.57 -39.14
CA SER F 52 41.78 -29.96 -38.87
C SER F 52 40.80 -29.35 -39.84
N THR F 53 39.56 -29.82 -39.82
CA THR F 53 38.63 -29.22 -40.75
C THR F 53 38.38 -27.82 -40.26
N SER F 54 38.07 -26.95 -41.22
CA SER F 54 37.81 -25.52 -40.98
C SER F 54 39.02 -24.82 -40.37
N SER F 55 40.18 -25.50 -40.37
CA SER F 55 41.41 -25.00 -39.81
C SER F 55 41.20 -24.59 -38.37
N THR F 56 40.42 -25.36 -37.63
CA THR F 56 40.22 -25.01 -36.24
C THR F 56 41.56 -25.12 -35.53
N TYR F 57 42.28 -26.21 -35.83
CA TYR F 57 43.58 -26.47 -35.25
C TYR F 57 44.59 -26.84 -36.32
N ARG F 58 45.82 -26.39 -36.11
CA ARG F 58 46.93 -26.79 -36.95
C ARG F 58 48.11 -27.05 -36.08
N ASP F 59 48.89 -28.08 -36.38
CA ASP F 59 50.12 -28.22 -35.62
C ASP F 59 51.17 -28.95 -36.46
N TYR F 60 52.36 -29.02 -35.88
CA TYR F 60 53.51 -29.56 -36.58
C TYR F 60 54.42 -30.40 -35.71
N ALA F 61 55.16 -31.29 -36.32
CA ALA F 61 56.17 -31.97 -35.55
C ALA F 61 57.21 -30.94 -35.16
N ASP F 62 57.76 -31.05 -33.95
CA ASP F 62 58.75 -30.09 -33.48
C ASP F 62 59.93 -29.99 -34.42
N ALA F 63 60.27 -31.10 -35.06
CA ALA F 63 61.39 -31.18 -35.98
C ALA F 63 61.28 -30.21 -37.16
N VAL F 64 60.05 -29.89 -37.56
CA VAL F 64 59.83 -29.02 -38.70
C VAL F 64 59.04 -27.76 -38.37
N LYS F 65 58.43 -27.72 -37.20
CA LYS F 65 57.58 -26.61 -36.87
C LYS F 65 58.29 -25.29 -36.97
N GLY F 66 57.73 -24.37 -37.75
CA GLY F 66 58.34 -23.05 -37.87
C GLY F 66 59.15 -22.94 -39.15
N ARG F 67 59.38 -24.07 -39.80
CA ARG F 67 60.09 -24.08 -41.06
C ARG F 67 58.99 -24.51 -42.01
N PHE F 68 58.10 -25.32 -41.46
CA PHE F 68 56.97 -25.83 -42.20
C PHE F 68 55.66 -25.20 -41.75
N THR F 69 54.76 -25.07 -42.74
CA THR F 69 53.38 -24.61 -42.56
C THR F 69 52.41 -25.38 -43.49
N VAL F 70 51.16 -25.56 -43.07
CA VAL F 70 50.16 -26.25 -43.92
C VAL F 70 48.87 -25.51 -44.11
N SER F 71 48.15 -25.92 -45.15
CA SER F 71 46.85 -25.36 -45.50
C SER F 71 45.94 -26.37 -46.17
N ARG F 72 44.75 -25.93 -46.51
CA ARG F 72 43.76 -26.76 -47.18
C ARG F 72 42.72 -25.94 -47.91
N ASP F 73 42.27 -26.46 -49.04
CA ASP F 73 41.24 -25.84 -49.84
C ASP F 73 40.03 -26.73 -49.93
N ASP F 74 38.98 -26.39 -49.20
CA ASP F 74 37.82 -27.23 -49.09
C ASP F 74 36.87 -27.15 -50.26
N LEU F 75 37.16 -26.32 -51.23
CA LEU F 75 36.28 -26.23 -52.38
C LEU F 75 36.88 -27.06 -53.49
N GLU F 76 38.20 -26.97 -53.63
CA GLU F 76 38.90 -27.75 -54.65
C GLU F 76 39.50 -29.02 -54.07
N ASP F 77 39.35 -29.19 -52.75
CA ASP F 77 39.85 -30.30 -51.97
C ASP F 77 41.34 -30.54 -52.04
N PHE F 78 42.10 -29.47 -51.97
CA PHE F 78 43.54 -29.60 -51.96
C PHE F 78 44.15 -29.53 -50.59
N VAL F 79 45.19 -30.30 -50.42
CA VAL F 79 45.95 -30.30 -49.19
C VAL F 79 47.31 -29.68 -49.45
N TYR F 80 47.76 -28.69 -48.69
CA TYR F 80 49.06 -28.08 -48.96
C TYR F 80 50.07 -28.13 -47.82
N LEU F 81 51.34 -28.28 -48.20
CA LEU F 81 52.48 -28.17 -47.30
C LEU F 81 53.60 -27.32 -47.85
N GLN F 82 53.94 -26.29 -47.12
CA GLN F 82 55.01 -25.42 -47.57
C GLN F 82 56.21 -25.63 -46.70
N MET F 83 57.30 -26.06 -47.30
CA MET F 83 58.49 -26.31 -46.55
C MET F 83 59.52 -25.25 -46.89
N HIS F 84 60.04 -24.55 -45.88
CA HIS F 84 61.02 -23.50 -46.09
C HIS F 84 62.23 -23.75 -45.25
N LYS F 85 63.42 -23.29 -45.68
CA LYS F 85 64.62 -23.47 -44.87
C LYS F 85 64.76 -24.95 -44.65
N MET F 86 64.62 -25.67 -45.76
CA MET F 86 64.70 -27.11 -45.82
C MET F 86 66.11 -27.61 -45.60
N ARG F 87 66.22 -28.76 -44.96
CA ARG F 87 67.51 -29.35 -44.67
C ARG F 87 67.72 -30.66 -45.39
N VAL F 88 68.95 -31.12 -45.43
CA VAL F 88 69.27 -32.39 -46.06
C VAL F 88 68.49 -33.49 -45.37
N GLU F 89 68.35 -33.36 -44.06
CA GLU F 89 67.64 -34.26 -43.17
C GLU F 89 66.16 -34.41 -43.52
N ASP F 90 65.60 -33.50 -44.32
CA ASP F 90 64.21 -33.54 -44.71
C ASP F 90 64.01 -34.35 -46.00
N THR F 91 65.08 -34.96 -46.52
CA THR F 91 64.91 -35.80 -47.71
C THR F 91 64.02 -36.96 -47.32
N ALA F 92 62.96 -37.18 -48.10
CA ALA F 92 62.02 -38.24 -47.76
C ALA F 92 60.96 -38.45 -48.84
N ILE F 93 60.19 -39.52 -48.68
CA ILE F 93 59.02 -39.65 -49.51
C ILE F 93 57.89 -39.04 -48.71
N TYR F 94 57.21 -38.09 -49.29
CA TYR F 94 56.15 -37.42 -48.58
C TYR F 94 54.81 -37.92 -48.98
N TYR F 95 53.97 -38.09 -47.97
CA TYR F 95 52.60 -38.53 -48.14
C TYR F 95 51.57 -37.65 -47.53
N CYS F 96 50.45 -37.56 -48.20
CA CYS F 96 49.29 -37.00 -47.54
C CYS F 96 48.56 -38.18 -46.97
N ALA F 97 47.91 -37.95 -45.86
CA ALA F 97 47.10 -38.99 -45.27
C ALA F 97 45.82 -38.41 -44.70
N ARG F 98 44.77 -39.21 -44.82
CA ARG F 98 43.47 -38.83 -44.33
C ARG F 98 43.13 -39.59 -43.08
N LYS F 99 42.66 -38.88 -42.06
CA LYS F 99 42.20 -39.54 -40.85
C LYS F 99 40.76 -39.95 -41.04
N GLY F 100 40.45 -41.18 -40.67
CA GLY F 100 39.08 -41.64 -40.82
C GLY F 100 38.83 -43.12 -40.52
N SER F 101 37.56 -43.44 -40.65
CA SER F 101 36.95 -44.72 -40.43
C SER F 101 35.63 -44.68 -41.18
N ASP F 102 34.92 -45.80 -41.29
CA ASP F 102 33.62 -45.74 -41.98
C ASP F 102 32.64 -44.87 -41.20
N ARG F 103 32.74 -44.91 -39.87
CA ARG F 103 31.93 -44.10 -38.97
C ARG F 103 32.91 -43.27 -38.18
N LEU F 104 32.96 -41.97 -38.47
CA LEU F 104 33.99 -41.10 -37.92
C LEU F 104 33.83 -40.70 -36.48
N SER F 105 34.96 -40.56 -35.81
CA SER F 105 34.99 -40.05 -34.44
C SER F 105 36.29 -39.34 -34.20
N ASP F 106 36.53 -39.00 -32.95
CA ASP F 106 37.78 -38.33 -32.65
C ASP F 106 38.85 -39.37 -32.64
N ASN F 107 40.07 -38.93 -32.81
CA ASN F 107 41.22 -39.80 -32.77
C ASN F 107 41.11 -40.99 -33.71
N ASP F 108 40.73 -40.83 -34.97
CA ASP F 108 40.73 -42.04 -35.77
C ASP F 108 42.15 -42.36 -36.34
N PRO F 109 42.36 -43.50 -37.01
CA PRO F 109 43.53 -43.94 -37.76
C PRO F 109 43.60 -43.25 -39.10
N PHE F 110 44.69 -43.41 -39.84
CA PHE F 110 44.73 -42.85 -41.17
C PHE F 110 44.16 -43.89 -42.12
N ASP F 111 43.03 -43.60 -42.75
CA ASP F 111 42.38 -44.61 -43.59
C ASP F 111 42.66 -44.45 -45.07
N ALA F 112 43.36 -43.40 -45.44
CA ALA F 112 43.70 -43.24 -46.83
C ALA F 112 45.04 -42.57 -46.95
N TRP F 113 45.82 -43.10 -47.86
CA TRP F 113 47.16 -42.59 -48.11
C TRP F 113 47.34 -42.41 -49.58
N GLY F 114 48.12 -41.42 -49.97
CA GLY F 114 48.43 -41.31 -51.37
C GLY F 114 49.61 -42.22 -51.66
N PRO F 115 50.06 -42.36 -52.91
CA PRO F 115 51.22 -43.15 -53.30
C PRO F 115 52.54 -42.57 -52.82
N GLY F 116 52.55 -41.25 -52.59
CA GLY F 116 53.72 -40.53 -52.11
C GLY F 116 54.54 -39.91 -53.21
N THR F 117 55.26 -38.84 -52.89
CA THR F 117 56.15 -38.19 -53.87
C THR F 117 57.51 -38.01 -53.25
N VAL F 118 58.47 -37.58 -54.03
CA VAL F 118 59.80 -37.46 -53.45
C VAL F 118 60.37 -36.08 -53.41
N VAL F 119 60.89 -35.76 -52.25
CA VAL F 119 61.54 -34.51 -52.01
C VAL F 119 62.97 -34.79 -51.59
N THR F 120 63.92 -34.26 -52.33
CA THR F 120 65.32 -34.47 -52.02
C THR F 120 65.98 -33.17 -51.71
N VAL F 121 66.73 -33.11 -50.62
CA VAL F 121 67.37 -31.86 -50.30
C VAL F 121 68.89 -32.04 -50.32
N SER F 122 69.56 -31.17 -51.06
CA SER F 122 71.01 -31.24 -51.21
C SER F 122 71.79 -30.39 -50.22
N TRP G 5 -15.65 -57.24 13.29
CA TRP G 5 -14.25 -57.47 12.92
C TRP G 5 -13.47 -56.19 12.86
N VAL G 6 -13.30 -55.63 11.67
CA VAL G 6 -12.63 -54.34 11.64
C VAL G 6 -13.71 -53.33 11.93
N THR G 7 -13.51 -52.53 12.95
CA THR G 7 -14.49 -51.51 13.26
C THR G 7 -13.77 -50.20 13.36
N VAL G 8 -14.52 -49.13 13.20
CA VAL G 8 -13.93 -47.80 13.22
C VAL G 8 -14.60 -46.91 14.23
N TYR G 9 -13.77 -46.14 14.91
CA TYR G 9 -14.17 -45.23 15.95
C TYR G 9 -13.76 -43.82 15.58
N TYR G 10 -14.59 -42.85 15.93
CA TYR G 10 -14.27 -41.48 15.55
C TYR G 10 -13.65 -40.60 16.64
N GLY G 11 -14.33 -40.34 17.73
CA GLY G 11 -13.78 -39.38 18.71
C GLY G 11 -12.69 -39.96 19.61
N VAL G 12 -11.64 -40.47 19.00
CA VAL G 12 -10.57 -41.15 19.69
C VAL G 12 -9.51 -40.11 20.03
N PRO G 13 -8.90 -40.16 21.23
CA PRO G 13 -7.93 -39.23 21.72
C PRO G 13 -6.56 -39.43 21.13
N VAL G 14 -6.44 -39.26 19.85
CA VAL G 14 -5.16 -39.47 19.23
C VAL G 14 -4.66 -38.23 18.57
N TRP G 15 -3.44 -37.87 18.90
CA TRP G 15 -2.84 -36.70 18.34
C TRP G 15 -1.39 -36.89 17.97
N LYS G 16 -0.96 -36.04 17.05
CA LYS G 16 0.38 -36.03 16.52
C LYS G 16 0.99 -34.65 16.55
N ASP G 17 2.32 -34.58 16.58
CA ASP G 17 2.96 -33.28 16.52
C ASP G 17 2.52 -32.59 15.27
N ALA G 18 2.21 -31.31 15.34
CA ALA G 18 1.76 -30.64 14.14
C ALA G 18 2.07 -29.18 14.12
N GLU G 19 2.11 -28.62 12.93
CA GLU G 19 2.29 -27.20 12.82
C GLU G 19 1.16 -26.57 12.06
N THR G 20 0.51 -25.62 12.70
CA THR G 20 -0.58 -24.87 12.10
C THR G 20 -0.46 -23.45 12.49
N THR G 21 -1.37 -22.65 11.98
CA THR G 21 -1.43 -21.25 12.29
C THR G 21 -2.19 -21.05 13.57
N LEU G 22 -1.60 -20.36 14.53
CA LEU G 22 -2.30 -20.07 15.77
C LEU G 22 -2.76 -18.66 15.71
N PHE G 23 -3.84 -18.35 16.38
CA PHE G 23 -4.34 -16.99 16.34
C PHE G 23 -4.42 -16.32 17.70
N CYS G 24 -4.44 -15.01 17.68
CA CYS G 24 -4.55 -14.18 18.86
C CYS G 24 -5.94 -14.15 19.44
N ALA G 25 -5.97 -14.11 20.76
CA ALA G 25 -7.15 -13.87 21.57
C ALA G 25 -6.73 -12.89 22.66
N SER G 26 -7.65 -12.04 23.13
CA SER G 26 -7.27 -11.10 24.19
C SER G 26 -8.44 -10.89 25.11
N ASP G 27 -8.25 -10.13 26.17
CA ASP G 27 -9.35 -9.95 27.10
C ASP G 27 -10.25 -8.78 26.69
N ALA G 28 -9.95 -8.18 25.54
CA ALA G 28 -10.72 -7.06 25.03
C ALA G 28 -11.16 -6.13 26.14
N LYS G 35 -5.69 2.19 24.82
CA LYS G 35 -6.40 1.69 23.66
C LYS G 35 -5.59 1.90 22.40
N HIS G 36 -5.84 1.10 21.37
CA HIS G 36 -5.18 1.24 20.07
C HIS G 36 -3.68 1.21 20.18
N ASN G 37 -3.19 0.23 20.91
CA ASN G 37 -1.76 0.12 21.09
C ASN G 37 -1.10 -0.52 19.88
N VAL G 38 0.21 -0.58 19.93
CA VAL G 38 0.98 -1.06 18.80
C VAL G 38 0.70 -2.52 18.43
N TRP G 39 0.10 -3.28 19.35
CA TRP G 39 -0.19 -4.73 19.09
C TRP G 39 -1.67 -4.94 18.73
N ALA G 40 -2.38 -3.86 18.40
CA ALA G 40 -3.74 -3.89 17.90
C ALA G 40 -4.59 -4.97 18.52
N THR G 41 -4.49 -5.19 19.83
CA THR G 41 -5.21 -6.27 20.47
C THR G 41 -6.65 -5.95 20.78
N HIS G 42 -7.37 -5.59 19.73
CA HIS G 42 -8.78 -5.30 19.72
C HIS G 42 -9.31 -6.20 18.65
N ALA G 43 -8.38 -6.55 17.76
CA ALA G 43 -8.66 -7.33 16.58
C ALA G 43 -8.59 -8.82 16.87
N CYS G 44 -8.24 -9.14 18.09
CA CYS G 44 -8.01 -10.50 18.53
C CYS G 44 -9.21 -11.32 18.95
N VAL G 45 -10.39 -10.76 19.07
CA VAL G 45 -11.56 -11.50 19.56
C VAL G 45 -11.36 -11.73 21.08
N PRO G 46 -12.36 -11.51 21.91
CA PRO G 46 -12.32 -11.77 23.33
C PRO G 46 -12.03 -13.22 23.67
N THR G 47 -11.31 -13.40 24.77
CA THR G 47 -10.99 -14.69 25.35
C THR G 47 -12.14 -15.38 26.02
N ASP G 48 -11.91 -16.66 26.24
CA ASP G 48 -12.80 -17.58 26.92
C ASP G 48 -12.80 -17.29 28.42
N PRO G 49 -13.92 -16.89 29.04
CA PRO G 49 -14.05 -16.65 30.46
C PRO G 49 -13.76 -17.90 31.31
N ASN G 50 -13.85 -19.08 30.70
CA ASN G 50 -13.64 -20.31 31.42
C ASN G 50 -12.79 -21.30 30.64
N PRO G 51 -11.49 -21.01 30.42
CA PRO G 51 -10.58 -21.78 29.61
C PRO G 51 -10.11 -22.98 30.40
N GLN G 52 -11.02 -23.87 30.72
CA GLN G 52 -10.69 -25.00 31.55
C GLN G 52 -9.86 -26.01 30.80
N GLU G 53 -8.71 -26.35 31.40
CA GLU G 53 -7.82 -27.33 30.82
C GLU G 53 -8.34 -28.72 31.06
N ILE G 54 -7.97 -29.63 30.19
CA ILE G 54 -8.33 -30.99 30.43
C ILE G 54 -7.11 -31.78 30.81
N HIS G 55 -7.03 -32.20 32.06
CA HIS G 55 -5.84 -32.94 32.43
C HIS G 55 -5.87 -34.24 31.72
N LEU G 56 -4.74 -34.69 31.18
CA LEU G 56 -4.80 -35.97 30.54
C LEU G 56 -4.25 -37.04 31.47
N GLU G 57 -5.15 -37.81 32.06
CA GLU G 57 -4.75 -38.83 33.00
C GLU G 57 -3.95 -39.93 32.34
N ASN G 58 -2.87 -40.34 33.00
CA ASN G 58 -1.96 -41.39 32.54
C ASN G 58 -1.37 -41.11 31.16
N VAL G 59 -1.02 -39.86 30.91
CA VAL G 59 -0.45 -39.49 29.64
C VAL G 59 0.90 -38.84 29.76
N THR G 60 1.82 -39.33 28.94
CA THR G 60 3.14 -38.79 28.85
C THR G 60 3.23 -38.05 27.53
N GLU G 61 4.22 -37.20 27.43
CA GLU G 61 4.40 -36.37 26.25
C GLU G 61 5.85 -35.92 26.13
N GLU G 62 6.29 -35.53 24.93
CA GLU G 62 7.65 -35.02 24.76
C GLU G 62 7.73 -33.60 24.17
N PHE G 63 8.50 -32.75 24.85
CA PHE G 63 8.61 -31.34 24.49
C PHE G 63 10.05 -30.92 24.16
N ASN G 64 10.20 -29.88 23.34
CA ASN G 64 11.51 -29.31 23.07
C ASN G 64 11.39 -27.83 22.79
N MET G 65 11.73 -26.99 23.76
CA MET G 65 11.51 -25.56 23.63
C MET G 65 12.38 -24.92 22.56
N TRP G 66 13.44 -25.74 22.20
CA TRP G 66 14.46 -25.19 21.28
C TRP G 66 14.14 -25.59 19.84
N LYS G 67 12.97 -26.20 19.61
CA LYS G 67 12.56 -26.64 18.28
C LYS G 67 11.08 -26.32 18.13
N ASN G 68 10.59 -25.48 19.01
CA ASN G 68 9.18 -25.13 19.13
C ASN G 68 8.79 -24.01 18.18
N ASN G 69 7.96 -24.33 17.19
CA ASN G 69 7.61 -23.38 16.14
C ASN G 69 6.65 -22.31 16.60
N MET G 70 6.18 -22.41 17.84
CA MET G 70 5.30 -21.41 18.37
C MET G 70 6.11 -20.15 18.56
N VAL G 71 7.44 -20.31 18.74
CA VAL G 71 8.31 -19.17 18.95
C VAL G 71 8.41 -18.42 17.66
N GLU G 72 8.56 -19.14 16.57
CA GLU G 72 8.69 -18.51 15.29
C GLU G 72 7.44 -17.77 14.92
N GLN G 73 6.26 -18.32 15.26
CA GLN G 73 5.09 -17.53 14.93
C GLN G 73 5.03 -16.31 15.81
N MET G 74 5.34 -16.42 17.10
CA MET G 74 5.22 -15.22 17.90
C MET G 74 6.15 -14.16 17.36
N HIS G 75 7.35 -14.53 16.98
CA HIS G 75 8.28 -13.56 16.44
C HIS G 75 7.76 -12.97 15.17
N THR G 76 7.28 -13.81 14.27
CA THR G 76 6.81 -13.32 13.00
C THR G 76 5.67 -12.36 13.17
N ASP G 77 4.74 -12.69 14.06
CA ASP G 77 3.59 -11.85 14.27
C ASP G 77 3.97 -10.53 14.85
N ILE G 78 4.90 -10.52 15.78
CA ILE G 78 5.28 -9.27 16.38
C ILE G 78 5.97 -8.36 15.41
N ILE G 79 6.88 -8.88 14.60
CA ILE G 79 7.55 -8.00 13.68
C ILE G 79 6.59 -7.47 12.65
N SER G 80 5.74 -8.34 12.10
CA SER G 80 4.80 -7.90 11.10
C SER G 80 3.87 -6.84 11.64
N LEU G 81 3.38 -7.07 12.85
CA LEU G 81 2.46 -6.19 13.52
C LEU G 81 3.11 -4.88 13.81
N TRP G 82 4.35 -4.90 14.24
CA TRP G 82 5.09 -3.70 14.50
C TRP G 82 5.12 -2.83 13.25
N ASP G 83 5.51 -3.42 12.12
CA ASP G 83 5.60 -2.65 10.91
C ASP G 83 4.25 -2.16 10.45
N GLN G 84 3.20 -2.96 10.65
CA GLN G 84 1.88 -2.52 10.27
C GLN G 84 1.49 -1.28 11.03
N SER G 85 1.70 -1.29 12.34
CA SER G 85 1.29 -0.20 13.19
C SER G 85 2.00 1.09 12.88
N LEU G 86 3.24 0.99 12.47
CA LEU G 86 4.03 2.17 12.15
C LEU G 86 3.90 2.61 10.71
N LYS G 87 3.15 1.88 9.90
CA LYS G 87 3.09 2.24 8.51
C LYS G 87 2.42 3.58 8.23
N PRO G 88 1.18 3.86 8.67
CA PRO G 88 0.45 5.06 8.35
C PRO G 88 0.88 6.22 9.24
N CYS G 89 2.14 6.59 9.19
CA CYS G 89 2.67 7.63 10.05
C CYS G 89 3.55 8.61 9.28
N VAL G 90 3.92 9.70 9.94
CA VAL G 90 4.73 10.76 9.35
C VAL G 90 6.15 10.34 9.06
N LYS G 91 6.61 10.63 7.85
CA LYS G 91 7.96 10.29 7.46
C LYS G 91 8.86 11.42 7.90
N LEU G 92 10.06 11.11 8.34
CA LEU G 92 10.98 12.15 8.75
C LEU G 92 12.11 12.38 7.77
N THR G 93 11.94 11.94 6.53
CA THR G 93 12.96 12.15 5.52
C THR G 93 13.52 13.58 5.49
N PRO G 94 12.70 14.65 5.57
CA PRO G 94 13.10 16.04 5.55
C PRO G 94 14.02 16.45 6.70
N LEU G 95 14.19 15.59 7.70
CA LEU G 95 15.07 15.93 8.79
C LEU G 95 16.51 15.61 8.43
N CYS G 96 16.72 14.87 7.37
CA CYS G 96 18.09 14.55 6.97
C CYS G 96 18.72 15.70 6.23
N VAL G 97 19.07 16.71 6.98
CA VAL G 97 19.70 17.92 6.51
C VAL G 97 20.87 18.20 7.39
N THR G 98 21.76 19.08 6.98
CA THR G 98 22.86 19.41 7.84
C THR G 98 22.33 20.08 9.08
N LEU G 99 22.77 19.62 10.24
CA LEU G 99 22.33 20.20 11.49
C LEU G 99 23.46 21.04 12.10
N GLN G 100 23.12 22.15 12.75
CA GLN G 100 24.11 22.98 13.43
C GLN G 100 23.98 22.80 14.92
N CYS G 101 24.87 22.05 15.56
CA CYS G 101 24.60 21.72 16.94
C CYS G 101 25.64 22.26 17.91
N THR G 102 25.16 22.59 19.11
CA THR G 102 25.98 22.97 20.25
C THR G 102 25.56 22.18 21.48
N ASN G 103 26.18 22.44 22.61
CA ASN G 103 25.87 21.69 23.82
C ASN G 103 24.81 22.37 24.65
N VAL G 104 24.00 21.58 25.35
CA VAL G 104 23.07 22.20 26.27
C VAL G 104 23.80 22.36 27.57
N THR G 105 24.11 23.61 27.93
CA THR G 105 24.95 23.87 29.08
C THR G 105 24.31 24.67 30.20
N ASN G 106 23.00 24.85 30.16
CA ASN G 106 22.36 25.71 31.15
C ASN G 106 22.51 25.24 32.60
N ASN G 107 22.42 23.94 32.80
CA ASN G 107 22.49 23.38 34.13
C ASN G 107 22.94 21.92 34.17
N ILE G 108 24.17 21.67 33.75
CA ILE G 108 24.66 20.31 33.69
C ILE G 108 25.07 19.77 35.04
N THR G 109 24.46 18.65 35.36
CA THR G 109 24.66 17.91 36.59
C THR G 109 25.79 16.89 36.47
N ASP G 110 26.96 17.42 36.14
CA ASP G 110 28.24 16.72 36.00
C ASP G 110 28.39 15.62 34.96
N ASP G 111 27.54 14.62 34.99
CA ASP G 111 27.69 13.49 34.07
C ASP G 111 27.07 13.74 32.71
N MET G 112 26.00 14.49 32.68
CA MET G 112 25.29 14.77 31.44
C MET G 112 25.98 15.93 30.76
N ARG G 113 27.24 15.75 30.43
CA ARG G 113 28.06 16.81 29.92
C ARG G 113 27.90 17.03 28.43
N GLY G 114 27.99 15.96 27.67
CA GLY G 114 27.90 16.06 26.22
C GLY G 114 26.67 15.35 25.71
N GLU G 115 25.83 14.90 26.62
CA GLU G 115 24.66 14.10 26.31
C GLU G 115 23.54 14.79 25.59
N LEU G 116 23.32 16.06 25.86
CA LEU G 116 22.23 16.73 25.18
C LEU G 116 22.76 17.83 24.32
N LYS G 117 22.31 17.84 23.08
CA LYS G 117 22.73 18.85 22.16
C LYS G 117 21.58 19.71 21.69
N ASN G 118 21.87 20.98 21.59
CA ASN G 118 20.94 22.00 21.13
C ASN G 118 21.15 22.24 19.66
N CYS G 119 20.22 21.84 18.82
CA CYS G 119 20.60 21.91 17.44
C CYS G 119 19.56 22.43 16.46
N SER G 120 20.03 23.31 15.56
CA SER G 120 19.14 23.96 14.59
C SER G 120 19.34 23.57 13.14
N PHE G 121 18.28 23.76 12.38
CA PHE G 121 18.23 23.43 10.97
C PHE G 121 17.16 24.16 10.17
N ASN G 122 17.31 24.15 8.83
CA ASN G 122 16.33 24.74 7.93
C ASN G 122 15.33 23.71 7.44
N MET G 123 14.14 23.76 7.99
CA MET G 123 13.08 22.78 7.75
C MET G 123 12.02 23.22 6.73
N THR G 124 11.47 22.26 6.02
CA THR G 124 10.37 22.43 5.08
C THR G 124 9.12 22.90 5.83
N THR G 125 8.33 23.75 5.17
CA THR G 125 7.12 24.32 5.73
C THR G 125 5.91 23.91 4.92
N GLU G 126 4.72 24.34 5.31
CA GLU G 126 3.52 23.96 4.58
C GLU G 126 3.60 24.41 3.13
N LEU G 127 4.19 25.58 2.91
CA LEU G 127 4.33 26.06 1.56
C LEU G 127 5.73 25.79 1.09
N ARG G 128 5.81 24.95 0.09
CA ARG G 128 7.06 24.40 -0.36
C ARG G 128 7.84 25.33 -1.27
N ASP G 129 8.20 26.47 -0.71
CA ASP G 129 8.97 27.48 -1.37
C ASP G 129 9.61 28.33 -0.31
N LYS G 130 9.26 28.05 0.94
CA LYS G 130 9.85 28.77 2.08
C LYS G 130 10.24 27.81 3.19
N LYS G 131 11.42 28.02 3.76
CA LYS G 131 11.89 27.19 4.86
C LYS G 131 11.80 27.93 6.18
N GLN G 132 11.75 27.17 7.26
CA GLN G 132 11.71 27.73 8.59
C GLN G 132 12.95 27.34 9.37
N LYS G 133 13.41 28.23 10.24
CA LYS G 133 14.55 27.89 11.08
C LYS G 133 14.03 27.42 12.41
N VAL G 134 14.33 26.18 12.73
CA VAL G 134 13.84 25.57 13.94
C VAL G 134 14.96 24.90 14.68
N TYR G 135 14.72 24.59 15.93
CA TYR G 135 15.69 23.84 16.70
C TYR G 135 15.00 22.86 17.59
N SER G 136 15.75 21.85 17.97
CA SER G 136 15.28 20.81 18.85
C SER G 136 16.43 20.21 19.63
N LEU G 137 16.10 19.43 20.64
CA LEU G 137 17.17 18.79 21.36
C LEU G 137 17.33 17.35 20.93
N PHE G 138 18.58 16.92 20.90
CA PHE G 138 18.90 15.55 20.57
C PHE G 138 19.79 14.92 21.60
N TYR G 139 19.67 13.61 21.72
CA TYR G 139 20.56 12.88 22.59
C TYR G 139 21.79 12.56 21.79
N ARG G 140 22.93 12.51 22.46
CA ARG G 140 24.19 12.22 21.79
C ARG G 140 24.17 11.00 20.90
N LEU G 141 23.46 9.97 21.30
CA LEU G 141 23.44 8.72 20.57
C LEU G 141 22.69 8.80 19.25
N ASP G 142 21.95 9.87 19.03
CA ASP G 142 21.18 10.03 17.82
C ASP G 142 21.86 10.86 16.74
N VAL G 143 23.06 11.40 16.99
CA VAL G 143 23.69 12.19 15.93
C VAL G 143 25.11 11.78 15.62
N VAL G 144 25.53 12.14 14.41
CA VAL G 144 26.87 11.89 13.93
C VAL G 144 27.54 13.17 13.50
N GLN G 145 28.75 13.43 14.01
CA GLN G 145 29.42 14.66 13.59
C GLN G 145 30.08 14.48 12.25
N ILE G 146 29.85 15.43 11.35
CA ILE G 146 30.44 15.37 10.01
C ILE G 146 31.45 16.45 9.79
N ASN G 147 32.67 16.07 9.53
CA ASN G 147 33.71 17.06 9.33
C ASN G 147 33.98 17.25 7.86
N LYS G 159 30.92 22.27 13.85
CA LYS G 159 30.09 21.37 14.63
C LYS G 159 28.82 21.01 13.87
N GLU G 160 29.01 20.45 12.69
CA GLU G 160 27.90 20.04 11.86
C GLU G 160 27.59 18.58 12.09
N TYR G 161 26.30 18.26 12.10
CA TYR G 161 25.80 16.92 12.36
C TYR G 161 24.74 16.41 11.43
N ARG G 162 24.59 15.10 11.41
CA ARG G 162 23.47 14.48 10.73
C ARG G 162 22.84 13.47 11.64
N LEU G 163 21.60 13.12 11.37
CA LEU G 163 20.99 12.12 12.22
C LEU G 163 21.61 10.77 11.98
N ILE G 164 21.76 10.02 13.04
CA ILE G 164 22.28 8.69 12.95
C ILE G 164 21.30 7.86 12.19
N ASN G 165 21.84 7.01 11.35
CA ASN G 165 21.12 6.11 10.46
C ASN G 165 20.50 6.84 9.31
N CYS G 166 20.72 8.13 9.18
CA CYS G 166 20.19 8.80 8.01
C CYS G 166 20.79 8.23 6.74
N ASN G 167 22.05 7.84 6.80
CA ASN G 167 22.71 7.34 5.60
C ASN G 167 22.37 5.88 5.32
N THR G 168 21.59 5.26 6.19
CA THR G 168 21.29 3.86 6.07
C THR G 168 19.83 3.58 5.78
N SER G 169 18.94 4.31 6.41
CA SER G 169 17.53 4.03 6.24
C SER G 169 16.61 5.21 6.47
N ALA G 170 15.41 5.11 5.93
CA ALA G 170 14.41 6.11 6.19
C ALA G 170 14.01 6.05 7.63
N ILE G 171 13.75 7.22 8.20
CA ILE G 171 13.32 7.29 9.57
C ILE G 171 11.84 7.68 9.60
N THR G 172 11.03 6.90 10.30
CA THR G 172 9.58 7.15 10.40
C THR G 172 9.19 7.48 11.83
N GLN G 173 8.39 8.52 12.02
CA GLN G 173 7.95 8.88 13.36
C GLN G 173 6.83 7.99 13.76
N ALA G 174 6.91 7.43 14.95
CA ALA G 174 5.79 6.61 15.37
C ALA G 174 4.60 7.49 15.57
N CYS G 175 3.43 7.01 15.24
CA CYS G 175 2.26 7.80 15.49
C CYS G 175 2.19 8.04 16.99
N PRO G 176 2.05 9.29 17.46
CA PRO G 176 2.10 9.73 18.83
C PRO G 176 1.02 9.20 19.73
N LYS G 177 -0.04 8.69 19.13
CA LYS G 177 -1.15 8.17 19.91
C LYS G 177 -1.06 6.69 20.17
N VAL G 178 -0.04 6.03 19.65
CA VAL G 178 0.01 4.60 19.83
C VAL G 178 0.82 4.16 21.02
N SER G 179 0.17 3.48 21.94
CA SER G 179 0.78 2.95 23.14
C SER G 179 1.73 1.79 22.89
N PHE G 180 2.79 1.74 23.68
CA PHE G 180 3.72 0.65 23.62
C PHE G 180 3.67 -0.22 24.85
N GLU G 181 2.59 -0.12 25.62
CA GLU G 181 2.46 -0.94 26.81
C GLU G 181 2.07 -2.37 26.45
N PRO G 182 2.85 -3.38 26.78
CA PRO G 182 2.56 -4.77 26.47
C PRO G 182 1.23 -5.19 27.07
N ILE G 183 0.42 -5.86 26.27
CA ILE G 183 -0.87 -6.38 26.67
C ILE G 183 -0.80 -7.89 26.52
N PRO G 184 -1.25 -8.71 27.47
CA PRO G 184 -1.16 -10.13 27.34
C PRO G 184 -1.88 -10.62 26.11
N ILE G 185 -1.22 -11.46 25.36
CA ILE G 185 -1.78 -12.11 24.18
C ILE G 185 -1.87 -13.58 24.40
N HIS G 186 -3.02 -14.14 24.11
CA HIS G 186 -3.21 -15.57 24.26
C HIS G 186 -3.14 -16.18 22.89
N TYR G 187 -2.47 -17.31 22.73
CA TYR G 187 -2.53 -17.98 21.45
C TYR G 187 -3.49 -19.11 21.52
N CYS G 188 -4.32 -19.20 20.49
CA CYS G 188 -5.33 -20.24 20.45
C CYS G 188 -5.24 -21.09 19.19
N ALA G 189 -5.55 -22.35 19.36
CA ALA G 189 -5.56 -23.30 18.26
C ALA G 189 -6.89 -23.25 17.52
N PRO G 190 -6.91 -23.51 16.21
CA PRO G 190 -8.09 -23.68 15.41
C PRO G 190 -8.72 -25.01 15.78
N ALA G 191 -10.00 -25.17 15.56
CA ALA G 191 -10.60 -26.45 15.90
C ALA G 191 -9.92 -27.53 15.09
N GLY G 192 -9.71 -28.68 15.72
CA GLY G 192 -9.05 -29.82 15.11
C GLY G 192 -7.62 -29.92 15.60
N PHE G 193 -7.19 -28.86 16.29
CA PHE G 193 -5.88 -28.71 16.89
C PHE G 193 -5.99 -28.39 18.36
N ALA G 194 -4.92 -28.64 19.08
CA ALA G 194 -4.90 -28.33 20.49
C ALA G 194 -3.50 -28.03 20.92
N ILE G 195 -3.39 -27.35 22.05
CA ILE G 195 -2.09 -27.04 22.60
C ILE G 195 -1.90 -27.83 23.88
N LEU G 196 -0.78 -28.54 23.96
CA LEU G 196 -0.53 -29.29 25.15
C LEU G 196 0.41 -28.54 26.05
N LYS G 197 0.07 -28.53 27.34
CA LYS G 197 0.83 -27.83 28.35
C LYS G 197 1.58 -28.77 29.28
N CYS G 198 2.89 -28.54 29.42
CA CYS G 198 3.73 -29.34 30.30
C CYS G 198 3.58 -28.92 31.76
N LYS G 199 3.21 -29.86 32.63
CA LYS G 199 3.00 -29.52 34.04
C LYS G 199 4.09 -30.06 34.96
N ASP G 200 5.19 -30.51 34.40
CA ASP G 200 6.26 -31.04 35.24
C ASP G 200 7.07 -29.84 35.72
N LYS G 201 6.90 -29.47 36.99
CA LYS G 201 7.46 -28.22 37.53
C LYS G 201 8.94 -28.29 37.87
N LYS G 202 9.72 -28.79 36.94
CA LYS G 202 11.16 -28.89 37.00
C LYS G 202 11.62 -29.16 35.60
N PHE G 203 10.70 -29.04 34.67
CA PHE G 203 11.02 -29.30 33.28
C PHE G 203 12.13 -28.38 32.82
N ASN G 204 13.15 -28.98 32.20
CA ASN G 204 14.33 -28.22 31.80
C ASN G 204 14.30 -27.77 30.35
N GLY G 205 13.15 -27.85 29.73
CA GLY G 205 13.03 -27.38 28.37
C GLY G 205 13.09 -28.45 27.32
N THR G 206 13.51 -29.64 27.70
CA THR G 206 13.55 -30.70 26.72
C THR G 206 13.36 -32.09 27.26
N GLY G 207 12.78 -32.93 26.43
CA GLY G 207 12.60 -34.32 26.73
C GLY G 207 11.23 -34.57 27.28
N PRO G 208 10.98 -35.76 27.80
CA PRO G 208 9.70 -36.19 28.30
C PRO G 208 9.23 -35.30 29.42
N CYS G 209 7.93 -35.11 29.47
CA CYS G 209 7.22 -34.34 30.48
C CYS G 209 5.99 -35.06 30.94
N PRO G 210 6.09 -36.07 31.80
CA PRO G 210 4.96 -36.81 32.28
C PRO G 210 4.05 -35.80 32.94
N SER G 211 2.74 -35.94 32.77
CA SER G 211 1.73 -35.03 33.35
C SER G 211 1.58 -33.82 32.45
N VAL G 212 0.63 -33.93 31.55
CA VAL G 212 0.33 -32.94 30.54
C VAL G 212 -1.16 -32.65 30.51
N SER G 213 -1.53 -31.39 30.28
CA SER G 213 -2.93 -31.04 30.14
C SER G 213 -3.22 -30.43 28.78
N THR G 214 -4.45 -30.53 28.33
CA THR G 214 -4.81 -29.93 27.05
C THR G 214 -5.60 -28.66 27.17
N VAL G 215 -5.17 -27.64 26.43
CA VAL G 215 -5.91 -26.40 26.40
C VAL G 215 -6.16 -25.99 24.96
N GLN G 216 -7.20 -25.20 24.74
CA GLN G 216 -7.37 -24.66 23.41
C GLN G 216 -6.56 -23.39 23.23
N CYS G 217 -6.20 -22.76 24.36
CA CYS G 217 -5.46 -21.50 24.38
C CYS G 217 -4.40 -21.48 25.46
N THR G 218 -3.31 -20.78 25.20
CA THR G 218 -2.25 -20.57 26.17
C THR G 218 -2.69 -19.47 27.09
N HIS G 219 -1.96 -19.26 28.17
CA HIS G 219 -2.24 -18.17 29.06
C HIS G 219 -1.78 -16.93 28.34
N GLY G 220 -2.05 -15.76 28.88
CA GLY G 220 -1.62 -14.59 28.15
C GLY G 220 -0.15 -14.33 28.38
N ILE G 221 0.54 -14.01 27.31
CA ILE G 221 1.92 -13.63 27.38
C ILE G 221 2.09 -12.21 26.93
N LYS G 222 2.64 -11.37 27.78
CA LYS G 222 2.86 -10.01 27.36
C LYS G 222 4.07 -9.98 26.44
N PRO G 223 4.02 -9.29 25.30
CA PRO G 223 5.10 -9.16 24.35
C PRO G 223 6.11 -8.13 24.81
N VAL G 224 6.74 -8.42 25.93
CA VAL G 224 7.69 -7.51 26.51
C VAL G 224 9.01 -7.72 25.82
N VAL G 225 9.65 -6.65 25.40
CA VAL G 225 10.93 -6.79 24.73
C VAL G 225 12.04 -6.20 25.55
N SER G 226 13.08 -6.98 25.71
CA SER G 226 14.25 -6.56 26.45
C SER G 226 15.44 -7.41 26.09
N THR G 227 16.60 -6.95 26.51
CA THR G 227 17.81 -7.73 26.35
C THR G 227 18.43 -7.90 27.72
N GLN G 228 19.32 -8.86 27.90
CA GLN G 228 20.04 -9.12 29.16
C GLN G 228 19.14 -9.56 30.34
N LEU G 229 18.23 -8.69 30.75
CA LEU G 229 17.31 -9.00 31.84
C LEU G 229 15.91 -9.12 31.30
N LEU G 230 15.30 -10.26 31.63
CA LEU G 230 13.96 -10.57 31.22
C LEU G 230 13.02 -9.92 32.19
N LEU G 231 12.10 -9.13 31.67
CA LEU G 231 11.18 -8.41 32.53
C LEU G 231 9.75 -8.86 32.39
N ASN G 232 9.03 -8.79 33.49
CA ASN G 232 7.59 -9.00 33.56
C ASN G 232 7.16 -10.33 32.97
N GLY G 233 7.92 -11.39 33.15
CA GLY G 233 7.54 -12.68 32.64
C GLY G 233 6.95 -13.50 33.74
N SER G 234 6.84 -14.78 33.50
CA SER G 234 6.30 -15.67 34.50
C SER G 234 7.43 -16.15 35.39
N LEU G 235 7.10 -16.66 36.56
CA LEU G 235 8.10 -17.20 37.45
C LEU G 235 8.12 -18.69 37.49
N ALA G 236 9.27 -19.23 37.83
CA ALA G 236 9.44 -20.65 38.01
C ALA G 236 8.64 -21.03 39.23
N GLU G 237 8.10 -22.24 39.25
CA GLU G 237 7.27 -22.66 40.36
C GLU G 237 7.97 -22.85 41.70
N GLU G 238 9.17 -23.42 41.69
CA GLU G 238 9.86 -23.68 42.95
C GLU G 238 11.29 -23.18 42.97
N GLU G 239 12.10 -23.73 42.09
CA GLU G 239 13.52 -23.41 42.01
C GLU G 239 13.82 -22.49 40.88
N VAL G 240 14.96 -21.84 40.96
CA VAL G 240 15.41 -21.08 39.82
C VAL G 240 15.75 -22.11 38.77
N MET G 241 15.28 -21.92 37.56
CA MET G 241 15.57 -22.89 36.53
C MET G 241 16.62 -22.44 35.56
N ILE G 242 17.51 -23.36 35.23
CA ILE G 242 18.54 -23.10 34.26
C ILE G 242 18.19 -23.89 33.02
N ARG G 243 18.03 -23.23 31.87
CA ARG G 243 17.68 -23.99 30.69
C ARG G 243 18.53 -23.61 29.49
N SER G 244 19.01 -24.60 28.76
CA SER G 244 19.78 -24.31 27.56
C SER G 244 19.70 -25.43 26.56
N GLU G 245 19.87 -25.13 25.28
CA GLU G 245 19.86 -26.18 24.27
C GLU G 245 21.01 -27.14 24.52
N ASN G 246 22.15 -26.58 24.85
CA ASN G 246 23.37 -27.31 25.15
C ASN G 246 24.20 -26.50 26.13
N ILE G 247 24.18 -26.88 27.39
CA ILE G 247 24.85 -26.10 28.42
C ILE G 247 26.35 -26.06 28.30
N THR G 248 26.95 -26.97 27.54
CA THR G 248 28.39 -26.97 27.40
C THR G 248 28.84 -26.32 26.12
N ASN G 249 27.89 -25.82 25.35
CA ASN G 249 28.16 -25.18 24.09
C ASN G 249 28.20 -23.66 24.31
N ASN G 250 29.36 -23.04 24.12
CA ASN G 250 29.47 -21.63 24.44
C ASN G 250 28.76 -20.74 23.42
N ALA G 251 28.30 -21.34 22.34
CA ALA G 251 27.57 -20.62 21.31
C ALA G 251 26.09 -20.53 21.63
N LYS G 252 25.65 -21.17 22.71
CA LYS G 252 24.25 -21.17 23.06
C LYS G 252 24.01 -20.33 24.29
N ASN G 253 22.81 -19.76 24.38
CA ASN G 253 22.47 -18.96 25.54
C ASN G 253 21.86 -19.83 26.62
N ILE G 254 21.99 -19.39 27.83
CA ILE G 254 21.38 -20.02 28.98
C ILE G 254 20.29 -19.13 29.47
N LEU G 255 19.09 -19.64 29.57
CA LEU G 255 18.04 -18.79 30.04
C LEU G 255 17.83 -19.14 31.49
N VAL G 256 17.67 -18.12 32.31
CA VAL G 256 17.45 -18.37 33.71
C VAL G 256 16.12 -17.84 34.12
N GLN G 257 15.29 -18.71 34.68
CA GLN G 257 13.98 -18.29 35.12
C GLN G 257 13.93 -18.23 36.63
N PHE G 258 13.67 -17.05 37.15
CA PHE G 258 13.67 -16.87 38.59
C PHE G 258 12.41 -17.43 39.18
N ASN G 259 12.48 -17.82 40.43
CA ASN G 259 11.35 -18.27 41.21
C ASN G 259 10.86 -17.18 42.18
N THR G 260 11.32 -15.97 41.94
CA THR G 260 10.96 -14.80 42.73
C THR G 260 11.29 -13.59 41.87
N PRO G 261 10.55 -12.51 41.90
CA PRO G 261 10.83 -11.29 41.18
C PRO G 261 11.91 -10.48 41.85
N VAL G 262 12.60 -9.65 41.10
CA VAL G 262 13.49 -8.66 41.69
C VAL G 262 12.96 -7.30 41.27
N GLN G 263 12.79 -6.36 42.20
CA GLN G 263 12.23 -5.09 41.75
C GLN G 263 13.26 -4.16 41.15
N ILE G 264 12.90 -3.62 39.99
CA ILE G 264 13.70 -2.63 39.31
C ILE G 264 12.89 -1.37 39.01
N ASN G 265 13.39 -0.23 39.45
CA ASN G 265 12.72 1.06 39.32
C ASN G 265 13.44 2.02 38.41
N CYS G 266 12.86 2.31 37.27
CA CYS G 266 13.55 3.18 36.35
C CYS G 266 12.86 4.52 36.20
N THR G 267 13.67 5.53 35.98
CA THR G 267 13.17 6.88 35.81
C THR G 267 13.86 7.70 34.76
N ARG G 268 13.17 8.70 34.27
CA ARG G 268 13.76 9.69 33.40
C ARG G 268 13.31 11.07 33.88
N PRO G 269 13.91 11.60 34.96
CA PRO G 269 13.51 12.76 35.74
C PRO G 269 13.39 14.09 35.03
N ASN G 270 14.03 14.24 33.89
CA ASN G 270 13.97 15.51 33.21
C ASN G 270 12.53 15.86 32.88
N ASN G 271 12.11 17.07 33.18
CA ASN G 271 10.76 17.47 32.86
C ASN G 271 10.74 18.03 31.45
N ASN G 272 10.19 17.28 30.52
CA ASN G 272 10.30 17.59 29.11
C ASN G 272 9.15 18.38 28.56
N THR G 273 9.41 19.01 27.45
CA THR G 273 8.39 19.69 26.70
C THR G 273 8.58 19.22 25.29
N ARG G 274 7.56 19.35 24.46
CA ARG G 274 7.74 19.02 23.05
C ARG G 274 7.16 20.10 22.17
N LYS G 275 7.73 20.22 20.99
CA LYS G 275 7.23 21.18 20.02
C LYS G 275 6.66 20.45 18.84
N SER G 276 5.61 20.99 18.24
CA SER G 276 5.11 20.35 17.05
C SER G 276 5.46 21.21 15.86
N ILE G 277 6.29 20.66 14.99
CA ILE G 277 6.75 21.42 13.85
C ILE G 277 6.10 20.94 12.59
N ARG G 278 5.33 21.79 11.96
CA ARG G 278 4.70 21.36 10.75
C ARG G 278 5.74 21.34 9.67
N ILE G 279 5.79 20.25 8.96
CA ILE G 279 6.70 20.02 7.87
C ILE G 279 5.99 20.22 6.57
N GLY G 280 4.78 19.72 6.52
CA GLY G 280 4.03 19.77 5.29
C GLY G 280 2.54 19.72 5.55
N PRO G 281 1.74 19.38 4.56
CA PRO G 281 0.30 19.42 4.59
C PRO G 281 -0.32 18.32 5.42
N GLY G 282 -0.28 18.53 6.73
CA GLY G 282 -0.79 17.56 7.70
C GLY G 282 0.31 16.66 8.22
N GLN G 283 1.52 17.03 7.89
CA GLN G 283 2.69 16.29 8.30
C GLN G 283 3.44 17.06 9.36
N ALA G 284 3.53 16.50 10.57
CA ALA G 284 4.21 17.22 11.63
C ALA G 284 5.07 16.30 12.47
N PHE G 285 6.17 16.88 12.90
CA PHE G 285 7.18 16.27 13.71
C PHE G 285 7.16 16.71 15.14
N TYR G 286 7.35 15.76 16.04
CA TYR G 286 7.43 16.10 17.44
C TYR G 286 8.85 16.19 17.89
N ALA G 287 9.25 17.40 18.17
CA ALA G 287 10.60 17.71 18.54
C ALA G 287 10.77 17.72 20.03
N THR G 288 11.90 17.26 20.51
CA THR G 288 12.15 17.40 21.93
C THR G 288 12.30 18.88 22.14
N GLY G 289 11.57 19.43 23.09
CA GLY G 289 11.60 20.85 23.37
C GLY G 289 12.54 21.12 24.51
N ASP G 290 12.40 22.28 25.13
CA ASP G 290 13.28 22.65 26.22
C ASP G 290 13.02 21.80 27.44
N ILE G 291 14.04 21.64 28.27
CA ILE G 291 13.88 20.91 29.51
C ILE G 291 13.71 21.87 30.66
N ILE G 292 12.69 21.62 31.43
CA ILE G 292 12.31 22.41 32.58
C ILE G 292 13.03 21.89 33.79
N GLY G 293 13.66 22.76 34.54
CA GLY G 293 14.39 22.33 35.71
C GLY G 293 15.78 21.91 35.28
N ASP G 294 16.38 21.00 36.03
CA ASP G 294 17.72 20.55 35.79
C ASP G 294 17.77 19.19 35.10
N ILE G 295 18.97 18.67 34.92
CA ILE G 295 19.15 17.46 34.13
C ILE G 295 19.58 16.25 34.97
N ARG G 296 19.07 15.07 34.64
CA ARG G 296 19.44 13.83 35.31
C ARG G 296 19.82 12.70 34.36
N GLN G 297 20.57 11.74 34.90
CA GLN G 297 21.09 10.56 34.22
C GLN G 297 20.05 9.52 33.81
N ALA G 298 18.84 9.62 34.33
CA ALA G 298 17.77 8.68 34.02
C ALA G 298 18.13 7.25 34.32
N HIS G 299 18.62 7.04 35.51
CA HIS G 299 19.04 5.78 36.05
C HIS G 299 17.95 4.81 36.50
N CYS G 300 18.37 3.57 36.77
CA CYS G 300 17.50 2.54 37.33
C CYS G 300 18.00 2.00 38.66
N ASN G 301 17.09 1.75 39.57
CA ASN G 301 17.41 1.19 40.88
C ASN G 301 17.02 -0.27 41.02
N VAL G 302 17.96 -1.08 41.45
CA VAL G 302 17.69 -2.49 41.68
C VAL G 302 17.91 -2.74 43.15
N SER G 303 16.92 -3.35 43.82
CA SER G 303 17.13 -3.52 45.27
C SER G 303 18.41 -4.30 45.46
N LYS G 304 19.33 -3.79 46.30
CA LYS G 304 20.62 -4.46 46.35
C LYS G 304 20.62 -5.85 46.91
N ALA G 305 19.98 -6.04 48.05
CA ALA G 305 20.05 -7.37 48.63
C ALA G 305 19.28 -8.36 47.81
N THR G 306 18.14 -7.96 47.28
CA THR G 306 17.35 -8.91 46.57
C THR G 306 18.10 -9.38 45.36
N TRP G 307 18.73 -8.45 44.64
CA TRP G 307 19.44 -8.85 43.46
C TRP G 307 20.55 -9.82 43.72
N ASN G 308 21.44 -9.52 44.64
CA ASN G 308 22.54 -10.45 44.77
C ASN G 308 22.12 -11.71 45.49
N GLU G 309 21.08 -11.67 46.33
CA GLU G 309 20.64 -12.90 46.95
C GLU G 309 20.16 -13.82 45.84
N THR G 310 19.41 -13.25 44.90
CA THR G 310 18.87 -14.01 43.80
C THR G 310 20.01 -14.59 43.01
N LEU G 311 21.06 -13.83 42.77
CA LEU G 311 22.16 -14.44 42.03
C LEU G 311 22.71 -15.61 42.82
N GLY G 312 22.72 -15.53 44.14
CA GLY G 312 23.23 -16.66 44.90
C GLY G 312 22.41 -17.92 44.59
N LYS G 313 21.10 -17.75 44.37
CA LYS G 313 20.24 -18.87 44.01
C LYS G 313 20.59 -19.37 42.61
N VAL G 314 20.91 -18.44 41.72
CA VAL G 314 21.25 -18.79 40.36
C VAL G 314 22.52 -19.63 40.38
N VAL G 315 23.49 -19.22 41.18
CA VAL G 315 24.72 -19.94 41.29
C VAL G 315 24.49 -21.33 41.84
N LYS G 316 23.70 -21.44 42.89
CA LYS G 316 23.46 -22.76 43.45
C LYS G 316 22.97 -23.71 42.38
N GLN G 317 22.09 -23.24 41.51
CA GLN G 317 21.58 -24.09 40.47
C GLN G 317 22.58 -24.29 39.34
N LEU G 318 23.38 -23.27 38.98
CA LEU G 318 24.34 -23.48 37.90
C LEU G 318 25.31 -24.57 38.26
N ARG G 319 25.69 -24.63 39.51
CA ARG G 319 26.66 -25.62 39.98
C ARG G 319 26.25 -27.04 39.63
N LYS G 320 24.96 -27.33 39.52
CA LYS G 320 24.54 -28.69 39.26
C LYS G 320 25.08 -29.24 37.94
N HIS G 321 25.44 -28.36 37.02
CA HIS G 321 25.95 -28.77 35.74
C HIS G 321 27.46 -28.62 35.61
N PHE G 322 28.11 -28.09 36.63
CA PHE G 322 29.54 -27.85 36.51
C PHE G 322 30.36 -28.52 37.59
N GLY G 323 29.74 -28.75 38.75
CA GLY G 323 30.39 -29.33 39.92
C GLY G 323 30.11 -28.51 41.17
N ASN G 324 30.09 -29.18 42.31
CA ASN G 324 29.75 -28.49 43.55
C ASN G 324 30.96 -27.87 44.22
N ASN G 325 32.07 -27.94 43.54
CA ASN G 325 33.31 -27.36 43.98
C ASN G 325 33.77 -26.29 43.02
N THR G 326 32.88 -25.80 42.17
CA THR G 326 33.25 -24.79 41.21
C THR G 326 33.11 -23.36 41.67
N ILE G 327 33.71 -22.49 40.90
CA ILE G 327 33.63 -21.07 41.12
C ILE G 327 32.83 -20.42 40.04
N ILE G 328 31.81 -19.69 40.46
CA ILE G 328 30.99 -19.02 39.48
C ILE G 328 31.20 -17.54 39.59
N ARG G 329 31.61 -16.96 38.48
CA ARG G 329 31.90 -15.55 38.44
C ARG G 329 31.03 -14.83 37.44
N PHE G 330 30.68 -13.61 37.76
CA PHE G 330 29.92 -12.83 36.80
C PHE G 330 30.74 -11.68 36.29
N ALA G 331 30.47 -11.32 35.07
CA ALA G 331 31.14 -10.21 34.42
C ALA G 331 30.17 -9.56 33.49
N ASN G 332 30.45 -8.36 33.06
CA ASN G 332 29.54 -7.67 32.18
C ASN G 332 29.71 -8.08 30.73
N SER G 333 28.84 -7.58 29.87
CA SER G 333 28.93 -7.89 28.46
C SER G 333 30.24 -7.35 27.92
N SER G 334 30.91 -8.15 27.11
CA SER G 334 32.22 -7.78 26.58
C SER G 334 32.25 -6.75 25.47
N GLY G 335 31.16 -6.57 24.73
CA GLY G 335 31.20 -5.60 23.65
C GLY G 335 30.12 -5.84 22.63
N GLY G 336 30.04 -4.95 21.64
CA GLY G 336 29.02 -5.02 20.62
C GLY G 336 28.06 -3.84 20.70
N ASP G 337 26.96 -3.95 19.99
CA ASP G 337 25.93 -2.93 19.85
C ASP G 337 25.23 -2.67 21.17
N LEU G 338 24.58 -1.52 21.32
CA LEU G 338 23.96 -1.24 22.60
C LEU G 338 22.96 -2.31 23.00
N GLU G 339 22.26 -2.89 22.07
CA GLU G 339 21.29 -3.91 22.41
C GLU G 339 21.89 -5.17 23.05
N VAL G 340 23.19 -5.40 22.89
CA VAL G 340 23.82 -6.56 23.48
C VAL G 340 24.80 -6.20 24.60
N THR G 341 25.09 -4.90 24.77
CA THR G 341 25.96 -4.51 25.85
C THR G 341 25.18 -3.89 26.99
N THR G 342 23.97 -3.42 26.72
CA THR G 342 23.17 -2.77 27.74
C THR G 342 21.80 -3.38 27.94
N HIS G 343 21.16 -2.97 28.99
CA HIS G 343 19.84 -3.44 29.26
C HIS G 343 18.86 -2.66 28.47
N SER G 344 18.48 -3.20 27.33
CA SER G 344 17.52 -2.49 26.52
C SER G 344 16.12 -2.78 27.00
N PHE G 345 15.33 -1.71 27.17
CA PHE G 345 13.92 -1.83 27.55
C PHE G 345 13.13 -0.58 27.17
N ASN G 346 11.81 -0.66 27.30
CA ASN G 346 10.93 0.45 26.98
C ASN G 346 9.91 0.78 28.05
N CYS G 347 9.89 2.04 28.48
CA CYS G 347 8.92 2.51 29.46
C CYS G 347 8.11 3.68 28.94
N GLY G 348 6.85 3.44 28.66
CA GLY G 348 5.95 4.49 28.21
C GLY G 348 6.18 4.90 26.77
N GLY G 349 6.97 4.15 26.03
CA GLY G 349 7.32 4.54 24.69
C GLY G 349 8.74 5.12 24.66
N GLU G 350 9.36 5.36 25.82
CA GLU G 350 10.72 5.85 25.82
C GLU G 350 11.71 4.68 25.81
N PHE G 351 12.80 4.86 25.09
CA PHE G 351 13.80 3.80 24.97
C PHE G 351 15.07 3.98 25.77
N PHE G 352 15.25 3.07 26.70
CA PHE G 352 16.35 3.07 27.64
C PHE G 352 17.40 2.04 27.32
N TYR G 353 18.63 2.43 27.54
CA TYR G 353 19.80 1.58 27.42
C TYR G 353 20.62 1.65 28.70
N CYS G 354 20.40 0.75 29.65
CA CYS G 354 21.06 0.91 30.94
C CYS G 354 22.32 0.07 31.10
N ASN G 355 23.27 0.62 31.82
CA ASN G 355 24.55 0.00 32.10
C ASN G 355 24.45 -0.97 33.26
N THR G 356 24.60 -2.25 32.97
CA THR G 356 24.41 -3.34 33.90
C THR G 356 25.68 -3.88 34.49
N SER G 357 26.77 -3.16 34.33
CA SER G 357 28.04 -3.58 34.88
C SER G 357 28.02 -3.50 36.38
N GLY G 358 27.05 -2.78 36.92
CA GLY G 358 26.88 -2.66 38.36
C GLY G 358 26.13 -3.86 38.92
N LEU G 359 25.62 -4.74 38.06
CA LEU G 359 24.89 -5.91 38.51
C LEU G 359 25.69 -7.17 38.30
N PHE G 360 26.29 -7.29 37.13
CA PHE G 360 27.00 -8.51 36.81
C PHE G 360 28.42 -8.44 37.24
N ASN G 361 28.59 -8.75 38.51
CA ASN G 361 29.87 -8.66 39.17
C ASN G 361 29.96 -9.71 40.27
N SER G 362 31.12 -9.77 40.88
CA SER G 362 31.47 -10.63 41.99
C SER G 362 31.53 -12.10 41.67
N THR G 363 31.97 -12.83 42.68
CA THR G 363 32.24 -14.24 42.56
C THR G 363 31.70 -15.04 43.74
N TRP G 364 31.11 -16.16 43.41
CA TRP G 364 30.64 -17.04 44.48
C TRP G 364 31.56 -18.26 44.55
N ILE G 365 32.10 -18.54 45.73
CA ILE G 365 33.01 -19.65 45.95
C ILE G 365 32.32 -20.80 46.62
N SER G 366 31.67 -20.53 47.75
CA SER G 366 31.02 -21.56 48.53
C SER G 366 30.07 -20.96 49.54
N ASP G 380 19.53 -0.79 50.89
CA ASP G 380 20.54 -0.28 49.97
C ASP G 380 20.12 -0.54 48.53
N SER G 381 20.69 0.20 47.60
CA SER G 381 20.26 0.14 46.21
C SER G 381 21.39 0.24 45.20
N ILE G 382 21.30 -0.55 44.15
CA ILE G 382 22.27 -0.50 43.09
C ILE G 382 21.73 0.40 42.02
N THR G 383 22.48 1.41 41.63
CA THR G 383 21.96 2.28 40.60
C THR G 383 22.71 2.08 39.31
N LEU G 384 21.96 2.02 38.24
CA LEU G 384 22.48 1.83 36.91
C LEU G 384 22.32 3.12 36.13
N PRO G 385 23.36 3.78 35.66
CA PRO G 385 23.27 4.93 34.79
C PRO G 385 22.66 4.45 33.51
N CYS G 386 21.94 5.29 32.79
CA CYS G 386 21.38 4.84 31.53
C CYS G 386 21.48 5.88 30.45
N ARG G 387 21.32 5.45 29.23
CA ARG G 387 21.26 6.38 28.13
C ARG G 387 19.89 6.33 27.50
N ILE G 388 19.49 7.45 26.93
CA ILE G 388 18.22 7.57 26.24
C ILE G 388 18.48 7.77 24.77
N LYS G 389 17.77 7.04 23.92
CA LYS G 389 17.97 7.16 22.49
C LYS G 389 16.63 7.24 21.76
N GLN G 390 16.46 8.16 20.81
CA GLN G 390 15.18 8.26 20.10
C GLN G 390 15.12 7.53 18.76
N ILE G 391 16.24 7.31 18.06
CA ILE G 391 16.13 6.64 16.77
C ILE G 391 16.48 5.18 16.96
N ILE G 392 15.48 4.34 16.85
CA ILE G 392 15.63 2.94 17.17
C ILE G 392 15.49 1.98 16.01
N ASN G 393 16.46 1.10 15.84
CA ASN G 393 16.36 0.07 14.81
C ASN G 393 15.87 -1.21 15.47
N MET G 394 14.57 -1.44 15.53
CA MET G 394 14.15 -2.62 16.25
C MET G 394 14.26 -3.88 15.45
N TRP G 395 14.40 -4.96 16.21
CA TRP G 395 14.46 -6.34 15.72
C TRP G 395 15.76 -6.60 14.99
N GLN G 396 16.74 -5.74 15.23
CA GLN G 396 18.08 -5.87 14.70
C GLN G 396 18.14 -6.01 13.18
N ARG G 397 17.34 -5.21 12.50
CA ARG G 397 17.31 -5.16 11.06
C ARG G 397 18.20 -4.05 10.60
N ILE G 398 18.62 -4.07 9.35
CA ILE G 398 19.44 -2.97 8.87
C ILE G 398 18.58 -1.82 8.41
N GLY G 399 17.57 -2.10 7.61
CA GLY G 399 16.72 -1.02 7.14
C GLY G 399 15.61 -0.76 8.15
N GLN G 400 14.91 0.35 7.95
CA GLN G 400 13.75 0.83 8.71
C GLN G 400 14.06 1.33 10.11
N ALA G 401 14.08 2.64 10.30
CA ALA G 401 14.32 3.16 11.64
C ALA G 401 13.08 3.85 12.17
N MET G 402 12.82 3.69 13.45
CA MET G 402 11.67 4.36 14.02
C MET G 402 12.10 5.47 14.95
N TYR G 403 11.42 6.59 14.87
CA TYR G 403 11.71 7.69 15.77
C TYR G 403 10.71 7.80 16.87
N ALA G 404 11.20 7.69 18.08
CA ALA G 404 10.34 7.76 19.23
C ALA G 404 10.08 9.22 19.54
N PRO G 405 8.84 9.70 19.51
CA PRO G 405 8.52 11.07 19.74
C PRO G 405 8.76 11.28 21.21
N PRO G 406 9.02 12.48 21.65
CA PRO G 406 9.20 12.83 23.04
C PRO G 406 7.92 12.74 23.83
N ILE G 407 8.10 12.39 25.08
CA ILE G 407 7.10 12.29 26.12
C ILE G 407 7.37 13.41 27.10
N GLN G 408 6.38 14.24 27.41
CA GLN G 408 6.65 15.38 28.28
C GLN G 408 6.64 15.05 29.77
N GLY G 409 5.75 14.17 30.17
CA GLY G 409 5.63 13.89 31.59
C GLY G 409 6.86 13.17 32.09
N VAL G 410 7.17 13.32 33.37
CA VAL G 410 8.32 12.60 33.88
C VAL G 410 8.00 11.13 33.94
N ILE G 411 8.87 10.33 33.39
CA ILE G 411 8.68 8.90 33.32
C ILE G 411 9.16 8.15 34.52
N ARG G 412 8.29 7.29 35.00
CA ARG G 412 8.64 6.40 36.06
C ARG G 412 7.99 5.07 35.78
N CYS G 413 8.75 4.00 35.92
CA CYS G 413 8.19 2.67 35.72
C CYS G 413 8.82 1.65 36.65
N VAL G 414 8.00 0.71 37.11
CA VAL G 414 8.48 -0.35 37.97
C VAL G 414 8.23 -1.69 37.34
N SER G 415 9.29 -2.45 37.17
CA SER G 415 9.20 -3.74 36.54
C SER G 415 9.69 -4.87 37.42
N ASN G 416 9.28 -6.06 37.05
CA ASN G 416 9.71 -7.28 37.72
C ASN G 416 10.81 -7.98 36.95
N ILE G 417 12.01 -8.09 37.51
CA ILE G 417 12.98 -8.83 36.74
C ILE G 417 12.58 -10.25 37.04
N THR G 418 12.35 -11.03 36.00
CA THR G 418 11.94 -12.41 36.16
C THR G 418 12.97 -13.38 35.66
N GLY G 419 14.01 -12.88 35.03
CA GLY G 419 15.02 -13.81 34.55
C GLY G 419 16.22 -13.16 33.87
N LEU G 420 17.12 -14.01 33.44
CA LEU G 420 18.37 -13.58 32.85
C LEU G 420 18.67 -14.26 31.53
N ILE G 421 19.42 -13.58 30.69
CA ILE G 421 20.01 -14.25 29.54
C ILE G 421 21.51 -14.29 29.77
N LEU G 422 22.06 -15.48 29.96
CA LEU G 422 23.48 -15.57 30.22
C LEU G 422 24.23 -16.37 29.21
N THR G 423 25.48 -16.03 29.01
CA THR G 423 26.33 -16.86 28.18
C THR G 423 27.53 -17.26 28.99
N ARG G 424 28.01 -18.45 28.69
CA ARG G 424 29.20 -19.00 29.32
C ARG G 424 30.37 -18.49 28.52
N ASP G 425 31.41 -18.04 29.17
CA ASP G 425 32.50 -17.50 28.38
C ASP G 425 33.36 -18.61 27.81
N GLY G 426 34.36 -18.21 27.05
CA GLY G 426 35.28 -19.13 26.37
C GLY G 426 36.67 -19.10 26.94
N GLY G 427 37.65 -19.18 26.04
CA GLY G 427 39.03 -19.28 26.46
C GLY G 427 39.26 -20.72 26.85
N SER G 428 40.26 -20.95 27.70
CA SER G 428 40.63 -22.30 28.08
C SER G 428 39.64 -22.96 29.04
N THR G 429 38.77 -22.15 29.63
CA THR G 429 37.77 -22.59 30.60
C THR G 429 38.35 -23.70 31.46
N ASN G 430 39.45 -23.39 32.14
CA ASN G 430 40.19 -24.39 32.85
C ASN G 430 39.76 -24.48 34.30
N SER G 431 40.40 -25.42 35.00
CA SER G 431 40.16 -25.65 36.39
C SER G 431 38.70 -25.82 36.65
N THR G 432 38.27 -25.19 37.72
CA THR G 432 36.90 -25.23 38.17
C THR G 432 36.26 -23.86 38.13
N THR G 433 36.84 -22.92 37.37
CA THR G 433 36.27 -21.56 37.37
C THR G 433 35.62 -21.20 36.05
N GLU G 434 34.37 -20.75 36.12
CA GLU G 434 33.67 -20.35 34.92
C GLU G 434 33.03 -18.99 35.11
N THR G 435 32.99 -18.22 34.03
CA THR G 435 32.43 -16.89 34.08
C THR G 435 31.25 -16.76 33.15
N PHE G 436 30.21 -16.13 33.66
CA PHE G 436 29.00 -15.89 32.92
C PHE G 436 28.80 -14.41 32.66
N ARG G 437 28.26 -14.11 31.49
CA ARG G 437 28.02 -12.73 31.12
C ARG G 437 26.59 -12.50 30.65
N PRO G 438 26.05 -11.29 30.81
CA PRO G 438 24.75 -10.86 30.38
C PRO G 438 24.71 -10.58 28.91
N GLY G 439 24.71 -11.65 28.14
CA GLY G 439 24.68 -11.54 26.70
C GLY G 439 23.23 -11.31 26.30
N GLY G 440 22.93 -11.36 25.02
CA GLY G 440 21.56 -11.10 24.62
C GLY G 440 21.44 -10.82 23.14
N GLY G 441 20.26 -10.38 22.75
CA GLY G 441 19.94 -10.10 21.36
C GLY G 441 19.08 -11.25 20.90
N ASP G 442 18.40 -11.09 19.78
CA ASP G 442 17.51 -12.12 19.26
C ASP G 442 16.31 -12.32 20.18
N MET G 443 15.27 -11.54 19.95
CA MET G 443 14.07 -11.50 20.78
C MET G 443 13.36 -12.82 20.88
N ARG G 444 13.66 -13.74 19.98
CA ARG G 444 13.03 -15.03 20.02
C ARG G 444 13.30 -15.71 21.34
N ASP G 445 14.43 -15.43 22.00
CA ASP G 445 14.65 -16.08 23.27
C ASP G 445 13.70 -15.59 24.34
N ASN G 446 13.22 -14.36 24.25
CA ASN G 446 12.36 -13.89 25.31
C ASN G 446 11.04 -14.60 25.20
N TRP G 447 10.62 -14.77 23.95
CA TRP G 447 9.37 -15.51 23.73
C TRP G 447 9.65 -16.90 24.28
N ARG G 448 10.68 -17.54 23.77
CA ARG G 448 10.94 -18.92 24.09
C ARG G 448 10.81 -19.15 25.58
N SER G 449 11.22 -18.18 26.38
CA SER G 449 11.14 -18.28 27.83
C SER G 449 9.73 -18.38 28.36
N GLU G 450 8.71 -18.04 27.57
CA GLU G 450 7.34 -18.13 28.05
C GLU G 450 6.60 -19.30 27.40
N LEU G 451 6.95 -19.61 26.17
CA LEU G 451 6.28 -20.66 25.40
C LEU G 451 6.82 -22.05 25.61
N TYR G 452 7.82 -22.20 26.45
CA TYR G 452 8.48 -23.49 26.66
C TYR G 452 7.59 -24.59 27.19
N LYS G 453 6.50 -24.22 27.80
CA LYS G 453 5.61 -25.22 28.34
C LYS G 453 4.61 -25.70 27.31
N TYR G 454 4.61 -25.14 26.10
CA TYR G 454 3.57 -25.54 25.17
C TYR G 454 4.02 -26.15 23.85
N LYS G 455 3.21 -27.09 23.35
CA LYS G 455 3.42 -27.63 22.01
C LYS G 455 2.12 -27.76 21.26
N VAL G 456 2.17 -27.67 19.94
CA VAL G 456 0.98 -27.82 19.12
C VAL G 456 0.85 -29.21 18.55
N VAL G 457 -0.34 -29.78 18.70
CA VAL G 457 -0.62 -31.08 18.15
C VAL G 457 -1.88 -31.02 17.33
N LYS G 458 -2.05 -32.00 16.45
CA LYS G 458 -3.28 -32.09 15.68
C LYS G 458 -4.00 -33.30 16.12
N ILE G 459 -5.30 -33.23 16.07
CA ILE G 459 -6.12 -34.34 16.46
C ILE G 459 -6.57 -35.05 15.23
N GLU G 460 -6.39 -36.37 15.23
CA GLU G 460 -6.81 -37.20 14.12
C GLU G 460 -7.87 -38.15 14.61
N PRO G 461 -9.13 -37.72 14.66
CA PRO G 461 -10.24 -38.38 15.29
C PRO G 461 -10.76 -39.50 14.45
N LEU G 462 -9.93 -40.46 14.17
CA LEU G 462 -10.39 -41.56 13.39
C LEU G 462 -9.44 -42.72 13.51
N GLY G 463 -9.94 -43.88 13.84
CA GLY G 463 -9.05 -45.01 13.90
C GLY G 463 -9.78 -46.31 14.01
N VAL G 464 -9.04 -47.39 13.87
CA VAL G 464 -9.65 -48.70 13.88
C VAL G 464 -9.03 -49.56 14.92
N ALA G 465 -9.75 -50.60 15.27
CA ALA G 465 -9.30 -51.60 16.21
C ALA G 465 -10.08 -52.87 15.90
N PRO G 466 -9.57 -54.05 16.26
CA PRO G 466 -10.25 -55.30 16.12
C PRO G 466 -11.33 -55.50 17.14
N THR G 467 -12.37 -56.19 16.73
CA THR G 467 -13.41 -56.66 17.61
C THR G 467 -14.10 -57.83 16.96
N ARG G 468 -15.27 -58.20 17.47
CA ARG G 468 -16.02 -59.28 16.87
C ARG G 468 -17.48 -58.86 16.66
N CYS G 469 -17.72 -58.07 15.62
CA CYS G 469 -19.05 -57.52 15.34
C CYS G 469 -19.12 -56.90 13.95
N LEU H 12 -10.28 -33.63 24.58
CA LEU H 12 -9.48 -34.85 24.80
C LEU H 12 -9.43 -35.16 26.30
N GLY H 13 -10.36 -35.98 26.76
CA GLY H 13 -10.49 -36.38 28.17
C GLY H 13 -10.30 -37.87 28.37
N ALA H 14 -10.44 -38.63 27.29
CA ALA H 14 -10.23 -40.06 27.34
C ALA H 14 -8.77 -40.30 27.74
N ALA H 15 -7.88 -39.39 27.32
CA ALA H 15 -6.49 -39.41 27.68
C ALA H 15 -5.83 -40.77 27.59
N GLY H 16 -5.33 -41.25 28.73
CA GLY H 16 -4.60 -42.49 28.84
C GLY H 16 -5.50 -43.66 29.20
N SER H 17 -6.81 -43.49 29.13
CA SER H 17 -7.69 -44.60 29.43
C SER H 17 -7.55 -45.55 28.25
N THR H 18 -7.95 -46.79 28.45
CA THR H 18 -7.75 -47.77 27.40
C THR H 18 -8.75 -47.61 26.30
N MET H 19 -8.50 -48.26 25.15
CA MET H 19 -9.41 -48.08 24.03
C MET H 19 -10.80 -48.54 24.35
N GLY H 20 -10.91 -49.57 25.15
CA GLY H 20 -12.21 -50.03 25.54
C GLY H 20 -12.91 -48.93 26.33
N ALA H 21 -12.24 -48.43 27.36
CA ALA H 21 -12.80 -47.39 28.23
C ALA H 21 -13.12 -46.10 27.50
N ALA H 22 -12.27 -45.76 26.54
CA ALA H 22 -12.28 -44.53 25.77
C ALA H 22 -13.45 -44.44 24.81
N SER H 23 -14.16 -45.54 24.63
CA SER H 23 -15.29 -45.56 23.73
C SER H 23 -16.45 -44.71 24.26
N MET H 24 -16.73 -44.78 25.56
CA MET H 24 -17.92 -44.09 26.04
C MET H 24 -17.65 -42.64 26.40
N THR H 25 -17.25 -41.89 25.38
CA THR H 25 -16.86 -40.50 25.52
C THR H 25 -16.53 -39.92 24.16
N LEU H 26 -16.75 -40.74 23.12
CA LEU H 26 -16.39 -40.29 21.77
C LEU H 26 -17.19 -39.02 21.42
N THR H 27 -18.41 -38.91 21.96
CA THR H 27 -19.31 -37.79 21.74
C THR H 27 -18.65 -36.48 22.15
N VAL H 28 -17.97 -36.49 23.28
CA VAL H 28 -17.41 -35.27 23.83
C VAL H 28 -16.29 -34.78 22.97
N GLN H 29 -15.42 -35.68 22.57
CA GLN H 29 -14.34 -35.22 21.76
C GLN H 29 -14.85 -34.74 20.40
N ALA H 30 -15.81 -35.48 19.83
CA ALA H 30 -16.37 -35.16 18.52
C ALA H 30 -17.00 -33.78 18.49
N ARG H 31 -17.62 -33.40 19.59
CA ARG H 31 -18.30 -32.13 19.72
C ARG H 31 -17.44 -30.92 19.41
N ASN H 32 -16.15 -30.96 19.76
CA ASN H 32 -15.33 -29.77 19.57
C ASN H 32 -14.40 -29.86 18.35
N LEU H 33 -14.63 -30.82 17.47
CA LEU H 33 -13.78 -30.92 16.29
C LEU H 33 -14.03 -29.82 15.28
N LEU H 34 -15.26 -29.31 15.21
CA LEU H 34 -15.58 -28.22 14.29
C LEU H 34 -15.72 -26.92 15.06
N SER H 35 -16.37 -26.99 16.22
CA SER H 35 -16.62 -25.88 17.16
C SER H 35 -17.55 -24.79 16.64
N GLY H 36 -17.17 -24.15 15.55
CA GLY H 36 -17.95 -23.08 14.93
C GLY H 36 -18.68 -22.26 15.98
N LYS H 56 -11.02 -5.50 7.08
CA LYS H 56 -10.55 -6.71 7.74
C LYS H 56 -9.06 -6.91 7.40
N LEU H 57 -8.68 -8.15 7.12
CA LEU H 57 -7.30 -8.53 6.83
C LEU H 57 -6.40 -8.08 7.97
N THR H 58 -5.23 -7.52 7.66
CA THR H 58 -4.30 -7.10 8.69
C THR H 58 -3.83 -8.23 9.59
N VAL H 59 -2.86 -7.92 10.41
CA VAL H 59 -2.38 -8.92 11.32
C VAL H 59 -3.54 -9.34 12.21
N TRP H 60 -3.60 -10.64 12.46
CA TRP H 60 -4.60 -11.35 13.23
C TRP H 60 -5.81 -11.64 12.35
N GLY H 61 -6.37 -10.64 11.69
CA GLY H 61 -7.54 -10.89 10.87
C GLY H 61 -7.28 -11.96 9.80
N ILE H 62 -6.07 -11.97 9.25
CA ILE H 62 -5.69 -12.98 8.26
C ILE H 62 -5.70 -14.36 8.87
N LYS H 63 -5.19 -14.46 10.09
CA LYS H 63 -5.06 -15.73 10.76
C LYS H 63 -6.42 -16.27 11.13
N GLN H 64 -7.30 -15.40 11.57
CA GLN H 64 -8.61 -15.82 11.98
C GLN H 64 -9.35 -16.36 10.79
N LEU H 65 -9.18 -15.73 9.64
CA LEU H 65 -9.86 -16.25 8.47
C LEU H 65 -9.34 -17.60 8.09
N GLN H 66 -8.03 -17.77 8.01
CA GLN H 66 -7.59 -19.09 7.59
C GLN H 66 -7.85 -20.13 8.65
N ALA H 67 -7.92 -19.72 9.93
CA ALA H 67 -8.21 -20.65 11.00
C ALA H 67 -9.60 -21.23 10.82
N ARG H 68 -10.54 -20.41 10.39
CA ARG H 68 -11.89 -20.87 10.18
C ARG H 68 -11.96 -21.77 8.98
N VAL H 69 -11.23 -21.42 7.93
CA VAL H 69 -11.25 -22.21 6.72
C VAL H 69 -10.66 -23.57 6.99
N LEU H 70 -9.55 -23.60 7.72
CA LEU H 70 -8.90 -24.86 8.03
C LEU H 70 -9.79 -25.75 8.87
N ALA H 71 -10.44 -25.20 9.89
CA ALA H 71 -11.27 -26.08 10.69
C ALA H 71 -12.33 -26.73 9.82
N VAL H 72 -12.89 -25.98 8.90
CA VAL H 72 -13.87 -26.58 8.04
C VAL H 72 -13.30 -27.61 7.13
N GLU H 73 -12.17 -27.31 6.50
CA GLU H 73 -11.60 -28.25 5.58
C GLU H 73 -11.24 -29.55 6.28
N ARG H 74 -10.68 -29.49 7.49
CA ARG H 74 -10.32 -30.73 8.15
C ARG H 74 -11.55 -31.52 8.52
N TYR H 75 -12.57 -30.84 9.01
CA TYR H 75 -13.76 -31.51 9.39
C TYR H 75 -14.33 -32.31 8.24
N LEU H 76 -14.47 -31.66 7.10
CA LEU H 76 -15.07 -32.35 5.97
C LEU H 76 -14.17 -33.39 5.39
N ARG H 77 -12.88 -33.15 5.47
CA ARG H 77 -11.95 -34.10 4.94
C ARG H 77 -12.23 -35.46 5.56
N ASP H 78 -12.54 -35.49 6.86
CA ASP H 78 -12.85 -36.75 7.49
C ASP H 78 -14.32 -37.17 7.31
N GLN H 79 -15.25 -36.22 7.22
CA GLN H 79 -16.63 -36.68 7.13
C GLN H 79 -16.87 -37.45 5.85
N GLN H 80 -16.20 -37.06 4.77
CA GLN H 80 -16.44 -37.76 3.53
C GLN H 80 -15.90 -39.18 3.60
N LEU H 81 -14.95 -39.43 4.49
CA LEU H 81 -14.32 -40.71 4.52
C LEU H 81 -15.24 -41.68 5.20
N LEU H 82 -15.93 -41.22 6.23
CA LEU H 82 -16.92 -42.04 6.91
C LEU H 82 -18.14 -42.23 6.03
N GLY H 83 -18.36 -41.29 5.12
CA GLY H 83 -19.39 -41.40 4.12
C GLY H 83 -19.05 -42.57 3.18
N ILE H 84 -17.81 -42.59 2.67
CA ILE H 84 -17.36 -43.64 1.77
C ILE H 84 -17.29 -44.99 2.47
N TRP H 85 -16.74 -45.04 3.68
CA TRP H 85 -16.68 -46.28 4.46
C TRP H 85 -18.03 -46.36 5.10
N GLY H 86 -19.01 -46.65 4.28
CA GLY H 86 -20.40 -46.52 4.63
C GLY H 86 -20.75 -46.65 6.11
N CYS H 87 -20.62 -45.53 6.82
CA CYS H 87 -21.05 -45.39 8.20
C CYS H 87 -22.00 -44.23 8.34
N SER H 88 -21.48 -43.01 8.11
CA SER H 88 -22.24 -41.74 8.20
C SER H 88 -22.73 -41.43 9.63
N GLY H 89 -23.60 -42.30 10.15
CA GLY H 89 -24.16 -42.27 11.50
C GLY H 89 -23.09 -42.89 12.38
N LYS H 90 -22.01 -42.13 12.47
CA LYS H 90 -20.72 -42.43 13.04
C LYS H 90 -20.61 -42.52 14.53
N LEU H 91 -19.42 -42.14 15.01
CA LEU H 91 -18.91 -42.31 16.36
C LEU H 91 -18.45 -43.75 16.49
N ILE H 92 -19.39 -44.68 16.35
CA ILE H 92 -19.03 -46.08 16.27
C ILE H 92 -19.73 -46.79 15.13
N CYS H 93 -18.97 -47.52 14.30
CA CYS H 93 -19.61 -48.35 13.28
C CYS H 93 -18.77 -49.56 12.91
N CYS H 94 -19.43 -50.54 12.29
CA CYS H 94 -18.78 -51.78 11.89
C CYS H 94 -18.86 -52.01 10.40
N THR H 95 -17.85 -52.68 9.84
CA THR H 95 -17.88 -53.02 8.42
C THR H 95 -17.75 -54.52 8.19
N ASN H 96 -17.63 -54.93 6.94
CA ASN H 96 -17.55 -56.34 6.54
C ASN H 96 -16.15 -56.83 6.21
N VAL H 97 -15.17 -56.16 6.74
CA VAL H 97 -13.78 -56.49 6.52
C VAL H 97 -13.31 -57.28 7.75
N PRO H 98 -12.72 -58.49 7.58
CA PRO H 98 -12.17 -59.34 8.63
C PRO H 98 -10.88 -58.71 9.12
N TRP H 99 -10.47 -59.01 10.34
CA TRP H 99 -9.20 -58.49 10.82
C TRP H 99 -8.06 -59.39 10.35
N ASN H 100 -6.99 -58.81 9.81
CA ASN H 100 -5.81 -59.55 9.37
C ASN H 100 -4.90 -59.91 10.53
N SER H 101 -4.28 -61.08 10.48
CA SER H 101 -3.36 -61.51 11.52
C SER H 101 -2.05 -60.73 11.56
N SER H 102 -1.73 -60.04 10.48
CA SER H 102 -0.50 -59.26 10.42
C SER H 102 -0.70 -57.93 11.13
N TRP H 103 -1.96 -57.56 11.36
CA TRP H 103 -2.27 -56.28 11.91
C TRP H 103 -2.22 -56.33 13.41
N SER H 104 -1.01 -56.44 13.96
CA SER H 104 -0.84 -56.53 15.39
C SER H 104 -1.73 -57.60 16.00
N ASN H 105 -1.55 -58.85 15.60
CA ASN H 105 -2.45 -59.83 16.16
C ASN H 105 -2.05 -60.14 17.57
N ARG H 106 -2.78 -59.51 18.44
CA ARG H 106 -2.65 -59.54 19.88
C ARG H 106 -4.04 -59.78 20.42
N ASN H 107 -4.15 -60.27 21.63
CA ASN H 107 -5.45 -60.57 22.19
C ASN H 107 -6.32 -59.34 22.38
N LEU H 108 -7.63 -59.53 22.19
CA LEU H 108 -8.61 -58.46 22.40
C LEU H 108 -8.59 -58.05 23.85
N SER H 109 -8.27 -58.99 24.74
CA SER H 109 -8.21 -58.75 26.17
C SER H 109 -7.08 -57.77 26.52
N GLU H 110 -6.17 -57.53 25.60
CA GLU H 110 -5.16 -56.53 25.82
C GLU H 110 -5.57 -55.31 25.02
N ILE H 111 -5.80 -55.54 23.73
CA ILE H 111 -5.98 -54.45 22.80
C ILE H 111 -7.17 -53.59 23.05
N TRP H 112 -8.30 -54.17 23.41
CA TRP H 112 -9.47 -53.35 23.59
C TRP H 112 -9.85 -53.31 25.06
N ASP H 113 -8.85 -53.44 25.94
CA ASP H 113 -9.13 -53.43 27.37
C ASP H 113 -8.02 -52.77 28.20
N ASN H 114 -6.75 -53.16 27.96
CA ASN H 114 -5.61 -52.74 28.77
C ASN H 114 -4.58 -51.80 28.13
N MET H 115 -4.89 -51.23 26.97
CA MET H 115 -3.98 -50.27 26.31
C MET H 115 -4.75 -49.16 25.64
N THR H 116 -4.09 -48.02 25.46
CA THR H 116 -4.70 -46.79 24.95
C THR H 116 -4.72 -46.65 23.45
N TRP H 117 -5.48 -45.80 22.95
CA TRP H 117 -5.51 -45.51 21.50
C TRP H 117 -4.08 -45.17 21.09
N LEU H 118 -3.48 -44.14 21.83
CA LEU H 118 -2.22 -43.65 21.33
C LEU H 118 -1.27 -44.82 21.12
N GLN H 119 -1.27 -45.74 22.07
CA GLN H 119 -0.38 -46.87 21.99
C GLN H 119 -0.72 -47.75 20.83
N TRP H 120 -2.01 -47.91 20.59
CA TRP H 120 -2.47 -48.70 19.50
C TRP H 120 -2.09 -48.08 18.18
N ASP H 121 -2.30 -46.77 18.03
CA ASP H 121 -2.03 -46.11 16.78
C ASP H 121 -0.57 -46.28 16.39
N LYS H 122 0.29 -46.28 17.39
CA LYS H 122 1.71 -46.42 17.12
C LYS H 122 2.08 -47.73 16.41
N GLU H 123 1.25 -48.76 16.51
CA GLU H 123 1.55 -50.02 15.84
C GLU H 123 0.64 -50.27 14.63
N ILE H 124 -0.64 -49.96 14.80
CA ILE H 124 -1.58 -50.25 13.73
C ILE H 124 -1.44 -49.36 12.51
N SER H 125 -0.91 -48.15 12.70
CA SER H 125 -0.79 -47.17 11.63
C SER H 125 0.03 -47.64 10.45
N ASN H 126 0.81 -48.69 10.61
CA ASN H 126 1.62 -49.20 9.52
C ASN H 126 0.76 -49.77 8.40
N TYR H 127 -0.49 -50.09 8.70
CA TYR H 127 -1.42 -50.69 7.77
C TYR H 127 -2.52 -49.72 7.37
N THR H 128 -2.32 -48.43 7.61
CA THR H 128 -3.38 -47.46 7.36
C THR H 128 -3.98 -47.49 5.98
N GLN H 129 -3.15 -47.50 4.96
CA GLN H 129 -3.68 -47.42 3.61
C GLN H 129 -4.32 -48.72 3.20
N ILE H 130 -3.79 -49.81 3.70
CA ILE H 130 -4.31 -51.11 3.38
C ILE H 130 -5.70 -51.24 3.95
N ILE H 131 -5.82 -50.86 5.22
CA ILE H 131 -7.08 -50.99 5.88
C ILE H 131 -8.08 -50.08 5.25
N TYR H 132 -7.69 -48.84 4.98
CA TYR H 132 -8.63 -47.91 4.42
C TYR H 132 -9.13 -48.37 3.06
N GLY H 133 -8.26 -48.90 2.20
CA GLY H 133 -8.74 -49.33 0.90
C GLY H 133 -9.78 -50.43 1.04
N LEU H 134 -9.55 -51.34 1.98
CA LEU H 134 -10.48 -52.41 2.24
C LEU H 134 -11.78 -51.88 2.82
N LEU H 135 -11.69 -50.90 3.71
CA LEU H 135 -12.90 -50.38 4.31
C LEU H 135 -13.80 -49.75 3.26
N GLU H 136 -13.21 -49.11 2.26
CA GLU H 136 -14.04 -48.47 1.26
C GLU H 136 -14.69 -49.48 0.35
N GLU H 137 -13.88 -50.29 -0.31
CA GLU H 137 -14.38 -51.18 -1.31
C GLU H 137 -15.02 -52.45 -0.84
N SER H 138 -14.57 -53.08 0.22
CA SER H 138 -15.23 -54.33 0.52
C SER H 138 -16.68 -54.07 0.85
N GLN H 139 -16.94 -52.96 1.52
CA GLN H 139 -18.31 -52.68 1.87
C GLN H 139 -19.06 -52.15 0.68
N ASN H 140 -18.48 -51.24 -0.10
CA ASN H 140 -19.31 -50.74 -1.16
C ASN H 140 -19.52 -51.76 -2.26
N GLN H 141 -18.55 -52.61 -2.53
CA GLN H 141 -18.74 -53.58 -3.58
C GLN H 141 -19.82 -54.58 -3.24
N GLN H 142 -19.91 -54.98 -1.97
CA GLN H 142 -20.91 -55.95 -1.61
C GLN H 142 -22.26 -55.39 -1.14
N GLU H 143 -22.31 -54.19 -0.56
CA GLU H 143 -23.60 -53.68 -0.14
C GLU H 143 -24.29 -52.97 -1.29
N LYS H 144 -23.53 -52.24 -2.08
CA LYS H 144 -24.11 -51.54 -3.19
C LYS H 144 -24.07 -52.60 -4.25
N ASN H 145 -24.83 -52.46 -5.30
CA ASN H 145 -24.92 -53.44 -6.37
C ASN H 145 -25.85 -54.53 -5.87
N GLU H 146 -25.53 -55.17 -4.76
CA GLU H 146 -26.38 -56.22 -4.22
C GLU H 146 -27.74 -55.65 -3.83
N GLN H 147 -27.76 -54.45 -3.24
CA GLN H 147 -29.06 -53.96 -2.86
C GLN H 147 -29.75 -53.21 -3.99
N ASP H 148 -29.06 -53.08 -5.13
CA ASP H 148 -29.63 -52.43 -6.29
C ASP H 148 -30.31 -53.51 -7.11
N LEU H 149 -29.77 -54.72 -7.02
CA LEU H 149 -30.36 -55.88 -7.65
C LEU H 149 -31.62 -56.20 -6.86
N LEU H 150 -31.53 -55.98 -5.55
CA LEU H 150 -32.62 -56.20 -4.63
C LEU H 150 -33.21 -54.86 -4.23
N VAL I 2 53.43 6.00 63.06
CA VAL I 2 54.84 6.35 63.12
C VAL I 2 55.26 7.08 64.37
N VAL I 3 56.35 6.60 64.95
CA VAL I 3 56.90 7.25 66.11
C VAL I 3 57.68 8.43 65.61
N MET I 4 57.32 9.60 66.08
CA MET I 4 57.92 10.82 65.58
C MET I 4 58.16 11.82 66.70
N THR I 5 59.24 12.59 66.57
CA THR I 5 59.59 13.62 67.52
C THR I 5 60.06 14.91 66.88
N GLN I 6 60.33 15.90 67.72
CA GLN I 6 60.81 17.21 67.27
C GLN I 6 61.96 17.74 68.11
N SER I 7 62.81 18.54 67.47
CA SER I 7 63.90 19.20 68.16
C SER I 7 64.22 20.54 67.53
N PRO I 8 64.44 21.58 68.35
CA PRO I 8 64.44 21.68 69.81
C PRO I 8 63.03 21.70 70.36
N SER I 9 62.86 21.57 71.68
CA SER I 9 61.52 21.73 72.24
C SER I 9 61.10 23.20 72.30
N THR I 10 62.09 24.08 72.41
CA THR I 10 61.87 25.51 72.42
C THR I 10 62.93 26.15 71.56
N LEU I 11 62.62 27.30 71.00
CA LEU I 11 63.58 28.00 70.18
C LEU I 11 63.53 29.49 70.45
N SER I 12 64.66 30.14 70.63
CA SER I 12 64.58 31.59 70.81
C SER I 12 65.11 32.26 69.57
N ALA I 13 64.52 33.39 69.24
CA ALA I 13 64.96 34.15 68.08
C ALA I 13 64.54 35.61 68.19
N SER I 14 65.21 36.48 67.47
CA SER I 14 64.73 37.85 67.42
C SER I 14 63.77 37.96 66.25
N VAL I 15 63.04 39.06 66.18
CA VAL I 15 62.12 39.22 65.08
C VAL I 15 62.99 39.57 63.87
N GLY I 16 62.79 38.86 62.77
CA GLY I 16 63.54 39.02 61.54
C GLY I 16 64.59 37.92 61.33
N ASP I 17 64.88 37.14 62.38
CA ASP I 17 65.84 36.05 62.28
C ASP I 17 65.33 34.87 61.47
N THR I 18 66.26 34.09 60.94
CA THR I 18 65.88 32.87 60.24
C THR I 18 66.06 31.71 61.20
N ILE I 19 65.04 30.89 61.31
CA ILE I 19 65.13 29.77 62.22
C ILE I 19 64.80 28.45 61.56
N THR I 20 65.27 27.37 62.17
CA THR I 20 64.91 26.05 61.69
C THR I 20 64.44 25.14 62.81
N ILE I 21 63.46 24.30 62.49
CA ILE I 21 62.91 23.30 63.40
C ILE I 21 62.98 21.90 62.75
N THR I 22 63.50 20.91 63.49
CA THR I 22 63.63 19.59 62.87
C THR I 22 62.66 18.55 63.41
N CYS I 23 62.00 17.86 62.48
CA CYS I 23 61.10 16.76 62.77
C CYS I 23 61.78 15.45 62.42
N ARG I 24 61.79 14.53 63.37
CA ARG I 24 62.46 13.26 63.18
C ARG I 24 61.57 12.06 63.39
N ALA I 25 61.92 10.94 62.76
CA ALA I 25 61.08 9.75 62.93
C ALA I 25 61.87 8.46 62.96
N SER I 26 61.23 7.45 63.54
CA SER I 26 61.79 6.12 63.60
C SER I 26 61.43 5.29 62.36
N GLN I 27 60.58 5.87 61.53
CA GLN I 27 60.11 5.24 60.30
C GLN I 27 60.02 6.31 59.22
N SER I 28 59.65 5.95 58.01
CA SER I 28 59.59 6.94 56.96
C SER I 28 58.44 7.92 57.07
N ILE I 29 58.77 9.17 56.83
CA ILE I 29 57.87 10.32 56.76
C ILE I 29 58.19 11.04 55.45
N GLU I 30 58.63 10.27 54.47
CA GLU I 30 59.13 10.74 53.17
C GLU I 30 58.23 11.69 52.39
N THR I 31 56.93 11.43 52.38
CA THR I 31 56.01 12.31 51.68
C THR I 31 54.88 12.59 52.62
N TRP I 32 54.64 11.65 53.50
CA TRP I 32 53.49 11.74 54.37
C TRP I 32 53.80 12.48 55.64
N LEU I 33 54.04 13.77 55.48
CA LEU I 33 54.42 14.68 56.55
C LEU I 33 53.85 16.09 56.35
N ALA I 34 53.44 16.74 57.42
CA ALA I 34 53.00 18.11 57.29
C ALA I 34 53.39 18.95 58.48
N TRP I 35 53.49 20.26 58.26
CA TRP I 35 53.77 21.17 59.36
C TRP I 35 52.66 22.14 59.60
N TYR I 36 52.41 22.35 60.89
CA TYR I 36 51.42 23.30 61.40
C TYR I 36 52.00 24.36 62.32
N GLN I 37 51.38 25.53 62.29
CA GLN I 37 51.72 26.69 63.13
C GLN I 37 50.57 27.12 64.02
N GLN I 38 50.80 27.21 65.33
CA GLN I 38 49.69 27.61 66.20
C GLN I 38 50.07 28.61 67.29
N LYS I 39 49.22 29.62 67.42
CA LYS I 39 49.37 30.63 68.45
C LYS I 39 48.37 30.32 69.57
N PRO I 40 48.59 30.77 70.80
CA PRO I 40 47.68 30.56 71.89
C PRO I 40 46.31 31.10 71.56
N GLY I 41 45.29 30.33 71.88
CA GLY I 41 43.91 30.73 71.65
C GLY I 41 43.42 30.46 70.23
N LYS I 42 44.29 29.92 69.38
CA LYS I 42 43.91 29.68 68.00
C LYS I 42 43.97 28.22 67.61
N ALA I 43 43.22 27.87 66.57
CA ALA I 43 43.29 26.56 65.93
C ALA I 43 44.63 26.54 65.20
N PRO I 44 45.27 25.39 64.99
CA PRO I 44 46.53 25.33 64.27
C PRO I 44 46.28 25.59 62.80
N LYS I 45 47.27 26.18 62.13
CA LYS I 45 47.18 26.40 60.70
C LYS I 45 48.18 25.58 59.93
N LEU I 46 47.77 25.09 58.78
CA LEU I 46 48.67 24.32 57.95
C LEU I 46 49.64 25.16 57.14
N LEU I 47 50.92 24.80 57.19
CA LEU I 47 51.92 25.49 56.41
C LEU I 47 52.43 24.64 55.27
N ILE I 48 52.89 23.43 55.61
CA ILE I 48 53.57 22.54 54.66
C ILE I 48 52.89 21.19 54.58
N TYR I 49 52.66 20.69 53.39
CA TYR I 49 52.06 19.38 53.25
C TYR I 49 52.78 18.50 52.24
N LYS I 50 52.53 17.21 52.35
CA LYS I 50 53.13 16.21 51.47
C LYS I 50 54.66 16.34 51.59
N ALA I 51 55.09 16.61 52.82
CA ALA I 51 56.44 16.79 53.33
C ALA I 51 57.26 17.94 52.72
N SER I 52 56.67 18.82 51.89
CA SER I 52 57.47 19.93 51.34
C SER I 52 56.67 20.98 50.55
N THR I 53 55.38 20.77 50.35
CA THR I 53 54.59 21.68 49.56
C THR I 53 53.98 22.75 50.41
N LEU I 54 54.13 24.00 50.02
CA LEU I 54 53.56 25.05 50.83
C LEU I 54 52.11 25.22 50.46
N LYS I 55 51.27 25.37 51.47
CA LYS I 55 49.85 25.59 51.29
C LYS I 55 49.59 26.93 50.64
N THR I 56 48.62 26.96 49.73
CA THR I 56 48.27 28.20 49.10
C THR I 56 47.87 29.20 50.17
N GLY I 57 48.43 30.40 50.07
CA GLY I 57 48.16 31.47 51.03
C GLY I 57 49.24 31.63 52.09
N VAL I 58 50.14 30.66 52.19
CA VAL I 58 51.22 30.72 53.16
C VAL I 58 52.31 31.65 52.62
N PRO I 59 52.77 32.64 53.39
CA PRO I 59 53.80 33.58 53.01
C PRO I 59 55.08 32.87 52.56
N SER I 60 55.76 33.50 51.61
CA SER I 60 56.97 33.01 50.97
C SER I 60 58.16 32.84 51.90
N ARG I 61 58.07 33.41 53.09
CA ARG I 61 59.12 33.27 54.07
C ARG I 61 59.18 31.84 54.62
N PHE I 62 58.11 31.06 54.42
CA PHE I 62 58.07 29.69 54.90
C PHE I 62 58.54 28.74 53.82
N SER I 63 59.36 27.78 54.22
CA SER I 63 59.83 26.75 53.32
C SER I 63 60.24 25.54 54.13
N GLY I 64 60.57 24.44 53.46
CA GLY I 64 61.06 23.28 54.18
C GLY I 64 61.40 22.17 53.23
N SER I 65 62.17 21.22 53.73
CA SER I 65 62.63 20.08 52.95
C SER I 65 63.19 18.97 53.82
N GLY I 66 63.43 17.82 53.21
CA GLY I 66 64.05 16.71 53.91
C GLY I 66 63.76 15.40 53.21
N SER I 67 64.11 14.31 53.86
CA SER I 67 63.92 12.98 53.31
C SER I 67 63.92 11.94 54.41
N GLY I 68 63.46 10.74 54.11
CA GLY I 68 63.61 9.66 55.07
C GLY I 68 62.93 9.95 56.38
N THR I 69 63.77 9.94 57.41
CA THR I 69 63.44 10.14 58.81
C THR I 69 63.84 11.51 59.35
N GLU I 70 64.27 12.43 58.47
CA GLU I 70 64.66 13.76 58.94
C GLU I 70 64.21 14.91 58.04
N PHE I 71 63.33 15.76 58.59
CA PHE I 71 62.79 16.92 57.89
C PHE I 71 62.91 18.25 58.60
N THR I 72 63.13 19.31 57.85
CA THR I 72 63.26 20.63 58.46
C THR I 72 62.30 21.70 57.96
N LEU I 73 61.75 22.41 58.93
CA LEU I 73 60.93 23.59 58.71
C LEU I 73 61.80 24.82 58.80
N THR I 74 61.82 25.63 57.75
CA THR I 74 62.65 26.84 57.74
C THR I 74 61.80 28.09 57.62
N ILE I 75 62.04 29.05 58.51
CA ILE I 75 61.31 30.30 58.42
C ILE I 75 62.25 31.49 58.39
N SER I 76 62.29 32.22 57.28
CA SER I 76 63.18 33.38 57.22
C SER I 76 62.41 34.60 57.62
N GLY I 77 63.05 35.68 58.04
CA GLY I 77 62.24 36.86 58.26
C GLY I 77 61.19 36.61 59.31
N LEU I 78 61.51 35.86 60.37
CA LEU I 78 60.52 35.47 61.36
C LEU I 78 59.78 36.68 61.91
N GLN I 79 58.45 36.62 61.86
CA GLN I 79 57.60 37.72 62.33
C GLN I 79 57.03 37.49 63.71
N PHE I 80 56.34 38.49 64.26
CA PHE I 80 55.78 38.34 65.60
C PHE I 80 54.76 37.21 65.67
N ASP I 81 54.04 36.99 64.58
CA ASP I 81 52.99 35.98 64.54
C ASP I 81 53.56 34.61 64.29
N ASP I 82 54.87 34.55 64.10
CA ASP I 82 55.54 33.31 63.85
C ASP I 82 56.20 32.81 65.12
N PHE I 83 56.04 33.53 66.24
CA PHE I 83 56.60 33.03 67.49
C PHE I 83 55.51 32.17 68.11
N ALA I 84 55.31 31.07 67.40
CA ALA I 84 54.26 30.09 67.53
C ALA I 84 54.84 28.75 67.85
N THR I 85 53.98 27.83 68.26
CA THR I 85 54.47 26.49 68.47
C THR I 85 54.25 25.75 67.17
N TYR I 86 55.30 25.14 66.68
CA TYR I 86 55.21 24.44 65.43
C TYR I 86 55.15 22.97 65.65
N HIS I 87 54.37 22.30 64.83
CA HIS I 87 54.26 20.86 64.99
C HIS I 87 54.38 20.15 63.68
N CYS I 88 54.95 18.96 63.74
CA CYS I 88 54.95 18.14 62.54
C CYS I 88 53.93 17.02 62.72
N GLN I 89 53.32 16.60 61.61
CA GLN I 89 52.33 15.54 61.58
C GLN I 89 52.63 14.47 60.55
N HIS I 90 52.40 13.22 60.94
CA HIS I 90 52.55 12.04 60.09
C HIS I 90 51.23 11.65 59.49
N TYR I 91 51.24 11.30 58.21
CA TYR I 91 50.00 10.89 57.57
C TYR I 91 49.86 9.45 57.22
N ALA I 92 48.61 9.04 57.32
CA ALA I 92 48.13 7.75 56.96
C ALA I 92 46.67 7.93 56.57
N GLY I 93 46.14 7.02 55.78
CA GLY I 93 44.74 7.13 55.41
C GLY I 93 43.77 7.08 56.59
N TYR I 94 44.08 6.28 57.62
CA TYR I 94 43.12 6.17 58.71
C TYR I 94 43.64 6.61 60.07
N SER I 95 44.82 7.19 60.10
CA SER I 95 45.43 7.60 61.35
C SER I 95 46.40 8.75 61.16
N ALA I 96 46.98 9.19 62.24
CA ALA I 96 47.98 10.23 62.20
C ALA I 96 48.77 10.22 63.47
N THR I 97 49.96 10.76 63.41
CA THR I 97 50.72 10.95 64.65
C THR I 97 51.30 12.35 64.63
N PHE I 98 51.68 12.84 65.79
CA PHE I 98 52.28 14.16 65.89
C PHE I 98 53.58 14.16 66.66
N GLY I 99 54.42 15.13 66.34
CA GLY I 99 55.62 15.34 67.08
C GLY I 99 55.20 16.09 68.33
N GLN I 100 56.13 16.46 69.20
CA GLN I 100 55.71 17.07 70.45
C GLN I 100 55.63 18.58 70.42
N GLY I 101 56.05 19.16 69.31
CA GLY I 101 56.01 20.59 69.10
C GLY I 101 57.27 21.36 69.51
N THR I 102 57.53 22.45 68.81
CA THR I 102 58.63 23.36 69.15
C THR I 102 58.09 24.75 69.40
N ARG I 103 58.32 25.29 70.60
CA ARG I 103 57.79 26.62 70.90
C ARG I 103 58.80 27.71 70.63
N VAL I 104 58.47 28.59 69.68
CA VAL I 104 59.36 29.66 69.30
C VAL I 104 59.03 30.91 70.15
N GLU I 105 60.04 31.49 70.78
CA GLU I 105 59.91 32.65 71.66
C GLU I 105 60.81 33.79 71.22
N ILE I 106 60.43 35.03 71.52
CA ILE I 106 61.26 36.14 71.11
C ILE I 106 62.47 36.26 72.01
N GLU J 1 33.70 30.28 54.56
CA GLU J 1 34.65 29.19 54.40
C GLU J 1 34.27 28.02 55.26
N VAL J 2 35.06 26.97 55.21
CA VAL J 2 34.77 25.84 56.05
C VAL J 2 35.24 26.04 57.46
N GLN J 3 34.31 25.81 58.37
CA GLN J 3 34.60 25.92 59.78
C GLN J 3 34.03 24.70 60.49
N LEU J 4 34.67 24.27 61.55
CA LEU J 4 34.12 23.15 62.29
C LEU J 4 33.77 23.72 63.65
N VAL J 5 32.69 23.27 64.31
CA VAL J 5 32.41 23.81 65.64
C VAL J 5 32.19 22.77 66.74
N GLU J 6 33.11 22.75 67.71
CA GLU J 6 33.09 21.87 68.87
C GLU J 6 32.08 22.27 69.93
N SER J 7 31.47 21.29 70.56
CA SER J 7 30.59 21.53 71.69
C SER J 7 30.57 20.36 72.67
N GLY J 8 30.06 20.63 73.89
CA GLY J 8 29.89 19.59 74.91
C GLY J 8 31.07 19.42 75.87
N GLY J 9 31.95 20.43 75.96
CA GLY J 9 33.10 20.31 76.86
C GLY J 9 32.67 20.55 78.31
N GLY J 10 33.62 20.68 79.22
CA GLY J 10 33.29 20.81 80.64
C GLY J 10 34.17 19.94 81.52
N LEU J 11 33.97 20.02 82.84
CA LEU J 11 34.77 19.25 83.77
C LEU J 11 34.04 18.04 84.32
N VAL J 12 34.75 16.93 84.41
CA VAL J 12 34.24 15.72 85.03
C VAL J 12 35.24 15.20 86.03
N LYS J 13 34.81 14.33 86.92
CA LYS J 13 35.73 13.67 87.82
C LYS J 13 36.29 12.47 87.08
N ALA J 14 37.55 12.12 87.34
CA ALA J 14 38.11 10.96 86.69
C ALA J 14 37.24 9.73 86.95
N GLY J 15 37.08 8.94 85.90
CA GLY J 15 36.27 7.75 85.87
C GLY J 15 34.92 8.02 85.22
N GLY J 16 34.59 9.30 85.01
CA GLY J 16 33.33 9.69 84.40
C GLY J 16 33.42 9.71 82.89
N SER J 17 32.48 10.39 82.23
CA SER J 17 32.50 10.40 80.78
C SER J 17 31.93 11.68 80.19
N LEU J 18 32.39 11.96 78.98
CA LEU J 18 31.86 13.07 78.19
C LEU J 18 31.51 12.62 76.81
N ILE J 19 30.54 13.30 76.24
CA ILE J 19 30.29 13.08 74.85
C ILE J 19 30.45 14.42 74.20
N LEU J 20 31.32 14.49 73.21
CA LEU J 20 31.59 15.72 72.49
C LEU J 20 31.06 15.59 71.09
N SER J 21 30.76 16.72 70.49
CA SER J 21 30.38 16.68 69.10
C SER J 21 30.82 17.90 68.35
N CYS J 22 30.86 17.76 67.03
CA CYS J 22 31.10 18.91 66.19
C CYS J 22 30.08 19.01 65.09
N GLY J 23 29.55 20.20 64.92
CA GLY J 23 28.67 20.45 63.81
C GLY J 23 29.61 21.05 62.82
N VAL J 24 29.22 21.18 61.57
CA VAL J 24 30.16 21.80 60.67
C VAL J 24 29.50 22.84 59.79
N SER J 25 30.30 23.75 59.26
CA SER J 25 29.77 24.74 58.35
C SER J 25 30.39 24.71 56.97
N ASN J 26 29.50 24.93 56.01
CA ASN J 26 29.74 25.08 54.58
C ASN J 26 30.36 23.92 53.79
N PHE J 27 30.08 22.69 54.18
CA PHE J 27 30.52 21.56 53.37
C PHE J 27 29.69 20.36 53.67
N ARG J 28 29.76 19.37 52.80
CA ARG J 28 29.08 18.11 53.03
C ARG J 28 30.03 17.16 53.74
N ILE J 29 29.66 16.71 54.93
CA ILE J 29 30.61 15.94 55.70
C ILE J 29 30.91 14.58 55.12
N SER J 30 29.99 14.04 54.31
CA SER J 30 30.11 12.70 53.75
C SER J 30 31.31 12.52 52.82
N ALA J 31 31.93 13.61 52.39
CA ALA J 31 33.09 13.51 51.53
C ALA J 31 34.38 13.43 52.33
N HIS J 32 34.32 13.51 53.65
CA HIS J 32 35.57 13.58 54.40
C HIS J 32 35.70 12.70 55.62
N THR J 33 36.95 12.32 55.84
CA THR J 33 37.38 11.61 57.03
C THR J 33 37.54 12.64 58.12
N MET J 34 36.94 12.36 59.26
CA MET J 34 37.00 13.29 60.36
C MET J 34 37.92 12.76 61.41
N ASN J 35 38.64 13.65 62.05
CA ASN J 35 39.57 13.25 63.08
C ASN J 35 39.48 14.09 64.29
N TRP J 36 39.63 13.43 65.42
CA TRP J 36 39.73 14.11 66.67
C TRP J 36 41.20 14.24 66.97
N VAL J 37 41.59 15.47 67.27
CA VAL J 37 42.95 15.82 67.60
C VAL J 37 42.90 16.58 68.89
N ARG J 38 43.85 16.38 69.78
CA ARG J 38 43.79 17.16 70.99
C ARG J 38 45.09 17.88 71.30
N ARG J 39 44.96 19.07 71.90
CA ARG J 39 46.11 19.83 72.34
C ARG J 39 46.24 19.50 73.79
N VAL J 40 47.44 19.22 74.23
CA VAL J 40 47.59 18.77 75.59
C VAL J 40 48.38 19.78 76.40
N PRO J 41 48.35 19.71 77.76
CA PRO J 41 49.01 20.63 78.68
C PRO J 41 50.50 20.80 78.46
N GLY J 42 51.14 19.84 77.81
CA GLY J 42 52.57 19.93 77.55
C GLY J 42 52.87 20.88 76.39
N GLY J 43 51.83 21.33 75.70
CA GLY J 43 51.95 22.25 74.58
C GLY J 43 51.92 21.57 73.22
N GLY J 44 52.03 20.26 73.18
CA GLY J 44 52.02 19.53 71.91
C GLY J 44 50.63 19.06 71.52
N LEU J 45 50.59 18.21 70.49
CA LEU J 45 49.37 17.64 69.94
C LEU J 45 49.41 16.14 69.93
N GLU J 46 48.25 15.55 70.05
CA GLU J 46 48.11 14.11 69.92
C GLU J 46 46.94 13.78 69.03
N TRP J 47 47.09 12.76 68.21
CA TRP J 47 45.97 12.30 67.43
C TRP J 47 45.15 11.46 68.34
N VAL J 48 43.83 11.57 68.29
CA VAL J 48 43.00 10.77 69.16
C VAL J 48 42.21 9.70 68.45
N ALA J 49 41.48 10.09 67.42
CA ALA J 49 40.62 9.11 66.76
C ALA J 49 40.22 9.53 65.36
N SER J 50 39.84 8.56 64.55
CA SER J 50 39.38 8.87 63.20
C SER J 50 38.27 8.00 62.70
N ILE J 51 37.46 8.57 61.82
CA ILE J 51 36.47 7.78 61.11
C ILE J 51 36.50 8.09 59.63
N SER J 52 36.66 7.05 58.82
CA SER J 52 36.71 7.17 57.37
C SER J 52 35.33 7.37 56.82
N THR J 53 35.21 7.71 55.55
CA THR J 53 33.87 7.93 55.13
C THR J 53 33.15 6.61 55.08
N SER J 54 31.84 6.71 55.17
CA SER J 54 30.91 5.58 55.20
C SER J 54 31.18 4.65 56.39
N SER J 55 32.00 5.10 57.34
CA SER J 55 32.40 4.39 58.53
C SER J 55 33.01 3.05 58.18
N THR J 56 33.78 3.02 57.09
CA THR J 56 34.44 1.78 56.68
C THR J 56 35.50 1.42 57.68
N TYR J 57 36.23 2.42 58.14
CA TYR J 57 37.30 2.19 59.08
C TYR J 57 37.19 3.13 60.24
N ARG J 58 37.56 2.64 61.41
CA ARG J 58 37.64 3.47 62.60
C ARG J 58 38.91 3.14 63.31
N ASP J 59 39.52 4.13 63.91
CA ASP J 59 40.74 3.86 64.66
C ASP J 59 40.90 4.84 65.81
N TYR J 60 41.68 4.41 66.79
CA TYR J 60 41.91 5.17 68.01
C TYR J 60 43.36 5.17 68.45
N ALA J 61 43.78 6.22 69.12
CA ALA J 61 45.12 6.25 69.69
C ALA J 61 45.22 5.17 70.74
N ASP J 62 46.37 4.51 70.84
CA ASP J 62 46.53 3.43 71.81
C ASP J 62 46.18 3.81 73.22
N ALA J 63 46.46 5.05 73.58
CA ALA J 63 46.20 5.51 74.93
C ALA J 63 44.74 5.35 75.33
N VAL J 64 43.84 5.41 74.37
CA VAL J 64 42.42 5.35 74.62
C VAL J 64 41.74 4.18 73.94
N LYS J 65 42.48 3.18 73.48
CA LYS J 65 41.74 2.08 72.89
C LYS J 65 40.96 1.42 73.99
N GLY J 66 39.68 1.24 73.76
CA GLY J 66 38.79 0.65 74.75
C GLY J 66 38.11 1.70 75.61
N ARG J 67 38.54 2.95 75.53
CA ARG J 67 37.92 4.00 76.32
C ARG J 67 37.16 4.93 75.41
N PHE J 68 37.72 5.19 74.23
CA PHE J 68 37.06 6.13 73.35
C PHE J 68 36.32 5.43 72.22
N THR J 69 35.17 5.98 71.87
CA THR J 69 34.35 5.55 70.76
C THR J 69 33.94 6.74 69.89
N VAL J 70 33.98 6.58 68.59
CA VAL J 70 33.55 7.67 67.72
C VAL J 70 32.51 7.26 66.70
N SER J 71 31.79 8.25 66.17
CA SER J 71 30.78 8.03 65.11
C SER J 71 30.60 9.25 64.21
N ARG J 72 29.94 9.05 63.06
CA ARG J 72 29.66 10.12 62.11
C ARG J 72 28.19 10.12 61.73
N ASP J 73 27.68 11.28 61.37
CA ASP J 73 26.33 11.43 60.86
C ASP J 73 26.33 12.20 59.56
N ASP J 74 26.04 11.49 58.47
CA ASP J 74 26.10 12.04 57.12
C ASP J 74 24.88 12.83 56.69
N LEU J 75 23.86 12.88 57.52
CA LEU J 75 22.68 13.59 57.10
C LEU J 75 22.59 14.93 57.80
N GLU J 76 23.02 14.98 59.06
CA GLU J 76 23.03 16.22 59.84
C GLU J 76 24.42 16.81 59.95
N ASP J 77 25.37 16.23 59.24
CA ASP J 77 26.74 16.67 59.20
C ASP J 77 27.43 16.81 60.57
N PHE J 78 27.36 15.75 61.37
CA PHE J 78 27.99 15.74 62.70
C PHE J 78 29.08 14.70 62.94
N VAL J 79 29.97 15.08 63.84
CA VAL J 79 31.05 14.21 64.32
C VAL J 79 30.87 13.98 65.81
N TYR J 80 30.94 12.73 66.27
CA TYR J 80 30.84 12.47 67.72
C TYR J 80 32.03 11.74 68.30
N LEU J 81 32.32 12.05 69.56
CA LEU J 81 33.30 11.34 70.38
C LEU J 81 32.79 11.06 71.78
N GLN J 82 32.81 9.80 72.15
CA GLN J 82 32.38 9.35 73.46
C GLN J 82 33.61 8.95 74.22
N MET J 83 33.87 9.65 75.31
CA MET J 83 35.08 9.38 76.07
C MET J 83 34.76 8.81 77.43
N HIS J 84 34.99 7.51 77.61
CA HIS J 84 34.65 6.83 78.84
C HIS J 84 35.81 6.67 79.78
N LYS J 85 35.50 6.50 81.07
CA LYS J 85 36.52 6.23 82.07
C LYS J 85 37.61 7.29 81.99
N MET J 86 37.21 8.55 81.97
CA MET J 86 38.17 9.63 81.81
C MET J 86 39.26 9.61 82.82
N ARG J 87 40.49 9.77 82.34
CA ARG J 87 41.65 9.79 83.21
C ARG J 87 42.05 11.23 83.42
N VAL J 88 42.79 11.53 84.46
CA VAL J 88 43.22 12.91 84.67
C VAL J 88 44.04 13.38 83.48
N GLU J 89 44.84 12.46 82.96
CA GLU J 89 45.72 12.67 81.83
C GLU J 89 44.98 13.00 80.53
N ASP J 90 43.67 12.84 80.48
CA ASP J 90 42.91 13.13 79.28
C ASP J 90 42.45 14.58 79.24
N THR J 91 42.86 15.38 80.24
CA THR J 91 42.53 16.80 80.17
C THR J 91 43.20 17.35 78.94
N ALA J 92 42.43 18.01 78.09
CA ALA J 92 42.97 18.51 76.83
C ALA J 92 41.98 19.42 76.11
N ILE J 93 42.47 20.09 75.08
CA ILE J 93 41.58 20.84 74.22
C ILE J 93 41.28 19.93 73.07
N TYR J 94 40.03 19.63 72.87
CA TYR J 94 39.65 18.70 71.83
C TYR J 94 39.17 19.44 70.63
N TYR J 95 39.61 19.01 69.46
CA TYR J 95 39.23 19.61 68.21
C TYR J 95 38.75 18.62 67.18
N CYS J 96 37.82 19.06 66.36
CA CYS J 96 37.55 18.28 65.19
C CYS J 96 38.40 18.84 64.10
N ALA J 97 38.85 17.96 63.24
CA ALA J 97 39.60 18.38 62.09
C ALA J 97 39.22 17.54 60.89
N ARG J 98 39.29 18.16 59.73
CA ARG J 98 38.94 17.51 58.50
C ARG J 98 40.11 17.32 57.58
N LYS J 99 40.34 16.09 57.13
CA LYS J 99 41.43 15.87 56.19
C LYS J 99 41.01 16.25 54.80
N GLY J 100 41.87 16.99 54.10
CA GLY J 100 41.57 17.35 52.73
C GLY J 100 42.47 18.36 52.06
N SER J 101 42.25 18.41 50.76
CA SER J 101 42.88 19.27 49.79
C SER J 101 41.88 19.21 48.67
N ASP J 102 41.97 20.06 47.68
CA ASP J 102 41.01 20.03 46.59
C ASP J 102 41.07 18.74 45.77
N ARG J 103 42.21 18.07 45.81
CA ARG J 103 42.42 16.86 45.07
C ARG J 103 41.86 15.60 45.75
N LEU J 104 41.58 15.68 47.05
CA LEU J 104 41.12 14.53 47.82
C LEU J 104 42.02 13.30 47.70
N SER J 105 43.26 13.43 48.14
CA SER J 105 44.24 12.34 48.05
C SER J 105 44.02 11.46 49.24
N ASP J 106 44.77 10.38 49.34
CA ASP J 106 44.59 9.47 50.45
C ASP J 106 45.31 9.90 51.72
N ASN J 107 46.17 10.90 51.62
CA ASN J 107 46.96 11.34 52.77
C ASN J 107 47.01 12.85 52.87
N ASP J 108 45.87 13.48 52.71
CA ASP J 108 45.80 14.92 52.80
C ASP J 108 45.97 15.41 54.23
N PRO J 109 46.48 16.63 54.41
CA PRO J 109 46.66 17.32 55.66
C PRO J 109 45.33 17.77 56.15
N PHE J 110 45.25 18.21 57.39
CA PHE J 110 43.98 18.72 57.84
C PHE J 110 43.84 20.13 57.35
N ASP J 111 42.79 20.40 56.57
CA ASP J 111 42.61 21.75 56.03
C ASP J 111 41.51 22.50 56.73
N ALA J 112 40.84 21.88 57.67
CA ALA J 112 39.83 22.61 58.41
C ALA J 112 39.88 22.16 59.84
N TRP J 113 39.82 23.14 60.71
CA TRP J 113 39.88 22.92 62.13
C TRP J 113 38.82 23.74 62.83
N GLY J 114 38.29 23.22 63.92
CA GLY J 114 37.40 24.05 64.71
C GLY J 114 38.21 24.83 65.73
N PRO J 115 37.57 25.73 66.50
CA PRO J 115 38.19 26.50 67.57
C PRO J 115 38.59 25.65 68.76
N GLY J 116 37.95 24.50 68.92
CA GLY J 116 38.24 23.58 70.00
C GLY J 116 37.37 23.80 71.22
N THR J 117 37.30 22.78 72.08
CA THR J 117 36.56 22.88 73.33
C THR J 117 37.44 22.30 74.43
N VAL J 118 37.18 22.68 75.68
CA VAL J 118 38.02 22.16 76.74
C VAL J 118 37.35 21.16 77.63
N VAL J 119 38.06 20.08 77.84
CA VAL J 119 37.64 19.03 78.72
C VAL J 119 38.63 18.87 79.84
N THR J 120 38.13 18.95 81.06
CA THR J 120 38.99 18.83 82.22
C THR J 120 38.60 17.68 83.10
N VAL J 121 39.59 16.92 83.53
CA VAL J 121 39.30 15.78 84.37
C VAL J 121 39.97 15.95 85.73
N SER J 122 39.17 15.87 86.78
CA SER J 122 39.68 16.05 88.14
C SER J 122 40.15 14.76 88.80
N VAL K 2 -1.50 14.78 70.69
CA VAL K 2 -2.56 14.17 71.47
C VAL K 2 -2.25 14.37 72.94
N VAL K 3 -3.03 15.19 73.62
CA VAL K 3 -2.78 15.43 75.02
C VAL K 3 -3.35 14.30 75.85
N MET K 4 -2.53 13.79 76.77
CA MET K 4 -2.96 12.70 77.61
C MET K 4 -3.23 13.18 79.02
N THR K 5 -4.46 13.05 79.50
CA THR K 5 -4.75 13.52 80.85
C THR K 5 -5.18 12.38 81.76
N GLN K 6 -4.41 12.19 82.84
CA GLN K 6 -4.71 11.11 83.77
C GLN K 6 -5.39 11.59 85.04
N SER K 7 -6.14 10.68 85.67
CA SER K 7 -6.74 10.98 86.96
C SER K 7 -7.10 9.71 87.75
N PRO K 8 -7.19 9.81 89.10
CA PRO K 8 -6.93 10.91 90.02
C PRO K 8 -5.43 11.08 90.12
N SER K 9 -4.94 12.24 90.57
CA SER K 9 -3.48 12.36 90.73
C SER K 9 -2.96 11.42 91.81
N THR K 10 -3.77 11.20 92.84
CA THR K 10 -3.44 10.27 93.89
C THR K 10 -4.61 9.34 94.08
N LEU K 11 -4.35 8.05 94.05
CA LEU K 11 -5.42 7.09 94.26
C LEU K 11 -5.14 6.35 95.55
N SER K 12 -5.93 6.59 96.58
CA SER K 12 -5.67 5.90 97.84
C SER K 12 -6.32 4.53 97.80
N ALA K 13 -5.59 3.50 98.16
CA ALA K 13 -6.13 2.14 98.20
C ALA K 13 -5.34 1.32 99.20
N SER K 14 -5.95 0.28 99.75
CA SER K 14 -5.22 -0.60 100.63
C SER K 14 -4.59 -1.74 99.84
N VAL K 15 -3.67 -2.45 100.47
CA VAL K 15 -3.09 -3.60 99.81
C VAL K 15 -4.21 -4.62 99.82
N GLY K 16 -4.47 -5.22 98.67
CA GLY K 16 -5.54 -6.18 98.49
C GLY K 16 -6.80 -5.57 97.84
N ASP K 17 -6.85 -4.25 97.67
CA ASP K 17 -8.01 -3.61 97.05
C ASP K 17 -8.04 -3.67 95.53
N THR K 18 -9.12 -3.10 94.99
CA THR K 18 -9.34 -2.99 93.55
C THR K 18 -9.43 -1.52 93.22
N ILE K 19 -8.72 -1.11 92.18
CA ILE K 19 -8.75 0.29 91.79
C ILE K 19 -9.02 0.48 90.31
N THR K 20 -9.44 1.68 89.96
CA THR K 20 -9.58 2.06 88.56
C THR K 20 -8.78 3.34 88.30
N ILE K 21 -7.95 3.31 87.28
CA ILE K 21 -7.13 4.47 86.90
C ILE K 21 -7.57 4.90 85.53
N THR K 22 -7.84 6.19 85.30
CA THR K 22 -8.30 6.57 83.98
C THR K 22 -7.37 7.55 83.27
N CYS K 23 -7.52 7.58 81.94
CA CYS K 23 -6.81 8.53 81.10
C CYS K 23 -7.64 8.91 79.88
N ARG K 24 -7.68 10.20 79.62
CA ARG K 24 -8.40 10.70 78.48
C ARG K 24 -7.48 11.22 77.41
N ALA K 25 -7.72 10.76 76.19
CA ALA K 25 -6.94 11.27 75.07
C ALA K 25 -7.70 12.45 74.48
N SER K 26 -6.99 13.51 74.10
CA SER K 26 -7.63 14.65 73.46
C SER K 26 -8.10 14.36 72.03
N GLN K 27 -7.61 13.26 71.45
CA GLN K 27 -7.94 12.77 70.12
C GLN K 27 -8.12 11.28 70.17
N SER K 28 -8.97 10.74 69.33
CA SER K 28 -9.10 9.31 69.35
C SER K 28 -7.83 8.65 68.86
N ILE K 29 -7.40 7.67 69.62
CA ILE K 29 -6.24 6.85 69.34
C ILE K 29 -6.71 5.44 69.63
N GLU K 30 -7.54 4.90 68.76
CA GLU K 30 -8.41 3.82 69.17
C GLU K 30 -7.76 2.65 69.87
N THR K 31 -6.62 2.20 69.36
CA THR K 31 -5.84 1.09 69.91
C THR K 31 -4.41 1.55 70.15
N TRP K 32 -4.21 2.86 70.23
CA TRP K 32 -2.86 3.36 70.37
C TRP K 32 -2.55 3.97 71.71
N LEU K 33 -3.35 3.62 72.72
CA LEU K 33 -3.04 4.09 74.04
C LEU K 33 -2.38 2.93 74.79
N ALA K 34 -1.31 3.27 75.47
CA ALA K 34 -0.52 2.35 76.29
C ALA K 34 -0.37 2.87 77.70
N TRP K 35 -0.11 1.93 78.60
CA TRP K 35 0.17 2.27 79.97
C TRP K 35 1.45 1.62 80.44
N TYR K 36 2.14 2.34 81.30
CA TYR K 36 3.36 1.90 81.96
C TYR K 36 3.27 2.00 83.48
N GLN K 37 3.95 1.09 84.19
CA GLN K 37 4.01 1.11 85.65
C GLN K 37 5.41 1.47 86.09
N GLN K 38 5.56 2.40 87.03
CA GLN K 38 6.90 2.75 87.47
C GLN K 38 7.04 3.00 88.96
N LYS K 39 8.10 2.48 89.53
CA LYS K 39 8.39 2.76 90.92
C LYS K 39 9.59 3.70 90.88
N PRO K 40 9.76 4.60 91.86
CA PRO K 40 10.89 5.50 91.92
C PRO K 40 12.17 4.69 91.89
N GLY K 41 13.14 5.16 91.12
CA GLY K 41 14.43 4.49 91.00
C GLY K 41 14.46 3.46 89.90
N LYS K 42 13.32 3.19 89.26
CA LYS K 42 13.24 2.20 88.22
C LYS K 42 12.79 2.77 86.88
N ALA K 43 13.14 2.08 85.80
CA ALA K 43 12.67 2.40 84.46
C ALA K 43 11.19 2.08 84.44
N PRO K 44 10.34 2.76 83.65
CA PRO K 44 8.94 2.45 83.54
C PRO K 44 8.81 1.14 82.78
N LYS K 45 7.81 0.34 83.08
CA LYS K 45 7.60 -0.91 82.36
C LYS K 45 6.26 -0.98 81.69
N LEU K 46 6.24 -1.54 80.48
CA LEU K 46 5.00 -1.66 79.73
C LEU K 46 4.02 -2.62 80.36
N LEU K 47 2.79 -2.14 80.47
CA LEU K 47 1.68 -2.89 81.01
C LEU K 47 0.68 -3.22 79.94
N ILE K 48 0.24 -2.14 79.29
CA ILE K 48 -0.84 -2.08 78.32
C ILE K 48 -0.45 -1.42 77.05
N TYR K 49 -0.95 -1.95 75.98
CA TYR K 49 -0.82 -1.46 74.64
C TYR K 49 -2.09 -1.87 73.96
N LYS K 50 -2.48 -1.25 72.88
CA LYS K 50 -3.71 -1.69 72.27
C LYS K 50 -4.88 -1.68 73.26
N ALA K 51 -4.99 -0.56 73.99
CA ALA K 51 -6.10 -0.22 74.90
C ALA K 51 -6.22 -1.08 76.15
N SER K 52 -6.45 -2.36 75.96
CA SER K 52 -6.66 -3.29 77.06
C SER K 52 -5.68 -4.45 77.08
N THR K 53 -5.00 -4.68 75.96
CA THR K 53 -4.13 -5.84 75.86
C THR K 53 -2.92 -5.70 76.77
N LEU K 54 -2.64 -6.74 77.54
CA LEU K 54 -1.48 -6.69 78.42
C LEU K 54 -0.24 -7.34 77.86
N LYS K 55 0.88 -6.91 78.40
CA LYS K 55 2.17 -7.50 78.07
C LYS K 55 2.34 -8.87 78.69
N THR K 56 2.95 -9.78 77.94
CA THR K 56 3.23 -11.09 78.48
C THR K 56 4.14 -10.94 79.69
N GLY K 57 3.78 -11.59 80.79
CA GLY K 57 4.56 -11.53 82.03
C GLY K 57 3.87 -10.65 83.08
N VAL K 58 2.90 -9.86 82.64
CA VAL K 58 2.11 -9.02 83.51
C VAL K 58 1.18 -9.96 84.30
N PRO K 59 1.04 -9.80 85.62
CA PRO K 59 0.21 -10.63 86.48
C PRO K 59 -1.26 -10.47 86.18
N SER K 60 -2.03 -11.50 86.51
CA SER K 60 -3.50 -11.59 86.28
C SER K 60 -4.31 -10.56 87.04
N ARG K 61 -3.68 -9.93 88.00
CA ARG K 61 -4.27 -8.87 88.81
C ARG K 61 -4.58 -7.69 87.91
N PHE K 62 -3.80 -7.57 86.85
CA PHE K 62 -3.86 -6.43 85.99
C PHE K 62 -4.42 -6.65 84.59
N SER K 63 -5.28 -5.74 84.16
CA SER K 63 -5.79 -5.71 82.77
C SER K 63 -6.24 -4.30 82.45
N GLY K 64 -6.42 -3.95 81.16
CA GLY K 64 -6.93 -2.61 80.91
C GLY K 64 -8.30 -2.64 80.25
N SER K 65 -8.78 -1.47 79.88
CA SER K 65 -10.06 -1.32 79.21
C SER K 65 -10.21 0.02 78.50
N GLY K 66 -11.37 0.18 77.88
CA GLY K 66 -11.74 1.41 77.19
C GLY K 66 -11.27 1.48 75.76
N SER K 67 -11.64 2.56 75.09
CA SER K 67 -11.30 2.74 73.68
C SER K 67 -11.45 4.17 73.18
N GLY K 68 -10.80 4.45 72.05
CA GLY K 68 -11.01 5.73 71.39
C GLY K 68 -10.29 6.82 72.15
N THR K 69 -11.03 7.44 73.07
CA THR K 69 -10.46 8.46 73.93
C THR K 69 -10.54 8.10 75.40
N GLU K 70 -11.39 7.14 75.75
CA GLU K 70 -11.65 6.87 77.15
C GLU K 70 -11.06 5.55 77.58
N PHE K 71 -9.94 5.59 78.31
CA PHE K 71 -9.26 4.37 78.65
C PHE K 71 -9.03 4.24 80.14
N THR K 72 -9.05 3.00 80.61
CA THR K 72 -8.77 2.74 82.02
C THR K 72 -7.87 1.54 82.28
N LEU K 73 -7.36 1.49 83.51
CA LEU K 73 -6.68 0.33 84.03
C LEU K 73 -7.49 -0.26 85.15
N THR K 74 -7.62 -1.58 85.14
CA THR K 74 -8.30 -2.28 86.21
C THR K 74 -7.27 -3.09 86.96
N ILE K 75 -7.14 -2.84 88.25
CA ILE K 75 -6.17 -3.62 88.98
C ILE K 75 -6.87 -4.22 90.18
N SER K 76 -6.81 -5.55 90.34
CA SER K 76 -7.54 -6.19 91.44
C SER K 76 -6.76 -7.12 92.36
N GLY K 77 -6.67 -6.72 93.63
CA GLY K 77 -5.92 -7.46 94.64
C GLY K 77 -4.51 -6.93 94.67
N LEU K 78 -4.40 -5.60 94.74
CA LEU K 78 -3.11 -4.93 94.62
C LEU K 78 -2.09 -5.31 95.65
N GLN K 79 -0.88 -5.49 95.17
CA GLN K 79 0.24 -5.83 96.02
C GLN K 79 1.05 -4.61 96.29
N PHE K 80 2.07 -4.71 97.11
CA PHE K 80 2.86 -3.52 97.43
C PHE K 80 3.53 -2.92 96.20
N ASP K 81 3.83 -3.75 95.22
CA ASP K 81 4.53 -3.29 94.02
C ASP K 81 3.59 -2.60 93.06
N ASP K 82 2.30 -2.65 93.33
CA ASP K 82 1.34 -2.01 92.45
C ASP K 82 1.04 -0.59 92.89
N PHE K 83 1.63 -0.15 94.01
CA PHE K 83 1.41 1.22 94.49
C PHE K 83 2.48 2.11 93.87
N ALA K 84 2.40 2.09 92.55
CA ALA K 84 3.29 2.65 91.56
C ALA K 84 2.70 3.85 90.88
N THR K 85 3.57 4.57 90.18
CA THR K 85 3.11 5.66 89.37
C THR K 85 2.71 5.03 88.06
N TYR K 86 1.56 5.40 87.56
CA TYR K 86 1.12 4.86 86.29
C TYR K 86 1.19 5.94 85.27
N HIS K 87 1.55 5.57 84.07
CA HIS K 87 1.66 6.55 83.03
C HIS K 87 0.88 6.17 81.81
N CYS K 88 0.18 7.15 81.32
CA CYS K 88 -0.64 7.06 80.14
C CYS K 88 0.05 7.64 78.93
N GLN K 89 0.12 6.91 77.83
CA GLN K 89 0.75 7.49 76.64
C GLN K 89 0.07 7.14 75.33
N HIS K 90 0.26 8.03 74.38
CA HIS K 90 -0.14 7.81 73.00
C HIS K 90 1.07 7.36 72.26
N TYR K 91 0.98 6.26 71.55
CA TYR K 91 2.13 5.90 70.77
C TYR K 91 1.80 5.94 69.29
N ALA K 92 2.78 6.38 68.50
CA ALA K 92 2.69 6.46 67.06
C ALA K 92 4.07 6.20 66.48
N GLY K 93 4.15 5.82 65.22
CA GLY K 93 5.43 5.47 64.63
C GLY K 93 6.54 6.51 64.73
N TYR K 94 6.23 7.80 64.67
CA TYR K 94 7.31 8.76 64.73
C TYR K 94 7.25 9.65 65.95
N SER K 95 6.40 9.32 66.92
CA SER K 95 6.21 10.18 68.08
C SER K 95 5.54 9.50 69.25
N ALA K 96 5.48 10.20 70.36
CA ALA K 96 4.74 9.74 71.50
C ALA K 96 4.30 10.93 72.30
N THR K 97 3.24 10.75 73.07
CA THR K 97 2.87 11.81 74.00
C THR K 97 2.63 11.12 75.32
N PHE K 98 2.86 11.84 76.40
CA PHE K 98 2.67 11.24 77.71
C PHE K 98 1.82 12.07 78.65
N GLY K 99 1.16 11.37 79.57
CA GLY K 99 0.42 12.03 80.63
C GLY K 99 1.36 12.42 81.76
N GLN K 100 0.78 13.11 82.74
CA GLN K 100 1.55 13.61 83.88
C GLN K 100 1.89 12.53 84.88
N GLY K 101 1.21 11.41 84.80
CA GLY K 101 1.41 10.31 85.70
C GLY K 101 0.52 10.42 86.93
N THR K 102 0.10 9.29 87.47
CA THR K 102 -0.70 9.28 88.69
C THR K 102 -0.13 8.25 89.63
N ARG K 103 -0.32 8.39 90.93
CA ARG K 103 0.20 7.34 91.78
C ARG K 103 -0.84 6.74 92.67
N VAL K 104 -0.73 5.44 92.85
CA VAL K 104 -1.60 4.75 93.75
C VAL K 104 -0.81 4.59 95.04
N GLU K 105 -1.38 5.01 96.14
CA GLU K 105 -0.68 4.96 97.42
C GLU K 105 -1.43 4.06 98.37
N ILE K 106 -0.72 3.41 99.27
CA ILE K 106 -1.38 2.49 100.17
C ILE K 106 -2.33 3.23 101.11
N GLU L 1 19.91 -10.51 78.36
CA GLU L 1 18.65 -9.81 78.17
C GLU L 1 18.82 -8.58 77.32
N VAL L 2 17.73 -7.86 77.10
CA VAL L 2 17.82 -6.66 76.30
C VAL L 2 18.31 -5.51 77.16
N GLN L 3 19.47 -4.94 76.83
CA GLN L 3 19.98 -3.86 77.65
C GLN L 3 20.14 -2.60 76.85
N LEU L 4 19.70 -1.51 77.42
CA LEU L 4 19.84 -0.19 76.85
C LEU L 4 20.42 0.68 77.94
N VAL L 5 21.60 1.27 77.74
CA VAL L 5 22.21 2.01 78.84
C VAL L 5 22.65 3.43 78.55
N GLU L 6 22.09 4.37 79.31
CA GLU L 6 22.37 5.80 79.24
C GLU L 6 23.73 6.16 79.84
N SER L 7 24.40 7.10 79.19
CA SER L 7 25.65 7.64 79.73
C SER L 7 25.84 9.10 79.32
N GLY L 8 26.78 9.77 80.01
CA GLY L 8 27.09 11.16 79.69
C GLY L 8 26.25 12.21 80.41
N GLY L 9 25.63 11.86 81.53
CA GLY L 9 24.80 12.84 82.25
C GLY L 9 25.70 13.78 83.06
N GLY L 10 25.12 14.64 83.90
CA GLY L 10 25.92 15.61 84.63
C GLY L 10 25.23 16.97 84.83
N LEU L 11 26.01 17.96 85.29
CA LEU L 11 25.51 19.31 85.56
C LEU L 11 25.85 20.30 84.46
N VAL L 12 24.82 20.99 84.00
CA VAL L 12 24.88 21.98 82.93
C VAL L 12 24.48 23.36 83.41
N LYS L 13 25.24 24.37 83.06
CA LYS L 13 24.78 25.72 83.38
C LYS L 13 23.78 26.09 82.30
N ALA L 14 22.66 26.70 82.67
CA ALA L 14 21.66 27.03 81.66
C ALA L 14 22.29 27.90 80.58
N GLY L 15 21.89 27.59 79.35
CA GLY L 15 22.34 28.26 78.15
C GLY L 15 23.45 27.44 77.45
N GLY L 16 23.98 26.44 78.16
CA GLY L 16 25.05 25.58 77.64
C GLY L 16 24.54 24.31 76.99
N SER L 17 25.37 23.26 77.02
CA SER L 17 25.00 22.03 76.34
C SER L 17 25.51 20.77 77.03
N LEU L 18 24.86 19.67 76.70
CA LEU L 18 25.21 18.34 77.17
C LEU L 18 24.77 17.31 76.14
N ILE L 19 25.63 16.35 75.87
CA ILE L 19 25.27 15.34 74.93
C ILE L 19 25.16 14.00 75.61
N LEU L 20 24.05 13.32 75.41
CA LEU L 20 23.79 12.00 75.96
C LEU L 20 23.85 10.92 74.91
N SER L 21 24.17 9.72 75.34
CA SER L 21 24.06 8.61 74.43
C SER L 21 23.71 7.33 75.13
N CYS L 22 23.20 6.38 74.37
CA CYS L 22 22.93 5.08 74.94
C CYS L 22 23.56 3.96 74.14
N GLY L 23 24.18 3.02 74.86
CA GLY L 23 24.74 1.84 74.22
C GLY L 23 23.73 0.72 74.36
N VAL L 24 23.94 -0.38 73.65
CA VAL L 24 23.03 -1.50 73.80
C VAL L 24 23.76 -2.81 73.94
N SER L 25 23.03 -3.81 74.39
CA SER L 25 23.58 -5.16 74.40
C SER L 25 22.51 -6.19 74.06
N ASN L 26 22.97 -7.18 73.29
CA ASN L 26 22.23 -8.33 72.77
C ASN L 26 21.12 -8.01 71.78
N PHE L 27 21.21 -6.88 71.11
CA PHE L 27 20.28 -6.54 70.06
C PHE L 27 20.93 -5.52 69.17
N ARG L 28 20.34 -5.28 68.02
CA ARG L 28 20.83 -4.25 67.12
C ARG L 28 19.81 -3.16 67.06
N ILE L 29 20.20 -1.92 66.80
CA ILE L 29 19.19 -0.88 66.73
C ILE L 29 18.75 -0.62 65.32
N SER L 30 19.37 -1.26 64.35
CA SER L 30 19.05 -1.00 62.96
C SER L 30 17.62 -1.39 62.59
N ALA L 31 17.00 -2.21 63.42
CA ALA L 31 15.64 -2.67 63.25
C ALA L 31 14.63 -1.89 64.09
N HIS L 32 15.07 -0.89 64.83
CA HIS L 32 14.16 -0.17 65.71
C HIS L 32 14.30 1.34 65.67
N THR L 33 13.18 1.99 65.89
CA THR L 33 13.12 3.42 66.09
C THR L 33 13.48 3.68 67.53
N MET L 34 14.34 4.66 67.73
CA MET L 34 14.79 4.96 69.06
C MET L 34 14.20 6.28 69.49
N ASN L 35 13.89 6.38 70.76
CA ASN L 35 13.32 7.58 71.31
C ASN L 35 13.93 8.03 72.58
N TRP L 36 13.83 9.31 72.82
CA TRP L 36 14.25 9.86 74.08
C TRP L 36 13.03 10.28 74.83
N VAL L 37 13.00 9.87 76.09
CA VAL L 37 11.92 10.18 77.01
C VAL L 37 12.48 10.80 78.27
N ARG L 38 11.85 11.85 78.70
CA ARG L 38 12.24 12.57 79.88
C ARG L 38 11.35 12.31 81.07
N ARG L 39 11.94 11.95 82.21
CA ARG L 39 11.15 11.79 83.41
C ARG L 39 11.31 13.07 84.20
N VAL L 40 10.24 13.82 84.23
CA VAL L 40 10.30 15.16 84.78
C VAL L 40 10.38 15.06 86.30
N PRO L 41 10.80 16.10 87.03
CA PRO L 41 10.89 16.14 88.48
C PRO L 41 9.59 15.75 89.20
N GLY L 42 8.44 15.96 88.56
CA GLY L 42 7.16 15.62 89.17
C GLY L 42 6.85 14.13 89.05
N GLY L 43 7.70 13.38 88.35
CA GLY L 43 7.55 11.94 88.15
C GLY L 43 6.78 11.53 86.89
N GLY L 44 6.35 12.49 86.09
CA GLY L 44 5.61 12.20 84.87
C GLY L 44 6.57 12.02 83.72
N LEU L 45 6.05 11.79 82.52
CA LEU L 45 6.97 11.60 81.41
C LEU L 45 6.71 12.63 80.34
N GLU L 46 7.76 12.97 79.62
CA GLU L 46 7.68 13.86 78.50
C GLU L 46 8.41 13.26 77.29
N TRP L 47 7.77 13.25 76.15
CA TRP L 47 8.46 12.75 74.98
C TRP L 47 9.44 13.82 74.57
N VAL L 48 10.66 13.45 74.23
CA VAL L 48 11.63 14.43 73.81
C VAL L 48 11.94 14.37 72.33
N ALA L 49 12.22 13.18 71.83
CA ALA L 49 12.62 13.05 70.43
C ALA L 49 12.48 11.64 69.89
N SER L 50 12.39 11.54 68.55
CA SER L 50 12.39 10.23 67.89
C SER L 50 13.25 10.22 66.66
N ILE L 51 13.91 9.10 66.44
CA ILE L 51 14.66 8.87 65.22
C ILE L 51 14.35 7.49 64.65
N SER L 52 13.90 7.47 63.40
CA SER L 52 13.53 6.24 62.70
C SER L 52 14.74 5.50 62.18
N THR L 53 14.54 4.27 61.73
CA THR L 53 15.69 3.58 61.22
C THR L 53 16.07 4.25 59.93
N SER L 54 17.37 4.19 59.62
CA SER L 54 17.96 4.80 58.44
C SER L 54 17.77 6.31 58.42
N SER L 55 17.34 6.88 59.55
CA SER L 55 17.07 8.29 59.71
C SER L 55 16.11 8.76 58.64
N THR L 56 15.10 7.94 58.31
CA THR L 56 14.15 8.37 57.32
C THR L 56 13.42 9.59 57.87
N TYR L 57 13.03 9.51 59.14
CA TYR L 57 12.33 10.57 59.83
C TYR L 57 12.96 10.87 61.16
N ARG L 58 12.96 12.15 61.52
CA ARG L 58 13.38 12.58 62.83
C ARG L 58 12.44 13.65 63.31
N ASP L 59 12.08 13.64 64.58
CA ASP L 59 11.30 14.76 65.06
C ASP L 59 11.53 14.98 66.53
N TYR L 60 10.95 16.06 67.04
CA TYR L 60 11.17 16.49 68.41
C TYR L 60 9.94 17.02 69.08
N ALA L 61 9.91 16.97 70.39
CA ALA L 61 8.82 17.64 71.08
C ALA L 61 9.01 19.13 70.83
N ASP L 62 7.91 19.86 70.69
CA ASP L 62 7.99 21.30 70.44
C ASP L 62 8.76 22.02 71.52
N ALA L 63 8.67 21.52 72.73
CA ALA L 63 9.32 22.10 73.89
C ALA L 63 10.84 22.18 73.74
N VAL L 64 11.42 21.26 72.99
CA VAL L 64 12.86 21.20 72.84
C VAL L 64 13.32 21.34 71.39
N LYS L 65 12.41 21.20 70.44
CA LYS L 65 12.79 21.20 69.06
C LYS L 65 13.56 22.44 68.69
N GLY L 66 14.74 22.25 68.11
CA GLY L 66 15.53 23.40 67.68
C GLY L 66 16.62 23.73 68.69
N ARG L 67 16.53 23.13 69.87
CA ARG L 67 17.53 23.32 70.90
C ARG L 67 18.15 21.95 70.96
N PHE L 68 17.29 20.97 70.69
CA PHE L 68 17.70 19.58 70.70
C PHE L 68 17.75 19.00 69.29
N THR L 69 18.69 18.06 69.12
CA THR L 69 18.87 17.25 67.92
C THR L 69 19.29 15.80 68.26
N VAL L 70 18.92 14.83 67.43
CA VAL L 70 19.29 13.43 67.69
C VAL L 70 19.94 12.72 66.52
N SER L 71 20.62 11.63 66.85
CA SER L 71 21.30 10.78 65.87
C SER L 71 21.35 9.33 66.29
N ARG L 72 21.96 8.51 65.45
CA ARG L 72 22.10 7.09 65.71
C ARG L 72 23.23 6.48 64.90
N ASP L 73 23.91 5.52 65.49
CA ASP L 73 24.98 4.79 64.86
C ASP L 73 24.64 3.33 64.74
N ASP L 74 24.28 2.89 63.55
CA ASP L 74 23.79 1.54 63.35
C ASP L 74 24.87 0.48 63.28
N LEU L 75 26.12 0.87 63.36
CA LEU L 75 27.17 -0.11 63.32
C LEU L 75 27.61 -0.40 64.74
N GLU L 76 27.70 0.66 65.54
CA GLU L 76 28.08 0.51 66.94
C GLU L 76 26.85 0.50 67.86
N ASP L 77 25.68 0.67 67.27
CA ASP L 77 24.38 0.71 67.91
C ASP L 77 24.22 1.75 68.99
N PHE L 78 24.71 2.95 68.73
CA PHE L 78 24.55 4.03 69.68
C PHE L 78 23.41 4.95 69.34
N VAL L 79 22.78 5.43 70.38
CA VAL L 79 21.71 6.39 70.26
C VAL L 79 22.20 7.72 70.80
N TYR L 80 22.07 8.83 70.06
CA TYR L 80 22.56 10.11 70.58
C TYR L 80 21.52 11.22 70.68
N LEU L 81 21.68 12.04 71.72
CA LEU L 81 20.92 13.28 71.91
C LEU L 81 21.78 14.45 72.29
N GLN L 82 21.73 15.48 71.48
CA GLN L 82 22.51 16.67 71.77
C GLN L 82 21.60 17.78 72.21
N MET L 83 21.81 18.24 73.42
CA MET L 83 20.97 19.28 73.96
C MET L 83 21.78 20.55 74.04
N HIS L 84 21.30 21.63 73.42
CA HIS L 84 21.99 22.91 73.43
C HIS L 84 21.07 23.99 73.93
N LYS L 85 21.63 25.05 74.54
CA LYS L 85 20.78 26.15 74.99
C LYS L 85 19.77 25.55 75.94
N MET L 86 20.31 24.74 76.84
CA MET L 86 19.56 24.02 77.85
C MET L 86 19.03 24.94 78.91
N ARG L 87 17.86 24.62 79.43
CA ARG L 87 17.21 25.43 80.45
C ARG L 87 17.07 24.69 81.76
N VAL L 88 16.80 25.42 82.82
CA VAL L 88 16.61 24.82 84.14
C VAL L 88 15.47 23.81 84.05
N GLU L 89 14.45 24.16 83.26
CA GLU L 89 13.26 23.37 83.00
C GLU L 89 13.56 22.00 82.38
N ASP L 90 14.76 21.81 81.84
CA ASP L 90 15.15 20.57 81.20
C ASP L 90 15.78 19.60 82.22
N THR L 91 15.82 19.98 83.50
CA THR L 91 16.35 19.07 84.50
C THR L 91 15.45 17.85 84.54
N ALA L 92 16.03 16.66 84.41
CA ALA L 92 15.23 15.44 84.37
C ALA L 92 16.08 14.18 84.39
N ILE L 93 15.41 13.05 84.55
CA ILE L 93 16.09 11.80 84.31
C ILE L 93 15.83 11.45 82.86
N TYR L 94 16.87 11.24 82.12
CA TYR L 94 16.70 10.96 80.71
C TYR L 94 16.83 9.51 80.41
N TYR L 95 15.96 9.04 79.55
CA TYR L 95 15.93 7.67 79.10
C TYR L 95 15.97 7.49 77.62
N CYS L 96 16.64 6.44 77.20
CA CYS L 96 16.46 6.01 75.84
C CYS L 96 15.39 4.97 75.90
N ALA L 97 14.62 4.89 74.83
CA ALA L 97 13.60 3.87 74.75
C ALA L 97 13.53 3.31 73.34
N ARG L 98 13.25 2.03 73.29
CA ARG L 98 13.12 1.33 72.03
C ARG L 98 11.68 1.02 71.74
N LYS L 99 11.25 1.32 70.52
CA LYS L 99 9.91 0.96 70.10
C LYS L 99 9.93 -0.47 69.59
N GLY L 100 8.96 -1.26 70.03
CA GLY L 100 8.91 -2.63 69.58
C GLY L 100 7.87 -3.53 70.25
N SER L 101 7.87 -4.75 69.76
CA SER L 101 7.01 -5.84 70.11
C SER L 101 7.74 -7.09 69.65
N ASP L 102 7.26 -8.29 70.00
CA ASP L 102 7.93 -9.49 69.51
C ASP L 102 7.82 -9.59 67.98
N ARG L 103 6.69 -9.14 67.45
CA ARG L 103 6.43 -9.10 66.02
C ARG L 103 6.17 -7.64 65.70
N LEU L 104 7.12 -7.00 65.03
CA LEU L 104 7.08 -5.57 64.82
C LEU L 104 6.11 -5.07 63.78
N SER L 105 5.57 -3.90 64.05
CA SER L 105 4.71 -3.21 63.11
C SER L 105 4.81 -1.72 63.31
N ASP L 106 3.95 -0.99 62.64
CA ASP L 106 4.00 0.45 62.81
C ASP L 106 3.35 0.76 64.13
N ASN L 107 3.66 1.92 64.67
CA ASN L 107 3.07 2.40 65.89
C ASN L 107 3.22 1.40 67.04
N ASP L 108 4.38 0.82 67.30
CA ASP L 108 4.39 -0.06 68.47
C ASP L 108 4.60 0.74 69.77
N PRO L 109 4.52 0.11 70.96
CA PRO L 109 4.83 0.60 72.31
C PRO L 109 6.33 0.62 72.52
N PHE L 110 6.79 1.20 73.63
CA PHE L 110 8.22 1.14 73.92
C PHE L 110 8.46 -0.14 74.70
N ASP L 111 9.22 -1.08 74.12
CA ASP L 111 9.39 -2.37 74.79
C ASP L 111 10.70 -2.50 75.54
N ALA L 112 11.55 -1.49 75.45
CA ALA L 112 12.77 -1.54 76.21
C ALA L 112 13.16 -0.15 76.62
N TRP L 113 13.59 -0.07 77.86
CA TRP L 113 14.00 1.19 78.45
C TRP L 113 15.31 1.00 79.13
N GLY L 114 16.13 2.04 79.14
CA GLY L 114 17.35 1.93 79.92
C GLY L 114 17.01 2.31 81.35
N PRO L 115 17.96 2.23 82.30
CA PRO L 115 17.79 2.62 83.69
C PRO L 115 17.62 4.13 83.87
N GLY L 116 18.16 4.89 82.92
CA GLY L 116 18.08 6.35 82.92
C GLY L 116 19.29 7.01 83.54
N THR L 117 19.58 8.24 83.11
CA THR L 117 20.69 9.01 83.68
C THR L 117 20.19 10.37 84.09
N VAL L 118 21.02 11.14 84.76
CA VAL L 118 20.54 12.44 85.22
C VAL L 118 21.23 13.62 84.63
N VAL L 119 20.39 14.55 84.19
CA VAL L 119 20.85 15.80 83.66
C VAL L 119 20.26 16.92 84.50
N THR L 120 21.12 17.73 85.07
CA THR L 120 20.66 18.83 85.91
C THR L 120 21.08 20.13 85.32
N VAL L 121 20.16 21.08 85.21
CA VAL L 121 20.54 22.34 84.64
C VAL L 121 20.36 23.46 85.67
N SER L 122 21.42 24.24 85.86
CA SER L 122 21.43 25.32 86.84
C SER L 122 21.02 26.68 86.30
N TRP M 5 -41.59 -38.78 21.53
CA TRP M 5 -41.49 -37.90 22.68
C TRP M 5 -40.79 -36.62 22.35
N VAL M 6 -39.49 -36.54 22.65
CA VAL M 6 -38.80 -35.33 22.23
C VAL M 6 -38.42 -35.58 20.79
N THR M 7 -38.85 -34.70 19.91
CA THR M 7 -38.49 -34.85 18.53
C THR M 7 -37.90 -33.56 18.05
N VAL M 8 -37.13 -33.64 16.99
CA VAL M 8 -36.45 -32.46 16.48
C VAL M 8 -36.77 -32.23 15.02
N TYR M 9 -36.96 -30.96 14.70
CA TYR M 9 -37.30 -30.51 13.37
C TYR M 9 -36.25 -29.55 12.88
N TYR M 10 -35.95 -29.59 11.58
CA TYR M 10 -34.91 -28.72 11.06
C TYR M 10 -35.36 -27.45 10.36
N GLY M 11 -36.09 -27.53 9.27
CA GLY M 11 -36.42 -26.30 8.52
C GLY M 11 -37.55 -25.48 9.13
N VAL M 12 -37.39 -25.08 10.37
CA VAL M 12 -38.39 -24.38 11.13
C VAL M 12 -38.17 -22.89 10.93
N PRO M 13 -39.22 -22.09 10.76
CA PRO M 13 -39.18 -20.67 10.51
C PRO M 13 -38.89 -19.86 11.74
N VAL M 14 -37.73 -20.04 12.31
CA VAL M 14 -37.40 -19.32 13.50
C VAL M 14 -36.19 -18.46 13.31
N TRP M 15 -36.35 -17.20 13.65
CA TRP M 15 -35.27 -16.26 13.51
C TRP M 15 -35.15 -15.32 14.67
N LYS M 16 -33.95 -14.79 14.81
CA LYS M 16 -33.58 -13.87 15.87
C LYS M 16 -32.88 -12.65 15.32
N ASP M 17 -32.94 -11.55 16.05
CA ASP M 17 -32.22 -10.36 15.62
C ASP M 17 -30.77 -10.71 15.50
N ALA M 18 -30.11 -10.27 14.44
CA ALA M 18 -28.71 -10.62 14.31
C ALA M 18 -27.91 -9.62 13.55
N GLU M 19 -26.61 -9.63 13.77
CA GLU M 19 -25.75 -8.77 13.01
C GLU M 19 -24.70 -9.56 12.27
N THR M 20 -24.68 -9.39 10.97
CA THR M 20 -23.71 -10.04 10.12
C THR M 20 -23.26 -9.09 9.07
N THR M 21 -22.34 -9.55 8.25
CA THR M 21 -21.83 -8.76 7.17
C THR M 21 -22.74 -8.89 5.98
N LEU M 22 -23.20 -7.77 5.44
CA LEU M 22 -24.03 -7.82 4.26
C LEU M 22 -23.17 -7.46 3.09
N PHE M 23 -23.52 -7.96 1.92
CA PHE M 23 -22.70 -7.66 0.75
C PHE M 23 -23.46 -6.98 -0.36
N CYS M 24 -22.72 -6.31 -1.22
CA CYS M 24 -23.24 -5.61 -2.38
C CYS M 24 -23.64 -6.54 -3.49
N ALA M 25 -24.71 -6.16 -4.16
CA ALA M 25 -25.18 -6.74 -5.40
C ALA M 25 -25.59 -5.57 -6.30
N SER M 26 -25.45 -5.71 -7.61
CA SER M 26 -25.84 -4.61 -8.50
C SER M 26 -26.43 -5.16 -9.77
N ASP M 27 -26.90 -4.30 -10.64
CA ASP M 27 -27.52 -4.81 -11.86
C ASP M 27 -26.48 -5.04 -12.96
N ALA M 28 -25.21 -4.81 -12.63
CA ALA M 28 -24.12 -4.99 -13.57
C ALA M 28 -24.51 -4.53 -14.97
N LYS M 35 -19.16 3.85 -16.46
CA LYS M 35 -18.43 2.67 -16.03
C LYS M 35 -17.32 3.07 -15.09
N HIS M 36 -16.87 2.14 -14.23
CA HIS M 36 -15.75 2.36 -13.33
C HIS M 36 -15.94 3.57 -12.45
N ASN M 37 -17.12 3.67 -11.86
CA ASN M 37 -17.42 4.80 -11.01
C ASN M 37 -16.80 4.64 -9.65
N VAL M 38 -16.94 5.66 -8.84
CA VAL M 38 -16.31 5.70 -7.53
C VAL M 38 -16.79 4.60 -6.59
N TRP M 39 -17.94 3.98 -6.89
CA TRP M 39 -18.51 2.92 -6.00
C TRP M 39 -18.23 1.53 -6.57
N ALA M 40 -17.33 1.43 -7.54
CA ALA M 40 -16.85 0.18 -8.12
C ALA M 40 -17.90 -0.90 -8.21
N THR M 41 -19.12 -0.55 -8.62
CA THR M 41 -20.21 -1.50 -8.65
C THR M 41 -20.21 -2.39 -9.87
N HIS M 42 -19.09 -3.08 -10.04
CA HIS M 42 -18.84 -4.05 -11.07
C HIS M 42 -18.42 -5.26 -10.30
N ALA M 43 -17.92 -4.97 -9.11
CA ALA M 43 -17.35 -5.95 -8.20
C ALA M 43 -18.41 -6.59 -7.34
N CYS M 44 -19.62 -6.12 -7.50
CA CYS M 44 -20.75 -6.53 -6.68
C CYS M 44 -21.48 -7.80 -7.05
N VAL M 45 -21.20 -8.41 -8.19
CA VAL M 45 -21.96 -9.59 -8.63
C VAL M 45 -23.36 -9.11 -9.07
N PRO M 46 -23.87 -9.55 -10.22
CA PRO M 46 -25.20 -9.24 -10.69
C PRO M 46 -26.29 -9.68 -9.73
N THR M 47 -27.35 -8.88 -9.70
CA THR M 47 -28.56 -9.13 -8.94
C THR M 47 -29.42 -10.22 -9.50
N ASP M 48 -30.34 -10.64 -8.64
CA ASP M 48 -31.35 -11.64 -8.90
C ASP M 48 -32.44 -11.05 -9.78
N PRO M 49 -32.68 -11.56 -11.00
CA PRO M 49 -33.73 -11.11 -11.90
C PRO M 49 -35.13 -11.30 -11.31
N ASN M 50 -35.26 -12.18 -10.32
CA ASN M 50 -36.56 -12.44 -9.73
C ASN M 50 -36.50 -12.51 -8.21
N PRO M 51 -36.23 -11.39 -7.52
CA PRO M 51 -36.03 -11.30 -6.09
C PRO M 51 -37.37 -11.32 -5.41
N GLN M 52 -38.08 -12.43 -5.53
CA GLN M 52 -39.41 -12.52 -4.98
C GLN M 52 -39.39 -12.60 -3.47
N GLU M 53 -40.14 -11.70 -2.85
CA GLU M 53 -40.25 -11.67 -1.40
C GLU M 53 -41.18 -12.75 -0.93
N ILE M 54 -40.97 -13.18 0.29
CA ILE M 54 -41.91 -14.11 0.84
C ILE M 54 -42.72 -13.44 1.91
N HIS M 55 -44.00 -13.24 1.65
CA HIS M 55 -44.78 -12.57 2.67
C HIS M 55 -44.90 -13.49 3.84
N LEU M 56 -44.76 -12.98 5.05
CA LEU M 56 -44.94 -13.89 6.14
C LEU M 56 -46.33 -13.74 6.73
N GLU M 57 -47.18 -14.70 6.41
CA GLU M 57 -48.56 -14.65 6.87
C GLU M 57 -48.66 -14.77 8.38
N ASN M 58 -49.49 -13.93 8.99
CA ASN M 58 -49.74 -13.90 10.42
C ASN M 58 -48.47 -13.68 11.24
N VAL M 59 -47.59 -12.82 10.75
CA VAL M 59 -46.36 -12.53 11.45
C VAL M 59 -46.20 -11.07 11.79
N THR M 60 -45.83 -10.85 13.03
CA THR M 60 -45.53 -9.53 13.53
C THR M 60 -44.04 -9.45 13.72
N GLU M 61 -43.54 -8.24 13.80
CA GLU M 61 -42.11 -8.01 13.92
C GLU M 61 -41.84 -6.64 14.56
N GLU M 62 -40.66 -6.44 15.13
CA GLU M 62 -40.31 -5.13 15.70
C GLU M 62 -39.05 -4.49 15.10
N PHE M 63 -39.19 -3.24 14.69
CA PHE M 63 -38.13 -2.51 14.02
C PHE M 63 -37.70 -1.23 14.76
N ASN M 64 -36.46 -0.80 14.54
CA ASN M 64 -36.00 0.47 15.10
C ASN M 64 -34.94 1.07 14.18
N MET M 65 -35.31 2.06 13.40
CA MET M 65 -34.40 2.60 12.41
C MET M 65 -33.21 3.32 13.01
N TRP M 66 -33.43 3.64 14.35
CA TRP M 66 -32.41 4.47 15.03
C TRP M 66 -31.41 3.59 15.78
N LYS M 67 -31.48 2.26 15.58
CA LYS M 67 -30.60 1.32 16.23
C LYS M 67 -30.21 0.26 15.22
N ASN M 68 -30.46 0.57 13.96
CA ASN M 68 -30.28 -0.34 12.84
C ASN M 68 -28.85 -0.34 12.33
N ASN M 69 -28.15 -1.46 12.50
CA ASN M 69 -26.73 -1.54 12.16
C ASN M 69 -26.47 -1.61 10.67
N MET M 70 -27.54 -1.68 9.89
CA MET M 70 -27.38 -1.70 8.45
C MET M 70 -26.89 -0.33 8.04
N VAL M 71 -27.20 0.69 8.85
CA VAL M 71 -26.81 2.05 8.53
C VAL M 71 -25.33 2.16 8.71
N GLU M 72 -24.82 1.58 9.78
CA GLU M 72 -23.42 1.64 10.05
C GLU M 72 -22.63 0.92 8.98
N GLN M 73 -23.15 -0.21 8.48
CA GLN M 73 -22.38 -0.82 7.42
C GLN M 73 -22.43 0.02 6.18
N MET M 74 -23.59 0.59 5.83
CA MET M 74 -23.58 1.36 4.60
C MET M 74 -22.61 2.51 4.72
N HIS M 75 -22.56 3.16 5.88
CA HIS M 75 -21.64 4.26 6.05
C HIS M 75 -20.22 3.77 5.95
N THR M 76 -19.90 2.70 6.63
CA THR M 76 -18.55 2.21 6.63
C THR M 76 -18.10 1.85 5.24
N ASP M 77 -18.97 1.20 4.48
CA ASP M 77 -18.61 0.78 3.15
C ASP M 77 -18.40 1.95 2.25
N ILE M 78 -19.22 2.97 2.36
CA ILE M 78 -19.06 4.10 1.50
C ILE M 78 -17.78 4.85 1.77
N ILE M 79 -17.45 5.06 3.04
CA ILE M 79 -16.24 5.80 3.30
C ILE M 79 -15.02 5.00 2.86
N SER M 80 -15.00 3.71 3.17
CA SER M 80 -13.86 2.90 2.80
C SER M 80 -13.69 2.88 1.30
N LEU M 81 -14.79 2.71 0.59
CA LEU M 81 -14.81 2.64 -0.84
C LEU M 81 -14.37 3.93 -1.45
N TRP M 82 -14.82 5.04 -0.88
CA TRP M 82 -14.42 6.34 -1.35
C TRP M 82 -12.90 6.46 -1.31
N ASP M 83 -12.31 6.13 -0.16
CA ASP M 83 -10.88 6.25 -0.04
C ASP M 83 -10.15 5.30 -0.95
N GLN M 84 -10.69 4.10 -1.15
CA GLN M 84 -10.06 3.16 -2.06
C GLN M 84 -9.98 3.73 -3.46
N SER M 85 -11.10 4.27 -3.93
CA SER M 85 -11.18 4.77 -5.28
C SER M 85 -10.26 5.93 -5.55
N LEU M 86 -10.05 6.75 -4.55
CA LEU M 86 -9.17 7.90 -4.69
C LEU M 86 -7.72 7.61 -4.37
N LYS M 87 -7.40 6.39 -3.99
CA LYS M 87 -6.04 6.12 -3.59
C LYS M 87 -5.03 6.22 -4.74
N PRO M 88 -5.18 5.50 -5.86
CA PRO M 88 -4.21 5.46 -6.93
C PRO M 88 -4.34 6.67 -7.84
N CYS M 89 -4.17 7.86 -7.29
CA CYS M 89 -4.35 9.08 -8.06
C CYS M 89 -3.22 10.08 -7.81
N VAL M 90 -3.19 11.14 -8.60
CA VAL M 90 -2.16 12.17 -8.53
C VAL M 90 -2.24 13.00 -7.28
N LYS M 91 -1.09 13.17 -6.62
CA LYS M 91 -1.04 13.96 -5.40
C LYS M 91 -0.83 15.39 -5.81
N LEU M 92 -1.45 16.32 -5.09
CA LEU M 92 -1.27 17.72 -5.41
C LEU M 92 -0.38 18.46 -4.42
N THR M 93 0.41 17.73 -3.65
CA THR M 93 1.32 18.36 -2.70
C THR M 93 2.09 19.55 -3.29
N PRO M 94 2.66 19.48 -4.52
CA PRO M 94 3.42 20.53 -5.17
C PRO M 94 2.63 21.81 -5.42
N LEU M 95 1.31 21.79 -5.22
CA LEU M 95 0.53 22.99 -5.42
C LEU M 95 0.57 23.87 -4.19
N CYS M 96 1.05 23.33 -3.07
CA CYS M 96 1.12 24.14 -1.87
C CYS M 96 2.34 25.03 -1.88
N VAL M 97 2.25 26.07 -2.68
CA VAL M 97 3.27 27.07 -2.87
C VAL M 97 2.61 28.41 -2.77
N THR M 98 3.39 29.46 -2.61
CA THR M 98 2.79 30.77 -2.57
C THR M 98 2.15 31.05 -3.91
N LEU M 99 0.91 31.51 -3.89
CA LEU M 99 0.22 31.82 -5.12
C LEU M 99 0.09 33.34 -5.26
N GLN M 100 0.19 33.85 -6.49
CA GLN M 100 0.01 35.28 -6.76
C GLN M 100 -1.32 35.51 -7.43
N CYS M 101 -2.31 36.01 -6.69
CA CYS M 101 -3.63 36.02 -7.29
C CYS M 101 -4.21 37.42 -7.48
N THR M 102 -5.00 37.56 -8.54
CA THR M 102 -5.78 38.75 -8.83
C THR M 102 -7.22 38.35 -9.14
N ASN M 103 -8.06 39.32 -9.46
CA ASN M 103 -9.46 39.02 -9.73
C ASN M 103 -9.71 38.77 -11.20
N VAL M 104 -10.68 37.92 -11.51
CA VAL M 104 -11.07 37.77 -12.90
C VAL M 104 -12.09 38.82 -13.17
N THR M 105 -11.73 39.82 -13.97
CA THR M 105 -12.60 40.97 -14.17
C THR M 105 -13.04 41.21 -15.60
N ASN M 106 -12.84 40.24 -16.48
CA ASN M 106 -13.17 40.48 -17.88
C ASN M 106 -14.63 40.76 -18.17
N ASN M 107 -15.52 40.08 -17.47
CA ASN M 107 -16.93 40.22 -17.69
C ASN M 107 -17.79 39.82 -16.50
N ILE M 108 -17.64 40.55 -15.40
CA ILE M 108 -18.37 40.21 -14.19
C ILE M 108 -19.82 40.64 -14.23
N THR M 109 -20.67 39.66 -14.02
CA THR M 109 -22.11 39.79 -14.00
C THR M 109 -22.63 40.11 -12.60
N ASP M 110 -22.13 41.23 -12.09
CA ASP M 110 -22.47 41.84 -10.81
C ASP M 110 -22.22 41.09 -9.50
N ASP M 111 -22.75 39.88 -9.39
CA ASP M 111 -22.61 39.14 -8.14
C ASP M 111 -21.31 38.39 -8.02
N MET M 112 -20.80 37.91 -9.14
CA MET M 112 -19.57 37.13 -9.17
C MET M 112 -18.42 38.10 -9.20
N ARG M 113 -18.31 38.91 -8.15
CA ARG M 113 -17.34 39.98 -8.12
C ARG M 113 -15.98 39.54 -7.66
N GLY M 114 -15.94 38.82 -6.55
CA GLY M 114 -14.67 38.38 -5.99
C GLY M 114 -14.56 36.87 -6.02
N GLU M 115 -15.52 36.23 -6.67
CA GLU M 115 -15.63 34.78 -6.71
C GLU M 115 -14.58 34.04 -7.48
N LEU M 116 -14.09 34.61 -8.57
CA LEU M 116 -13.10 33.90 -9.34
C LEU M 116 -11.82 34.65 -9.34
N LYS M 117 -10.75 33.93 -9.03
CA LYS M 117 -9.44 34.53 -9.00
C LYS M 117 -8.52 33.93 -10.02
N ASN M 118 -7.75 34.81 -10.63
CA ASN M 118 -6.76 34.47 -11.63
C ASN M 118 -5.41 34.34 -10.97
N CYS M 119 -4.88 33.13 -10.87
CA CYS M 119 -3.71 33.07 -10.04
C CYS M 119 -2.55 32.23 -10.54
N SER M 120 -1.35 32.81 -10.42
CA SER M 120 -0.13 32.16 -10.91
C SER M 120 0.85 31.69 -9.86
N PHE M 121 1.65 30.72 -10.27
CA PHE M 121 2.66 30.10 -9.42
C PHE M 121 3.79 29.39 -10.16
N ASN M 122 4.89 29.12 -9.44
CA ASN M 122 6.02 28.39 -9.98
C ASN M 122 5.92 26.90 -9.68
N MET M 123 5.56 26.13 -10.69
CA MET M 123 5.29 24.70 -10.57
C MET M 123 6.44 23.80 -11.02
N THR M 124 6.53 22.64 -10.39
CA THR M 124 7.48 21.58 -10.71
C THR M 124 7.19 21.05 -12.13
N THR M 125 8.24 20.68 -12.85
CA THR M 125 8.16 20.17 -14.21
C THR M 125 8.69 18.75 -14.27
N GLU M 126 8.65 18.14 -15.45
CA GLU M 126 9.13 16.77 -15.58
C GLU M 126 10.57 16.66 -15.15
N LEU M 127 11.37 17.68 -15.44
CA LEU M 127 12.76 17.65 -15.04
C LEU M 127 12.92 18.48 -13.81
N ARG M 128 13.27 17.82 -12.75
CA ARG M 128 13.29 18.39 -11.43
C ARG M 128 14.51 19.24 -11.14
N ASP M 129 14.65 20.28 -11.92
CA ASP M 129 15.70 21.24 -11.81
C ASP M 129 15.25 22.51 -12.48
N LYS M 130 14.08 22.45 -13.10
CA LYS M 130 13.49 23.63 -13.74
C LYS M 130 12.02 23.76 -13.40
N LYS M 131 11.59 24.98 -13.10
CA LYS M 131 10.19 25.24 -12.80
C LYS M 131 9.49 25.94 -13.95
N GLN M 132 8.18 25.82 -13.99
CA GLN M 132 7.38 26.47 -15.00
C GLN M 132 6.44 27.48 -14.37
N LYS M 133 6.18 28.57 -15.07
CA LYS M 133 5.23 29.54 -14.57
C LYS M 133 3.88 29.27 -15.19
N VAL M 134 2.92 28.94 -14.36
CA VAL M 134 1.61 28.59 -14.82
C VAL M 134 0.56 29.35 -14.07
N TYR M 135 -0.64 29.35 -14.60
CA TYR M 135 -1.75 29.95 -13.89
C TYR M 135 -2.99 29.15 -14.09
N SER M 136 -3.90 29.33 -13.16
CA SER M 136 -5.18 28.66 -13.18
C SER M 136 -6.22 29.48 -12.48
N LEU M 137 -7.48 29.10 -12.64
CA LEU M 137 -8.49 29.83 -11.91
C LEU M 137 -8.93 29.08 -10.68
N PHE M 138 -9.22 29.84 -9.64
CA PHE M 138 -9.71 29.27 -8.40
C PHE M 138 -10.97 29.95 -7.95
N TYR M 139 -11.78 29.21 -7.23
CA TYR M 139 -12.96 29.78 -6.63
C TYR M 139 -12.54 30.37 -5.31
N ARG M 140 -13.19 31.44 -4.90
CA ARG M 140 -12.86 32.10 -3.65
C ARG M 140 -12.79 31.19 -2.46
N LEU M 141 -13.66 30.19 -2.40
CA LEU M 141 -13.73 29.30 -1.25
C LEU M 141 -12.54 28.36 -1.14
N ASP M 142 -11.72 28.27 -2.18
CA ASP M 142 -10.58 27.39 -2.17
C ASP M 142 -9.27 28.06 -1.79
N VAL M 143 -9.25 29.37 -1.53
CA VAL M 143 -7.96 29.98 -1.18
C VAL M 143 -8.00 30.81 0.08
N VAL M 144 -6.84 30.98 0.66
CA VAL M 144 -6.65 31.77 1.85
C VAL M 144 -5.63 32.87 1.63
N GLN M 145 -5.98 34.11 1.95
CA GLN M 145 -4.99 35.18 1.75
C GLN M 145 -4.01 35.22 2.90
N ILE M 146 -2.73 35.27 2.57
CA ILE M 146 -1.69 35.32 3.58
C ILE M 146 -0.95 36.63 3.58
N ASN M 147 -1.02 37.34 4.69
CA ASN M 147 -0.37 38.63 4.76
C ASN M 147 0.94 38.51 5.50
N LYS M 159 -1.11 40.45 -2.42
CA LYS M 159 -2.21 39.54 -2.70
C LYS M 159 -1.70 38.12 -2.86
N GLU M 160 -1.04 37.64 -1.83
CA GLU M 160 -0.50 36.28 -1.84
C GLU M 160 -1.49 35.34 -1.18
N TYR M 161 -1.60 34.15 -1.75
CA TYR M 161 -2.52 33.12 -1.30
C TYR M 161 -1.96 31.73 -1.18
N ARG M 162 -2.65 30.91 -0.42
CA ARG M 162 -2.36 29.49 -0.36
C ARG M 162 -3.63 28.72 -0.50
N LEU M 163 -3.53 27.47 -0.90
CA LEU M 163 -4.76 26.71 -1.02
C LEU M 163 -5.32 26.41 0.34
N ILE M 164 -6.64 26.45 0.42
CA ILE M 164 -7.32 26.15 1.65
C ILE M 164 -7.08 24.70 1.96
N ASN M 165 -6.88 24.44 3.22
CA ASN M 165 -6.60 23.14 3.79
C ASN M 165 -5.20 22.68 3.49
N CYS M 166 -4.39 23.50 2.84
CA CYS M 166 -3.02 23.09 2.64
C CYS M 166 -2.32 22.90 3.96
N ASN M 167 -2.64 23.71 4.95
CA ASN M 167 -1.96 23.63 6.22
C ASN M 167 -2.50 22.51 7.09
N THR M 168 -3.53 21.82 6.63
CA THR M 168 -4.17 20.79 7.41
C THR M 168 -4.01 19.41 6.85
N SER M 169 -4.08 19.26 5.54
CA SER M 169 -4.01 17.94 4.97
C SER M 169 -3.50 17.89 3.55
N ALA M 170 -3.04 16.72 3.14
CA ALA M 170 -2.64 16.52 1.77
C ALA M 170 -3.85 16.59 0.89
N ILE M 171 -3.67 17.17 -0.30
CA ILE M 171 -4.75 17.26 -1.24
C ILE M 171 -4.48 16.30 -2.39
N THR M 172 -5.43 15.44 -2.69
CA THR M 172 -5.30 14.45 -3.77
C THR M 172 -6.29 14.72 -4.89
N GLN M 173 -5.84 14.69 -6.14
CA GLN M 173 -6.72 14.91 -7.26
C GLN M 173 -7.49 13.67 -7.54
N ALA M 174 -8.79 13.78 -7.70
CA ALA M 174 -9.53 12.58 -8.02
C ALA M 174 -9.14 12.16 -9.41
N CYS M 175 -9.07 10.87 -9.64
CA CYS M 175 -8.76 10.43 -10.96
C CYS M 175 -9.89 10.94 -11.88
N PRO M 176 -9.57 11.61 -12.98
CA PRO M 176 -10.48 12.30 -13.88
C PRO M 176 -11.46 11.41 -14.60
N LYS M 177 -11.18 10.12 -14.64
CA LYS M 177 -12.04 9.19 -15.33
C LYS M 177 -13.09 8.56 -14.44
N VAL M 178 -13.08 8.87 -13.15
CA VAL M 178 -14.01 8.20 -12.27
C VAL M 178 -15.29 8.97 -12.06
N SER M 179 -16.39 8.36 -12.44
CA SER M 179 -17.72 8.92 -12.29
C SER M 179 -18.20 8.99 -10.86
N PHE M 180 -18.95 10.04 -10.57
CA PHE M 180 -19.55 10.19 -9.26
C PHE M 180 -21.06 10.06 -9.31
N GLU M 181 -21.58 9.46 -10.38
CA GLU M 181 -23.02 9.28 -10.49
C GLU M 181 -23.47 8.11 -9.63
N PRO M 182 -24.35 8.30 -8.65
CA PRO M 182 -24.84 7.24 -7.79
C PRO M 182 -25.50 6.14 -8.59
N ILE M 183 -25.15 4.90 -8.27
CA ILE M 183 -25.69 3.71 -8.88
C ILE M 183 -26.40 2.94 -7.80
N PRO M 184 -27.61 2.42 -7.98
CA PRO M 184 -28.29 1.70 -6.94
C PRO M 184 -27.49 0.51 -6.48
N ILE M 185 -27.36 0.37 -5.18
CA ILE M 185 -26.71 -0.75 -4.54
C ILE M 185 -27.69 -1.54 -3.74
N HIS M 186 -27.70 -2.84 -3.94
CA HIS M 186 -28.59 -3.69 -3.20
C HIS M 186 -27.78 -4.37 -2.12
N TYR M 187 -28.31 -4.47 -0.92
CA TYR M 187 -27.60 -5.25 0.09
C TYR M 187 -28.22 -6.59 0.22
N CYS M 188 -27.39 -7.60 0.26
CA CYS M 188 -27.85 -8.97 0.35
C CYS M 188 -27.27 -9.71 1.55
N ALA M 189 -28.09 -10.57 2.10
CA ALA M 189 -27.70 -11.39 3.22
C ALA M 189 -26.98 -12.65 2.75
N PRO M 190 -26.02 -13.18 3.51
CA PRO M 190 -25.38 -14.45 3.29
C PRO M 190 -26.38 -15.54 3.60
N ALA M 191 -26.21 -16.72 3.03
CA ALA M 191 -27.16 -17.77 3.35
C ALA M 191 -27.12 -18.03 4.84
N GLY M 192 -28.29 -18.29 5.41
CA GLY M 192 -28.44 -18.54 6.84
C GLY M 192 -28.99 -17.31 7.53
N PHE M 193 -29.01 -16.20 6.78
CA PHE M 193 -29.50 -14.90 7.18
C PHE M 193 -30.55 -14.39 6.22
N ALA M 194 -31.34 -13.46 6.69
CA ALA M 194 -32.35 -12.87 5.84
C ALA M 194 -32.63 -11.47 6.28
N ILE M 195 -33.21 -10.69 5.38
CA ILE M 195 -33.56 -9.34 5.69
C ILE M 195 -35.08 -9.22 5.73
N LEU M 196 -35.59 -8.69 6.81
CA LEU M 196 -37.02 -8.53 6.89
C LEU M 196 -37.42 -7.13 6.54
N LYS M 197 -38.46 -7.02 5.74
CA LYS M 197 -38.97 -5.75 5.26
C LYS M 197 -40.31 -5.36 5.88
N CYS M 198 -40.37 -4.16 6.44
CA CYS M 198 -41.59 -3.66 7.07
C CYS M 198 -42.56 -3.13 6.02
N LYS M 199 -43.79 -3.67 5.99
CA LYS M 199 -44.76 -3.24 4.99
C LYS M 199 -45.89 -2.39 5.56
N ASP M 200 -45.73 -1.92 6.78
CA ASP M 200 -46.77 -1.10 7.37
C ASP M 200 -46.57 0.33 6.85
N LYS M 201 -47.42 0.75 5.91
CA LYS M 201 -47.23 2.02 5.18
C LYS M 201 -47.62 3.26 5.96
N LYS M 202 -47.16 3.35 7.19
CA LYS M 202 -47.36 4.46 8.08
C LYS M 202 -46.37 4.28 9.19
N PHE M 203 -45.47 3.33 9.00
CA PHE M 203 -44.47 3.05 10.00
C PHE M 203 -43.66 4.29 10.29
N ASN M 204 -43.52 4.61 11.58
CA ASN M 204 -42.84 5.83 12.00
C ASN M 204 -41.38 5.63 12.36
N GLY M 205 -40.84 4.48 12.01
CA GLY M 205 -39.44 4.24 12.27
C GLY M 205 -39.16 3.41 13.49
N THR M 206 -40.16 3.23 14.34
CA THR M 206 -39.91 2.42 15.51
C THR M 206 -41.12 1.70 16.05
N GLY M 207 -40.85 0.55 16.64
CA GLY M 207 -41.86 -0.24 17.29
C GLY M 207 -42.37 -1.31 16.36
N PRO M 208 -43.44 -1.99 16.75
CA PRO M 208 -44.03 -3.08 16.02
C PRO M 208 -44.45 -2.66 14.64
N CYS M 209 -44.31 -3.58 13.71
CA CYS M 209 -44.69 -3.45 12.32
C CYS M 209 -45.40 -4.68 11.83
N PRO M 210 -46.67 -4.88 12.14
CA PRO M 210 -47.41 -6.04 11.72
C PRO M 210 -47.36 -6.03 10.22
N SER M 211 -47.21 -7.20 9.59
CA SER M 211 -47.14 -7.36 8.13
C SER M 211 -45.71 -7.11 7.67
N VAL M 212 -44.97 -8.19 7.60
CA VAL M 212 -43.57 -8.20 7.25
C VAL M 212 -43.30 -9.24 6.18
N SER M 213 -42.40 -8.94 5.26
CA SER M 213 -42.01 -9.92 4.25
C SER M 213 -40.51 -10.22 4.33
N THR M 214 -40.12 -11.39 3.85
CA THR M 214 -38.71 -11.74 3.85
C THR M 214 -38.07 -11.65 2.50
N VAL M 215 -36.91 -10.99 2.45
CA VAL M 215 -36.16 -10.94 1.21
C VAL M 215 -34.73 -11.34 1.47
N GLN M 216 -34.04 -11.82 0.44
CA GLN M 216 -32.62 -12.06 0.61
C GLN M 216 -31.83 -10.79 0.36
N CYS M 217 -32.44 -9.85 -0.38
CA CYS M 217 -31.82 -8.59 -0.75
C CYS M 217 -32.77 -7.41 -0.64
N THR M 218 -32.22 -6.25 -0.32
CA THR M 218 -32.98 -5.01 -0.28
C THR M 218 -33.12 -4.52 -1.69
N HIS M 219 -33.95 -3.51 -1.88
CA HIS M 219 -34.08 -2.90 -3.18
C HIS M 219 -32.82 -2.09 -3.37
N GLY M 220 -32.62 -1.53 -4.55
CA GLY M 220 -31.39 -0.78 -4.70
C GLY M 220 -31.52 0.59 -4.11
N ILE M 221 -30.50 1.00 -3.40
CA ILE M 221 -30.43 2.33 -2.84
C ILE M 221 -29.28 3.08 -3.46
N LYS M 222 -29.56 4.21 -4.06
CA LYS M 222 -28.47 4.98 -4.61
C LYS M 222 -27.75 5.69 -3.49
N PRO M 223 -26.42 5.68 -3.42
CA PRO M 223 -25.63 6.34 -2.42
C PRO M 223 -25.51 7.82 -2.70
N VAL M 224 -26.63 8.49 -2.65
CA VAL M 224 -26.67 9.91 -2.95
C VAL M 224 -26.29 10.65 -1.70
N VAL M 225 -25.39 11.60 -1.82
CA VAL M 225 -24.99 12.36 -0.65
C VAL M 225 -25.42 13.79 -0.75
N SER M 226 -26.03 14.26 0.31
CA SER M 226 -26.48 15.62 0.39
C SER M 226 -26.72 16.02 1.83
N THR M 227 -26.88 17.31 2.03
CA THR M 227 -27.25 17.82 3.33
C THR M 227 -28.52 18.62 3.17
N GLN M 228 -29.25 18.88 4.24
CA GLN M 228 -30.48 19.69 4.25
C GLN M 228 -31.66 19.09 3.44
N LEU M 229 -31.47 18.93 2.14
CA LEU M 229 -32.50 18.35 1.28
C LEU M 229 -32.04 17.02 0.77
N LEU M 230 -32.90 16.03 1.00
CA LEU M 230 -32.64 14.67 0.59
C LEU M 230 -33.04 14.54 -0.85
N LEU M 231 -32.12 14.07 -1.68
CA LEU M 231 -32.39 13.97 -3.10
C LEU M 231 -32.43 12.54 -3.60
N ASN M 232 -33.28 12.33 -4.59
CA ASN M 232 -33.36 11.10 -5.35
C ASN M 232 -33.57 9.88 -4.46
N GLY M 233 -34.36 9.98 -3.41
CA GLY M 233 -34.61 8.85 -2.56
C GLY M 233 -35.95 8.27 -2.90
N SER M 234 -36.44 7.42 -2.02
CA SER M 234 -37.74 6.83 -2.23
C SER M 234 -38.80 7.73 -1.66
N LEU M 235 -40.04 7.54 -2.07
CA LEU M 235 -41.14 8.31 -1.55
C LEU M 235 -41.98 7.55 -0.58
N ALA M 236 -42.64 8.29 0.29
CA ALA M 236 -43.59 7.74 1.24
C ALA M 236 -44.76 7.24 0.43
N GLU M 237 -45.41 6.18 0.88
CA GLU M 237 -46.51 5.62 0.14
C GLU M 237 -47.78 6.47 0.05
N GLU M 238 -48.15 7.12 1.14
CA GLU M 238 -49.39 7.91 1.12
C GLU M 238 -49.22 9.32 1.65
N GLU M 239 -48.82 9.42 2.91
CA GLU M 239 -48.67 10.69 3.59
C GLU M 239 -47.23 11.09 3.72
N VAL M 240 -47.02 12.37 3.93
CA VAL M 240 -45.67 12.79 4.24
C VAL M 240 -45.38 12.22 5.61
N MET M 241 -44.24 11.59 5.76
CA MET M 241 -43.93 11.02 7.06
C MET M 241 -42.94 11.81 7.85
N ILE M 242 -43.22 11.93 9.13
CA ILE M 242 -42.32 12.61 10.04
C ILE M 242 -41.70 11.55 10.91
N ARG M 243 -40.38 11.44 10.93
CA ARG M 243 -39.79 10.41 11.77
C ARG M 243 -38.63 10.95 12.60
N SER M 244 -38.59 10.59 13.87
CA SER M 244 -37.47 11.01 14.70
C SER M 244 -37.26 10.07 15.85
N GLU M 245 -36.03 9.99 16.36
CA GLU M 245 -35.77 9.13 17.51
C GLU M 245 -36.56 9.61 18.70
N ASN M 246 -36.60 10.92 18.87
CA ASN M 246 -37.33 11.59 19.93
C ASN M 246 -37.74 12.97 19.44
N ILE M 247 -39.00 13.12 19.10
CA ILE M 247 -39.46 14.35 18.50
C ILE M 247 -39.44 15.56 19.44
N THR M 248 -39.33 15.32 20.73
CA THR M 248 -39.31 16.43 21.66
C THR M 248 -37.90 16.76 22.11
N ASN M 249 -36.92 16.04 21.57
CA ASN M 249 -35.54 16.23 21.92
C ASN M 249 -34.90 17.14 20.86
N ASN M 250 -34.47 18.32 21.23
CA ASN M 250 -33.96 19.25 20.24
C ASN M 250 -32.59 18.85 19.71
N ALA M 251 -31.99 17.85 20.33
CA ALA M 251 -30.69 17.35 19.91
C ALA M 251 -30.83 16.31 18.81
N LYS M 252 -32.05 15.94 18.46
CA LYS M 252 -32.26 14.93 17.46
C LYS M 252 -32.80 15.53 16.19
N ASN M 253 -32.49 14.90 15.06
CA ASN M 253 -33.01 15.40 13.79
C ASN M 253 -34.34 14.75 13.49
N ILE M 254 -35.14 15.45 12.71
CA ILE M 254 -36.39 14.96 12.21
C ILE M 254 -36.26 14.71 10.74
N LEU M 255 -36.54 13.51 10.32
CA LEU M 255 -36.42 13.25 8.92
C LEU M 255 -37.80 13.32 8.33
N VAL M 256 -37.91 13.97 7.20
CA VAL M 256 -39.21 14.07 6.57
C VAL M 256 -39.18 13.41 5.23
N GLN M 257 -40.07 12.44 5.05
CA GLN M 257 -40.14 11.75 3.77
C GLN M 257 -41.36 12.19 3.00
N PHE M 258 -41.14 12.76 1.84
CA PHE M 258 -42.23 13.26 1.04
C PHE M 258 -42.95 12.13 0.37
N ASN M 259 -44.22 12.35 0.09
CA ASN M 259 -45.05 11.43 -0.67
C ASN M 259 -45.23 11.90 -2.12
N THR M 260 -44.39 12.84 -2.52
CA THR M 260 -44.40 13.40 -3.86
C THR M 260 -43.03 14.05 -4.05
N PRO M 261 -42.41 14.03 -5.22
CA PRO M 261 -41.16 14.69 -5.49
C PRO M 261 -41.35 16.18 -5.69
N VAL M 262 -40.30 16.95 -5.45
CA VAL M 262 -40.30 18.35 -5.85
C VAL M 262 -39.18 18.53 -6.85
N GLN M 263 -39.42 19.15 -8.00
CA GLN M 263 -38.32 19.25 -8.94
C GLN M 263 -37.37 20.38 -8.65
N ILE M 264 -36.08 20.04 -8.67
CA ILE M 264 -35.01 21.01 -8.51
C ILE M 264 -34.03 20.93 -9.69
N ASN M 265 -33.80 22.06 -10.32
CA ASN M 265 -32.95 22.17 -11.50
C ASN M 265 -31.70 22.98 -11.26
N CYS M 266 -30.56 22.34 -11.27
CA CYS M 266 -29.35 23.08 -10.98
C CYS M 266 -28.46 23.20 -12.20
N THR M 267 -27.76 24.31 -12.27
CA THR M 267 -26.85 24.57 -13.36
C THR M 267 -25.57 25.25 -12.98
N ARG M 268 -24.56 25.08 -13.82
CA ARG M 268 -23.33 25.82 -13.69
C ARG M 268 -22.96 26.33 -15.09
N PRO M 269 -23.59 27.40 -15.58
CA PRO M 269 -23.58 27.92 -16.94
C PRO M 269 -22.25 28.32 -17.54
N ASN M 270 -21.25 28.57 -16.72
CA ASN M 270 -19.98 29.00 -17.26
C ASN M 270 -19.44 27.94 -18.20
N ASN M 271 -19.01 28.33 -19.37
CA ASN M 271 -18.43 27.37 -20.30
C ASN M 271 -16.94 27.24 -20.01
N ASN M 272 -16.55 26.13 -19.41
CA ASN M 272 -15.21 25.97 -18.89
C ASN M 272 -14.25 25.31 -19.84
N THR M 273 -13.00 25.53 -19.57
CA THR M 273 -11.94 24.85 -20.27
C THR M 273 -11.04 24.34 -19.19
N ARG M 274 -10.21 23.36 -19.49
CA ARG M 274 -9.23 22.93 -18.51
C ARG M 274 -7.87 22.77 -19.15
N LYS M 275 -6.85 22.94 -18.33
CA LYS M 275 -5.49 22.76 -18.81
C LYS M 275 -4.87 21.58 -18.12
N SER M 276 -4.03 20.86 -18.81
CA SER M 276 -3.34 19.77 -18.14
C SER M 276 -1.90 20.15 -17.92
N ILE M 277 -1.52 20.28 -16.67
CA ILE M 277 -0.18 20.71 -16.35
C ILE M 277 0.64 19.58 -15.83
N ARG M 278 1.68 19.22 -16.56
CA ARG M 278 2.49 18.14 -16.08
C ARG M 278 3.32 18.65 -14.94
N ILE M 279 3.31 17.90 -13.87
CA ILE M 279 4.04 18.20 -12.66
C ILE M 279 5.27 17.35 -12.60
N GLY M 280 5.12 16.10 -12.99
CA GLY M 280 6.21 15.18 -12.89
C GLY M 280 6.05 14.03 -13.87
N PRO M 281 6.73 12.93 -13.67
CA PRO M 281 6.82 11.81 -14.58
C PRO M 281 5.55 10.98 -14.62
N GLY M 282 4.58 11.50 -15.35
CA GLY M 282 3.27 10.86 -15.48
C GLY M 282 2.28 11.42 -14.48
N GLN M 283 2.68 12.49 -13.84
CA GLN M 283 1.87 13.15 -12.85
C GLN M 283 1.36 14.47 -13.39
N ALA M 284 0.04 14.59 -13.54
CA ALA M 284 -0.50 15.82 -14.10
C ALA M 284 -1.74 16.27 -13.39
N PHE M 285 -1.85 17.57 -13.31
CA PHE M 285 -2.92 18.30 -12.69
C PHE M 285 -3.86 18.93 -13.65
N TYR M 286 -5.15 18.85 -13.34
CA TYR M 286 -6.13 19.49 -14.18
C TYR M 286 -6.55 20.81 -13.59
N ALA M 287 -6.14 21.85 -14.26
CA ALA M 287 -6.36 23.20 -13.83
C ALA M 287 -7.59 23.77 -14.43
N THR M 288 -8.32 24.57 -13.68
CA THR M 288 -9.44 25.26 -14.29
C THR M 288 -8.80 26.22 -15.25
N GLY M 289 -9.25 26.20 -16.49
CA GLY M 289 -8.71 27.05 -17.53
C GLY M 289 -9.57 28.28 -17.68
N ASP M 290 -9.44 28.96 -18.81
CA ASP M 290 -10.20 30.18 -19.02
C ASP M 290 -11.67 29.88 -19.21
N ILE M 291 -12.51 30.84 -18.89
CA ILE M 291 -13.93 30.69 -19.09
C ILE M 291 -14.35 31.40 -20.35
N ILE M 292 -15.07 30.68 -21.17
CA ILE M 292 -15.58 31.13 -22.43
C ILE M 292 -16.92 31.78 -22.24
N GLY M 293 -17.10 32.96 -22.79
CA GLY M 293 -18.36 33.66 -22.60
C GLY M 293 -18.31 34.42 -21.30
N ASP M 294 -19.46 34.64 -20.70
CA ASP M 294 -19.58 35.41 -19.49
C ASP M 294 -19.77 34.53 -18.27
N ILE M 295 -19.97 35.16 -17.11
CA ILE M 295 -19.99 34.43 -15.86
C ILE M 295 -21.38 34.38 -15.21
N ARG M 296 -21.72 33.26 -14.59
CA ARG M 296 -22.99 33.11 -13.88
C ARG M 296 -22.83 32.53 -12.46
N GLN M 297 -23.85 32.78 -11.66
CA GLN M 297 -23.96 32.37 -10.26
C GLN M 297 -24.13 30.88 -10.01
N ALA M 298 -24.45 30.12 -11.05
CA ALA M 298 -24.63 28.67 -10.93
C ALA M 298 -25.69 28.29 -9.93
N HIS M 299 -26.83 28.92 -10.05
CA HIS M 299 -27.99 28.75 -9.24
C HIS M 299 -28.84 27.49 -9.49
N CYS M 300 -29.76 27.26 -8.55
CA CYS M 300 -30.75 26.18 -8.67
C CYS M 300 -32.18 26.68 -8.63
N ASN M 301 -33.04 26.10 -9.44
CA ASN M 301 -34.45 26.44 -9.51
C ASN M 301 -35.33 25.40 -8.86
N VAL M 302 -36.20 25.84 -7.97
CA VAL M 302 -37.15 24.96 -7.33
C VAL M 302 -38.53 25.42 -7.72
N SER M 303 -39.36 24.51 -8.23
CA SER M 303 -40.67 25.01 -8.67
C SER M 303 -41.34 25.68 -7.49
N LYS M 304 -41.81 26.92 -7.66
CA LYS M 304 -42.29 27.61 -6.48
C LYS M 304 -43.53 27.04 -5.85
N ALA M 305 -44.54 26.76 -6.63
CA ALA M 305 -45.76 26.29 -6.00
C ALA M 305 -45.57 24.92 -5.43
N THR M 306 -44.85 24.06 -6.14
CA THR M 306 -44.73 22.72 -5.66
C THR M 306 -44.02 22.72 -4.34
N TRP M 307 -42.95 23.50 -4.22
CA TRP M 307 -42.23 23.52 -2.98
C TRP M 307 -43.03 23.97 -1.81
N ASN M 308 -43.69 25.10 -1.91
CA ASN M 308 -44.38 25.53 -0.71
C ASN M 308 -45.64 24.74 -0.47
N GLU M 309 -46.27 24.18 -1.51
CA GLU M 309 -47.43 23.35 -1.27
C GLU M 309 -46.98 22.17 -0.44
N THR M 310 -45.84 21.60 -0.82
CA THR M 310 -45.31 20.45 -0.14
C THR M 310 -45.03 20.81 1.29
N LEU M 311 -44.48 21.99 1.54
CA LEU M 311 -44.27 22.33 2.94
C LEU M 311 -45.59 22.38 3.67
N GLY M 312 -46.65 22.82 3.00
CA GLY M 312 -47.94 22.85 3.68
C GLY M 312 -48.31 21.43 4.15
N LYS M 313 -47.97 20.42 3.36
CA LYS M 313 -48.23 19.04 3.74
C LYS M 313 -47.36 18.65 4.92
N VAL M 314 -46.12 19.13 4.93
CA VAL M 314 -45.20 18.82 6.01
C VAL M 314 -45.76 19.40 7.30
N VAL M 315 -46.26 20.62 7.23
CA VAL M 315 -46.81 21.26 8.40
C VAL M 315 -48.01 20.50 8.91
N LYS M 316 -48.91 20.11 8.00
CA LYS M 316 -50.09 19.39 8.45
C LYS M 316 -49.69 18.19 9.27
N GLN M 317 -48.65 17.48 8.84
CA GLN M 317 -48.22 16.33 9.59
C GLN M 317 -47.44 16.69 10.85
N LEU M 318 -46.64 17.76 10.83
CA LEU M 318 -45.90 18.10 12.04
C LEU M 318 -46.85 18.41 13.17
N ARG M 319 -47.97 19.05 12.86
CA ARG M 319 -48.95 19.43 13.85
C ARG M 319 -49.41 18.25 14.70
N LYS M 320 -49.41 17.04 14.16
CA LYS M 320 -49.91 15.91 14.91
C LYS M 320 -49.14 15.66 16.21
N HIS M 321 -47.91 16.15 16.28
CA HIS M 321 -47.10 15.97 17.46
C HIS M 321 -47.00 17.21 18.33
N PHE M 322 -47.59 18.31 17.90
CA PHE M 322 -47.44 19.54 18.65
C PHE M 322 -48.77 20.16 19.07
N GLY M 323 -49.83 19.89 18.31
CA GLY M 323 -51.15 20.43 18.53
C GLY M 323 -51.73 21.01 17.24
N ASN M 324 -53.04 20.97 17.12
CA ASN M 324 -53.68 21.42 15.90
C ASN M 324 -53.97 22.91 15.91
N ASN M 325 -53.50 23.57 16.94
CA ASN M 325 -53.63 24.98 17.10
C ASN M 325 -52.27 25.64 17.13
N THR M 326 -51.24 24.94 16.67
CA THR M 326 -49.91 25.50 16.69
C THR M 326 -49.49 26.26 15.46
N ILE M 327 -48.41 26.99 15.62
CA ILE M 327 -47.80 27.73 14.55
C ILE M 327 -46.51 27.11 14.16
N ILE M 328 -46.39 26.81 12.87
CA ILE M 328 -45.16 26.23 12.40
C ILE M 328 -44.45 27.21 11.52
N ARG M 329 -43.23 27.51 11.91
CA ARG M 329 -42.44 28.47 11.19
C ARG M 329 -41.17 27.86 10.66
N PHE M 330 -40.73 28.32 9.51
CA PHE M 330 -39.47 27.85 9.01
C PHE M 330 -38.46 28.96 8.99
N ALA M 331 -37.22 28.58 9.17
CA ALA M 331 -36.12 29.51 9.15
C ALA M 331 -34.93 28.81 8.58
N ASN M 332 -33.92 29.54 8.18
CA ASN M 332 -32.76 28.92 7.59
C ASN M 332 -31.79 28.42 8.65
N SER M 333 -30.75 27.74 8.20
CA SER M 333 -29.74 27.23 9.12
C SER M 333 -29.07 28.40 9.79
N SER M 334 -28.87 28.28 11.11
CA SER M 334 -28.30 29.37 11.89
C SER M 334 -26.81 29.61 11.75
N GLY M 335 -26.04 28.62 11.34
CA GLY M 335 -24.61 28.85 11.24
C GLY M 335 -23.82 27.56 11.24
N GLY M 336 -22.51 27.68 11.06
CA GLY M 336 -21.63 26.52 10.99
C GLY M 336 -21.00 26.41 9.61
N ASP M 337 -20.40 25.26 9.35
CA ASP M 337 -19.66 24.94 8.14
C ASP M 337 -20.59 24.90 6.93
N LEU M 338 -20.04 25.04 5.73
CA LEU M 338 -20.92 25.06 4.57
C LEU M 338 -21.79 23.82 4.48
N GLU M 339 -21.28 22.68 4.88
CA GLU M 339 -22.07 21.47 4.79
C GLU M 339 -23.33 21.47 5.67
N VAL M 340 -23.40 22.34 6.67
CA VAL M 340 -24.57 22.40 7.52
C VAL M 340 -25.36 23.69 7.34
N THR M 341 -24.80 24.66 6.60
CA THR M 341 -25.54 25.88 6.36
C THR M 341 -26.10 25.91 4.96
N THR M 342 -25.55 25.12 4.06
CA THR M 342 -25.99 25.12 2.68
C THR M 342 -26.41 23.76 2.17
N HIS M 343 -27.04 23.78 1.01
CA HIS M 343 -27.44 22.55 0.40
C HIS M 343 -26.29 21.95 -0.31
N SER M 344 -25.63 21.03 0.34
CA SER M 344 -24.49 20.41 -0.31
C SER M 344 -24.97 19.27 -1.20
N PHE M 345 -24.48 19.25 -2.44
CA PHE M 345 -24.78 18.17 -3.38
C PHE M 345 -23.74 18.10 -4.49
N ASN M 346 -23.81 17.04 -5.29
CA ASN M 346 -22.88 16.82 -6.39
C ASN M 346 -23.53 16.49 -7.71
N CYS M 347 -23.20 17.27 -8.74
CA CYS M 347 -23.70 17.02 -10.10
C CYS M 347 -22.58 16.85 -11.10
N GLY M 348 -22.41 15.63 -11.56
CA GLY M 348 -21.40 15.34 -12.57
C GLY M 348 -19.98 15.31 -12.03
N GLY M 349 -19.83 15.34 -10.72
CA GLY M 349 -18.52 15.42 -10.14
C GLY M 349 -18.25 16.85 -9.65
N GLU M 350 -19.12 17.81 -9.97
CA GLU M 350 -18.94 19.16 -9.48
C GLU M 350 -19.62 19.33 -8.13
N PHE M 351 -19.00 20.09 -7.24
CA PHE M 351 -19.54 20.30 -5.90
C PHE M 351 -20.18 21.64 -5.65
N PHE M 352 -21.47 21.58 -5.37
CA PHE M 352 -22.32 22.72 -5.16
C PHE M 352 -22.67 22.92 -3.71
N TYR M 353 -22.72 24.18 -3.32
CA TYR M 353 -23.15 24.63 -2.02
C TYR M 353 -24.22 25.69 -2.16
N CYS M 354 -25.49 25.31 -2.16
CA CYS M 354 -26.52 26.30 -2.47
C CYS M 354 -27.18 26.91 -1.25
N ASN M 355 -27.55 28.18 -1.38
CA ASN M 355 -28.19 28.95 -0.34
C ASN M 355 -29.69 28.70 -0.31
N THR M 356 -30.15 28.06 0.74
CA THR M 356 -31.52 27.60 0.90
C THR M 356 -32.38 28.51 1.74
N SER M 357 -31.91 29.71 2.00
CA SER M 357 -32.68 30.66 2.77
C SER M 357 -33.89 31.13 2.00
N GLY M 358 -33.89 30.89 0.71
CA GLY M 358 -35.00 31.23 -0.14
C GLY M 358 -36.09 30.17 -0.08
N LEU M 359 -35.82 29.04 0.58
CA LEU M 359 -36.80 27.98 0.69
C LEU M 359 -37.36 27.89 2.09
N PHE M 360 -36.49 27.97 3.08
CA PHE M 360 -36.94 27.80 4.44
C PHE M 360 -37.33 29.10 5.04
N ASN M 361 -38.56 29.43 4.76
CA ASN M 361 -39.15 30.69 5.15
C ASN M 361 -40.65 30.53 5.37
N SER M 362 -41.26 31.60 5.82
CA SER M 362 -42.67 31.75 6.08
C SER M 362 -43.22 30.94 7.22
N THR M 363 -44.49 31.20 7.48
CA THR M 363 -45.17 30.63 8.61
C THR M 363 -46.57 30.13 8.26
N TRP M 364 -46.87 28.97 8.78
CA TRP M 364 -48.23 28.44 8.56
C TRP M 364 -49.00 28.55 9.88
N ILE M 365 -50.18 29.18 9.82
CA ILE M 365 -51.01 29.38 10.98
C ILE M 365 -52.17 28.42 11.00
N SER M 366 -52.92 28.37 9.92
CA SER M 366 -54.10 27.53 9.82
C SER M 366 -54.56 27.39 8.39
N ASP M 380 -44.00 29.99 -11.64
CA ASP M 380 -43.01 30.81 -10.94
C ASP M 380 -41.94 29.92 -10.36
N SER M 381 -40.79 30.50 -10.05
CA SER M 381 -39.63 29.72 -9.62
C SER M 381 -38.80 30.38 -8.53
N ILE M 382 -38.36 29.57 -7.59
CA ILE M 382 -37.50 30.07 -6.53
C ILE M 382 -36.09 29.80 -6.94
N THR M 383 -35.24 30.82 -6.96
CA THR M 383 -33.88 30.56 -7.36
C THR M 383 -32.96 30.68 -6.17
N LEU M 384 -32.05 29.73 -6.09
CA LEU M 384 -31.08 29.67 -5.02
C LEU M 384 -29.71 29.99 -5.59
N PRO M 385 -29.01 31.03 -5.16
CA PRO M 385 -27.66 31.32 -5.57
C PRO M 385 -26.82 30.20 -5.02
N CYS M 386 -25.71 29.86 -5.66
CA CYS M 386 -24.87 28.81 -5.10
C CYS M 386 -23.41 29.12 -5.21
N ARG M 387 -22.62 28.41 -4.46
CA ARG M 387 -21.20 28.53 -4.59
C ARG M 387 -20.61 27.23 -5.09
N ILE M 388 -19.49 27.33 -5.78
CA ILE M 388 -18.78 26.18 -6.30
C ILE M 388 -17.46 26.06 -5.58
N LYS M 389 -17.12 24.87 -5.13
CA LYS M 389 -15.86 24.68 -4.42
C LYS M 389 -15.14 23.43 -4.94
N GLN M 390 -13.82 23.51 -5.19
CA GLN M 390 -13.10 22.33 -5.68
C GLN M 390 -12.38 21.50 -4.62
N ILE M 391 -11.99 22.08 -3.49
CA ILE M 391 -11.28 21.26 -2.50
C ILE M 391 -12.25 20.83 -1.43
N ILE M 392 -12.57 19.55 -1.43
CA ILE M 392 -13.62 19.04 -0.58
C ILE M 392 -13.17 18.07 0.49
N ASN M 393 -13.56 18.34 1.73
CA ASN M 393 -13.27 17.42 2.81
C ASN M 393 -14.49 16.54 3.05
N MET M 394 -14.59 15.40 2.38
CA MET M 394 -15.81 14.65 2.56
C MET M 394 -15.84 13.84 3.81
N TRP M 395 -17.08 13.60 4.25
CA TRP M 395 -17.43 12.79 5.41
C TRP M 395 -17.04 13.47 6.69
N GLN M 396 -16.82 14.77 6.61
CA GLN M 396 -16.52 15.62 7.75
C GLN M 396 -15.35 15.15 8.58
N ARG M 397 -14.29 14.74 7.91
CA ARG M 397 -13.06 14.32 8.54
C ARG M 397 -12.12 15.49 8.56
N ILE M 398 -11.11 15.44 9.41
CA ILE M 398 -10.16 16.54 9.42
C ILE M 398 -9.09 16.33 8.37
N GLY M 399 -8.52 15.13 8.31
CA GLY M 399 -7.49 14.89 7.33
C GLY M 399 -8.11 14.44 6.03
N GLN M 400 -7.30 14.41 4.99
CA GLN M 400 -7.60 13.95 3.62
C GLN M 400 -8.52 14.87 2.82
N ALA M 401 -7.95 15.63 1.89
CA ALA M 401 -8.80 16.49 1.07
C ALA M 401 -8.80 16.02 -0.36
N MET M 402 -9.94 16.10 -1.02
CA MET M 402 -9.98 15.70 -2.42
C MET M 402 -10.16 16.90 -3.30
N TYR M 403 -9.45 16.93 -4.41
CA TYR M 403 -9.60 18.00 -5.36
C TYR M 403 -10.41 17.57 -6.56
N ALA M 404 -11.51 18.27 -6.76
CA ALA M 404 -12.38 17.95 -7.86
C ALA M 404 -11.82 18.60 -9.11
N PRO M 405 -11.46 17.85 -10.14
CA PRO M 405 -10.88 18.39 -11.34
C PRO M 405 -12.01 19.12 -12.02
N PRO M 406 -11.73 20.09 -12.84
CA PRO M 406 -12.70 20.82 -13.61
C PRO M 406 -13.33 19.97 -14.69
N ILE M 407 -14.59 20.30 -14.95
CA ILE M 407 -15.45 19.76 -15.98
C ILE M 407 -15.66 20.84 -17.00
N GLN M 408 -15.41 20.57 -18.27
CA GLN M 408 -15.52 21.65 -19.25
C GLN M 408 -16.95 21.91 -19.75
N GLY M 409 -17.72 20.85 -19.90
CA GLY M 409 -19.04 21.02 -20.45
C GLY M 409 -19.93 21.77 -19.49
N VAL M 410 -20.93 22.46 -19.99
CA VAL M 410 -21.81 23.15 -19.07
C VAL M 410 -22.65 22.13 -18.35
N ILE M 411 -22.68 22.25 -17.04
CA ILE M 411 -23.40 21.32 -16.19
C ILE M 411 -24.84 21.66 -15.98
N ARG M 412 -25.66 20.66 -16.17
CA ARG M 412 -27.06 20.78 -15.88
C ARG M 412 -27.51 19.48 -15.28
N CYS M 413 -28.26 19.55 -14.19
CA CYS M 413 -28.80 18.36 -13.57
C CYS M 413 -30.16 18.59 -12.97
N VAL M 414 -31.02 17.57 -13.06
CA VAL M 414 -32.35 17.65 -12.49
C VAL M 414 -32.54 16.56 -11.47
N SER M 415 -32.88 16.96 -10.28
CA SER M 415 -33.05 16.01 -9.18
C SER M 415 -34.43 16.07 -8.57
N ASN M 416 -34.76 15.00 -7.88
CA ASN M 416 -36.01 14.90 -7.14
C ASN M 416 -35.82 15.19 -5.67
N ILE M 417 -36.41 16.25 -5.14
CA ILE M 417 -36.25 16.41 -3.73
C ILE M 417 -37.24 15.43 -3.19
N THR M 418 -36.79 14.54 -2.32
CA THR M 418 -37.66 13.53 -1.76
C THR M 418 -37.84 13.70 -0.26
N GLY M 419 -37.09 14.60 0.33
CA GLY M 419 -37.27 14.78 1.76
C GLY M 419 -36.41 15.88 2.38
N LEU M 420 -36.57 16.03 3.67
CA LEU M 420 -35.91 17.08 4.42
C LEU M 420 -35.20 16.58 5.66
N ILE M 421 -34.17 17.28 6.07
CA ILE M 421 -33.63 17.08 7.39
C ILE M 421 -33.92 18.32 8.20
N LEU M 422 -34.76 18.19 9.21
CA LEU M 422 -35.12 19.35 10.00
C LEU M 422 -34.74 19.23 11.46
N THR M 423 -34.47 20.35 12.07
CA THR M 423 -34.29 20.35 13.50
C THR M 423 -35.24 21.32 14.10
N ARG M 424 -35.69 21.00 15.31
CA ARG M 424 -36.57 21.84 16.07
C ARG M 424 -35.69 22.80 16.83
N ASP M 425 -36.05 24.07 16.86
CA ASP M 425 -35.15 24.99 17.53
C ASP M 425 -35.35 24.93 19.04
N GLY M 426 -34.54 25.71 19.73
CA GLY M 426 -34.54 25.77 21.18
C GLY M 426 -35.07 27.06 21.75
N GLY M 427 -34.42 27.53 22.80
CA GLY M 427 -34.91 28.71 23.49
C GLY M 427 -36.04 28.25 24.39
N SER M 428 -36.93 29.16 24.73
CA SER M 428 -38.02 28.87 25.66
C SER M 428 -39.12 28.00 25.04
N THR M 429 -39.12 27.91 23.70
CA THR M 429 -40.11 27.17 22.95
C THR M 429 -41.46 27.29 23.61
N ASN M 430 -41.92 28.53 23.75
CA ASN M 430 -43.12 28.81 24.51
C ASN M 430 -44.35 28.84 23.64
N SER M 431 -45.48 29.05 24.29
CA SER M 431 -46.75 29.15 23.65
C SER M 431 -46.99 27.97 22.76
N THR M 432 -47.51 28.27 21.59
CA THR M 432 -47.82 27.28 20.59
C THR M 432 -46.99 27.48 19.33
N THR M 433 -45.88 28.22 19.42
CA THR M 433 -45.10 28.48 18.21
C THR M 433 -43.76 27.77 18.20
N GLU M 434 -43.50 27.03 17.13
CA GLU M 434 -42.25 26.33 17.01
C GLU M 434 -41.61 26.59 15.65
N THR M 435 -40.29 26.65 15.64
CA THR M 435 -39.57 26.92 14.41
C THR M 435 -38.67 25.78 14.06
N PHE M 436 -38.68 25.43 12.78
CA PHE M 436 -37.85 24.37 12.26
C PHE M 436 -36.82 24.91 11.30
N ARG M 437 -35.64 24.30 11.32
CA ARG M 437 -34.57 24.73 10.46
C ARG M 437 -33.97 23.57 9.67
N PRO M 438 -33.40 23.82 8.49
CA PRO M 438 -32.73 22.89 7.63
C PRO M 438 -31.34 22.57 8.12
N GLY M 439 -31.29 21.79 9.17
CA GLY M 439 -30.03 21.40 9.75
C GLY M 439 -29.49 20.25 8.93
N GLY M 440 -28.43 19.61 9.39
CA GLY M 440 -27.88 18.54 8.58
C GLY M 440 -26.48 18.16 9.02
N GLY M 441 -25.84 17.33 8.21
CA GLY M 441 -24.51 16.82 8.49
C GLY M 441 -24.71 15.40 8.93
N ASP M 442 -23.64 14.60 8.95
CA ASP M 442 -23.73 13.21 9.33
C ASP M 442 -24.54 12.41 8.30
N MET M 443 -23.86 11.92 7.28
CA MET M 443 -24.46 11.24 6.15
C MET M 443 -25.23 9.99 6.53
N ARG M 444 -25.00 9.48 7.73
CA ARG M 444 -25.70 8.32 8.19
C ARG M 444 -27.20 8.56 8.16
N ASP M 445 -27.65 9.80 8.34
CA ASP M 445 -29.09 10.00 8.31
C ASP M 445 -29.65 9.81 6.91
N ASN M 446 -28.86 10.05 5.87
CA ASN M 446 -29.45 9.93 4.55
C ASN M 446 -29.68 8.47 4.28
N TRP M 447 -28.70 7.68 4.72
CA TRP M 447 -28.85 6.22 4.56
C TRP M 447 -30.09 5.87 5.35
N ARG M 448 -30.07 6.21 6.64
CA ARG M 448 -31.11 5.78 7.54
C ARG M 448 -32.47 5.99 6.91
N SER M 449 -32.63 7.06 6.15
CA SER M 449 -33.89 7.37 5.49
C SER M 449 -34.31 6.34 4.46
N GLU M 450 -33.40 5.48 4.00
CA GLU M 450 -33.77 4.48 3.02
C GLU M 450 -33.82 3.07 3.63
N LEU M 451 -32.98 2.83 4.62
CA LEU M 451 -32.88 1.52 5.26
C LEU M 451 -33.87 1.29 6.38
N TYR M 452 -34.70 2.25 6.69
CA TYR M 452 -35.61 2.16 7.82
C TYR M 452 -36.60 1.02 7.75
N LYS M 453 -36.86 0.53 6.58
CA LYS M 453 -37.80 -0.56 6.44
C LYS M 453 -37.15 -1.91 6.62
N TYR M 454 -35.83 -1.96 6.83
CA TYR M 454 -35.21 -3.27 6.91
C TYR M 454 -34.48 -3.63 8.19
N LYS M 455 -34.53 -4.91 8.55
CA LYS M 455 -33.72 -5.42 9.66
C LYS M 455 -33.09 -6.75 9.31
N VAL M 456 -31.94 -7.04 9.90
CA VAL M 456 -31.27 -8.31 9.67
C VAL M 456 -31.54 -9.31 10.76
N VAL M 457 -31.92 -10.52 10.34
CA VAL M 457 -32.16 -11.58 11.28
C VAL M 457 -31.37 -12.80 10.88
N LYS M 458 -31.17 -13.70 11.81
CA LYS M 458 -30.49 -14.96 11.50
C LYS M 458 -31.49 -16.05 11.65
N ILE M 459 -31.33 -17.06 10.85
CA ILE M 459 -32.22 -18.19 10.91
C ILE M 459 -31.55 -19.29 11.66
N GLU M 460 -32.30 -19.83 12.62
CA GLU M 460 -31.79 -20.93 13.44
C GLU M 460 -32.67 -22.14 13.18
N PRO M 461 -32.39 -22.90 12.12
CA PRO M 461 -33.23 -23.95 11.58
C PRO M 461 -33.11 -25.19 12.41
N LEU M 462 -33.45 -25.12 13.66
CA LEU M 462 -33.37 -26.30 14.46
C LEU M 462 -34.16 -26.12 15.73
N GLY M 463 -35.05 -27.03 16.02
CA GLY M 463 -35.78 -26.89 17.26
C GLY M 463 -36.54 -28.13 17.62
N VAL M 464 -37.06 -28.15 18.83
CA VAL M 464 -37.75 -29.33 19.30
C VAL M 464 -39.12 -28.98 19.74
N ALA M 465 -39.94 -30.00 19.83
CA ALA M 465 -41.30 -29.89 20.30
C ALA M 465 -41.70 -31.28 20.80
N PRO M 466 -42.68 -31.38 21.71
CA PRO M 466 -43.21 -32.63 22.18
C PRO M 466 -44.10 -33.30 21.18
N THR M 467 -44.08 -34.61 21.19
CA THR M 467 -45.00 -35.44 20.46
C THR M 467 -45.06 -36.80 21.11
N ARG M 468 -45.63 -37.76 20.42
CA ARG M 468 -45.68 -39.12 20.95
C ARG M 468 -45.19 -40.11 19.89
N CYS M 469 -43.87 -40.20 19.72
CA CYS M 469 -43.27 -41.05 18.71
C CYS M 469 -41.76 -41.18 18.91
N LEU N 12 -38.36 -18.77 4.12
CA LEU N 12 -39.27 -18.71 5.31
C LEU N 12 -40.68 -18.39 4.83
N GLY N 13 -41.46 -19.44 4.57
CA GLY N 13 -42.85 -19.35 4.11
C GLY N 13 -43.84 -19.91 5.10
N ALA N 14 -43.36 -20.75 6.00
CA ALA N 14 -44.20 -21.31 7.05
C ALA N 14 -44.75 -20.16 7.88
N ALA N 15 -43.94 -19.09 8.02
CA ALA N 15 -44.33 -17.89 8.70
C ALA N 15 -45.05 -18.11 10.02
N GLY N 16 -46.28 -17.62 10.10
CA GLY N 16 -47.11 -17.66 11.28
C GLY N 16 -48.00 -18.89 11.35
N SER N 17 -47.77 -19.87 10.48
CA SER N 17 -48.57 -21.07 10.53
C SER N 17 -48.13 -21.80 11.78
N THR N 18 -48.95 -22.71 12.26
CA THR N 18 -48.62 -23.38 13.50
C THR N 18 -47.55 -24.41 13.31
N MET N 19 -46.97 -24.89 14.42
CA MET N 19 -45.88 -25.85 14.29
C MET N 19 -46.32 -27.10 13.60
N GLY N 20 -47.55 -27.50 13.83
CA GLY N 20 -48.05 -28.68 13.17
C GLY N 20 -48.06 -28.42 11.67
N ALA N 21 -48.69 -27.32 11.26
CA ALA N 21 -48.81 -26.97 9.85
C ALA N 21 -47.47 -26.76 9.15
N ALA N 22 -46.53 -26.18 9.89
CA ALA N 22 -45.21 -25.77 9.45
C ALA N 22 -44.31 -26.93 9.15
N SER N 23 -44.71 -28.13 9.51
CA SER N 23 -43.91 -29.31 9.27
C SER N 23 -43.83 -29.62 7.77
N MET N 24 -44.92 -29.51 7.04
CA MET N 24 -44.87 -29.96 5.65
C MET N 24 -44.39 -28.87 4.72
N THR N 25 -43.16 -28.45 4.94
CA THR N 25 -42.52 -27.37 4.20
C THR N 25 -41.11 -27.19 4.68
N LEU N 26 -40.67 -28.10 5.56
CA LEU N 26 -39.31 -27.98 6.10
C LEU N 26 -38.28 -28.04 4.97
N THR N 27 -38.59 -28.80 3.92
CA THR N 27 -37.76 -28.99 2.75
C THR N 27 -37.41 -27.66 2.11
N VAL N 28 -38.41 -26.79 1.99
CA VAL N 28 -38.22 -25.54 1.28
C VAL N 28 -37.31 -24.64 2.03
N GLN N 29 -37.51 -24.54 3.32
CA GLN N 29 -36.64 -23.67 4.05
C GLN N 29 -35.22 -24.22 4.07
N ALA N 30 -35.09 -25.55 4.24
CA ALA N 30 -33.80 -26.20 4.32
C ALA N 30 -32.97 -25.98 3.06
N ARG N 31 -33.65 -25.96 1.92
CA ARG N 31 -33.02 -25.80 0.63
C ARG N 31 -32.14 -24.56 0.51
N ASN N 32 -32.54 -23.45 1.14
CA ASN N 32 -31.77 -22.23 0.96
C ASN N 32 -30.87 -21.88 2.13
N LEU N 33 -30.63 -22.83 3.03
CA LEU N 33 -29.76 -22.54 4.17
C LEU N 33 -28.30 -22.46 3.77
N LEU N 34 -27.89 -23.20 2.74
CA LEU N 34 -26.51 -23.15 2.27
C LEU N 34 -26.42 -22.35 0.98
N SER N 35 -27.40 -22.56 0.09
CA SER N 35 -27.55 -21.91 -1.21
C SER N 35 -26.47 -22.23 -2.24
N GLY N 36 -25.22 -21.91 -1.91
CA GLY N 36 -24.07 -22.14 -2.78
C GLY N 36 -24.45 -21.99 -4.25
N LYS N 56 -8.28 -9.64 -6.35
CA LYS N 56 -9.52 -9.70 -5.59
C LYS N 56 -9.43 -8.72 -4.42
N LEU N 57 -9.91 -9.14 -3.25
CA LEU N 57 -9.96 -8.34 -2.05
C LEU N 57 -10.71 -7.04 -2.34
N THR N 58 -10.21 -5.91 -1.85
CA THR N 58 -10.89 -4.64 -2.05
C THR N 58 -12.29 -4.60 -1.45
N VAL N 59 -12.87 -3.42 -1.46
CA VAL N 59 -14.20 -3.31 -0.94
C VAL N 59 -15.11 -4.19 -1.78
N TRP N 60 -16.02 -4.85 -1.09
CA TRP N 60 -17.00 -5.80 -1.59
C TRP N 60 -16.36 -7.17 -1.73
N GLY N 61 -15.22 -7.29 -2.39
CA GLY N 61 -14.60 -8.59 -2.55
C GLY N 61 -14.31 -9.26 -1.20
N ILE N 62 -13.93 -8.46 -0.21
CA ILE N 62 -13.68 -8.98 1.13
C ILE N 62 -14.95 -9.54 1.74
N LYS N 63 -16.05 -8.83 1.54
CA LYS N 63 -17.31 -9.21 2.13
C LYS N 63 -17.83 -10.46 1.49
N GLN N 64 -17.67 -10.57 0.19
CA GLN N 64 -18.17 -11.72 -0.51
C GLN N 64 -17.43 -12.94 -0.04
N LEU N 65 -16.14 -12.81 0.19
CA LEU N 65 -15.41 -13.97 0.66
C LEU N 65 -15.86 -14.38 2.02
N GLN N 66 -15.97 -13.44 2.97
CA GLN N 66 -16.37 -13.91 4.27
C GLN N 66 -17.81 -14.36 4.29
N ALA N 67 -18.64 -13.83 3.39
CA ALA N 67 -20.03 -14.23 3.32
C ALA N 67 -20.12 -15.70 2.96
N ARG N 68 -19.26 -16.14 2.06
CA ARG N 68 -19.26 -17.52 1.64
C ARG N 68 -18.74 -18.41 2.75
N VAL N 69 -17.71 -17.94 3.45
CA VAL N 69 -17.15 -18.73 4.52
C VAL N 69 -18.15 -18.90 5.62
N LEU N 70 -18.84 -17.81 5.97
CA LEU N 70 -19.82 -17.87 7.03
C LEU N 70 -20.95 -18.81 6.68
N ALA N 71 -21.47 -18.74 5.46
CA ALA N 71 -22.58 -19.63 5.15
C ALA N 71 -22.15 -21.07 5.35
N VAL N 72 -20.93 -21.39 4.96
CA VAL N 72 -20.48 -22.74 5.16
C VAL N 72 -20.33 -23.09 6.61
N GLU N 73 -19.71 -22.21 7.38
CA GLU N 73 -19.49 -22.52 8.76
C GLU N 73 -20.81 -22.72 9.49
N ARG N 74 -21.81 -21.88 9.23
CA ARG N 74 -23.06 -22.07 9.93
C ARG N 74 -23.73 -23.35 9.53
N TYR N 75 -23.70 -23.67 8.25
CA TYR N 75 -24.33 -24.86 7.79
C TYR N 75 -23.78 -26.06 8.51
N LEU N 76 -22.45 -26.18 8.54
CA LEU N 76 -21.85 -27.35 9.15
C LEU N 76 -22.00 -27.34 10.64
N ARG N 77 -22.01 -26.16 11.22
CA ARG N 77 -22.15 -26.07 12.65
C ARG N 77 -23.39 -26.83 13.07
N ASP N 78 -24.47 -26.71 12.30
CA ASP N 78 -25.67 -27.45 12.63
C ASP N 78 -25.66 -28.89 12.11
N GLN N 79 -25.02 -29.16 10.98
CA GLN N 79 -25.11 -30.54 10.48
C GLN N 79 -24.46 -31.50 11.44
N GLN N 80 -23.39 -31.07 12.10
CA GLN N 80 -22.72 -32.00 13.00
C GLN N 80 -23.58 -32.29 14.20
N LEU N 81 -24.52 -31.41 14.52
CA LEU N 81 -25.29 -31.57 15.71
C LEU N 81 -26.33 -32.62 15.47
N LEU N 82 -26.89 -32.62 14.28
CA LEU N 82 -27.85 -33.65 13.90
C LEU N 82 -27.15 -34.98 13.70
N GLY N 83 -25.87 -34.93 13.38
CA GLY N 83 -25.04 -36.10 13.31
C GLY N 83 -24.91 -36.71 14.71
N ILE N 84 -24.57 -35.88 15.70
CA ILE N 84 -24.42 -36.34 17.08
C ILE N 84 -25.75 -36.80 17.67
N TRP N 85 -26.82 -36.03 17.46
CA TRP N 85 -28.15 -36.40 17.94
C TRP N 85 -28.65 -37.34 16.89
N GLY N 86 -28.08 -38.51 16.86
CA GLY N 86 -28.22 -39.45 15.78
C GLY N 86 -29.50 -39.37 14.96
N CYS N 87 -29.48 -38.47 13.99
CA CYS N 87 -30.53 -38.34 13.00
C CYS N 87 -29.96 -38.44 11.60
N SER N 88 -29.12 -37.46 11.23
CA SER N 88 -28.46 -37.36 9.91
C SER N 88 -29.45 -37.18 8.74
N GLY N 89 -30.31 -38.17 8.53
CA GLY N 89 -31.40 -38.21 7.56
C GLY N 89 -32.53 -37.43 8.18
N LYS N 90 -32.25 -36.15 8.29
CA LYS N 90 -32.96 -35.11 9.00
C LYS N 90 -34.26 -34.62 8.42
N LEU N 91 -34.52 -33.33 8.66
CA LEU N 91 -35.77 -32.62 8.44
C LEU N 91 -36.69 -32.98 9.59
N ILE N 92 -37.03 -34.26 9.70
CA ILE N 92 -37.76 -34.73 10.86
C ILE N 92 -37.16 -36.00 11.44
N CYS N 93 -36.91 -36.02 12.75
CA CYS N 93 -36.47 -37.27 13.39
C CYS N 93 -36.88 -37.35 14.85
N CYS N 94 -36.86 -38.57 15.38
CA CYS N 94 -37.25 -38.82 16.76
C CYS N 94 -36.13 -39.43 17.57
N THR N 95 -36.09 -39.15 18.87
CA THR N 95 -35.09 -39.76 19.73
C THR N 95 -35.73 -40.52 20.89
N ASN N 96 -34.91 -41.00 21.82
CA ASN N 96 -35.36 -41.80 22.96
C ASN N 96 -35.43 -41.04 24.29
N VAL N 97 -35.56 -39.74 24.18
CA VAL N 97 -35.66 -38.87 25.33
C VAL N 97 -37.14 -38.55 25.56
N PRO N 98 -37.69 -38.76 26.77
CA PRO N 98 -39.06 -38.48 27.15
C PRO N 98 -39.20 -36.97 27.29
N TRP N 99 -40.40 -36.44 27.16
CA TRP N 99 -40.59 -35.02 27.36
C TRP N 99 -40.76 -34.72 28.85
N ASN N 100 -40.07 -33.71 29.36
CA ASN N 100 -40.16 -33.30 30.76
C ASN N 100 -41.38 -32.42 30.99
N SER N 101 -42.01 -32.55 32.15
CA SER N 101 -43.17 -31.74 32.49
C SER N 101 -42.86 -30.27 32.75
N SER N 102 -41.60 -29.97 33.01
CA SER N 102 -41.19 -28.59 33.26
C SER N 102 -41.04 -27.85 31.95
N TRP N 103 -40.96 -28.58 30.85
CA TRP N 103 -40.69 -28.00 29.57
C TRP N 103 -41.98 -27.55 28.93
N SER N 104 -42.56 -26.48 29.46
CA SER N 104 -43.82 -25.97 28.96
C SER N 104 -44.86 -27.08 28.84
N ASN N 105 -45.23 -27.71 29.94
CA ASN N 105 -46.18 -28.78 29.78
C ASN N 105 -47.54 -28.21 29.55
N ARG N 106 -47.89 -28.21 28.29
CA ARG N 106 -49.10 -27.70 27.72
C ARG N 106 -49.61 -28.78 26.78
N ASN N 107 -50.88 -28.77 26.48
CA ASN N 107 -51.44 -29.81 25.62
C ASN N 107 -50.87 -29.80 24.22
N LEU N 108 -50.73 -31.00 23.65
CA LEU N 108 -50.28 -31.16 22.28
C LEU N 108 -51.26 -30.50 21.33
N SER N 109 -52.53 -30.49 21.72
CA SER N 109 -53.59 -29.89 20.93
C SER N 109 -53.42 -28.37 20.80
N GLU N 110 -52.56 -27.79 21.63
CA GLU N 110 -52.27 -26.39 21.48
C GLU N 110 -50.91 -26.31 20.82
N ILE N 111 -49.93 -26.98 21.43
CA ILE N 111 -48.55 -26.83 21.06
C ILE N 111 -48.22 -27.25 19.66
N TRP N 112 -48.77 -28.35 19.19
CA TRP N 112 -48.40 -28.80 17.88
C TRP N 112 -49.58 -28.66 16.94
N ASP N 113 -50.45 -27.67 17.20
CA ASP N 113 -51.62 -27.48 16.35
C ASP N 113 -52.01 -26.00 16.21
N ASN N 114 -52.10 -25.26 17.33
CA ASN N 114 -52.62 -23.89 17.36
C ASN N 114 -51.62 -22.76 17.68
N MET N 115 -50.33 -23.04 17.66
CA MET N 115 -49.31 -22.00 17.89
C MET N 115 -48.09 -22.23 17.02
N THR N 116 -47.35 -21.15 16.76
CA THR N 116 -46.22 -21.14 15.84
C THR N 116 -44.89 -21.52 16.44
N TRP N 117 -43.97 -21.82 15.67
CA TRP N 117 -42.60 -22.12 16.14
C TRP N 117 -42.14 -20.92 16.97
N LEU N 118 -42.23 -19.68 16.32
CA LEU N 118 -41.62 -18.56 16.99
C LEU N 118 -42.14 -18.48 18.41
N GLN N 119 -43.44 -18.69 18.56
CA GLN N 119 -44.05 -18.59 19.88
C GLN N 119 -43.53 -19.67 20.78
N TRP N 120 -43.35 -20.85 20.22
CA TRP N 120 -42.85 -21.96 20.97
C TRP N 120 -41.43 -21.71 21.42
N ASP N 121 -40.57 -21.23 20.51
CA ASP N 121 -39.18 -21.03 20.83
C ASP N 121 -39.04 -20.07 21.99
N LYS N 122 -39.92 -19.09 22.05
CA LYS N 122 -39.86 -18.10 23.12
C LYS N 122 -40.00 -18.71 24.52
N GLU N 123 -40.61 -19.89 24.64
CA GLU N 123 -40.76 -20.50 25.96
C GLU N 123 -39.84 -21.72 26.13
N ILE N 124 -39.72 -22.53 25.09
CA ILE N 124 -38.94 -23.75 25.22
C ILE N 124 -37.45 -23.51 25.30
N SER N 125 -36.97 -22.40 24.75
CA SER N 125 -35.54 -22.11 24.67
C SER N 125 -34.86 -22.04 26.03
N ASN N 126 -35.63 -21.92 27.10
CA ASN N 126 -35.04 -21.86 28.43
C ASN N 126 -34.37 -23.17 28.81
N TYR N 127 -34.73 -24.25 28.12
CA TYR N 127 -34.22 -25.58 28.40
C TYR N 127 -33.29 -26.06 27.30
N THR N 128 -32.79 -25.16 26.46
CA THR N 128 -32.00 -25.57 25.32
C THR N 128 -30.83 -26.46 25.62
N GLN N 129 -30.03 -26.10 26.61
CA GLN N 129 -28.83 -26.88 26.87
C GLN N 129 -29.16 -28.19 27.51
N ILE N 130 -30.22 -28.20 28.30
CA ILE N 130 -30.63 -29.39 28.99
C ILE N 130 -31.09 -30.40 27.97
N ILE N 131 -31.93 -29.93 27.07
CA ILE N 131 -32.48 -30.81 26.09
C ILE N 131 -31.40 -31.31 25.19
N TYR N 132 -30.52 -30.43 24.74
CA TYR N 132 -29.48 -30.85 23.84
C TYR N 132 -28.57 -31.89 24.48
N GLY N 133 -28.19 -31.72 25.74
CA GLY N 133 -27.32 -32.71 26.35
C GLY N 133 -27.98 -34.08 26.37
N LEU N 134 -29.28 -34.10 26.67
CA LEU N 134 -30.02 -35.34 26.67
C LEU N 134 -30.15 -35.92 25.28
N LEU N 135 -30.35 -35.08 24.27
CA LEU N 135 -30.51 -35.59 22.93
C LEU N 135 -29.23 -36.29 22.48
N GLU N 136 -28.08 -35.77 22.89
CA GLU N 136 -26.85 -36.38 22.45
C GLU N 136 -26.59 -37.71 23.13
N GLU N 137 -26.54 -37.67 24.46
CA GLU N 137 -26.17 -38.84 25.20
C GLU N 137 -27.21 -39.88 25.43
N SER N 138 -28.48 -39.54 25.60
CA SER N 138 -29.37 -40.64 25.88
C SER N 138 -29.42 -41.56 24.69
N GLN N 139 -29.36 -40.99 23.50
CA GLN N 139 -29.41 -41.83 22.34
C GLN N 139 -28.09 -42.50 22.09
N ASN N 140 -26.98 -41.78 22.21
CA ASN N 140 -25.76 -42.49 21.90
C ASN N 140 -25.39 -43.52 22.95
N GLN N 141 -25.70 -43.27 24.20
CA GLN N 141 -25.34 -44.24 25.21
C GLN N 141 -26.10 -45.53 25.04
N GLN N 142 -27.38 -45.44 24.67
CA GLN N 142 -28.17 -46.65 24.52
C GLN N 142 -28.17 -47.29 23.13
N GLU N 143 -27.99 -46.53 22.05
CA GLU N 143 -27.98 -47.17 20.74
C GLU N 143 -26.59 -47.68 20.41
N LYS N 144 -25.58 -46.92 20.76
CA LYS N 144 -24.23 -47.34 20.49
C LYS N 144 -23.94 -48.17 21.69
N ASN N 145 -22.93 -49.01 21.64
CA ASN N 145 -22.57 -49.92 22.72
C ASN N 145 -23.53 -51.09 22.64
N GLU N 146 -24.83 -50.84 22.72
CA GLU N 146 -25.80 -51.92 22.63
C GLU N 146 -25.74 -52.58 21.27
N GLN N 147 -25.58 -51.80 20.21
CA GLN N 147 -25.55 -52.47 18.93
C GLN N 147 -24.15 -52.95 18.57
N ASP N 148 -23.18 -52.67 19.42
CA ASP N 148 -21.81 -53.12 19.20
C ASP N 148 -21.69 -54.47 19.88
N LEU N 149 -22.46 -54.65 20.96
CA LEU N 149 -22.54 -55.92 21.65
C LEU N 149 -23.30 -56.86 20.73
N LEU N 150 -24.27 -56.29 20.02
CA LEU N 150 -25.09 -57.01 19.08
C LEU N 150 -24.66 -56.65 17.66
N VAL O 2 -52.39 64.19 -1.44
CA VAL O 2 -52.33 65.52 -0.85
C VAL O 2 -53.00 66.60 -1.66
N VAL O 3 -53.80 67.38 -0.96
CA VAL O 3 -54.45 68.51 -1.61
C VAL O 3 -53.43 69.61 -1.66
N MET O 4 -53.15 70.07 -2.86
CA MET O 4 -52.11 71.05 -3.06
C MET O 4 -52.51 72.10 -4.09
N THR O 5 -52.04 73.32 -3.88
CA THR O 5 -52.29 74.43 -4.78
C THR O 5 -51.07 75.29 -5.04
N GLN O 6 -51.24 76.28 -5.91
CA GLN O 6 -50.18 77.22 -6.27
C GLN O 6 -50.65 78.66 -6.32
N SER O 7 -49.72 79.57 -6.02
CA SER O 7 -50.01 80.99 -6.11
C SER O 7 -48.77 81.78 -6.50
N PRO O 8 -48.90 82.73 -7.43
CA PRO O 8 -50.05 83.21 -8.18
C PRO O 8 -50.42 82.26 -9.30
N SER O 9 -51.58 82.44 -9.94
CA SER O 9 -51.89 81.61 -11.10
C SER O 9 -51.11 82.07 -12.33
N THR O 10 -50.77 83.35 -12.36
CA THR O 10 -49.98 83.94 -13.42
C THR O 10 -48.96 84.87 -12.81
N LEU O 11 -47.85 85.06 -13.48
CA LEU O 11 -46.84 85.96 -12.96
C LEU O 11 -46.24 86.78 -14.10
N SER O 12 -46.11 88.08 -13.92
CA SER O 12 -45.46 88.84 -14.99
C SER O 12 -44.08 89.25 -14.52
N ALA O 13 -43.15 89.28 -15.46
CA ALA O 13 -41.80 89.70 -15.15
C ALA O 13 -41.07 90.16 -16.39
N SER O 14 -40.02 90.94 -16.23
CA SER O 14 -39.20 91.27 -17.37
C SER O 14 -38.11 90.22 -17.47
N VAL O 15 -37.41 90.20 -18.59
CA VAL O 15 -36.35 89.22 -18.73
C VAL O 15 -35.19 89.75 -17.88
N GLY O 16 -34.66 88.89 -17.01
CA GLY O 16 -33.59 89.22 -16.10
C GLY O 16 -34.07 89.42 -14.65
N ASP O 17 -35.39 89.54 -14.46
CA ASP O 17 -35.97 89.71 -13.13
C ASP O 17 -35.91 88.45 -12.30
N THR O 18 -35.95 88.62 -10.98
CA THR O 18 -36.02 87.48 -10.09
C THR O 18 -37.45 87.28 -9.67
N ILE O 19 -37.94 86.07 -9.81
CA ILE O 19 -39.32 85.81 -9.45
C ILE O 19 -39.47 84.66 -8.49
N THR O 20 -40.60 84.65 -7.79
CA THR O 20 -40.91 83.52 -6.93
C THR O 20 -42.32 83.00 -7.14
N ILE O 21 -42.45 81.68 -7.03
CA ILE O 21 -43.72 80.97 -7.14
C ILE O 21 -43.96 80.11 -5.90
N THR O 22 -45.14 80.21 -5.27
CA THR O 22 -45.36 79.44 -4.06
C THR O 22 -46.33 78.27 -4.21
N CYS O 23 -45.89 77.12 -3.71
CA CYS O 23 -46.69 75.90 -3.68
C CYS O 23 -47.16 75.65 -2.26
N ARG O 24 -48.45 75.45 -2.12
CA ARG O 24 -49.03 75.26 -0.79
C ARG O 24 -49.81 73.97 -0.64
N ALA O 25 -49.92 73.48 0.57
CA ALA O 25 -50.67 72.24 0.77
C ALA O 25 -51.45 72.19 2.07
N SER O 26 -52.45 71.32 2.07
CA SER O 26 -53.26 71.09 3.25
C SER O 26 -52.66 70.00 4.14
N GLN O 27 -51.60 69.38 3.65
CA GLN O 27 -50.89 68.32 4.35
C GLN O 27 -49.41 68.50 4.10
N SER O 28 -48.57 67.66 4.70
CA SER O 28 -47.15 67.83 4.50
C SER O 28 -46.64 67.46 3.12
N ILE O 29 -45.77 68.31 2.61
CA ILE O 29 -45.03 68.18 1.38
C ILE O 29 -43.56 68.43 1.70
N GLU O 30 -43.19 68.09 2.94
CA GLU O 30 -41.87 68.36 3.55
C GLU O 30 -40.65 67.91 2.74
N THR O 31 -40.71 66.73 2.14
CA THR O 31 -39.59 66.26 1.35
C THR O 31 -40.16 65.78 0.05
N TRP O 32 -41.39 65.35 0.10
CA TRP O 32 -42.01 64.73 -1.06
C TRP O 32 -42.67 65.74 -1.94
N LEU O 33 -41.84 66.56 -2.56
CA LEU O 33 -42.25 67.66 -3.42
C LEU O 33 -41.28 67.88 -4.60
N ALA O 34 -41.80 68.21 -5.76
CA ALA O 34 -40.90 68.55 -6.85
C ALA O 34 -41.46 69.64 -7.72
N TRP O 35 -40.57 70.35 -8.40
CA TRP O 35 -41.00 71.38 -9.33
C TRP O 35 -40.61 71.07 -10.74
N TYR O 36 -41.55 71.36 -11.65
CA TYR O 36 -41.40 71.22 -13.08
C TYR O 36 -41.62 72.51 -13.86
N GLN O 37 -40.90 72.62 -14.98
CA GLN O 37 -40.99 73.75 -15.92
C GLN O 37 -41.43 73.32 -17.31
N GLN O 38 -42.49 73.93 -17.85
CA GLN O 38 -42.93 73.51 -19.17
C GLN O 38 -43.31 74.65 -20.11
N LYS O 39 -42.82 74.55 -21.33
CA LYS O 39 -43.13 75.50 -22.39
C LYS O 39 -44.17 74.86 -23.30
N PRO O 40 -44.97 75.63 -24.05
CA PRO O 40 -45.95 75.12 -24.97
C PRO O 40 -45.29 74.21 -25.98
N GLY O 41 -45.92 73.08 -26.25
CA GLY O 41 -45.42 72.12 -27.22
C GLY O 41 -44.36 71.18 -26.67
N LYS O 42 -44.00 71.34 -25.40
CA LYS O 42 -42.96 70.51 -24.82
C LYS O 42 -43.44 69.67 -23.66
N ALA O 43 -42.71 68.58 -23.39
CA ALA O 43 -42.91 67.77 -22.21
C ALA O 43 -42.40 68.61 -21.04
N PRO O 44 -42.88 68.46 -19.81
CA PRO O 44 -42.39 69.21 -18.69
C PRO O 44 -41.01 68.74 -18.32
N LYS O 45 -40.18 69.64 -17.80
CA LYS O 45 -38.86 69.27 -17.32
C LYS O 45 -38.73 69.40 -15.82
N LEU O 46 -38.02 68.49 -15.20
CA LEU O 46 -37.80 68.56 -13.77
C LEU O 46 -36.72 69.54 -13.37
N LEU O 47 -37.03 70.38 -12.40
CA LEU O 47 -36.07 71.32 -11.87
C LEU O 47 -35.60 70.94 -10.47
N ILE O 48 -36.58 70.77 -9.58
CA ILE O 48 -36.32 70.57 -8.14
C ILE O 48 -36.95 69.30 -7.65
N TYR O 49 -36.22 68.50 -6.89
CA TYR O 49 -36.79 67.29 -6.34
C TYR O 49 -36.46 67.10 -4.88
N LYS O 50 -37.25 66.26 -4.23
CA LYS O 50 -37.11 65.96 -2.81
C LYS O 50 -37.22 67.29 -2.03
N ALA O 51 -38.12 68.13 -2.53
CA ALA O 51 -38.53 69.44 -2.07
C ALA O 51 -37.44 70.53 -2.05
N SER O 52 -36.23 70.28 -2.57
CA SER O 52 -35.20 71.34 -2.56
C SER O 52 -33.93 71.04 -3.35
N THR O 53 -33.80 69.83 -3.89
CA THR O 53 -32.59 69.45 -4.58
C THR O 53 -32.68 69.77 -6.05
N LEU O 54 -31.68 70.44 -6.57
CA LEU O 54 -31.74 70.76 -7.98
C LEU O 54 -31.25 69.59 -8.80
N LYS O 55 -31.96 69.30 -9.87
CA LYS O 55 -31.61 68.22 -10.78
C LYS O 55 -30.32 68.53 -11.49
N THR O 56 -29.50 67.52 -11.67
CA THR O 56 -28.27 67.70 -12.39
C THR O 56 -28.58 68.22 -13.78
N GLY O 57 -27.89 69.28 -14.18
CA GLY O 57 -28.07 69.90 -15.49
C GLY O 57 -28.94 71.16 -15.43
N VAL O 58 -29.60 71.39 -14.32
CA VAL O 58 -30.43 72.56 -14.16
C VAL O 58 -29.54 73.77 -13.85
N PRO O 59 -29.67 74.89 -14.58
CA PRO O 59 -28.89 76.10 -14.39
C PRO O 59 -28.97 76.60 -12.96
N SER O 60 -27.88 77.20 -12.51
CA SER O 60 -27.69 77.73 -11.16
C SER O 60 -28.62 78.86 -10.78
N ARG O 61 -29.30 79.43 -11.76
CA ARG O 61 -30.25 80.49 -11.51
C ARG O 61 -31.51 79.94 -10.81
N PHE O 62 -31.70 78.61 -10.84
CA PHE O 62 -32.84 78.00 -10.21
C PHE O 62 -32.50 77.56 -8.80
N SER O 63 -33.40 77.82 -7.87
CA SER O 63 -33.25 77.41 -6.49
C SER O 63 -34.62 77.33 -5.84
N GLY O 64 -34.67 76.81 -4.62
CA GLY O 64 -35.94 76.80 -3.92
C GLY O 64 -35.78 76.21 -2.54
N SER O 65 -36.77 76.47 -1.70
CA SER O 65 -36.76 76.01 -0.32
C SER O 65 -38.13 76.12 0.32
N GLY O 66 -38.27 75.54 1.51
CA GLY O 66 -39.51 75.65 2.27
C GLY O 66 -39.61 74.53 3.27
N SER O 67 -40.78 74.42 3.88
CA SER O 67 -41.04 73.40 4.89
C SER O 67 -42.52 73.18 5.05
N GLY O 68 -42.91 72.10 5.70
CA GLY O 68 -44.31 71.92 6.03
C GLY O 68 -45.22 71.91 4.82
N THR O 69 -46.12 72.88 4.85
CA THR O 69 -47.15 73.12 3.88
C THR O 69 -46.88 74.32 2.96
N GLU O 70 -45.66 74.90 3.05
CA GLU O 70 -45.35 76.05 2.19
C GLU O 70 -43.95 76.04 1.59
N PHE O 71 -43.89 75.93 0.26
CA PHE O 71 -42.62 75.91 -0.49
C PHE O 71 -42.51 76.91 -1.62
N THR O 72 -41.30 77.43 -1.82
CA THR O 72 -41.10 78.41 -2.88
C THR O 72 -40.03 78.06 -3.91
N LEU O 73 -40.42 78.27 -5.16
CA LEU O 73 -39.55 78.18 -6.33
C LEU O 73 -38.99 79.55 -6.64
N THR O 74 -37.68 79.69 -6.66
CA THR O 74 -37.04 80.97 -6.94
C THR O 74 -36.21 80.93 -8.21
N ILE O 75 -36.45 81.89 -9.10
CA ILE O 75 -35.64 81.93 -10.31
C ILE O 75 -35.01 83.30 -10.51
N SER O 76 -33.69 83.40 -10.43
CA SER O 76 -33.06 84.70 -10.62
C SER O 76 -32.67 84.84 -12.07
N GLY O 77 -32.48 86.05 -12.58
CA GLY O 77 -31.95 86.09 -13.93
C GLY O 77 -32.92 85.43 -14.90
N LEU O 78 -34.23 85.59 -14.70
CA LEU O 78 -35.21 84.89 -15.51
C LEU O 78 -34.95 85.09 -17.00
N GLN O 79 -34.88 83.98 -17.74
CA GLN O 79 -34.62 84.03 -19.17
C GLN O 79 -35.85 83.85 -20.02
N PHE O 80 -35.73 83.99 -21.33
CA PHE O 80 -36.89 83.85 -22.21
C PHE O 80 -37.50 82.45 -22.11
N ASP O 81 -36.68 81.46 -21.90
CA ASP O 81 -37.14 80.08 -21.85
C ASP O 81 -37.72 79.73 -20.50
N ASP O 82 -37.66 80.69 -19.59
CA ASP O 82 -38.18 80.50 -18.26
C ASP O 82 -39.56 81.13 -18.14
N PHE O 83 -40.08 81.71 -19.23
CA PHE O 83 -41.43 82.26 -19.15
C PHE O 83 -42.36 81.11 -19.53
N ALA O 84 -42.36 80.17 -18.62
CA ALA O 84 -42.95 78.85 -18.67
C ALA O 84 -43.99 78.70 -17.61
N THR O 85 -44.78 77.65 -17.70
CA THR O 85 -45.71 77.40 -16.64
C THR O 85 -45.02 76.45 -15.69
N TYR O 86 -45.02 76.83 -14.43
CA TYR O 86 -44.35 76.02 -13.44
C TYR O 86 -45.34 75.26 -12.63
N HIS O 87 -44.98 74.05 -12.28
CA HIS O 87 -45.89 73.24 -11.49
C HIS O 87 -45.20 72.58 -10.34
N CYS O 88 -45.93 72.43 -9.25
CA CYS O 88 -45.38 71.64 -8.17
C CYS O 88 -46.09 70.30 -8.13
N GLN O 89 -45.36 69.27 -7.70
CA GLN O 89 -45.86 67.91 -7.60
C GLN O 89 -45.60 67.28 -6.24
N HIS O 90 -46.60 66.56 -5.74
CA HIS O 90 -46.54 65.80 -4.49
C HIS O 90 -46.18 64.37 -4.75
N TYR O 91 -45.31 63.83 -3.91
CA TYR O 91 -44.93 62.43 -4.09
C TYR O 91 -45.42 61.46 -3.09
N ALA O 92 -45.66 60.28 -3.61
CA ALA O 92 -46.04 59.10 -2.89
C ALA O 92 -45.53 57.92 -3.70
N GLY O 93 -45.34 56.78 -3.06
CA GLY O 93 -44.89 55.62 -3.80
C GLY O 93 -45.86 55.17 -4.90
N TYR O 94 -47.15 55.28 -4.67
CA TYR O 94 -48.07 54.78 -5.69
C TYR O 94 -48.99 55.82 -6.29
N SER O 95 -48.77 57.08 -5.99
CA SER O 95 -49.62 58.15 -6.48
C SER O 95 -48.89 59.47 -6.54
N ALA O 96 -49.59 60.49 -6.99
CA ALA O 96 -49.03 61.82 -7.05
C ALA O 96 -50.14 62.81 -7.16
N THR O 97 -49.87 64.04 -6.77
CA THR O 97 -50.84 65.10 -7.02
C THR O 97 -50.09 66.29 -7.58
N PHE O 98 -50.81 67.20 -8.20
CA PHE O 98 -50.20 68.39 -8.75
C PHE O 98 -50.92 69.65 -8.33
N GLY O 99 -50.17 70.74 -8.31
CA GLY O 99 -50.75 72.04 -8.07
C GLY O 99 -51.35 72.45 -9.39
N GLN O 100 -51.93 73.64 -9.49
CA GLN O 100 -52.61 73.99 -10.72
C GLN O 100 -51.74 74.71 -11.73
N GLY O 101 -50.53 75.04 -11.34
CA GLY O 101 -49.57 75.70 -12.19
C GLY O 101 -49.56 77.22 -12.13
N THR O 102 -48.39 77.80 -12.37
CA THR O 102 -48.24 79.26 -12.44
C THR O 102 -47.66 79.64 -13.79
N ARG O 103 -48.37 80.45 -14.56
CA ARG O 103 -47.86 80.82 -15.89
C ARG O 103 -47.09 82.12 -15.86
N VAL O 104 -45.81 82.05 -16.18
CA VAL O 104 -44.95 83.22 -16.16
C VAL O 104 -44.96 83.85 -17.58
N GLU O 105 -45.22 85.15 -17.63
CA GLU O 105 -45.31 85.92 -18.87
C GLU O 105 -44.37 87.11 -18.88
N ILE O 106 -43.92 87.54 -20.05
CA ILE O 106 -43.01 88.67 -20.08
C ILE O 106 -43.78 89.96 -19.85
N GLU P 1 -30.84 58.75 -25.04
CA GLU P 1 -31.35 58.89 -23.68
C GLU P 1 -32.69 58.22 -23.55
N VAL P 2 -33.27 58.29 -22.37
CA VAL P 2 -34.57 57.70 -22.22
C VAL P 2 -35.66 58.59 -22.72
N GLN P 3 -36.49 58.00 -23.55
CA GLN P 3 -37.63 58.70 -24.11
C GLN P 3 -38.85 57.81 -24.00
N LEU P 4 -40.01 58.40 -23.83
CA LEU P 4 -41.21 57.59 -23.78
C LEU P 4 -42.02 58.00 -24.99
N VAL P 5 -42.75 57.10 -25.65
CA VAL P 5 -43.54 57.55 -26.79
C VAL P 5 -45.02 57.14 -26.78
N GLU P 6 -45.89 58.15 -26.67
CA GLU P 6 -47.34 58.00 -26.65
C GLU P 6 -47.94 57.72 -28.01
N SER P 7 -48.98 56.90 -28.03
CA SER P 7 -49.74 56.66 -29.24
C SER P 7 -51.19 56.30 -28.97
N GLY P 8 -52.03 56.39 -30.02
CA GLY P 8 -53.45 56.01 -29.92
C GLY P 8 -54.40 57.15 -29.55
N GLY P 9 -53.99 58.40 -29.72
CA GLY P 9 -54.86 59.52 -29.38
C GLY P 9 -55.91 59.72 -30.47
N GLY P 10 -56.65 60.82 -30.40
CA GLY P 10 -57.74 61.03 -31.36
C GLY P 10 -59.02 61.54 -30.68
N LEU P 11 -60.05 61.80 -31.48
CA LEU P 11 -61.30 62.30 -30.93
C LEU P 11 -62.38 61.25 -30.84
N VAL P 12 -63.11 61.26 -29.73
CA VAL P 12 -64.27 60.39 -29.55
C VAL P 12 -65.45 61.21 -29.07
N LYS P 13 -66.64 60.67 -29.19
CA LYS P 13 -67.80 61.32 -28.63
C LYS P 13 -67.88 60.92 -27.17
N ALA P 14 -68.35 61.81 -26.31
CA ALA P 14 -68.48 61.45 -24.92
C ALA P 14 -69.33 60.19 -24.77
N GLY P 15 -68.87 59.34 -23.86
CA GLY P 15 -69.45 58.06 -23.55
C GLY P 15 -68.68 56.93 -24.24
N GLY P 16 -67.79 57.28 -25.16
CA GLY P 16 -66.99 56.30 -25.89
C GLY P 16 -65.73 55.94 -25.13
N SER P 17 -64.75 55.36 -25.84
CA SER P 17 -63.54 54.96 -25.15
C SER P 17 -62.31 55.01 -26.04
N LEU P 18 -61.17 55.17 -25.38
CA LEU P 18 -59.88 55.10 -26.04
C LEU P 18 -58.95 54.18 -25.33
N ILE P 19 -58.04 53.60 -26.07
CA ILE P 19 -56.99 52.88 -25.42
C ILE P 19 -55.72 53.52 -25.90
N LEU P 20 -54.91 53.97 -24.95
CA LEU P 20 -53.65 54.62 -25.26
C LEU P 20 -52.52 53.72 -24.84
N SER P 21 -51.39 53.91 -25.47
CA SER P 21 -50.22 53.18 -25.02
C SER P 21 -48.96 53.95 -25.19
N CYS P 22 -47.94 53.53 -24.46
CA CYS P 22 -46.61 54.07 -24.66
C CYS P 22 -45.58 52.99 -24.83
N GLY P 23 -44.76 53.15 -25.84
CA GLY P 23 -43.65 52.25 -26.01
C GLY P 23 -42.54 53.03 -25.37
N VAL P 24 -41.41 52.42 -25.10
CA VAL P 24 -40.37 53.24 -24.52
C VAL P 24 -39.03 53.01 -25.18
N SER P 25 -38.14 53.97 -25.05
CA SER P 25 -36.80 53.80 -25.57
C SER P 25 -35.70 53.88 -24.52
N ASN P 26 -34.73 53.01 -24.75
CA ASN P 26 -33.47 52.86 -24.04
C ASN P 26 -33.49 52.51 -22.55
N PHE P 27 -34.47 51.75 -22.10
CA PHE P 27 -34.44 51.28 -20.72
C PHE P 27 -35.30 50.07 -20.58
N ARG P 28 -35.12 49.34 -19.49
CA ARG P 28 -35.97 48.21 -19.19
C ARG P 28 -37.13 48.68 -18.34
N ILE P 29 -38.36 48.49 -18.82
CA ILE P 29 -39.47 49.07 -18.12
C ILE P 29 -39.74 48.41 -16.78
N SER P 30 -39.33 47.17 -16.60
CA SER P 30 -39.59 46.39 -15.40
C SER P 30 -38.99 46.98 -14.13
N ALA P 31 -38.06 47.92 -14.26
CA ALA P 31 -37.48 48.55 -13.09
C ALA P 31 -38.26 49.77 -12.64
N HIS P 32 -39.31 50.15 -13.36
CA HIS P 32 -39.97 51.39 -13.00
C HIS P 32 -41.48 51.39 -12.92
N THR P 33 -41.94 52.26 -12.02
CA THR P 33 -43.35 52.57 -11.88
C THR P 33 -43.71 53.56 -12.96
N MET P 34 -44.77 53.27 -13.66
CA MET P 34 -45.19 54.13 -14.75
C MET P 34 -46.41 54.89 -14.34
N ASN P 35 -46.49 56.12 -14.79
CA ASN P 35 -47.62 56.95 -14.45
C ASN P 35 -48.18 57.67 -15.63
N TRP P 36 -49.48 57.78 -15.63
CA TRP P 36 -50.15 58.58 -16.60
C TRP P 36 -50.41 59.91 -15.95
N VAL P 37 -50.02 60.95 -16.65
CA VAL P 37 -50.18 62.32 -16.22
C VAL P 37 -50.84 63.06 -17.36
N ARG P 38 -51.74 63.97 -17.06
CA ARG P 38 -52.32 64.69 -18.18
C ARG P 38 -52.26 66.20 -18.01
N ARG P 39 -52.09 66.88 -19.14
CA ARG P 39 -52.11 68.33 -19.16
C ARG P 39 -53.51 68.69 -19.53
N VAL P 40 -54.09 69.62 -18.84
CA VAL P 40 -55.49 69.91 -19.09
C VAL P 40 -55.67 71.31 -19.67
N PRO P 41 -56.83 71.64 -20.27
CA PRO P 41 -57.13 72.93 -20.91
C PRO P 41 -56.94 74.14 -20.02
N GLY P 42 -56.96 73.95 -18.71
CA GLY P 42 -56.78 75.07 -17.78
C GLY P 42 -55.32 75.48 -17.68
N GLY P 43 -54.42 74.68 -18.27
CA GLY P 43 -52.99 74.92 -18.27
C GLY P 43 -52.22 74.15 -17.21
N GLY P 44 -52.92 73.54 -16.26
CA GLY P 44 -52.26 72.78 -15.21
C GLY P 44 -52.10 71.30 -15.56
N LEU P 45 -51.72 70.52 -14.55
CA LEU P 45 -51.50 69.09 -14.64
C LEU P 45 -52.33 68.33 -13.65
N GLU P 46 -52.68 67.12 -14.01
CA GLU P 46 -53.35 66.22 -13.10
C GLU P 46 -52.73 64.85 -13.18
N TRP P 47 -52.61 64.19 -12.04
CA TRP P 47 -52.14 62.82 -12.04
C TRP P 47 -53.33 62.00 -12.43
N VAL P 48 -53.13 60.99 -13.25
CA VAL P 48 -54.25 60.16 -13.65
C VAL P 48 -54.20 58.75 -13.09
N ALA P 49 -53.08 58.07 -13.30
CA ALA P 49 -53.02 56.68 -12.87
C ALA P 49 -51.61 56.18 -12.72
N SER P 50 -51.44 55.12 -11.95
CA SER P 50 -50.12 54.53 -11.80
C SER P 50 -50.11 53.04 -11.65
N ILE P 51 -49.01 52.43 -12.10
CA ILE P 51 -48.80 51.02 -11.85
C ILE P 51 -47.40 50.77 -11.32
N SER P 52 -47.31 50.12 -10.19
CA SER P 52 -46.04 49.80 -9.56
C SER P 52 -45.38 48.64 -10.25
N THR P 53 -44.13 48.36 -9.94
CA THR P 53 -43.58 47.28 -10.69
C THR P 53 -44.22 46.00 -10.25
N SER P 54 -44.17 45.02 -11.14
CA SER P 54 -44.76 43.70 -10.97
C SER P 54 -46.29 43.77 -10.77
N SER P 55 -46.87 44.94 -11.01
CA SER P 55 -48.28 45.23 -10.87
C SER P 55 -48.76 44.92 -9.46
N THR P 56 -47.91 45.19 -8.47
CA THR P 56 -48.28 44.94 -7.10
C THR P 56 -49.39 45.90 -6.68
N TYR P 57 -49.26 47.14 -7.11
CA TYR P 57 -50.22 48.15 -6.76
C TYR P 57 -50.68 48.90 -7.99
N ARG P 58 -51.94 49.27 -8.00
CA ARG P 58 -52.47 50.11 -9.05
C ARG P 58 -53.33 51.16 -8.41
N ASP P 59 -53.32 52.35 -8.97
CA ASP P 59 -54.16 53.39 -8.41
C ASP P 59 -54.60 54.38 -9.48
N TYR P 60 -55.70 55.06 -9.20
CA TYR P 60 -56.31 56.00 -10.13
C TYR P 60 -56.75 57.28 -9.46
N ALA P 61 -56.76 58.36 -10.21
CA ALA P 61 -57.30 59.61 -9.70
C ALA P 61 -58.77 59.43 -9.42
N ASP P 62 -59.29 60.04 -8.36
CA ASP P 62 -60.69 59.88 -8.01
C ASP P 62 -61.65 60.21 -9.12
N ALA P 63 -61.28 61.18 -9.93
CA ALA P 63 -62.14 61.62 -11.02
C ALA P 63 -62.47 60.49 -11.97
N VAL P 64 -61.58 59.51 -12.11
CA VAL P 64 -61.75 58.42 -13.03
C VAL P 64 -61.78 57.06 -12.36
N LYS P 65 -62.00 57.00 -11.06
CA LYS P 65 -62.06 55.66 -10.50
C LYS P 65 -63.29 55.00 -11.08
N GLY P 66 -63.13 53.82 -11.61
CA GLY P 66 -64.23 53.08 -12.22
C GLY P 66 -64.33 53.35 -13.72
N ARG P 67 -63.60 54.33 -14.23
CA ARG P 67 -63.64 54.62 -15.65
C ARG P 67 -62.34 54.24 -16.29
N PHE P 68 -61.24 54.47 -15.57
CA PHE P 68 -59.95 54.18 -16.16
C PHE P 68 -59.35 52.90 -15.61
N THR P 69 -58.69 52.17 -16.50
CA THR P 69 -57.95 50.96 -16.19
C THR P 69 -56.55 51.01 -16.80
N VAL P 70 -55.55 50.58 -16.07
CA VAL P 70 -54.20 50.55 -16.62
C VAL P 70 -53.53 49.21 -16.50
N SER P 71 -52.49 49.01 -17.32
CA SER P 71 -51.68 47.78 -17.29
C SER P 71 -50.24 48.01 -17.77
N ARG P 72 -49.35 47.04 -17.49
CA ARG P 72 -47.95 47.10 -17.91
C ARG P 72 -47.56 45.82 -18.62
N ASP P 73 -46.58 45.92 -19.50
CA ASP P 73 -46.00 44.77 -20.17
C ASP P 73 -44.49 44.79 -20.06
N ASP P 74 -43.95 43.88 -19.26
CA ASP P 74 -42.53 43.82 -18.96
C ASP P 74 -41.68 43.14 -20.00
N LEU P 75 -42.29 42.60 -21.03
CA LEU P 75 -41.47 41.91 -22.01
C LEU P 75 -41.31 42.74 -23.26
N GLU P 76 -42.36 43.48 -23.62
CA GLU P 76 -42.33 44.37 -24.78
C GLU P 76 -42.18 45.82 -24.39
N ASP P 77 -41.96 46.06 -23.10
CA ASP P 77 -41.77 47.38 -22.55
C ASP P 77 -42.87 48.40 -22.86
N PHE P 78 -44.12 48.02 -22.60
CA PHE P 78 -45.28 48.91 -22.83
C PHE P 78 -46.10 49.30 -21.62
N VAL P 79 -46.70 50.48 -21.75
CA VAL P 79 -47.63 51.02 -20.77
C VAL P 79 -48.99 51.18 -21.42
N TYR P 80 -50.07 50.72 -20.79
CA TYR P 80 -51.41 50.91 -21.37
C TYR P 80 -52.36 51.65 -20.45
N LEU P 81 -53.26 52.41 -21.07
CA LEU P 81 -54.39 53.07 -20.40
C LEU P 81 -55.68 52.92 -21.18
N GLN P 82 -56.69 52.38 -20.52
CA GLN P 82 -58.00 52.18 -21.10
C GLN P 82 -58.93 53.18 -20.47
N MET P 83 -59.47 54.07 -21.27
CA MET P 83 -60.32 55.11 -20.73
C MET P 83 -61.75 54.95 -21.19
N HIS P 84 -62.63 54.51 -20.30
CA HIS P 84 -64.01 54.23 -20.64
C HIS P 84 -64.95 55.35 -20.27
N LYS P 85 -66.09 55.39 -20.95
CA LYS P 85 -67.13 56.35 -20.63
C LYS P 85 -66.55 57.75 -20.63
N MET P 86 -65.82 58.09 -21.68
CA MET P 86 -65.14 59.38 -21.73
C MET P 86 -66.06 60.53 -21.53
N ARG P 87 -65.65 61.46 -20.67
CA ARG P 87 -66.42 62.65 -20.41
C ARG P 87 -65.84 63.79 -21.20
N VAL P 88 -66.59 64.85 -21.43
CA VAL P 88 -66.03 65.97 -22.17
C VAL P 88 -64.82 66.53 -21.43
N GLU P 89 -64.94 66.53 -20.12
CA GLU P 89 -63.94 67.02 -19.19
C GLU P 89 -62.63 66.22 -19.23
N ASP P 90 -62.60 65.07 -19.90
CA ASP P 90 -61.39 64.27 -19.98
C ASP P 90 -60.53 64.66 -21.17
N THR P 91 -60.95 65.70 -21.91
CA THR P 91 -60.10 66.16 -23.00
C THR P 91 -58.80 66.63 -22.38
N ALA P 92 -57.69 66.11 -22.87
CA ALA P 92 -56.40 66.44 -22.28
C ALA P 92 -55.24 65.92 -23.13
N ILE P 93 -54.04 66.37 -22.78
CA ILE P 93 -52.86 65.80 -23.40
C ILE P 93 -52.39 64.75 -22.45
N TYR P 94 -52.31 63.53 -22.91
CA TYR P 94 -51.93 62.44 -22.05
C TYR P 94 -50.50 62.09 -22.26
N TYR P 95 -49.79 61.88 -21.16
CA TYR P 95 -48.39 61.52 -21.19
C TYR P 95 -48.06 60.32 -20.36
N CYS P 96 -47.07 59.57 -20.82
CA CYS P 96 -46.49 58.60 -19.92
C CYS P 96 -45.33 59.26 -19.26
N ALA P 97 -45.12 58.90 -18.02
CA ALA P 97 -43.98 59.39 -17.30
C ALA P 97 -43.42 58.29 -16.42
N ARG P 98 -42.12 58.34 -16.25
CA ARG P 98 -41.43 57.35 -15.46
C ARG P 98 -40.83 57.93 -14.20
N LYS P 99 -41.15 57.33 -13.05
CA LYS P 99 -40.55 57.82 -11.81
C LYS P 99 -39.16 57.27 -11.67
N GLY P 100 -38.21 58.14 -11.30
CA GLY P 100 -36.86 57.69 -11.06
C GLY P 100 -35.80 58.75 -10.86
N SER P 101 -34.68 58.22 -10.42
CA SER P 101 -33.43 58.89 -10.15
C SER P 101 -32.46 57.73 -10.18
N ASP P 102 -31.19 57.97 -10.21
CA ASP P 102 -30.23 56.87 -10.25
C ASP P 102 -30.27 56.00 -9.01
N ARG P 103 -30.73 56.56 -7.91
CA ARG P 103 -30.79 55.88 -6.64
C ARG P 103 -32.01 54.97 -6.48
N LEU P 104 -33.04 55.16 -7.31
CA LEU P 104 -34.29 54.42 -7.20
C LEU P 104 -34.91 54.45 -5.80
N SER P 105 -35.28 55.64 -5.36
CA SER P 105 -35.86 55.82 -4.03
C SER P 105 -37.33 55.53 -4.14
N ASP P 106 -38.04 55.59 -3.03
CA ASP P 106 -39.46 55.29 -3.08
C ASP P 106 -40.33 56.46 -3.52
N ASN P 107 -39.75 57.64 -3.61
CA ASN P 107 -40.51 58.84 -3.95
C ASN P 107 -39.76 59.70 -4.95
N ASP P 108 -39.21 59.08 -5.98
CA ASP P 108 -38.49 59.81 -6.99
C ASP P 108 -39.42 60.62 -7.88
N PRO P 109 -38.93 61.72 -8.45
CA PRO P 109 -39.61 62.59 -9.37
C PRO P 109 -39.70 61.92 -10.70
N PHE P 110 -40.49 62.44 -11.60
CA PHE P 110 -40.51 61.83 -12.91
C PHE P 110 -39.32 62.32 -13.68
N ASP P 111 -38.46 61.39 -14.12
CA ASP P 111 -37.26 61.81 -14.84
C ASP P 111 -37.36 61.53 -16.33
N ALA P 112 -38.45 60.93 -16.76
CA ALA P 112 -38.61 60.73 -18.18
C ALA P 112 -40.04 60.94 -18.53
N TRP P 113 -40.23 61.68 -19.61
CA TRP P 113 -41.54 62.02 -20.11
C TRP P 113 -41.62 61.81 -21.60
N GLY P 114 -42.78 61.43 -22.09
CA GLY P 114 -42.92 61.38 -23.53
C GLY P 114 -43.39 62.74 -24.04
N PRO P 115 -43.51 62.93 -25.35
CA PRO P 115 -44.02 64.14 -25.98
C PRO P 115 -45.50 64.36 -25.75
N GLY P 116 -46.22 63.28 -25.47
CA GLY P 116 -47.65 63.35 -25.20
C GLY P 116 -48.50 63.14 -26.44
N THR P 117 -49.76 62.78 -26.22
CA THR P 117 -50.72 62.61 -27.32
C THR P 117 -52.00 63.33 -26.93
N VAL P 118 -52.81 63.67 -27.92
CA VAL P 118 -54.03 64.39 -27.58
C VAL P 118 -55.28 63.58 -27.75
N VAL P 119 -56.10 63.65 -26.71
CA VAL P 119 -57.37 63.01 -26.69
C VAL P 119 -58.46 64.05 -26.52
N THR P 120 -59.41 64.05 -27.45
CA THR P 120 -60.49 65.00 -27.41
C THR P 120 -61.83 64.34 -27.30
N VAL P 121 -62.66 64.87 -26.41
CA VAL P 121 -63.97 64.28 -26.26
C VAL P 121 -65.06 65.29 -26.59
N SER P 122 -65.93 64.92 -27.51
CA SER P 122 -66.99 65.81 -27.96
C SER P 122 -68.28 65.70 -27.16
N VAL Q 2 -50.75 27.19 -43.63
CA VAL Q 2 -51.67 26.24 -44.25
C VAL Q 2 -52.80 27.03 -44.87
N VAL Q 3 -52.87 27.03 -46.20
CA VAL Q 3 -53.93 27.77 -46.86
C VAL Q 3 -55.20 26.96 -46.85
N MET Q 4 -56.29 27.61 -46.45
CA MET Q 4 -57.57 26.94 -46.41
C MET Q 4 -58.47 27.39 -47.55
N THR Q 5 -58.86 26.47 -48.41
CA THR Q 5 -59.71 26.88 -49.53
C THR Q 5 -61.08 26.21 -49.47
N GLN Q 6 -62.12 27.03 -49.39
CA GLN Q 6 -63.47 26.49 -49.32
C GLN Q 6 -64.23 26.57 -50.62
N SER Q 7 -65.22 25.68 -50.77
CA SER Q 7 -66.09 25.74 -51.94
C SER Q 7 -67.43 25.01 -51.70
N PRO Q 8 -68.49 25.38 -52.45
CA PRO Q 8 -68.67 26.44 -53.44
C PRO Q 8 -68.75 27.76 -52.71
N SER Q 9 -68.51 28.89 -53.37
CA SER Q 9 -68.66 30.16 -52.64
C SER Q 9 -70.11 30.40 -52.23
N THR Q 10 -71.04 29.94 -53.06
CA THR Q 10 -72.46 30.03 -52.75
C THR Q 10 -73.05 28.64 -52.94
N LEU Q 11 -73.75 28.16 -51.94
CA LEU Q 11 -74.39 26.87 -52.06
C LEU Q 11 -75.89 27.08 -52.00
N SER Q 12 -76.57 26.87 -53.11
CA SER Q 12 -78.01 27.08 -53.10
C SER Q 12 -78.69 25.83 -52.60
N ALA Q 13 -79.60 25.98 -51.64
CA ALA Q 13 -80.36 24.85 -51.11
C ALA Q 13 -81.68 25.33 -50.58
N SER Q 14 -82.67 24.45 -50.51
CA SER Q 14 -83.94 24.83 -49.92
C SER Q 14 -83.94 24.51 -48.44
N VAL Q 15 -84.91 25.05 -47.73
CA VAL Q 15 -85.03 24.72 -46.32
C VAL Q 15 -85.53 23.28 -46.32
N GLY Q 16 -84.88 22.43 -45.54
CA GLY Q 16 -85.20 21.01 -45.50
C GLY Q 16 -84.25 20.14 -46.33
N ASP Q 17 -83.37 20.75 -47.14
CA ASP Q 17 -82.44 19.97 -47.96
C ASP Q 17 -81.21 19.48 -47.24
N THR Q 18 -80.37 18.75 -47.99
CA THR Q 18 -79.11 18.22 -47.52
C THR Q 18 -78.02 18.82 -48.37
N ILE Q 19 -76.97 19.31 -47.73
CA ILE Q 19 -75.88 19.91 -48.47
C ILE Q 19 -74.52 19.36 -48.07
N THR Q 20 -73.53 19.55 -48.93
CA THR Q 20 -72.15 19.24 -48.61
C THR Q 20 -71.28 20.47 -48.83
N ILE Q 21 -70.49 20.82 -47.83
CA ILE Q 21 -69.59 21.98 -47.92
C ILE Q 21 -68.18 21.45 -47.82
N THR Q 22 -67.28 21.85 -48.71
CA THR Q 22 -65.93 21.30 -48.61
C THR Q 22 -64.86 22.35 -48.35
N CYS Q 23 -63.73 21.87 -47.85
CA CYS Q 23 -62.55 22.69 -47.64
C CYS Q 23 -61.28 21.87 -47.82
N ARG Q 24 -60.34 22.44 -48.56
CA ARG Q 24 -59.08 21.80 -48.78
C ARG Q 24 -57.96 22.49 -48.05
N ALA Q 25 -57.18 21.71 -47.33
CA ALA Q 25 -56.01 22.26 -46.68
C ALA Q 25 -54.82 22.11 -47.62
N SER Q 26 -53.97 23.13 -47.70
CA SER Q 26 -52.76 23.03 -48.52
C SER Q 26 -51.70 22.08 -47.94
N GLN Q 27 -51.86 21.73 -46.67
CA GLN Q 27 -50.99 20.82 -45.93
C GLN Q 27 -51.84 19.90 -45.09
N SER Q 28 -51.39 18.69 -44.85
CA SER Q 28 -52.19 17.84 -44.01
C SER Q 28 -52.21 18.37 -42.59
N ILE Q 29 -53.41 18.42 -42.05
CA ILE Q 29 -53.70 18.83 -40.69
C ILE Q 29 -54.68 17.80 -40.20
N GLU Q 30 -54.20 16.59 -39.94
CA GLU Q 30 -55.09 15.45 -39.95
C GLU Q 30 -56.35 15.56 -39.13
N THR Q 31 -56.24 16.07 -37.91
CA THR Q 31 -57.35 16.28 -36.99
C THR Q 31 -57.39 17.73 -36.55
N TRP Q 32 -56.74 18.60 -37.29
CA TRP Q 32 -56.66 19.99 -36.88
C TRP Q 32 -57.47 20.95 -37.73
N LEU Q 33 -58.45 20.41 -38.45
CA LEU Q 33 -59.31 21.30 -39.20
C LEU Q 33 -60.61 21.43 -38.39
N ALA Q 34 -61.06 22.66 -38.30
CA ALA Q 34 -62.29 23.04 -37.61
C ALA Q 34 -63.19 23.85 -38.51
N TRP Q 35 -64.47 23.83 -38.17
CA TRP Q 35 -65.45 24.63 -38.86
C TRP Q 35 -66.27 25.45 -37.90
N TYR Q 36 -66.63 26.63 -38.36
CA TYR Q 36 -67.49 27.56 -37.65
C TYR Q 36 -68.70 27.98 -38.48
N GLN Q 37 -69.83 28.25 -37.82
CA GLN Q 37 -71.04 28.74 -38.48
C GLN Q 37 -71.30 30.18 -38.08
N GLN Q 38 -71.57 31.06 -39.03
CA GLN Q 38 -71.83 32.44 -38.67
C GLN Q 38 -72.94 33.12 -39.44
N LYS Q 39 -73.76 33.85 -38.73
CA LYS Q 39 -74.78 34.64 -39.39
C LYS Q 39 -74.31 36.08 -39.27
N PRO Q 40 -74.64 36.97 -40.20
CA PRO Q 40 -74.26 38.37 -40.14
C PRO Q 40 -74.76 38.96 -38.83
N GLY Q 41 -73.91 39.76 -38.20
CA GLY Q 41 -74.26 40.40 -36.94
C GLY Q 41 -73.90 39.55 -35.72
N LYS Q 42 -73.45 38.32 -35.95
CA LYS Q 42 -73.12 37.43 -34.85
C LYS Q 42 -71.66 36.98 -34.87
N ALA Q 43 -71.16 36.58 -33.70
CA ALA Q 43 -69.85 35.99 -33.58
C ALA Q 43 -69.92 34.63 -34.25
N PRO Q 44 -68.84 34.09 -34.82
CA PRO Q 44 -68.83 32.76 -35.40
C PRO Q 44 -68.92 31.75 -34.27
N LYS Q 45 -69.55 30.61 -34.51
CA LYS Q 45 -69.61 29.58 -33.47
C LYS Q 45 -69.01 28.28 -33.91
N LEU Q 46 -68.30 27.61 -33.00
CA LEU Q 46 -67.68 26.34 -33.31
C LEU Q 46 -68.68 25.24 -33.57
N LEU Q 47 -68.45 24.55 -34.67
CA LEU Q 47 -69.23 23.42 -35.09
C LEU Q 47 -68.46 22.13 -34.99
N ILE Q 48 -67.30 22.17 -35.64
CA ILE Q 48 -66.40 21.05 -35.87
C ILE Q 48 -65.00 21.34 -35.48
N TYR Q 49 -64.37 20.34 -34.93
CA TYR Q 49 -62.98 20.31 -34.54
C TYR Q 49 -62.58 18.89 -34.72
N LYS Q 50 -61.31 18.59 -34.85
CA LYS Q 50 -60.97 17.20 -35.01
C LYS Q 50 -61.72 16.56 -36.18
N ALA Q 51 -61.71 17.28 -37.33
CA ALA Q 51 -62.22 16.84 -38.63
C ALA Q 51 -63.73 16.65 -38.74
N SER Q 52 -64.26 15.73 -37.95
CA SER Q 52 -65.67 15.40 -37.98
C SER Q 52 -66.39 15.58 -36.67
N THR Q 53 -65.62 15.67 -35.59
CA THR Q 53 -66.22 15.73 -34.26
C THR Q 53 -66.97 17.03 -34.05
N LEU Q 54 -68.20 16.93 -33.57
CA LEU Q 54 -68.98 18.13 -33.32
C LEU Q 54 -68.94 18.62 -31.89
N LYS Q 55 -69.22 19.91 -31.74
CA LYS Q 55 -69.33 20.52 -30.44
C LYS Q 55 -70.61 20.11 -29.73
N THR Q 56 -70.53 19.91 -28.43
CA THR Q 56 -71.71 19.59 -27.66
C THR Q 56 -72.69 20.76 -27.78
N GLY Q 57 -73.95 20.45 -28.09
CA GLY Q 57 -74.99 21.46 -28.25
C GLY Q 57 -75.34 21.68 -29.73
N VAL Q 58 -74.49 21.19 -30.61
CA VAL Q 58 -74.71 21.26 -32.04
C VAL Q 58 -75.82 20.25 -32.36
N PRO Q 59 -76.83 20.61 -33.17
CA PRO Q 59 -77.97 19.76 -33.53
C PRO Q 59 -77.54 18.59 -34.38
N SER Q 60 -78.33 17.52 -34.33
CA SER Q 60 -78.11 16.24 -35.02
C SER Q 60 -78.13 16.35 -36.54
N ARG Q 61 -78.62 17.47 -37.03
CA ARG Q 61 -78.67 17.79 -38.45
C ARG Q 61 -77.26 17.90 -38.98
N PHE Q 62 -76.35 18.27 -38.10
CA PHE Q 62 -75.01 18.59 -38.46
C PHE Q 62 -73.93 17.61 -37.99
N SER Q 63 -73.02 17.27 -38.90
CA SER Q 63 -71.82 16.48 -38.57
C SER Q 63 -70.75 16.77 -39.60
N GLY Q 64 -69.47 16.44 -39.34
CA GLY Q 64 -68.48 16.66 -40.40
C GLY Q 64 -67.88 15.36 -40.89
N SER Q 65 -66.91 15.49 -41.77
CA SER Q 65 -66.18 14.35 -42.31
C SER Q 65 -64.85 14.73 -42.95
N GLY Q 66 -64.17 13.71 -43.44
CA GLY Q 66 -62.92 13.86 -44.15
C GLY Q 66 -61.71 13.85 -43.23
N SER Q 67 -60.53 13.93 -43.85
CA SER Q 67 -59.28 13.89 -43.10
C SER Q 67 -58.06 14.37 -43.88
N GLY Q 68 -57.01 14.71 -43.14
CA GLY Q 68 -55.74 15.02 -43.80
C GLY Q 68 -55.82 16.39 -44.43
N THR Q 69 -56.21 16.40 -45.70
CA THR Q 69 -56.40 17.64 -46.42
C THR Q 69 -57.81 17.82 -46.92
N GLU Q 70 -58.58 16.73 -46.97
CA GLU Q 70 -59.88 16.80 -47.62
C GLU Q 70 -60.99 16.70 -46.60
N PHE Q 71 -61.64 17.82 -46.31
CA PHE Q 71 -62.65 17.82 -45.27
C PHE Q 71 -63.97 18.37 -45.74
N THR Q 72 -65.05 17.84 -45.17
CA THR Q 72 -66.38 18.34 -45.48
C THR Q 72 -67.30 18.50 -44.30
N LEU Q 73 -68.38 19.24 -44.54
CA LEU Q 73 -69.50 19.32 -43.61
C LEU Q 73 -70.71 18.68 -44.25
N THR Q 74 -71.42 17.89 -43.45
CA THR Q 74 -72.66 17.29 -43.91
C THR Q 74 -73.78 17.90 -43.12
N ILE Q 75 -74.73 18.51 -43.82
CA ILE Q 75 -75.82 19.09 -43.07
C ILE Q 75 -77.11 18.56 -43.66
N SER Q 76 -77.99 17.96 -42.85
CA SER Q 76 -79.21 17.35 -43.38
C SER Q 76 -80.52 17.76 -42.74
N GLY Q 77 -81.37 18.41 -43.54
CA GLY Q 77 -82.66 18.91 -43.09
C GLY Q 77 -82.49 20.33 -42.60
N LEU Q 78 -81.81 21.13 -43.43
CA LEU Q 78 -81.42 22.48 -43.04
C LEU Q 78 -82.54 23.39 -42.66
N GLN Q 79 -82.32 24.13 -41.59
CA GLN Q 79 -83.28 25.09 -41.10
C GLN Q 79 -82.87 26.46 -41.53
N PHE Q 80 -83.67 27.46 -41.23
CA PHE Q 80 -83.34 28.81 -41.69
C PHE Q 80 -82.02 29.30 -41.09
N ASP Q 81 -81.68 28.82 -39.91
CA ASP Q 81 -80.47 29.27 -39.24
C ASP Q 81 -79.22 28.60 -39.79
N ASP Q 82 -79.41 27.62 -40.68
CA ASP Q 82 -78.27 26.94 -41.25
C ASP Q 82 -77.84 27.58 -42.55
N PHE Q 83 -78.56 28.61 -43.01
CA PHE Q 83 -78.20 29.29 -44.26
C PHE Q 83 -77.25 30.43 -43.90
N ALA Q 84 -76.16 29.98 -43.31
CA ALA Q 84 -75.09 30.70 -42.68
C ALA Q 84 -73.82 30.66 -43.49
N THR Q 85 -72.89 31.53 -43.11
CA THR Q 85 -71.60 31.51 -43.71
C THR Q 85 -70.82 30.47 -42.93
N TYR Q 86 -70.13 29.59 -43.62
CA TYR Q 86 -69.35 28.59 -42.95
C TYR Q 86 -67.91 28.92 -43.12
N HIS Q 87 -67.13 28.67 -42.10
CA HIS Q 87 -65.73 28.96 -42.18
C HIS Q 87 -64.89 27.80 -41.84
N CYS Q 88 -63.89 27.60 -42.66
CA CYS Q 88 -62.90 26.55 -42.53
C CYS Q 88 -61.62 27.06 -41.93
N GLN Q 89 -61.11 26.41 -40.89
CA GLN Q 89 -59.84 26.87 -40.35
C GLN Q 89 -58.89 25.77 -39.92
N HIS Q 90 -57.62 26.11 -39.93
CA HIS Q 90 -56.58 25.28 -39.38
C HIS Q 90 -56.27 25.78 -38.01
N TYR Q 91 -56.28 24.92 -37.03
CA TYR Q 91 -55.89 25.42 -35.73
C TYR Q 91 -54.61 24.75 -35.26
N ALA Q 92 -53.78 25.54 -34.58
CA ALA Q 92 -52.52 25.09 -34.03
C ALA Q 92 -52.27 25.88 -32.75
N GLY Q 93 -51.43 25.38 -31.87
CA GLY Q 93 -51.21 26.04 -30.60
C GLY Q 93 -50.78 27.51 -30.66
N TYR Q 94 -50.00 27.92 -31.65
CA TYR Q 94 -49.59 29.31 -31.65
C TYR Q 94 -50.11 30.09 -32.84
N SER Q 95 -51.05 29.52 -33.59
CA SER Q 95 -51.54 30.16 -34.81
C SER Q 95 -52.85 29.60 -35.32
N ALA Q 96 -53.38 30.25 -36.33
CA ALA Q 96 -54.55 29.75 -37.01
C ALA Q 96 -54.55 30.26 -38.42
N THR Q 97 -55.21 29.54 -39.30
CA THR Q 97 -55.39 30.08 -40.64
C THR Q 97 -56.85 29.90 -40.96
N PHE Q 98 -57.37 30.77 -41.79
CA PHE Q 98 -58.78 30.70 -42.13
C PHE Q 98 -59.06 30.72 -43.61
N GLY Q 99 -60.18 30.11 -44.00
CA GLY Q 99 -60.65 30.17 -45.36
C GLY Q 99 -61.43 31.45 -45.58
N GLN Q 100 -61.85 31.64 -46.83
CA GLN Q 100 -62.55 32.84 -47.23
C GLN Q 100 -64.01 32.84 -46.80
N GLY Q 101 -64.51 31.68 -46.45
CA GLY Q 101 -65.88 31.52 -46.03
C GLY Q 101 -66.79 31.23 -47.22
N THR Q 102 -67.83 30.45 -46.98
CA THR Q 102 -68.82 30.17 -48.03
C THR Q 102 -70.19 30.35 -47.46
N ARG Q 103 -71.19 30.65 -48.27
CA ARG Q 103 -72.51 30.76 -47.67
C ARG Q 103 -73.52 29.87 -48.33
N VAL Q 104 -74.39 29.33 -47.50
CA VAL Q 104 -75.47 28.54 -48.00
C VAL Q 104 -76.68 29.46 -48.03
N GLU Q 105 -77.34 29.55 -49.17
CA GLU Q 105 -78.47 30.45 -49.31
C GLU Q 105 -79.72 29.65 -49.62
N ILE Q 106 -80.86 30.14 -49.19
CA ILE Q 106 -82.08 29.39 -49.41
C ILE Q 106 -82.40 29.29 -50.90
N GLU R 1 -72.26 33.18 -17.99
CA GLU R 1 -71.66 32.49 -19.11
C GLU R 1 -70.28 33.04 -19.41
N VAL R 2 -69.64 32.47 -20.42
CA VAL R 2 -68.32 32.95 -20.78
C VAL R 2 -68.43 34.19 -21.63
N GLN R 3 -67.90 35.32 -21.14
CA GLN R 3 -68.03 36.53 -21.93
C GLN R 3 -66.67 37.10 -22.27
N LEU R 4 -66.53 37.49 -23.51
CA LEU R 4 -65.33 38.13 -24.01
C LEU R 4 -65.81 39.37 -24.75
N VAL R 5 -65.38 40.56 -24.33
CA VAL R 5 -65.93 41.76 -24.95
C VAL R 5 -64.92 42.77 -25.48
N GLU R 6 -65.02 43.04 -26.79
CA GLU R 6 -64.19 44.01 -27.50
C GLU R 6 -64.56 45.44 -27.21
N SER R 7 -63.56 46.30 -27.11
CA SER R 7 -63.77 47.73 -26.97
C SER R 7 -62.65 48.54 -27.60
N GLY R 8 -62.91 49.83 -27.81
CA GLY R 8 -61.90 50.73 -28.36
C GLY R 8 -61.87 50.82 -29.90
N GLY R 9 -62.96 50.46 -30.57
CA GLY R 9 -62.97 50.53 -32.04
C GLY R 9 -63.18 51.98 -32.48
N GLY R 10 -63.38 52.21 -33.78
CA GLY R 10 -63.50 53.58 -34.28
C GLY R 10 -62.89 53.79 -35.67
N LEU R 11 -62.76 55.07 -36.06
CA LEU R 11 -62.23 55.47 -37.36
C LEU R 11 -60.78 55.94 -37.28
N VAL R 12 -59.96 55.35 -38.13
CA VAL R 12 -58.54 55.60 -38.24
C VAL R 12 -58.14 56.15 -39.59
N LYS R 13 -57.33 57.18 -39.64
CA LYS R 13 -56.85 57.63 -40.93
C LYS R 13 -55.68 56.71 -41.27
N ALA R 14 -55.59 56.24 -42.51
CA ALA R 14 -54.51 55.33 -42.83
C ALA R 14 -53.17 55.97 -42.53
N GLY R 15 -52.29 55.13 -41.99
CA GLY R 15 -50.95 55.50 -41.58
C GLY R 15 -50.88 55.75 -40.07
N GLY R 16 -52.05 55.84 -39.43
CA GLY R 16 -52.15 56.10 -38.00
C GLY R 16 -52.28 54.83 -37.16
N SER R 17 -52.92 54.94 -36.01
CA SER R 17 -53.01 53.81 -35.11
C SER R 17 -54.30 53.75 -34.30
N LEU R 18 -54.60 52.56 -33.83
CA LEU R 18 -55.74 52.27 -32.97
C LEU R 18 -55.43 51.08 -32.09
N ILE R 19 -55.78 51.18 -30.82
CA ILE R 19 -55.52 50.08 -29.94
C ILE R 19 -56.83 49.50 -29.45
N LEU R 20 -56.97 48.19 -29.59
CA LEU R 20 -58.13 47.44 -29.14
C LEU R 20 -57.86 46.62 -27.92
N SER R 21 -58.89 46.37 -27.15
CA SER R 21 -58.73 45.43 -26.07
C SER R 21 -60.00 44.68 -25.78
N CYS R 22 -59.86 43.55 -25.11
CA CYS R 22 -61.03 42.81 -24.68
C CYS R 22 -61.02 42.49 -23.20
N GLY R 23 -62.16 42.70 -22.57
CA GLY R 23 -62.32 42.34 -21.17
C GLY R 23 -63.00 40.99 -21.11
N VAL R 24 -63.01 40.37 -19.94
CA VAL R 24 -63.70 39.10 -19.82
C VAL R 24 -64.58 39.03 -18.60
N SER R 25 -65.46 38.05 -18.59
CA SER R 25 -66.24 37.78 -17.41
C SER R 25 -66.45 36.29 -17.22
N ASN R 26 -66.38 35.91 -15.94
CA ASN R 26 -66.55 34.56 -15.40
C ASN R 26 -65.48 33.55 -15.81
N PHE R 27 -64.30 34.03 -16.16
CA PHE R 27 -63.19 33.15 -16.45
C PHE R 27 -61.92 33.95 -16.30
N ARG R 28 -60.80 33.27 -16.27
CA ARG R 28 -59.51 33.94 -16.23
C ARG R 28 -58.80 33.68 -17.53
N ILE R 29 -57.92 34.57 -17.96
CA ILE R 29 -57.24 34.29 -19.21
C ILE R 29 -55.90 33.67 -18.98
N SER R 30 -55.48 33.55 -17.75
CA SER R 30 -54.15 33.02 -17.45
C SER R 30 -53.98 31.57 -17.88
N ALA R 31 -55.08 30.88 -18.11
CA ALA R 31 -55.11 29.51 -18.55
C ALA R 31 -55.33 29.35 -20.05
N HIS R 32 -55.41 30.45 -20.79
CA HIS R 32 -55.70 30.36 -22.21
C HIS R 32 -54.85 31.25 -23.10
N THR R 33 -54.61 30.77 -24.29
CA THR R 33 -53.99 31.53 -25.35
C THR R 33 -55.07 32.37 -25.97
N MET R 34 -54.75 33.64 -26.18
CA MET R 34 -55.72 34.54 -26.73
C MET R 34 -55.32 34.89 -28.14
N ASN R 35 -56.31 35.06 -29.00
CA ASN R 35 -56.07 35.40 -30.38
C ASN R 35 -56.93 36.50 -30.89
N TRP R 36 -56.41 37.16 -31.91
CA TRP R 36 -57.19 38.15 -32.59
C TRP R 36 -57.51 37.62 -33.95
N VAL R 37 -58.79 37.75 -34.29
CA VAL R 37 -59.31 37.31 -35.57
C VAL R 37 -60.06 38.45 -36.23
N ARG R 38 -59.80 38.63 -37.49
CA ARG R 38 -60.41 39.67 -38.27
C ARG R 38 -61.50 39.17 -39.20
N ARG R 39 -62.67 39.78 -39.14
CA ARG R 39 -63.72 39.41 -40.08
C ARG R 39 -63.69 40.44 -41.18
N VAL R 40 -63.24 40.00 -42.33
CA VAL R 40 -62.97 40.91 -43.42
C VAL R 40 -64.29 41.36 -44.01
N PRO R 41 -64.35 42.46 -44.79
CA PRO R 41 -65.55 42.98 -45.44
C PRO R 41 -66.29 41.94 -46.30
N GLY R 42 -65.58 40.95 -46.82
CA GLY R 42 -66.19 39.93 -47.65
C GLY R 42 -66.89 38.85 -46.82
N GLY R 43 -66.78 38.94 -45.49
CA GLY R 43 -67.38 38.00 -44.55
C GLY R 43 -66.52 36.80 -44.16
N GLY R 44 -65.30 36.74 -44.66
CA GLY R 44 -64.40 35.63 -44.35
C GLY R 44 -63.59 35.97 -43.12
N LEU R 45 -62.69 35.08 -42.71
CA LEU R 45 -61.92 35.39 -41.52
C LEU R 45 -60.45 35.42 -41.84
N GLU R 46 -59.73 36.22 -41.10
CA GLU R 46 -58.29 36.30 -41.19
C GLU R 46 -57.66 36.22 -39.80
N TRP R 47 -56.67 35.37 -39.65
CA TRP R 47 -56.01 35.32 -38.35
C TRP R 47 -55.14 36.53 -38.27
N VAL R 48 -55.14 37.22 -37.14
CA VAL R 48 -54.30 38.39 -37.01
C VAL R 48 -53.11 38.17 -36.08
N ALA R 49 -53.37 37.62 -34.90
CA ALA R 49 -52.29 37.47 -33.92
C ALA R 49 -52.60 36.46 -32.84
N SER R 50 -51.55 35.95 -32.20
CA SER R 50 -51.71 35.06 -31.05
C SER R 50 -50.74 35.39 -29.95
N ILE R 51 -51.22 35.26 -28.72
CA ILE R 51 -50.37 35.38 -27.55
C ILE R 51 -50.63 34.24 -26.57
N SER R 52 -49.57 33.50 -26.24
CA SER R 52 -49.64 32.36 -25.34
C SER R 52 -49.68 32.78 -23.89
N THR R 53 -49.97 31.84 -23.00
CA THR R 53 -49.99 32.25 -21.62
C THR R 53 -48.57 32.53 -21.23
N SER R 54 -48.43 33.44 -20.27
CA SER R 54 -47.14 33.89 -19.74
C SER R 54 -46.28 34.53 -20.84
N SER R 55 -46.89 34.81 -22.00
CA SER R 55 -46.23 35.39 -23.14
C SER R 55 -45.02 34.56 -23.53
N THR R 56 -45.15 33.24 -23.44
CA THR R 56 -44.02 32.41 -23.83
C THR R 56 -43.76 32.62 -25.32
N TYR R 57 -44.85 32.64 -26.09
CA TYR R 57 -44.80 32.84 -27.52
C TYR R 57 -45.78 33.89 -27.97
N ARG R 58 -45.37 34.67 -28.97
CA ARG R 58 -46.27 35.62 -29.60
C ARG R 58 -46.02 35.56 -31.08
N ASP R 59 -47.06 35.64 -31.90
CA ASP R 59 -46.80 35.76 -33.31
C ASP R 59 -47.93 36.48 -34.01
N TYR R 60 -47.72 36.73 -35.29
CA TYR R 60 -48.64 37.53 -36.09
C TYR R 60 -48.84 37.02 -37.48
N ALA R 61 -49.96 37.36 -38.08
CA ALA R 61 -50.10 37.05 -39.48
C ALA R 61 -49.09 37.91 -40.23
N ASP R 62 -48.49 37.37 -41.29
CA ASP R 62 -47.51 38.12 -42.05
C ASP R 62 -48.05 39.43 -42.58
N ALA R 63 -49.35 39.45 -42.87
CA ALA R 63 -50.02 40.61 -43.40
C ALA R 63 -49.94 41.82 -42.48
N VAL R 64 -49.86 41.58 -41.17
CA VAL R 64 -49.84 42.66 -40.20
C VAL R 64 -48.59 42.68 -39.34
N LYS R 65 -47.82 41.60 -39.35
CA LYS R 65 -46.69 41.51 -38.47
C LYS R 65 -45.74 42.66 -38.64
N GLY R 66 -45.43 43.34 -37.53
CA GLY R 66 -44.50 44.45 -37.62
C GLY R 66 -45.21 45.78 -37.65
N ARG R 67 -46.52 45.74 -37.87
CA ARG R 67 -47.32 46.94 -37.86
C ARG R 67 -48.17 46.73 -36.63
N PHE R 68 -48.44 45.45 -36.39
CA PHE R 68 -49.23 45.04 -35.24
C PHE R 68 -48.38 44.37 -34.17
N THR R 69 -48.81 44.58 -32.92
CA THR R 69 -48.26 43.94 -31.72
C THR R 69 -49.36 43.61 -30.70
N VAL R 70 -49.18 42.56 -29.91
CA VAL R 70 -50.19 42.20 -28.88
C VAL R 70 -49.65 42.01 -27.50
N SER R 71 -50.55 42.07 -26.53
CA SER R 71 -50.24 41.87 -25.12
C SER R 71 -51.39 41.27 -24.34
N ARG R 72 -51.17 41.08 -23.05
CA ARG R 72 -52.18 40.53 -22.17
C ARG R 72 -51.91 40.87 -20.72
N ASP R 73 -52.97 41.08 -19.97
CA ASP R 73 -52.90 41.36 -18.54
C ASP R 73 -53.59 40.28 -17.76
N ASP R 74 -52.81 39.42 -17.12
CA ASP R 74 -53.36 38.26 -16.44
C ASP R 74 -53.94 38.54 -15.08
N LEU R 75 -53.88 39.77 -14.63
CA LEU R 75 -54.44 40.07 -13.34
C LEU R 75 -55.80 40.69 -13.55
N GLU R 76 -55.90 41.56 -14.56
CA GLU R 76 -57.17 42.19 -14.89
C GLU R 76 -57.87 41.47 -16.05
N ASP R 77 -57.21 40.45 -16.59
CA ASP R 77 -57.66 39.63 -17.69
C ASP R 77 -57.98 40.37 -18.97
N PHE R 78 -57.12 41.30 -19.32
CA PHE R 78 -57.31 42.02 -20.57
C PHE R 78 -56.46 41.50 -21.70
N VAL R 79 -57.03 41.56 -22.88
CA VAL R 79 -56.34 41.17 -24.08
C VAL R 79 -56.09 42.42 -24.91
N TYR R 80 -54.85 42.68 -25.35
CA TYR R 80 -54.61 43.90 -26.14
C TYR R 80 -54.03 43.69 -27.52
N LEU R 81 -54.45 44.55 -28.45
CA LEU R 81 -53.89 44.65 -29.79
C LEU R 81 -53.61 46.07 -30.23
N GLN R 82 -52.37 46.33 -30.54
CA GLN R 82 -52.00 47.66 -30.97
C GLN R 82 -51.71 47.65 -32.44
N MET R 83 -52.48 48.42 -33.19
CA MET R 83 -52.30 48.45 -34.62
C MET R 83 -51.72 49.79 -35.01
N HIS R 84 -50.59 49.79 -35.70
CA HIS R 84 -49.93 51.02 -36.11
C HIS R 84 -49.70 51.01 -37.60
N LYS R 85 -49.66 52.18 -38.25
CA LYS R 85 -49.38 52.21 -39.67
C LYS R 85 -50.45 51.37 -40.34
N MET R 86 -51.67 51.63 -39.90
CA MET R 86 -52.87 50.96 -40.36
C MET R 86 -53.21 51.32 -41.78
N ARG R 87 -53.75 50.37 -42.51
CA ARG R 87 -54.13 50.58 -43.90
C ARG R 87 -55.61 50.46 -44.13
N VAL R 88 -56.08 50.93 -45.26
CA VAL R 88 -57.49 50.85 -45.59
C VAL R 88 -57.91 49.38 -45.59
N GLU R 89 -57.01 48.53 -46.05
CA GLU R 89 -57.15 47.08 -46.14
C GLU R 89 -57.39 46.42 -44.77
N ASP R 90 -57.12 47.12 -43.68
CA ASP R 90 -57.31 46.59 -42.34
C ASP R 90 -58.72 46.88 -41.81
N THR R 91 -59.58 47.48 -42.64
CA THR R 91 -60.94 47.72 -42.19
C THR R 91 -61.58 46.37 -41.96
N ALA R 92 -62.16 46.17 -40.78
CA ALA R 92 -62.76 44.88 -40.45
C ALA R 92 -63.52 44.89 -39.13
N ILE R 93 -64.23 43.80 -38.89
CA ILE R 93 -64.76 43.62 -37.55
C ILE R 93 -63.72 42.81 -36.80
N TYR R 94 -63.28 43.32 -35.69
CA TYR R 94 -62.25 42.63 -34.94
C TYR R 94 -62.81 41.88 -33.78
N TYR R 95 -62.29 40.68 -33.60
CA TYR R 95 -62.68 39.81 -32.52
C TYR R 95 -61.54 39.31 -31.68
N CYS R 96 -61.81 39.17 -30.40
CA CYS R 96 -60.90 38.40 -29.59
C CYS R 96 -61.45 37.01 -29.59
N ALA R 97 -60.57 36.05 -29.50
CA ALA R 97 -60.99 34.68 -29.41
C ALA R 97 -60.12 33.92 -28.43
N ARG R 98 -60.77 33.00 -27.74
CA ARG R 98 -60.08 32.16 -26.78
C ARG R 98 -59.93 30.76 -27.30
N LYS R 99 -58.73 30.22 -27.18
CA LYS R 99 -58.50 28.83 -27.55
C LYS R 99 -58.85 27.95 -26.38
N GLY R 100 -59.60 26.89 -26.65
CA GLY R 100 -59.99 25.99 -25.58
C GLY R 100 -60.97 24.88 -25.94
N SER R 101 -61.22 24.10 -24.91
CA SER R 101 -62.08 22.95 -24.88
C SER R 101 -62.42 22.73 -23.42
N ASP R 102 -63.34 21.82 -23.09
CA ASP R 102 -63.63 21.58 -21.68
C ASP R 102 -62.40 21.00 -20.97
N ARG R 103 -61.65 20.18 -21.68
CA ARG R 103 -60.42 19.57 -21.20
C ARG R 103 -59.33 20.04 -22.15
N LEU R 104 -58.49 20.94 -21.68
CA LEU R 104 -57.52 21.61 -22.54
C LEU R 104 -56.32 20.79 -22.95
N SER R 105 -55.87 21.05 -24.17
CA SER R 105 -54.66 20.45 -24.69
C SER R 105 -54.01 21.38 -25.70
N ASP R 106 -53.00 20.88 -26.37
CA ASP R 106 -52.36 21.72 -27.35
C ASP R 106 -53.25 21.76 -28.56
N ASN R 107 -53.08 22.77 -29.38
CA ASN R 107 -53.80 22.91 -30.60
C ASN R 107 -55.31 22.84 -30.41
N ASP R 108 -55.92 23.53 -29.46
CA ASP R 108 -57.38 23.42 -29.44
C ASP R 108 -58.05 24.40 -30.44
N PRO R 109 -59.38 24.34 -30.63
CA PRO R 109 -60.24 25.23 -31.40
C PRO R 109 -60.50 26.51 -30.61
N PHE R 110 -61.13 27.50 -31.24
CA PHE R 110 -61.49 28.69 -30.48
C PHE R 110 -62.86 28.44 -29.86
N ASP R 111 -62.93 28.38 -28.53
CA ASP R 111 -64.20 28.03 -27.90
C ASP R 111 -64.98 29.23 -27.39
N ALA R 112 -64.40 30.41 -27.50
CA ALA R 112 -65.13 31.59 -27.08
C ALA R 112 -64.74 32.75 -27.94
N TRP R 113 -65.76 33.50 -28.32
CA TRP R 113 -65.58 34.66 -29.17
C TRP R 113 -66.33 35.81 -28.58
N GLY R 114 -65.81 37.01 -28.75
CA GLY R 114 -66.59 38.15 -28.33
C GLY R 114 -67.55 38.50 -29.45
N PRO R 115 -68.44 39.49 -29.27
CA PRO R 115 -69.37 39.96 -30.28
C PRO R 115 -68.69 40.68 -31.44
N GLY R 116 -67.51 41.23 -31.18
CA GLY R 116 -66.71 41.93 -32.17
C GLY R 116 -66.93 43.44 -32.16
N THR R 117 -65.91 44.18 -32.58
CA THR R 117 -66.03 45.64 -32.69
C THR R 117 -65.60 46.09 -34.06
N VAL R 118 -65.78 47.35 -34.37
CA VAL R 118 -65.42 47.77 -35.72
C VAL R 118 -64.33 48.78 -35.80
N VAL R 119 -63.40 48.48 -36.69
CA VAL R 119 -62.30 49.35 -36.98
C VAL R 119 -62.35 49.70 -38.45
N THR R 120 -62.43 50.99 -38.74
CA THR R 120 -62.49 51.44 -40.12
C THR R 120 -61.32 52.30 -40.43
N VAL R 121 -60.65 52.03 -41.55
CA VAL R 121 -59.50 52.82 -41.87
C VAL R 121 -59.74 53.58 -43.18
N SER R 122 -59.52 54.89 -43.15
CA SER R 122 -59.76 55.75 -44.30
C SER R 122 -58.53 55.97 -45.18
C1 NAG S . 16.40 -21.04 -22.04
C2 NAG S . 16.60 -19.73 -21.34
C3 NAG S . 18.01 -19.58 -21.01
C4 NAG S . 18.50 -20.72 -20.06
C5 NAG S . 18.25 -22.05 -20.84
C6 NAG S . 18.67 -23.28 -20.08
C7 NAG S . 15.37 -17.74 -21.93
C8 NAG S . 15.12 -16.69 -22.94
N2 NAG S . 16.25 -18.67 -22.24
O3 NAG S . 18.23 -18.29 -20.40
O4 NAG S . 19.87 -20.56 -19.84
O5 NAG S . 16.87 -22.20 -21.14
O6 NAG S . 18.02 -23.43 -18.83
O7 NAG S . 14.80 -17.74 -20.84
C1 NAG S . 20.21 -20.25 -18.45
C2 NAG S . 21.63 -20.63 -18.22
C3 NAG S . 21.97 -20.37 -16.81
C4 NAG S . 21.81 -18.84 -16.48
C5 NAG S . 20.33 -18.47 -16.79
C6 NAG S . 20.03 -17.01 -16.55
C7 NAG S . 22.77 -22.49 -19.21
C8 NAG S . 22.79 -23.97 -19.43
N2 NAG S . 21.79 -22.02 -18.48
O3 NAG S . 23.32 -20.82 -16.55
O4 NAG S . 22.05 -18.69 -15.11
O5 NAG S . 20.00 -18.76 -18.15
O6 NAG S . 20.78 -16.15 -17.39
O7 NAG S . 23.64 -21.76 -19.67
C1 BMA S . 23.24 -17.89 -14.78
C2 BMA S . 23.21 -17.64 -13.27
C3 BMA S . 24.35 -16.83 -12.82
C4 BMA S . 25.60 -17.62 -13.19
C5 BMA S . 25.64 -17.87 -14.73
C6 BMA S . 26.87 -18.79 -15.09
O2 BMA S . 23.26 -18.84 -12.67
O3 BMA S . 24.26 -16.65 -11.38
O4 BMA S . 26.72 -16.91 -12.80
O5 BMA S . 24.46 -18.61 -15.10
O6 BMA S . 27.36 -19.64 -13.97
C1 MAN S . 24.45 -15.25 -10.98
C2 MAN S . 24.52 -15.15 -9.44
C3 MAN S . 23.23 -15.54 -8.80
C4 MAN S . 22.19 -14.56 -9.29
C5 MAN S . 22.10 -14.67 -10.84
C6 MAN S . 21.04 -13.67 -11.41
O2 MAN S . 24.78 -13.85 -9.14
O3 MAN S . 23.37 -15.48 -7.36
O4 MAN S . 20.94 -14.85 -8.74
O5 MAN S . 23.38 -14.35 -11.41
O6 MAN S . 19.87 -13.50 -10.53
C1 MAN S . 26.05 -13.66 -8.42
C2 MAN S . 26.00 -12.31 -7.68
C3 MAN S . 25.90 -11.15 -8.60
C4 MAN S . 27.14 -11.20 -9.48
C5 MAN S . 27.16 -12.55 -10.26
C6 MAN S . 28.43 -12.65 -11.19
O2 MAN S . 27.14 -12.20 -6.98
O3 MAN S . 25.87 -9.93 -7.82
O4 MAN S . 27.08 -10.15 -10.39
O5 MAN S . 27.22 -13.63 -9.31
O6 MAN S . 28.81 -11.39 -11.85
C1 MAN S . 28.11 -20.82 -14.40
C2 MAN S . 27.14 -22.01 -14.56
C3 MAN S . 26.51 -22.40 -13.27
C4 MAN S . 27.63 -22.78 -12.33
C5 MAN S . 28.59 -21.57 -12.15
C6 MAN S . 29.79 -21.94 -11.20
O2 MAN S . 27.87 -23.05 -15.00
O3 MAN S . 25.63 -23.53 -13.49
O4 MAN S . 27.09 -23.13 -11.09
O5 MAN S . 29.14 -21.22 -13.44
O6 MAN S . 29.38 -22.65 -9.98
C1 NAG T . 13.72 -4.66 -43.07
C2 NAG T . 14.26 -3.60 -42.18
C3 NAG T . 14.40 -2.34 -42.92
C4 NAG T . 15.38 -2.54 -44.12
C5 NAG T . 14.82 -3.70 -44.99
C6 NAG T . 15.76 -4.02 -46.11
C7 NAG T . 13.77 -3.27 -39.83
C8 NAG T . 12.72 -3.12 -38.78
N2 NAG T . 13.34 -3.41 -41.06
O3 NAG T . 14.91 -1.35 -42.00
O4 NAG T . 15.38 -1.37 -44.93
O5 NAG T . 14.69 -4.91 -44.24
O6 NAG T . 16.02 -5.41 -46.21
O7 NAG T . 14.96 -3.27 -39.57
C1 NAG T . 16.44 -0.39 -44.61
C2 NAG T . 16.91 0.27 -45.86
C3 NAG T . 18.04 1.15 -45.54
C4 NAG T . 17.61 2.29 -44.54
C5 NAG T . 17.06 1.54 -43.27
C6 NAG T . 16.52 2.47 -42.21
C7 NAG T . 16.81 -0.86 -47.99
C8 NAG T . 17.35 -1.95 -48.86
N2 NAG T . 17.34 -0.74 -46.80
O3 NAG T . 18.54 1.75 -46.76
O4 NAG T . 18.78 3.00 -44.23
O5 NAG T . 15.95 0.69 -43.61
O6 NAG T . 15.42 3.23 -42.67
O7 NAG T . 15.90 -0.11 -48.37
C1 BMA T . 18.61 4.46 -44.18
C2 BMA T . 19.65 5.04 -43.23
C3 BMA T . 19.51 6.52 -43.11
C4 BMA T . 19.72 7.11 -44.51
C5 BMA T . 18.63 6.51 -45.46
C6 BMA T . 18.84 7.01 -46.94
O2 BMA T . 20.85 4.76 -43.78
O3 BMA T . 20.41 7.00 -42.04
O4 BMA T . 19.58 8.49 -44.43
O5 BMA T . 18.77 5.08 -45.49
O6 BMA T . 17.60 7.42 -47.64
C1 MAN T . 21.72 7.63 -42.40
C2 MAN T . 22.71 7.38 -41.25
C3 MAN T . 22.31 8.03 -39.98
C4 MAN T . 22.24 9.53 -40.25
C5 MAN T . 21.21 9.78 -41.40
C6 MAN T . 21.11 11.31 -41.74
O2 MAN T . 23.89 7.92 -41.64
O3 MAN T . 23.29 7.75 -38.95
O4 MAN T . 21.85 10.19 -39.10
O5 MAN T . 21.63 9.07 -42.59
O6 MAN T . 21.10 12.19 -40.56
C1 MAN T . 17.68 7.22 -49.09
C2 MAN T . 16.60 8.08 -49.76
C3 MAN T . 15.23 7.64 -49.42
C4 MAN T . 15.09 6.20 -49.88
C5 MAN T . 16.18 5.33 -49.16
C6 MAN T . 16.10 3.84 -49.66
O2 MAN T . 16.77 7.96 -51.09
O3 MAN T . 14.27 8.49 -50.07
O4 MAN T . 13.82 5.73 -49.56
O5 MAN T . 17.48 5.84 -49.51
O6 MAN T . 14.72 3.34 -49.87
C1 NAG U . 18.21 -10.68 -47.83
C2 NAG U . 19.35 -9.88 -47.29
C3 NAG U . 19.82 -8.96 -48.32
C4 NAG U . 20.31 -9.75 -49.59
C5 NAG U . 19.09 -10.59 -50.08
C6 NAG U . 19.37 -11.44 -51.29
C7 NAG U . 19.70 -8.77 -45.19
C8 NAG U . 19.07 -8.06 -44.04
N2 NAG U . 18.89 -9.15 -46.13
O3 NAG U . 20.87 -8.13 -47.79
O4 NAG U . 20.68 -8.79 -50.57
O5 NAG U . 18.66 -11.48 -49.06
O6 NAG U . 20.54 -12.22 -51.16
O7 NAG U . 20.91 -9.00 -45.24
C1 NAG U . 22.01 -9.05 -51.14
C2 NAG U . 22.12 -8.27 -52.41
C3 NAG U . 23.43 -8.50 -53.02
C4 NAG U . 24.56 -8.04 -52.05
C5 NAG U . 24.41 -8.86 -50.73
C6 NAG U . 25.36 -8.42 -49.67
C7 NAG U . 20.27 -7.90 -53.90
C8 NAG U . 19.28 -8.49 -54.84
N2 NAG U . 21.11 -8.72 -53.33
O3 NAG U . 23.53 -7.76 -54.26
O4 NAG U . 25.77 -8.36 -52.70
O5 NAG U . 23.12 -8.61 -50.17
O6 NAG U . 25.02 -7.15 -49.14
O7 NAG U . 20.30 -6.68 -53.68
C1 BMA U . 26.63 -7.18 -52.86
C2 BMA U . 27.94 -7.63 -53.52
C3 BMA U . 28.87 -6.49 -53.67
C4 BMA U . 28.19 -5.47 -54.56
C5 BMA U . 26.85 -5.02 -53.90
C6 BMA U . 26.02 -4.03 -54.81
O2 BMA U . 27.63 -8.11 -54.73
O3 BMA U . 30.10 -6.93 -54.30
O4 BMA U . 29.04 -4.38 -54.69
O5 BMA U . 26.01 -6.18 -53.72
O6 BMA U . 26.61 -3.70 -56.13
C1 MAN U . 31.19 -7.26 -53.36
C2 MAN U . 32.52 -7.24 -54.13
C3 MAN U . 32.56 -8.33 -55.15
C4 MAN U . 32.44 -9.65 -54.43
C5 MAN U . 31.09 -9.65 -53.68
C6 MAN U . 30.89 -10.99 -52.90
O2 MAN U . 33.51 -7.41 -53.21
O3 MAN U . 33.80 -8.26 -55.90
O4 MAN U . 32.49 -10.70 -55.35
O5 MAN U . 31.05 -8.57 -52.73
O6 MAN U . 31.13 -12.19 -53.73
C1 MAN U . 34.55 -6.35 -53.31
C2 MAN U . 35.85 -6.92 -52.75
C3 MAN U . 35.74 -7.12 -51.28
C4 MAN U . 35.42 -5.80 -50.64
C5 MAN U . 34.08 -5.31 -51.20
C6 MAN U . 33.67 -3.94 -50.54
O2 MAN U . 36.87 -6.08 -53.03
O3 MAN U . 36.99 -7.63 -50.75
O4 MAN U . 35.36 -5.94 -49.26
O5 MAN U . 34.21 -5.11 -52.62
O6 MAN U . 33.62 -3.98 -49.07
C1 MAN U . 38.01 -6.81 -53.59
C2 MAN U . 39.27 -5.95 -53.56
C3 MAN U . 39.15 -4.81 -54.47
C4 MAN U . 38.99 -5.36 -55.88
C5 MAN U . 37.68 -6.20 -55.90
C6 MAN U . 37.46 -6.87 -57.28
O2 MAN U . 40.31 -6.69 -54.00
O3 MAN U . 40.33 -4.01 -54.38
O4 MAN U . 38.96 -4.31 -56.80
O5 MAN U . 37.81 -7.27 -54.95
O6 MAN U . 37.86 -8.27 -57.35
C1 MAN U . 25.60 -3.41 -57.17
C2 MAN U . 25.49 -4.63 -58.09
C3 MAN U . 26.75 -4.87 -58.85
C4 MAN U . 26.99 -3.61 -59.67
C5 MAN U . 27.14 -2.37 -58.74
C6 MAN U . 27.27 -1.05 -59.58
O2 MAN U . 24.52 -4.37 -58.97
O3 MAN U . 26.57 -6.02 -59.71
O4 MAN U . 28.14 -3.80 -60.43
O5 MAN U . 25.91 -2.25 -57.98
O6 MAN U . 28.43 -0.17 -59.31
C1 MAN U . 27.80 -6.81 -59.93
C2 MAN U . 27.97 -7.05 -61.43
C3 MAN U . 26.90 -7.91 -62.00
C4 MAN U . 26.96 -9.24 -61.27
C5 MAN U . 26.75 -8.97 -59.75
C6 MAN U . 26.84 -10.32 -58.93
O2 MAN U . 29.16 -7.66 -61.59
O3 MAN U . 27.13 -8.09 -63.41
O4 MAN U . 25.98 -10.09 -61.74
O5 MAN U . 27.80 -8.11 -59.25
O6 MAN U . 26.22 -11.48 -59.59
C1 MAN U . 29.74 -0.82 -59.51
C2 MAN U . 30.86 0.21 -59.50
C3 MAN U . 30.85 1.11 -60.68
C4 MAN U . 31.01 0.22 -61.90
C5 MAN U . 29.82 -0.79 -61.95
C6 MAN U . 29.95 -1.77 -63.17
O2 MAN U . 32.00 -0.50 -59.52
O3 MAN U . 31.96 2.04 -60.59
O4 MAN U . 31.04 0.99 -63.06
O5 MAN U . 29.86 -1.59 -60.75
O6 MAN U . 30.06 -1.09 -64.47
C1 NAG V . 18.71 -4.46 -39.33
C2 NAG V . 18.85 -2.99 -39.36
C3 NAG V . 18.87 -2.51 -40.75
C4 NAG V . 20.09 -3.13 -41.51
C5 NAG V . 19.88 -4.67 -41.46
C6 NAG V . 20.97 -5.47 -42.13
C7 NAG V . 17.79 -1.39 -37.90
C8 NAG V . 16.52 -0.90 -37.32
N2 NAG V . 17.70 -2.41 -38.72
O3 NAG V . 18.94 -1.07 -40.75
O4 NAG V . 20.05 -2.67 -42.85
O5 NAG V . 19.87 -5.11 -40.11
O6 NAG V . 22.27 -5.09 -41.71
O7 NAG V . 18.89 -0.88 -37.65
C1 NAG V . 21.34 -2.09 -43.28
C2 NAG V . 21.37 -2.07 -44.77
C3 NAG V . 22.68 -1.55 -45.22
C4 NAG V . 22.89 -0.06 -44.73
C5 NAG V . 22.79 -0.12 -43.17
C6 NAG V . 22.79 1.23 -42.51
C7 NAG V . 20.10 -3.74 -45.94
C8 NAG V . 19.95 -5.16 -46.39
N2 NAG V . 21.18 -3.41 -45.27
O3 NAG V . 22.72 -1.63 -46.66
O4 NAG V . 24.20 0.30 -45.14
O5 NAG V . 21.52 -0.66 -42.75
O6 NAG V . 23.93 1.41 -41.69
O7 NAG V . 19.25 -2.89 -46.19
C1 BMA V . 24.36 1.68 -45.68
C2 BMA V . 25.46 2.37 -44.87
C3 BMA V . 25.68 3.76 -45.33
C4 BMA V . 26.11 3.68 -46.79
C5 BMA V . 24.99 2.98 -47.62
C6 BMA V . 25.46 2.81 -49.12
O2 BMA V . 26.58 1.67 -45.05
O3 BMA V . 26.74 4.36 -44.52
O4 BMA V . 26.33 4.96 -47.26
O5 BMA V . 24.78 1.66 -47.08
O6 BMA V . 25.24 1.47 -49.70
C1 MAN V . 26.58 5.80 -44.26
C2 MAN V . 27.90 6.51 -44.59
C3 MAN V . 29.01 6.09 -43.70
C4 MAN V . 28.59 6.44 -42.27
C5 MAN V . 27.26 5.69 -41.95
C6 MAN V . 26.78 6.02 -40.49
O2 MAN V . 27.69 7.83 -44.44
O3 MAN V . 30.21 6.79 -44.07
O4 MAN V . 29.59 6.03 -41.39
O5 MAN V . 26.23 6.12 -42.87
O6 MAN V . 27.83 5.94 -39.46
C1 MAN V . 26.03 1.28 -50.93
C2 MAN V . 25.62 -0.05 -51.57
C3 MAN V . 26.01 -1.21 -50.73
C4 MAN V . 27.53 -1.17 -50.60
C5 MAN V . 27.93 0.16 -49.92
C6 MAN V . 29.50 0.22 -49.82
O2 MAN V . 26.25 -0.12 -52.75
O3 MAN V . 25.57 -2.44 -51.36
O4 MAN V . 28.00 -2.24 -49.85
O5 MAN V . 27.47 1.26 -50.75
O6 MAN V . 30.11 -1.12 -49.61
C1 NAG W . 29.12 -15.71 -33.76
C2 NAG W . 29.89 -15.65 -32.46
C3 NAG W . 30.96 -14.68 -32.65
C4 NAG W . 31.89 -15.16 -33.81
C5 NAG W . 31.04 -15.23 -35.10
C6 NAG W . 31.79 -15.68 -36.33
C7 NAG W . 28.88 -15.79 -30.30
C8 NAG W . 27.82 -15.28 -29.39
N2 NAG W . 29.00 -15.16 -31.43
O3 NAG W . 31.68 -14.54 -31.40
O4 NAG W . 32.95 -14.25 -33.95
O5 NAG W . 29.99 -16.18 -34.91
O6 NAG W . 32.22 -17.02 -36.24
O7 NAG W . 29.60 -16.74 -30.00
C1 NAG W . 34.25 -14.92 -33.89
C2 NAG W . 35.27 -13.98 -34.40
C3 NAG W . 36.58 -14.63 -34.36
C4 NAG W . 36.93 -15.01 -32.88
C5 NAG W . 35.82 -15.96 -32.37
C6 NAG W . 36.02 -16.30 -30.92
C7 NAG W . 34.88 -12.40 -36.18
C8 NAG W . 34.58 -12.20 -37.62
N2 NAG W . 34.98 -13.64 -35.77
O3 NAG W . 37.54 -13.70 -34.94
O4 NAG W . 38.15 -15.71 -32.83
O5 NAG W . 34.57 -15.31 -32.43
O6 NAG W . 35.79 -15.18 -30.09
O7 NAG W . 35.03 -11.45 -35.40
C1 BMA W . 39.32 -14.85 -32.69
C2 BMA W . 40.31 -15.54 -31.75
C3 BMA W . 41.54 -14.72 -31.56
C4 BMA W . 42.15 -14.55 -32.93
C5 BMA W . 41.14 -13.85 -33.88
C6 BMA W . 41.74 -13.73 -35.32
O2 BMA W . 40.66 -16.70 -32.32
O3 BMA W . 42.46 -15.39 -30.67
O4 BMA W . 43.32 -13.79 -32.82
O5 BMA W . 39.97 -14.66 -33.98
O6 BMA W . 43.20 -13.97 -35.37
C1 MAN W . 43.74 -13.88 -36.72
C2 MAN W . 43.95 -15.29 -37.28
C3 MAN W . 44.94 -16.06 -36.48
C4 MAN W . 46.24 -15.28 -36.57
C5 MAN W . 46.03 -13.84 -36.00
C6 MAN W . 47.33 -12.95 -36.12
O2 MAN W . 44.41 -15.11 -38.52
O3 MAN W . 45.07 -17.40 -37.02
O4 MAN W . 47.22 -15.94 -35.85
O5 MAN W . 45.01 -13.18 -36.78
O6 MAN W . 47.40 -12.13 -37.35
C1 MAN W . 45.07 -18.47 -35.99
C2 MAN W . 46.01 -19.61 -36.43
C3 MAN W . 45.50 -20.29 -37.65
C4 MAN W . 44.15 -20.89 -37.33
C5 MAN W . 43.22 -19.73 -36.89
C6 MAN W . 41.81 -20.25 -36.46
O2 MAN W . 46.03 -20.54 -35.42
O3 MAN W . 46.43 -21.32 -38.05
O4 MAN W . 43.69 -21.53 -38.48
O5 MAN W . 43.75 -19.06 -35.75
O6 MAN W . 40.69 -19.42 -36.92
C1 MAN W . 47.12 -20.32 -34.45
C2 MAN W . 48.25 -21.32 -34.72
C3 MAN W . 47.85 -22.73 -34.52
C4 MAN W . 47.39 -22.86 -33.08
C5 MAN W . 46.23 -21.87 -32.82
C6 MAN W . 45.73 -21.99 -31.35
O2 MAN W . 49.24 -21.04 -33.87
O3 MAN W . 48.98 -23.57 -34.79
O4 MAN W . 46.96 -24.15 -32.83
O5 MAN W . 46.68 -20.52 -33.07
O6 MAN W . 45.46 -23.37 -30.93
C1 MAN W . 48.69 -11.40 -37.44
C2 MAN W . 48.69 -10.61 -38.75
C3 MAN W . 48.67 -11.53 -39.92
C4 MAN W . 49.89 -12.42 -39.87
C5 MAN W . 49.86 -13.21 -38.53
C6 MAN W . 51.16 -14.08 -38.37
O2 MAN W . 49.82 -9.88 -38.80
O3 MAN W . 48.62 -10.78 -41.16
O4 MAN W . 49.86 -13.31 -40.93
O5 MAN W . 49.85 -12.27 -37.43
O6 MAN W . 51.69 -14.60 -39.65
C1 MAN W . 42.14 -15.26 -29.23
C2 MAN W . 43.43 -15.26 -28.42
C3 MAN W . 44.17 -16.55 -28.54
C4 MAN W . 43.25 -17.64 -28.02
C5 MAN W . 41.94 -17.63 -28.87
C6 MAN W . 40.93 -18.73 -28.37
O2 MAN W . 43.10 -15.08 -27.13
O3 MAN W . 45.38 -16.48 -27.76
O4 MAN W . 43.87 -18.87 -28.15
O5 MAN W . 41.29 -16.35 -28.74
O6 MAN W . 41.54 -20.07 -28.20
C1 NAG X . 26.21 -22.01 -28.58
C2 NAG X . 26.55 -22.62 -29.90
C3 NAG X . 26.58 -24.06 -29.69
C4 NAG X . 27.66 -24.42 -28.62
C5 NAG X . 27.27 -23.72 -27.29
C6 NAG X . 28.22 -23.93 -26.15
C7 NAG X . 25.74 -21.53 -31.89
C8 NAG X . 24.56 -21.12 -32.70
N2 NAG X . 25.52 -22.29 -30.86
O3 NAG X . 26.85 -24.70 -30.97
O4 NAG X . 27.63 -25.81 -28.43
O5 NAG X . 27.25 -22.32 -27.50
O6 NAG X . 29.58 -23.93 -26.54
O7 NAG X . 26.89 -21.18 -32.19
C1 NAG X . 28.93 -26.42 -28.67
C2 NAG X . 28.99 -27.70 -27.92
C3 NAG X . 30.28 -28.33 -28.12
C4 NAG X . 30.43 -28.61 -29.64
C5 NAG X . 30.37 -27.27 -30.42
C6 NAG X . 30.44 -27.46 -31.91
C7 NAG X . 27.75 -27.85 -25.85
C8 NAG X . 27.70 -27.52 -24.39
N2 NAG X . 28.81 -27.44 -26.50
O3 NAG X . 30.36 -29.56 -27.35
O4 NAG X . 31.68 -29.18 -29.84
O5 NAG X . 29.12 -26.67 -30.17
O6 NAG X . 29.30 -28.17 -32.39
O7 NAG X . 26.85 -28.47 -26.41
C1 BMA X . 31.59 -30.55 -30.36
C2 BMA X . 32.90 -30.85 -31.08
C3 BMA X . 32.87 -32.21 -31.64
C4 BMA X . 32.67 -33.17 -30.48
C5 BMA X . 31.32 -32.86 -29.77
C6 BMA X . 31.14 -33.77 -28.50
O2 BMA X . 33.88 -30.77 -30.17
O3 BMA X . 34.13 -32.48 -32.31
O4 BMA X . 32.66 -34.48 -30.98
O5 BMA X . 31.39 -31.51 -29.29
O6 BMA X . 32.37 -34.48 -28.07
C1 MAN X . 34.03 -32.38 -33.76
C2 MAN X . 35.20 -33.15 -34.35
C3 MAN X . 36.48 -32.48 -34.02
C4 MAN X . 36.47 -31.09 -34.61
C5 MAN X . 35.29 -30.34 -33.97
C6 MAN X . 35.22 -28.85 -34.52
O2 MAN X . 34.99 -33.20 -35.69
O3 MAN X . 37.57 -33.23 -34.58
O4 MAN X . 37.66 -30.43 -34.33
O5 MAN X . 34.05 -31.01 -34.29
O6 MAN X . 36.50 -28.13 -34.42
C1 MAN X . 35.30 -34.52 -36.24
C2 MAN X . 35.84 -34.35 -37.65
C3 MAN X . 34.77 -33.87 -38.56
C4 MAN X . 33.65 -34.89 -38.58
C5 MAN X . 33.12 -35.00 -37.12
C6 MAN X . 31.97 -36.07 -37.04
O2 MAN X . 36.30 -35.58 -38.02
O3 MAN X . 35.30 -33.63 -39.88
O4 MAN X . 32.65 -34.46 -39.43
O5 MAN X . 34.17 -35.45 -36.26
O6 MAN X . 31.04 -36.02 -38.20
C1 MAN X . 37.64 -35.48 -38.61
C2 MAN X . 38.08 -36.83 -39.15
C3 MAN X . 38.27 -37.83 -38.08
C4 MAN X . 39.34 -37.32 -37.16
C5 MAN X . 38.87 -35.97 -36.58
C6 MAN X . 39.97 -35.33 -35.69
O2 MAN X . 39.27 -36.67 -39.77
O3 MAN X . 38.68 -39.07 -38.65
O4 MAN X . 39.53 -38.24 -36.13
O5 MAN X . 38.66 -35.04 -37.66
O6 MAN X . 41.10 -34.83 -36.47
C1 MAN X . 32.31 -34.97 -26.69
C2 MAN X . 32.92 -33.93 -25.75
C3 MAN X . 34.37 -33.70 -26.00
C4 MAN X . 35.05 -35.03 -25.80
C5 MAN X . 34.46 -36.08 -26.78
C6 MAN X . 35.15 -37.46 -26.55
O2 MAN X . 32.78 -34.39 -24.50
O3 MAN X . 34.87 -32.71 -25.08
O4 MAN X . 36.42 -34.92 -26.01
O5 MAN X . 33.04 -36.22 -26.51
O6 MAN X . 36.58 -37.33 -26.19
C1 NAG Y . 20.01 -22.75 -46.70
C2 NAG Y . 19.94 -22.23 -48.09
C3 NAG Y . 20.82 -23.13 -48.88
C4 NAG Y . 22.29 -23.09 -48.33
C5 NAG Y . 22.26 -23.54 -46.86
C6 NAG Y . 23.61 -23.49 -46.20
C7 NAG Y . 17.93 -21.29 -49.11
C8 NAG Y . 16.51 -21.50 -49.51
N2 NAG Y . 18.56 -22.32 -48.58
O3 NAG Y . 20.75 -22.74 -50.27
O4 NAG Y . 23.03 -24.08 -48.99
O5 NAG Y . 21.42 -22.69 -46.12
O6 NAG Y . 23.50 -23.31 -44.79
O7 NAG Y . 18.50 -20.21 -49.26
C1 NAG Y . 24.04 -23.57 -49.91
C2 NAG Y . 25.04 -24.63 -50.09
C3 NAG Y . 26.04 -24.24 -51.08
C4 NAG Y . 25.29 -24.00 -52.44
C5 NAG Y . 24.25 -22.85 -52.27
C6 NAG Y . 23.39 -22.64 -53.49
C7 NAG Y . 25.91 -26.08 -48.38
C8 NAG Y . 26.59 -26.19 -47.05
N2 NAG Y . 25.70 -24.87 -48.83
O3 NAG Y . 27.04 -25.28 -51.21
O4 NAG Y . 26.24 -23.69 -53.40
O5 NAG Y . 23.35 -23.27 -51.25
O6 NAG Y . 22.69 -23.82 -53.85
O7 NAG Y . 25.56 -27.08 -49.00
C1 BMA Y . 26.14 -24.52 -54.60
C2 BMA Y . 26.52 -23.65 -55.80
C3 BMA Y . 26.42 -24.43 -57.05
C4 BMA Y . 27.37 -25.60 -56.94
C5 BMA Y . 26.96 -26.47 -55.72
C6 BMA Y . 27.98 -27.66 -55.55
O2 BMA Y . 27.80 -23.27 -55.62
O3 BMA Y . 26.75 -23.58 -58.18
O4 BMA Y . 27.30 -26.35 -58.11
O5 BMA Y . 27.02 -25.67 -54.53
O6 BMA Y . 29.36 -27.33 -55.96
C1 MAN Y . 30.33 -27.32 -54.86
C2 MAN Y . 31.41 -26.29 -55.15
C3 MAN Y . 32.20 -26.61 -56.37
C4 MAN Y . 32.83 -27.97 -56.11
C5 MAN Y . 31.71 -29.04 -55.84
C6 MAN Y . 32.37 -30.43 -55.45
O2 MAN Y . 32.25 -26.27 -54.09
O3 MAN Y . 33.26 -25.62 -56.52
O4 MAN Y . 33.56 -28.31 -57.24
O5 MAN Y . 30.97 -28.62 -54.68
O6 MAN Y . 32.17 -31.56 -56.39
C1 MAN Y . 32.95 -24.50 -57.42
C2 MAN Y . 34.26 -24.02 -58.08
C3 MAN Y . 35.19 -23.47 -57.08
C4 MAN Y . 34.53 -22.27 -56.42
C5 MAN Y . 33.22 -22.77 -55.75
C6 MAN Y . 32.39 -21.57 -55.15
O2 MAN Y . 33.93 -23.00 -58.92
O3 MAN Y . 36.43 -23.09 -57.73
O4 MAN Y . 35.43 -21.76 -55.48
O5 MAN Y . 32.37 -23.36 -56.75
O6 MAN Y . 32.92 -20.99 -53.92
C1 MAN Y . 33.71 -23.42 -60.32
C2 MAN Y . 34.92 -23.04 -61.16
C3 MAN Y . 35.10 -21.56 -61.27
C4 MAN Y . 33.83 -21.01 -61.91
C5 MAN Y . 32.63 -21.38 -60.99
C6 MAN Y . 31.31 -20.79 -61.59
O2 MAN Y . 34.73 -23.53 -62.40
O3 MAN Y . 36.25 -21.28 -62.11
O4 MAN Y . 33.92 -19.64 -62.05
O5 MAN Y . 32.52 -22.82 -60.92
O6 MAN Y . 31.41 -19.34 -61.87
C1 MAN Y . 33.03 -31.52 -57.58
C2 MAN Y . 33.00 -32.88 -58.29
C3 MAN Y . 33.63 -33.96 -57.49
C4 MAN Y . 35.08 -33.56 -57.28
C5 MAN Y . 35.10 -32.19 -56.53
C6 MAN Y . 36.58 -31.71 -56.31
O2 MAN Y . 33.69 -32.73 -59.43
O3 MAN Y . 33.56 -35.22 -58.20
O4 MAN Y . 35.72 -34.52 -56.51
O5 MAN Y . 34.43 -31.19 -57.33
O6 MAN Y . 37.40 -32.67 -55.55
C1 MAN Y . 25.70 -23.64 -59.20
C2 MAN Y . 26.22 -23.12 -60.53
C3 MAN Y . 26.52 -21.66 -60.46
C4 MAN Y . 25.23 -20.94 -60.09
C5 MAN Y . 24.74 -21.48 -58.72
C6 MAN Y . 23.39 -20.80 -58.29
O2 MAN Y . 25.22 -23.37 -61.44
O3 MAN Y . 27.02 -21.18 -61.72
O4 MAN Y . 25.46 -19.58 -60.01
O5 MAN Y . 24.50 -22.89 -58.83
O6 MAN Y . 23.35 -19.35 -58.53
C1 MAN Y . 25.72 -24.14 -62.60
C2 MAN Y . 24.63 -24.21 -63.66
C3 MAN Y . 23.46 -25.02 -63.22
C4 MAN Y . 23.95 -26.44 -62.95
C5 MAN Y . 25.04 -26.34 -61.84
C6 MAN Y . 25.63 -27.77 -61.51
O2 MAN Y . 25.16 -24.80 -64.75
O3 MAN Y . 22.46 -25.03 -64.27
O4 MAN Y . 22.91 -27.23 -62.49
O5 MAN Y . 26.13 -25.51 -62.30
O6 MAN Y . 24.62 -28.74 -61.07
C1 NAG Z . 16.80 -27.64 -26.51
C2 NAG Z . 17.03 -27.67 -25.02
C3 NAG Z . 17.79 -28.87 -24.65
C4 NAG Z . 16.95 -30.14 -25.03
C5 NAG Z . 16.72 -30.08 -26.58
C6 NAG Z . 15.91 -31.22 -27.11
C7 NAG Z . 17.28 -25.59 -23.86
C8 NAG Z . 18.06 -24.32 -23.74
N2 NAG Z . 17.78 -26.50 -24.64
O3 NAG Z . 18.06 -28.84 -23.23
O4 NAG Z . 17.68 -31.30 -24.68
O5 NAG Z . 16.00 -28.89 -26.91
O6 NAG Z . 14.70 -31.42 -26.40
O7 NAG Z . 16.22 -25.77 -23.25
C1 NAG Z . 16.92 -32.21 -23.82
C2 NAG Z . 17.60 -33.54 -23.85
C3 NAG Z . 16.87 -34.50 -23.02
C4 NAG Z . 16.85 -33.97 -21.54
C5 NAG Z . 16.14 -32.58 -21.53
C6 NAG Z . 16.13 -31.99 -20.14
C7 NAG Z . 18.69 -34.46 -25.79
C8 NAG Z . 18.57 -34.93 -27.20
N2 NAG Z . 17.61 -34.02 -25.21
O3 NAG Z . 17.50 -35.80 -23.11
O4 NAG Z . 16.16 -34.87 -20.74
O5 NAG Z . 16.87 -31.68 -22.36
O6 NAG Z . 15.97 -33.00 -19.15
O7 NAG Z . 19.77 -34.48 -25.19
C1 NAG AA . 36.12 -7.94 -15.99
C2 NAG AA . 36.77 -9.27 -16.11
C3 NAG AA . 37.01 -9.80 -14.76
C4 NAG AA . 37.95 -8.82 -13.97
C5 NAG AA . 37.25 -7.43 -13.92
C6 NAG AA . 38.06 -6.37 -13.23
C7 NAG AA . 36.23 -10.65 -18.02
C8 NAG AA . 35.24 -11.54 -18.67
N2 NAG AA . 35.90 -10.19 -16.84
O3 NAG AA . 37.58 -11.13 -14.84
O4 NAG AA . 38.08 -9.26 -12.65
O5 NAG AA . 37.02 -6.96 -15.24
O6 NAG AA . 39.30 -6.11 -13.87
O7 NAG AA . 37.29 -10.35 -18.56
C1 NAG AA . 39.43 -9.73 -12.31
C2 NAG AA . 39.54 -9.73 -10.82
C3 NAG AA . 40.88 -10.20 -10.41
C4 NAG AA . 41.05 -11.67 -10.95
C5 NAG AA . 40.94 -11.65 -12.51
C6 NAG AA . 41.04 -13.05 -13.07
C7 NAG AA . 38.44 -8.05 -9.48
C8 NAG AA . 38.34 -6.60 -9.11
N2 NAG AA . 39.36 -8.37 -10.35
O3 NAG AA . 40.98 -10.14 -8.96
O4 NAG AA . 42.29 -12.15 -10.56
O5 NAG AA . 39.65 -11.15 -12.85
O6 NAG AA . 41.92 -13.86 -12.30
O7 NAG AA . 37.71 -8.90 -8.97
C1 NAG BA . 32.99 10.15 -18.38
C2 NAG BA . 34.24 9.37 -18.58
C3 NAG BA . 34.97 9.38 -17.31
C4 NAG BA . 35.32 10.83 -16.83
C5 NAG BA . 33.96 11.57 -16.68
C6 NAG BA . 34.05 12.98 -16.20
C7 NAG BA . 34.00 7.47 -20.06
C8 NAG BA . 33.54 6.05 -20.21
N2 NAG BA . 33.87 8.00 -18.88
O3 NAG BA . 36.16 8.59 -17.46
O4 NAG BA . 35.92 10.71 -15.57
O5 NAG BA . 33.27 11.60 -17.93
O6 NAG BA . 32.78 13.60 -16.11
O7 NAG BA . 34.48 8.12 -20.99
C1 NAG BA . 37.18 11.47 -15.46
C2 NAG BA . 37.54 11.51 -14.02
C3 NAG BA . 38.77 12.28 -13.82
C4 NAG BA . 39.92 11.59 -14.62
C5 NAG BA . 39.53 11.56 -16.13
C6 NAG BA . 40.58 10.87 -16.95
C7 NAG BA . 35.68 11.53 -12.44
C8 NAG BA . 34.66 12.38 -11.77
N2 NAG BA . 36.48 12.16 -13.28
O3 NAG BA . 39.07 12.35 -12.40
O4 NAG BA . 41.09 12.31 -14.44
O5 NAG BA . 38.32 10.82 -16.27
O6 NAG BA . 41.89 11.19 -16.50
O7 NAG BA . 35.77 10.32 -12.23
C1 NAG CA . 5.87 -4.42 33.81
C2 NAG CA . 6.00 -3.37 32.76
C3 NAG CA . 5.73 -2.06 33.36
C4 NAG CA . 4.28 -1.99 33.94
C5 NAG CA . 4.21 -3.12 35.01
C6 NAG CA . 2.87 -3.21 35.71
C7 NAG CA . 7.65 -3.46 31.00
C8 NAG CA . 9.09 -3.41 30.65
N2 NAG CA . 7.35 -3.35 32.27
O3 NAG CA . 5.91 -1.02 32.35
O4 NAG CA . 4.11 -0.75 34.55
O5 NAG CA . 4.46 -4.39 34.43
O6 NAG CA . 1.79 -3.45 34.83
O7 NAG CA . 6.78 -3.61 30.15
C1 NAG CA . 3.09 0.09 33.91
C2 NAG CA . 2.61 1.09 34.89
C3 NAG CA . 1.56 1.91 34.27
C4 NAG CA . 2.14 2.68 33.03
C5 NAG CA . 2.67 1.60 32.04
C6 NAG CA . 3.30 2.20 30.80
C7 NAG CA . 2.34 0.73 37.25
C8 NAG CA . 1.72 -0.10 38.32
N2 NAG CA . 2.05 0.41 36.02
O3 NAG CA . 1.02 2.82 35.25
O4 NAG CA . 1.06 3.35 32.43
O5 NAG CA . 3.67 0.80 32.67
O6 NAG CA . 4.42 3.01 31.08
O7 NAG CA . 3.08 1.68 37.51
C1 BMA CA . 1.16 4.81 32.46
C2 BMA CA . 0.04 5.37 31.58
C3 BMA CA . 0.04 6.84 31.53
C4 BMA CA . -0.16 7.31 32.96
C5 BMA CA . 0.98 6.77 33.87
C6 BMA CA . 0.71 7.16 35.38
O2 BMA CA . -1.12 4.95 32.11
O3 BMA CA . -1.06 7.28 30.68
O4 BMA CA . -0.17 8.69 32.98
O5 BMA CA . 0.95 5.33 33.81
O6 BMA CA . -0.72 7.42 35.69
C1 MAN CA . -0.64 8.28 29.69
C2 MAN CA . -1.87 8.85 28.97
C3 MAN CA . -2.55 7.79 28.14
C4 MAN CA . -1.53 7.33 27.10
C5 MAN CA . -0.30 6.75 27.86
C6 MAN CA . 0.79 6.27 26.82
O2 MAN CA . -1.42 9.82 28.11
O3 MAN CA . -3.72 8.35 27.49
O4 MAN CA . -2.08 6.34 26.29
O5 MAN CA . 0.28 7.78 28.67
O6 MAN CA . 0.22 5.68 25.60
C1 MAN CA . -1.98 11.15 28.42
C2 MAN CA . -1.86 12.03 27.17
C3 MAN CA . -0.45 12.30 26.80
C4 MAN CA . 0.18 13.00 27.98
C5 MAN CA . 0.09 12.08 29.23
C6 MAN CA . 0.73 12.77 30.50
O2 MAN CA . -2.45 13.20 27.45
O3 MAN CA . -0.43 13.14 25.62
O4 MAN CA . 1.52 13.24 27.70
O5 MAN CA . -1.31 11.84 29.51
O6 MAN CA . 1.95 13.55 30.21
C1 MAN CA . -1.05 7.27 37.11
C2 MAN CA . -1.52 5.83 37.38
C3 MAN CA . -2.77 5.49 36.64
C4 MAN CA . -3.84 6.47 37.12
C5 MAN CA . -3.37 7.92 36.82
C6 MAN CA . -4.43 8.95 37.35
O2 MAN CA . -1.76 5.73 38.70
O3 MAN CA . -3.16 4.13 36.95
O4 MAN CA . -5.02 6.21 36.45
O5 MAN CA . -2.14 8.17 37.53
O6 MAN CA . -5.83 8.62 36.98
C1 NAG DA . 32.56 -4.05 31.45
C2 NAG DA . 32.36 -2.80 30.66
C3 NAG DA . 33.67 -2.24 30.27
C4 NAG DA . 34.50 -1.91 31.56
C5 NAG DA . 34.62 -3.22 32.38
C6 NAG DA . 35.33 -2.96 33.67
C7 NAG DA . 30.62 -2.34 29.05
C8 NAG DA . 29.88 -2.79 27.83
N2 NAG DA . 31.60 -3.11 29.47
O3 NAG DA . 33.41 -1.04 29.51
O4 NAG DA . 35.82 -1.53 31.18
O5 NAG DA . 33.34 -3.75 32.72
O6 NAG DA . 34.63 -3.52 34.78
O7 NAG DA . 30.32 -1.30 29.64
C1 NAG DA . 36.02 -0.08 31.02
C2 NAG DA . 37.41 0.28 31.46
C3 NAG DA . 37.56 1.74 31.42
C4 NAG DA . 37.37 2.29 29.95
C5 NAG DA . 35.93 1.82 29.51
C6 NAG DA . 35.58 2.19 28.09
C7 NAG DA . 38.57 -1.01 33.14
C8 NAG DA . 38.67 -1.41 34.58
N2 NAG DA . 37.61 -0.18 32.82
O3 NAG DA . 38.87 2.11 31.91
O4 NAG DA . 37.43 3.69 30.04
O5 NAG DA . 35.82 0.40 29.57
O6 NAG DA . 36.46 1.58 27.15
O7 NAG DA . 39.35 -1.46 32.29
C1 BMA DA . 38.21 4.34 28.97
C2 BMA DA . 37.67 5.75 28.78
C3 BMA DA . 38.39 6.46 27.69
C4 BMA DA . 39.87 6.52 28.07
C5 BMA DA . 40.40 5.06 28.26
C6 BMA DA . 41.90 5.06 28.75
O2 BMA DA . 37.90 6.41 29.94
O3 BMA DA . 37.72 7.73 27.40
O4 BMA DA . 40.58 7.16 27.06
O5 BMA DA . 39.63 4.41 29.28
O6 BMA DA . 42.77 4.09 28.07
C1 MAN DA . 38.27 9.01 27.94
C2 MAN DA . 37.13 10.01 28.17
C3 MAN DA . 36.45 10.40 26.90
C4 MAN DA . 37.50 11.05 26.02
C5 MAN DA . 38.65 10.03 25.78
C6 MAN DA . 39.78 10.65 24.89
O2 MAN DA . 37.68 11.12 28.72
O3 MAN DA . 35.38 11.33 27.19
O4 MAN DA . 36.93 11.42 24.81
O5 MAN DA . 39.24 9.64 27.04
O6 MAN DA . 39.29 11.45 23.75
C1 MAN DA . 43.87 3.62 28.93
C2 MAN DA . 44.97 3.02 28.04
C3 MAN DA . 44.51 1.79 27.33
C4 MAN DA . 44.11 0.79 28.41
C5 MAN DA . 42.98 1.40 29.28
C6 MAN DA . 42.58 0.40 30.44
O2 MAN DA . 46.00 2.70 28.85
O3 MAN DA . 45.59 1.28 26.52
O4 MAN DA . 43.67 -0.38 27.81
O5 MAN DA . 43.48 2.61 29.90
O6 MAN DA . 42.56 -1.02 30.04
C1 NAG EA . 32.96 -5.02 40.27
C2 NAG EA . 32.87 -3.53 40.19
C3 NAG EA . 34.23 -2.98 40.35
C4 NAG EA . 34.82 -3.36 41.75
C5 NAG EA . 34.84 -4.93 41.79
C6 NAG EA . 35.36 -5.50 43.08
C7 NAG EA . 31.72 -2.05 38.69
C8 NAG EA . 31.18 -1.85 37.31
N2 NAG EA . 32.35 -3.18 38.89
O3 NAG EA . 34.18 -1.55 40.19
O4 NAG EA . 36.13 -2.85 41.81
O5 NAG EA . 33.53 -5.45 41.63
O6 NAG EA . 34.76 -4.94 44.23
O7 NAG EA . 31.57 -1.23 39.58
C1 NAG EA . 36.40 -2.10 43.04
C2 NAG EA . 37.88 -1.96 43.19
C3 NAG EA . 38.19 -1.22 44.42
C4 NAG EA . 37.57 0.21 44.35
C5 NAG EA . 36.02 0.04 44.17
C6 NAG EA . 35.32 1.35 43.95
C7 NAG EA . 39.43 -3.68 42.55
C8 NAG EA . 39.93 -5.05 42.78
N2 NAG EA . 38.46 -3.28 43.31
O3 NAG EA . 39.62 -1.11 44.58
O4 NAG EA . 37.85 0.82 45.57
O5 NAG EA . 35.76 -0.70 42.97
O6 NAG EA . 35.60 1.89 42.67
O7 NAG EA . 39.91 -2.95 41.67
C1 BMA EA . 38.59 2.08 45.41
C2 BMA EA . 38.81 2.70 46.79
C3 BMA EA . 39.51 4.00 46.68
C4 BMA EA . 40.86 3.73 46.02
C5 BMA EA . 40.62 3.09 44.61
C6 BMA EA . 41.98 2.68 43.91
O2 BMA EA . 39.58 1.85 47.49
O3 BMA EA . 39.72 4.56 48.00
O4 BMA EA . 41.51 4.94 45.89
O5 BMA EA . 39.89 1.86 44.78
O6 BMA EA . 43.22 2.94 44.67
C1 MAN EA . 38.69 5.53 48.43
C2 MAN EA . 39.27 6.38 49.56
C3 MAN EA . 39.52 5.54 50.78
C4 MAN EA . 38.20 4.96 51.23
C5 MAN EA . 37.66 4.10 50.06
C6 MAN EA . 36.29 3.46 50.45
O2 MAN EA . 38.36 7.35 49.84
O3 MAN EA . 40.11 6.35 51.82
O4 MAN EA . 38.39 4.18 52.37
O5 MAN EA . 37.46 4.91 48.90
O6 MAN EA . 36.31 2.78 51.76
C1 MAN EA . 38.95 8.71 49.82
C2 MAN EA . 38.10 9.61 50.70
C3 MAN EA . 36.77 9.85 50.09
C4 MAN EA . 36.98 10.48 48.74
C5 MAN EA . 37.80 9.49 47.87
C6 MAN EA . 38.02 10.08 46.44
O2 MAN EA . 38.74 10.79 50.90
O3 MAN EA . 35.98 10.72 50.91
O4 MAN EA . 35.76 10.75 48.14
O5 MAN EA . 39.08 9.29 48.48
O6 MAN EA . 36.78 10.45 45.74
C1 MAN EA . 38.74 11.15 52.34
C2 MAN EA . 39.12 12.61 52.50
C3 MAN EA . 40.51 12.85 52.13
C4 MAN EA . 41.39 12.02 53.04
C5 MAN EA . 41.01 10.54 52.81
C6 MAN EA . 41.82 9.60 53.76
O2 MAN EA . 39.01 12.93 53.81
O3 MAN EA . 40.80 14.24 52.27
O4 MAN EA . 42.73 12.29 52.78
O5 MAN EA . 39.64 10.35 53.14
O6 MAN EA . 41.07 9.16 54.94
C1 MAN EA . 44.30 1.99 44.36
C2 MAN EA . 44.42 0.99 45.52
C3 MAN EA . 44.84 1.65 46.79
C4 MAN EA . 46.21 2.26 46.50
C5 MAN EA . 46.10 3.30 45.35
C6 MAN EA . 47.52 3.86 44.96
O2 MAN EA . 45.35 0.09 45.18
O3 MAN EA . 44.94 0.64 47.83
O4 MAN EA . 46.67 2.86 47.67
O5 MAN EA . 45.61 2.61 44.18
O6 MAN EA . 47.71 5.33 44.96
C1 MAN EA . 44.62 1.14 49.18
C2 MAN EA . 45.72 0.72 50.15
C3 MAN EA . 45.78 -0.75 50.32
C4 MAN EA . 44.45 -1.19 50.88
C5 MAN EA . 43.34 -0.77 49.87
C6 MAN EA . 41.91 -1.18 50.41
O2 MAN EA . 45.46 1.30 51.32
O3 MAN EA . 46.86 -1.08 51.24
O4 MAN EA . 44.44 -2.57 51.06
O5 MAN EA . 43.34 0.66 49.71
O6 MAN EA . 41.86 -2.48 51.10
C1 MAN EA . 47.45 5.97 46.26
C2 MAN EA . 47.94 7.42 46.26
C3 MAN EA . 49.42 7.54 46.22
C4 MAN EA . 49.93 6.84 47.46
C5 MAN EA . 49.49 5.34 47.43
C6 MAN EA . 49.96 4.58 48.71
O2 MAN EA . 47.50 7.94 47.41
O3 MAN EA . 49.78 8.94 46.24
O4 MAN EA . 51.31 6.93 47.52
O5 MAN EA . 48.05 5.31 47.41
O6 MAN EA . 51.42 4.65 48.95
C1 NAG FA . 29.26 1.12 32.55
C2 NAG FA . 30.08 2.01 31.70
C3 NAG FA . 31.51 1.87 32.05
C4 NAG FA . 31.73 2.30 33.53
C5 NAG FA . 30.85 1.33 34.39
C6 NAG FA . 30.91 1.59 35.87
C7 NAG FA . 29.81 2.43 29.34
C8 NAG FA . 29.66 1.84 27.98
N2 NAG FA . 29.93 1.59 30.32
O3 NAG FA . 32.29 2.69 31.16
O4 NAG FA . 33.10 2.12 33.85
O5 NAG FA . 29.48 1.49 34.03
O6 NAG FA . 30.69 2.95 36.21
O7 NAG FA . 29.81 3.65 29.54
C1 NAG FA . 33.70 3.32 34.44
C2 NAG FA . 34.95 2.93 35.15
C3 NAG FA . 35.54 4.12 35.80
C4 NAG FA . 35.94 5.21 34.73
C5 NAG FA . 34.60 5.55 33.98
C6 NAG FA . 34.80 6.47 32.80
C7 NAG FA . 35.09 0.70 36.02
C8 NAG FA . 34.69 -0.30 37.05
N2 NAG FA . 34.65 1.93 36.14
O3 NAG FA . 36.69 3.69 36.55
O4 NAG FA . 36.40 6.33 35.47
O5 NAG FA . 34.04 4.38 33.38
O6 NAG FA . 34.15 7.71 32.98
O7 NAG FA . 35.81 0.39 35.07
C1 BMA FA . 37.60 7.03 34.93
C2 BMA FA . 37.24 8.51 34.76
C3 BMA FA . 38.37 9.29 34.21
C4 BMA FA . 39.51 9.16 35.20
C5 BMA FA . 39.89 7.64 35.37
C6 BMA FA . 41.02 7.50 36.47
O2 BMA FA . 36.93 8.98 35.98
O3 BMA FA . 37.96 10.68 34.08
O4 BMA FA . 40.60 9.87 34.73
O5 BMA FA . 38.73 6.94 35.85
O6 BMA FA . 40.78 6.45 37.47
C1 MAN FA . 38.55 11.39 32.91
C2 MAN FA . 39.13 12.72 33.41
C3 MAN FA . 38.09 13.64 33.92
C4 MAN FA . 37.13 13.90 32.78
C5 MAN FA . 36.52 12.54 32.32
C6 MAN FA . 35.51 12.75 31.13
O2 MAN FA . 39.74 13.28 32.35
O3 MAN FA . 38.72 14.86 34.36
O4 MAN FA . 36.11 14.74 33.22
O5 MAN FA . 37.58 11.68 31.85
O6 MAN FA . 34.55 13.85 31.34
C1 MAN FA . 41.66 6.62 38.65
C2 MAN FA . 41.49 5.40 39.56
C3 MAN FA . 40.13 5.35 40.16
C4 MAN FA . 39.96 6.62 40.99
C5 MAN FA . 40.10 7.84 40.04
C6 MAN FA . 39.95 9.15 40.90
O2 MAN FA . 42.40 5.52 40.54
O3 MAN FA . 40.00 4.16 41.00
O4 MAN FA . 38.72 6.65 41.61
O5 MAN FA . 41.41 7.82 39.44
O6 MAN FA . 39.01 9.00 42.03
C1 NAG GA . 17.83 5.14 43.47
C2 NAG GA . 16.75 6.16 43.28
C3 NAG GA . 17.37 7.48 43.39
C4 NAG GA . 18.02 7.62 44.81
C5 NAG GA . 19.11 6.53 44.95
C6 NAG GA . 19.85 6.53 46.25
C7 NAG GA . 14.92 5.91 41.75
C8 NAG GA . 14.50 5.59 40.36
N2 NAG GA . 16.20 6.01 41.96
O3 NAG GA . 16.37 8.49 43.15
O4 NAG GA . 18.58 8.91 44.91
O5 NAG GA . 18.49 5.26 44.85
O6 NAG GA . 19.01 6.19 47.35
O7 NAG GA . 14.10 6.07 42.67
C1 NAG GA . 18.08 9.61 46.09
C2 NAG GA . 18.96 10.78 46.33
C3 NAG GA . 18.50 11.49 47.53
C4 NAG GA . 17.03 12.00 47.28
C5 NAG GA . 16.14 10.76 47.00
C6 NAG GA . 14.74 11.16 46.67
C7 NAG GA . 21.34 10.77 45.91
C8 NAG GA . 22.67 10.21 46.27
N2 NAG GA . 20.31 10.32 46.58
O3 NAG GA . 19.43 12.58 47.77
O4 NAG GA . 16.54 12.61 48.45
O5 NAG GA . 16.63 10.08 45.86
O6 NAG GA . 14.67 11.82 45.41
O7 NAG GA . 21.19 11.62 45.02
C1 BMA GA . 16.82 14.05 48.54
C2 BMA GA . 15.60 14.75 49.13
C3 BMA GA . 15.82 16.21 49.23
C4 BMA GA . 17.03 16.39 50.14
C5 BMA GA . 18.26 15.68 49.52
C6 BMA GA . 19.49 15.80 50.48
O2 BMA GA . 15.42 14.25 50.36
O3 BMA GA . 14.65 16.86 49.81
O4 BMA GA . 17.28 17.75 50.30
O5 BMA GA . 17.96 14.28 49.40
O6 BMA GA . 19.32 16.82 51.54
C1 MAN GA . 20.46 16.91 52.44
C2 MAN GA . 20.14 16.17 53.74
C3 MAN GA . 18.99 16.79 54.45
C4 MAN GA . 19.42 18.21 54.78
C5 MAN GA . 19.75 18.96 53.45
C6 MAN GA . 20.26 20.44 53.71
O2 MAN GA . 21.24 16.28 54.48
O3 MAN GA . 18.71 16.02 55.66
O4 MAN GA . 18.39 18.86 55.45
O5 MAN GA . 20.81 18.28 52.77
O6 MAN GA . 21.72 20.58 53.79
C1 MAN GA . 17.26 15.76 55.87
C2 MAN GA . 16.94 15.78 57.38
C3 MAN GA . 17.62 14.67 58.09
C4 MAN GA . 17.09 13.37 57.52
C5 MAN GA . 17.42 13.36 56.01
C6 MAN GA . 16.85 12.08 55.29
O2 MAN GA . 15.59 15.61 57.52
O3 MAN GA . 17.33 14.75 59.50
O4 MAN GA . 17.73 12.33 58.19
O5 MAN GA . 16.79 14.48 55.35
O6 MAN GA . 17.77 11.49 54.30
C1 MAN GA . 14.83 16.88 57.57
C2 MAN GA . 14.45 17.18 59.03
C3 MAN GA . 13.53 16.16 59.61
C4 MAN GA . 12.28 16.16 58.75
C5 MAN GA . 12.68 15.82 57.29
C6 MAN GA . 11.41 15.80 56.37
O2 MAN GA . 13.82 18.36 59.05
O3 MAN GA . 13.22 16.55 60.96
O4 MAN GA . 11.39 15.20 59.21
O5 MAN GA . 13.59 16.83 56.80
O6 MAN GA . 10.32 14.97 56.90
C1 MAN GA . 22.14 21.95 54.14
C2 MAN GA . 23.66 22.00 54.24
C3 MAN GA . 24.13 21.15 55.36
C4 MAN GA . 23.53 21.67 56.65
C5 MAN GA . 21.98 21.63 56.52
C6 MAN GA . 21.30 22.25 57.79
O2 MAN GA . 24.03 23.27 54.46
O3 MAN GA . 25.57 21.15 55.43
O4 MAN GA . 23.93 20.87 57.70
O5 MAN GA . 21.58 22.43 55.39
O6 MAN GA . 22.04 22.02 59.04
C1 MAN GA . 13.55 17.08 48.85
C2 MAN GA . 12.80 18.36 49.26
C3 MAN GA . 12.15 18.23 50.58
C4 MAN GA . 11.17 17.07 50.50
C5 MAN GA . 11.96 15.78 50.11
C6 MAN GA . 11.00 14.54 49.99
O2 MAN GA . 11.84 18.56 48.33
O3 MAN GA . 11.47 19.46 50.90
O4 MAN GA . 10.56 16.89 51.74
O5 MAN GA . 12.59 15.98 48.83
O6 MAN GA . 10.09 14.37 51.13
C1 NAG HA . 10.23 1.00 43.39
C2 NAG HA . 10.97 0.57 44.60
C3 NAG HA . 10.01 -0.11 45.47
C4 NAG HA . 8.85 0.87 45.84
C5 NAG HA . 8.15 1.32 44.52
C6 NAG HA . 7.02 2.31 44.69
C7 NAG HA . 13.28 -0.08 44.35
C8 NAG HA . 14.25 -1.05 43.75
N2 NAG HA . 12.01 -0.36 44.22
O3 NAG HA . 10.70 -0.60 46.64
O4 NAG HA . 7.93 0.18 46.63
O5 NAG HA . 9.09 1.99 43.71
O6 NAG HA . 7.27 3.27 45.70
O7 NAG HA . 13.65 0.93 44.95
C1 NAG HA . 7.72 0.83 47.93
C2 NAG HA . 6.39 0.41 48.43
C3 NAG HA . 6.13 1.06 49.71
C4 NAG HA . 7.24 0.58 50.69
C5 NAG HA . 8.63 1.02 50.16
C6 NAG HA . 9.77 0.53 51.02
C7 NAG HA . 4.65 -0.05 46.82
C8 NAG HA . 3.62 0.51 45.90
N2 NAG HA . 5.36 0.82 47.50
O3 NAG HA . 4.82 0.69 50.20
O4 NAG HA . 7.02 1.22 51.92
O5 NAG HA . 8.83 0.41 48.90
O6 NAG HA . 9.84 -0.89 51.03
O7 NAG HA . 4.84 -1.26 46.95
C1 BMA HA . 6.72 0.28 52.99
C2 BMA HA . 7.06 0.96 54.31
C3 BMA HA . 6.79 0.05 55.44
C4 BMA HA . 5.31 -0.28 55.40
C5 BMA HA . 4.97 -0.98 54.05
C6 BMA HA . 3.42 -1.24 53.93
O2 BMA HA . 6.30 2.05 54.42
O3 BMA HA . 7.13 0.72 56.66
O4 BMA HA . 5.01 -1.12 56.47
O5 BMA HA . 5.31 -0.08 52.99
O6 BMA HA . 2.61 -0.51 54.93
C1 MAN HA . 8.40 0.27 57.24
C2 MAN HA . 8.40 0.63 58.72
C3 MAN HA . 8.41 2.10 58.90
C4 MAN HA . 9.67 2.65 58.26
C5 MAN HA . 9.62 2.29 56.76
C6 MAN HA . 10.90 2.86 56.02
O2 MAN HA . 9.50 0.05 59.24
O3 MAN HA . 8.41 2.41 60.30
O4 MAN HA . 9.73 4.03 58.41
O5 MAN HA . 9.59 0.86 56.62
O6 MAN HA . 11.14 4.29 56.27
C1 MAN HA . 9.21 -0.56 60.55
C2 MAN HA . 10.45 -0.45 61.42
C3 MAN HA . 11.54 -1.32 60.89
C4 MAN HA . 11.06 -2.76 60.89
C5 MAN HA . 9.81 -2.81 59.96
C6 MAN HA . 9.24 -4.28 59.94
O2 MAN HA . 10.07 -0.84 62.67
O3 MAN HA . 12.74 -1.16 61.67
O4 MAN HA . 12.06 -3.58 60.41
O5 MAN HA . 8.79 -1.97 60.48
O6 MAN HA . 10.27 -5.33 59.88
C1 MAN HA . 10.53 0.11 63.68
C2 MAN HA . 10.22 -0.41 65.08
C3 MAN HA . 8.77 -0.48 65.33
C4 MAN HA . 8.21 0.92 65.21
C5 MAN HA . 8.50 1.42 63.77
C6 MAN HA . 8.04 2.90 63.60
O2 MAN HA . 10.75 0.44 65.97
O3 MAN HA . 8.54 -0.97 66.66
O4 MAN HA . 6.83 0.89 65.44
O5 MAN HA . 9.92 1.43 63.56
O6 MAN HA . 8.90 3.84 64.33
C1 MAN HA . 1.18 -0.41 54.57
C2 MAN HA . 0.93 0.90 53.81
C3 MAN HA . 1.19 2.10 54.66
C4 MAN HA . 0.24 2.01 55.83
C5 MAN HA . 0.52 0.70 56.61
C6 MAN HA . -0.48 0.59 57.82
O2 MAN HA . -0.35 0.91 53.45
O3 MAN HA . 0.93 3.30 53.89
O4 MAN HA . 0.41 3.10 56.68
O5 MAN HA . 0.30 -0.43 55.73
O6 MAN HA . -0.78 1.90 58.42
C1 NAG IA . 25.29 -9.62 48.64
C2 NAG IA . 26.74 -9.81 48.93
C3 NAG IA . 26.85 -9.81 50.40
C4 NAG IA . 26.34 -8.46 51.00
C5 NAG IA . 24.86 -8.28 50.59
C6 NAG IA . 24.25 -6.98 51.05
C7 NAG IA . 28.22 -11.20 47.59
C8 NAG IA . 28.53 -12.57 47.06
N2 NAG IA . 27.17 -11.09 48.39
O3 NAG IA . 28.23 -10.05 50.76
O4 NAG IA . 26.29 -8.57 52.40
O5 NAG IA . 24.75 -8.29 49.18
O6 NAG IA . 23.19 -6.57 50.22
O7 NAG IA . 28.91 -10.23 47.29
C1 NAG IA . 27.28 -7.77 53.09
C2 NAG IA . 26.80 -7.58 54.48
C3 NAG IA . 27.78 -6.87 55.29
C4 NAG IA . 29.07 -7.74 55.31
C5 NAG IA . 29.63 -7.91 53.86
C6 NAG IA . 30.81 -8.84 53.79
C7 NAG IA . 24.52 -7.15 55.13
C8 NAG IA . 23.31 -6.27 55.00
N2 NAG IA . 25.57 -6.81 54.43
O3 NAG IA . 27.26 -6.66 56.62
O4 NAG IA . 30.00 -7.09 56.13
O5 NAG IA . 28.60 -8.55 53.12
O6 NAG IA . 30.51 -10.12 54.31
O7 NAG IA . 24.51 -8.14 55.86
C1 BMA IA . 30.56 -7.96 57.17
C2 BMA IA . 32.00 -7.54 57.41
C3 BMA IA . 32.62 -8.40 58.43
C4 BMA IA . 31.83 -8.22 59.72
C5 BMA IA . 30.37 -8.66 59.46
C6 BMA IA . 29.50 -8.41 60.76
O2 BMA IA . 31.98 -6.27 57.84
O3 BMA IA . 34.01 -8.01 58.62
O4 BMA IA . 32.40 -9.02 60.70
O5 BMA IA . 29.81 -7.83 58.42
O6 BMA IA . 29.95 -7.26 61.57
C1 MAN IA . 28.98 -6.17 61.63
C2 MAN IA . 29.73 -4.84 61.74
C3 MAN IA . 30.52 -4.74 62.99
C4 MAN IA . 29.53 -4.88 64.13
C5 MAN IA . 28.78 -6.25 64.04
C6 MAN IA . 27.65 -6.35 65.14
O2 MAN IA . 28.81 -3.86 61.73
O3 MAN IA . 31.14 -3.41 63.06
O4 MAN IA . 30.24 -4.80 65.32
O5 MAN IA . 28.08 -6.28 62.76
O6 MAN IA . 27.82 -7.37 66.20
C1 MAN IA . 32.52 -3.33 62.58
C2 MAN IA . 33.26 -2.23 63.35
C3 MAN IA . 32.67 -0.90 63.07
C4 MAN IA . 32.81 -0.60 61.60
C5 MAN IA . 32.06 -1.72 60.83
C6 MAN IA . 32.26 -1.57 59.27
O2 MAN IA . 34.53 -2.19 62.88
O3 MAN IA . 33.34 0.10 63.88
O4 MAN IA . 32.25 0.66 61.36
O5 MAN IA . 32.62 -3.00 61.17
O6 MAN IA . 31.52 -0.49 58.62
C1 MAN IA . 35.48 -3.00 63.68
C2 MAN IA . 36.33 -2.08 64.55
C3 MAN IA . 37.21 -1.19 63.75
C4 MAN IA . 38.12 -2.10 62.94
C5 MAN IA . 37.23 -2.99 62.03
C6 MAN IA . 38.13 -3.91 61.13
O2 MAN IA . 37.10 -2.85 65.34
O3 MAN IA . 38.00 -0.36 64.66
O4 MAN IA . 38.98 -1.35 62.16
O5 MAN IA . 36.37 -3.80 62.86
O6 MAN IA . 39.15 -3.14 60.38
C1 MAN IA . 28.80 -7.01 67.25
C2 MAN IA . 28.64 -7.96 68.43
C3 MAN IA . 27.34 -7.79 69.14
C4 MAN IA . 27.30 -6.36 69.65
C5 MAN IA . 27.42 -5.41 68.43
C6 MAN IA . 27.41 -3.91 68.90
O2 MAN IA . 29.63 -7.66 69.29
O3 MAN IA . 27.25 -8.73 70.25
O4 MAN IA . 26.10 -6.14 70.30
O5 MAN IA . 28.68 -5.65 67.75
O6 MAN IA . 26.21 -3.54 69.66
C1 MAN IA . 34.89 -9.18 58.50
C2 MAN IA . 36.26 -8.88 59.10
C3 MAN IA . 36.98 -7.85 58.29
C4 MAN IA . 37.14 -8.39 56.88
C5 MAN IA . 35.74 -8.67 56.29
C6 MAN IA . 35.84 -9.27 54.84
O2 MAN IA . 36.93 -10.07 59.09
O3 MAN IA . 38.27 -7.57 58.88
O4 MAN IA . 37.81 -7.47 56.10
O5 MAN IA . 35.07 -9.64 57.12
O6 MAN IA . 36.82 -8.60 53.98
C1 MAN IA . 37.46 -10.42 60.43
C2 MAN IA . 38.36 -11.64 60.32
C3 MAN IA . 37.62 -12.88 59.94
C4 MAN IA . 36.58 -13.14 61.02
C5 MAN IA . 35.65 -11.90 61.10
C6 MAN IA . 34.56 -12.09 62.22
O2 MAN IA . 38.91 -11.84 61.52
O3 MAN IA . 38.54 -13.98 59.83
O4 MAN IA . 35.83 -14.27 60.70
O5 MAN IA . 36.42 -10.73 61.43
O6 MAN IA . 33.71 -13.28 62.04
C1 NAG JA . 5.95 -8.87 40.43
C2 NAG JA . 4.68 -8.27 39.89
C3 NAG JA . 3.67 -8.19 40.95
C4 NAG JA . 3.34 -9.65 41.44
C5 NAG JA . 4.68 -10.25 41.99
C6 NAG JA . 4.54 -11.65 42.50
C7 NAG JA . 4.84 -6.64 38.13
C8 NAG JA . 5.39 -5.30 37.73
N2 NAG JA . 4.97 -6.95 39.41
O3 NAG JA . 2.48 -7.54 40.43
O4 NAG JA . 2.37 -9.57 42.47
O5 NAG JA . 5.65 -10.29 40.95
O6 NAG JA . 3.91 -12.51 41.57
O7 NAG JA . 4.29 -7.40 37.34
C1 NAG JA . 1.20 -10.40 42.20
C2 NAG JA . 0.45 -10.57 43.49
C3 NAG JA . -0.73 -11.41 43.29
C4 NAG JA . -1.67 -10.72 42.24
C5 NAG JA . -0.88 -10.55 40.91
C6 NAG JA . -1.71 -9.85 39.87
C7 NAG JA . 1.50 -10.75 45.65
C8 NAG JA . 2.43 -11.51 46.54
N2 NAG JA . 1.32 -11.22 44.44
O3 NAG JA . -1.39 -11.63 44.55
O4 NAG JA . -2.79 -11.52 42.03
O5 NAG JA . 0.28 -9.74 41.15
O6 NAG JA . -3.08 -10.21 39.96
O7 NAG JA . 0.93 -9.72 46.04
C1 NAG KA . 6.87 19.99 34.30
C2 NAG KA . 6.20 19.78 35.62
C3 NAG KA . 4.77 20.08 35.45
C4 NAG KA . 4.60 21.58 35.02
C5 NAG KA . 5.37 21.77 33.68
C6 NAG KA . 5.32 23.18 33.14
C7 NAG KA . 7.07 18.06 37.06
C8 NAG KA . 7.19 16.61 37.37
N2 NAG KA . 6.36 18.39 36.02
O3 NAG KA . 4.08 19.81 36.71
O4 NAG KA . 3.24 21.84 34.76
O5 NAG KA . 6.74 21.45 33.85
O6 NAG KA . 5.94 24.11 34.02
O7 NAG KA . 7.62 18.92 37.76
C1 NAG KA . 2.63 22.77 35.72
C2 NAG KA . 1.38 23.29 35.08
C3 NAG KA . 0.70 24.23 36.00
C4 NAG KA . 0.34 23.44 37.30
C5 NAG KA . 1.65 22.91 37.96
C6 NAG KA . 1.35 22.08 39.19
C7 NAG KA . 1.25 23.69 32.70
C8 NAG KA . 1.75 24.48 31.53
N2 NAG KA . 1.75 23.99 33.88
O3 NAG KA . -0.48 24.77 35.34
O4 NAG KA . -0.33 24.29 38.18
O5 NAG KA . 2.29 22.04 37.04
O6 NAG KA . 0.21 22.58 39.88
O7 NAG KA . 0.40 22.80 32.57
C1 NAG LA . 18.99 26.33 21.80
C2 NAG LA . 18.66 26.86 23.15
C3 NAG LA . 17.55 27.82 22.99
C4 NAG LA . 17.93 29.00 22.04
C5 NAG LA . 18.29 28.34 20.67
C6 NAG LA . 18.66 29.30 19.58
C7 NAG LA . 18.85 25.24 24.94
C8 NAG LA . 18.23 24.08 25.65
N2 NAG LA . 18.16 25.76 23.97
O3 NAG LA . 17.17 28.31 24.29
O4 NAG LA . 16.78 29.79 21.88
O5 NAG LA . 19.40 27.45 20.82
O6 NAG LA . 18.99 28.64 18.37
O7 NAG LA . 19.95 25.69 25.24
C1 NAG LA . 17.03 31.22 22.09
C2 NAG LA . 15.82 31.95 21.60
C3 NAG LA . 16.01 33.40 21.75
C4 NAG LA . 16.24 33.72 23.26
C5 NAG LA . 17.49 32.96 23.75
C6 NAG LA . 17.74 33.19 25.21
C7 NAG LA . 14.64 30.94 19.73
C8 NAG LA . 14.60 30.77 18.26
N2 NAG LA . 15.63 31.66 20.20
O3 NAG LA . 14.86 34.09 21.21
O4 NAG LA . 16.41 35.09 23.41
O5 NAG LA . 17.28 31.55 23.57
O6 NAG LA . 17.46 34.54 25.57
O7 NAG LA . 13.78 30.44 20.49
C1 NAG MA . -30.96 12.21 -9.47
C2 NAG MA . -29.51 12.56 -9.58
C3 NAG MA . -29.27 13.20 -10.88
C4 NAG MA . -29.64 12.25 -12.06
C5 NAG MA . -31.15 11.92 -11.88
C6 NAG MA . -31.71 11.01 -12.94
C7 NAG MA . -28.20 13.31 -7.71
C8 NAG MA . -27.95 14.39 -6.71
N2 NAG MA . -29.17 13.51 -8.55
O3 NAG MA . -27.88 13.61 -10.96
O4 NAG MA . -29.46 12.95 -13.25
O5 NAG MA . -31.38 11.28 -10.62
O6 NAG MA . -31.04 9.76 -13.03
O7 NAG MA . -27.51 12.29 -7.74
C1 NAG MA . -28.40 12.40 -14.10
C2 NAG MA . -28.65 12.82 -15.50
C3 NAG MA . -27.62 12.24 -16.37
C4 NAG MA . -26.19 12.74 -15.95
C5 NAG MA . -25.99 12.31 -14.46
C6 NAG MA . -24.67 12.76 -13.90
C7 NAG MA . -30.80 13.11 -16.54
C8 NAG MA . -32.11 12.48 -16.88
N2 NAG MA . -29.93 12.35 -15.92
O3 NAG MA . -27.90 12.57 -17.75
O4 NAG MA . -25.27 12.06 -16.75
O5 NAG MA . -27.02 12.88 -13.63
O6 NAG MA . -24.52 14.17 -13.88
O7 NAG MA . -30.53 14.28 -16.83
C1 BMA MA . -24.49 12.91 -17.65
C2 BMA MA . -23.39 12.06 -18.26
C3 BMA MA . -22.53 12.82 -19.20
C4 BMA MA . -23.46 13.32 -20.30
C5 BMA MA . -24.58 14.21 -19.69
C6 BMA MA . -25.61 14.64 -20.81
O2 BMA MA . -23.99 11.06 -18.94
O3 BMA MA . -21.52 11.93 -19.74
O4 BMA MA . -22.72 14.06 -21.20
O5 BMA MA . -25.33 13.42 -18.74
O6 BMA MA . -25.64 13.73 -21.98
C1 MAN MA . -20.17 12.51 -19.67
C2 MAN MA . -19.18 11.60 -20.44
C3 MAN MA . -19.04 10.27 -19.77
C4 MAN MA . -18.49 10.54 -18.38
C5 MAN MA . -19.50 11.43 -17.62
C6 MAN MA . -18.97 11.75 -16.18
O2 MAN MA . -17.97 12.23 -20.41
O3 MAN MA . -18.13 9.44 -20.54
O4 MAN MA . -18.32 9.34 -17.69
O5 MAN MA . -19.65 12.68 -18.32
O6 MAN MA . -18.24 10.63 -15.56
C1 MAN MA . -17.47 12.57 -21.75
C2 MAN MA . -15.94 12.77 -21.66
C3 MAN MA . -15.56 13.93 -20.81
C4 MAN MA . -16.20 15.14 -21.44
C5 MAN MA . -17.75 14.95 -21.49
C6 MAN MA . -18.46 16.20 -22.15
O2 MAN MA . -15.49 13.00 -22.91
O3 MAN MA . -14.12 14.05 -20.80
O4 MAN MA . -15.91 16.26 -20.67
O5 MAN MA . -18.04 13.79 -22.30
O6 MAN MA . -17.86 17.50 -21.79
C1 MAN MA . -26.89 13.80 -22.75
C2 MAN MA . -27.88 12.74 -22.22
C3 MAN MA . -27.38 11.36 -22.41
C4 MAN MA . -27.18 11.16 -23.90
C5 MAN MA . -26.16 12.21 -24.43
C6 MAN MA . -25.97 12.06 -25.98
O2 MAN MA . -29.02 12.89 -22.91
O3 MAN MA . -28.36 10.42 -21.90
O4 MAN MA . -26.69 9.88 -24.13
O5 MAN MA . -26.68 13.53 -24.17
O6 MAN MA . -25.77 10.67 -26.42
C1 NAG NA . -30.33 33.02 7.39
C2 NAG NA . -28.98 33.29 6.84
C3 NAG NA . -28.43 34.52 7.44
C4 NAG NA . -29.36 35.73 7.12
C5 NAG NA . -30.77 35.37 7.66
C6 NAG NA . -31.76 36.45 7.31
C7 NAG NA . -27.28 31.68 6.24
C8 NAG NA . -26.48 30.50 6.67
N2 NAG NA . -28.11 32.17 7.13
O3 NAG NA . -27.12 34.72 6.86
O4 NAG NA . -28.92 36.87 7.84
O5 NAG NA . -31.29 34.18 7.07
O6 NAG NA . -32.94 35.92 6.73
O7 NAG NA . -27.20 32.16 5.12
C1 NAG NA . -28.00 37.76 7.09
C2 NAG NA . -28.25 39.18 7.49
C3 NAG NA . -27.42 40.06 6.65
C4 NAG NA . -25.89 39.76 6.87
C5 NAG NA . -25.69 38.25 6.52
C6 NAG NA . -24.29 37.75 6.73
C7 NAG NA . -30.42 39.91 8.23
C8 NAG NA . -31.84 40.20 7.88
N2 NAG NA . -29.65 39.50 7.27
O3 NAG NA . -27.72 41.44 6.97
O4 NAG NA . -25.20 40.58 5.95
O5 NAG NA . -26.51 37.42 7.35
O6 NAG NA . -23.89 37.85 8.09
O7 NAG NA . -30.00 40.05 9.38
C1 BMA NA . -24.00 41.23 6.51
C2 BMA NA . -23.03 41.50 5.35
C3 BMA NA . -21.77 42.12 5.84
C4 BMA NA . -22.14 43.44 6.50
C5 BMA NA . -23.13 43.15 7.68
C6 BMA NA . -23.63 44.49 8.34
O2 BMA NA . -23.65 42.36 4.53
O3 BMA NA . -20.79 42.17 4.73
O4 BMA NA . -20.98 44.05 6.97
O5 BMA NA . -24.30 42.49 7.16
O6 BMA NA . -23.65 44.48 9.82
C1 MAN NA . -20.58 43.45 4.00
C2 MAN NA . -20.15 43.12 2.55
C3 MAN NA . -18.84 42.42 2.48
C4 MAN NA . -17.81 43.35 3.10
C5 MAN NA . -18.23 43.65 4.57
C6 MAN NA . -17.21 44.63 5.26
O2 MAN NA . -20.03 44.31 1.91
O3 MAN NA . -18.51 42.14 1.10
O4 MAN NA . -16.56 42.73 3.08
O5 MAN NA . -19.53 44.29 4.58
O6 MAN NA . -15.80 44.33 4.98
C1 MAN NA . -24.68 45.36 10.38
C2 MAN NA . -24.34 45.66 11.84
C3 MAN NA . -24.39 44.44 12.70
C4 MAN NA . -25.82 43.91 12.60
C5 MAN NA . -26.15 43.59 11.12
C6 MAN NA . -27.63 43.08 10.98
O2 MAN NA . -25.24 46.55 12.29
O3 MAN NA . -24.06 44.80 14.06
O4 MAN NA . -25.93 42.77 13.38
O5 MAN NA . -26.02 44.80 10.34
O6 MAN NA . -28.07 42.19 12.08
C1 NAG OA . -38.25 35.40 4.13
C2 NAG OA . -37.36 36.10 3.16
C3 NAG OA . -37.27 37.52 3.53
C4 NAG OA . -38.68 38.19 3.48
C5 NAG OA . -39.58 37.39 4.47
C6 NAG OA . -40.99 37.88 4.57
C7 NAG OA . -35.22 35.51 2.20
C8 NAG OA . -33.94 34.80 2.40
N2 NAG OA . -36.06 35.48 3.21
O3 NAG OA . -36.34 38.18 2.64
O4 NAG OA . -38.53 39.53 3.90
O5 NAG OA . -39.66 36.03 4.10
O6 NAG OA . -41.61 38.03 3.30
O7 NAG OA . -35.51 36.10 1.16
C1 NAG OA . -39.16 40.50 2.99
C2 NAG OA . -39.30 41.79 3.72
C3 NAG OA . -39.93 42.79 2.85
C4 NAG OA . -39.04 43.02 1.58
C5 NAG OA . -38.90 41.65 0.86
C6 NAG OA . -37.96 41.71 -0.32
C7 NAG OA . -39.79 41.94 6.07
C8 NAG OA . -40.77 41.68 7.16
N2 NAG OA . -40.15 41.60 4.86
O3 NAG OA . -40.08 44.03 3.57
O4 NAG OA . -39.75 43.93 0.78
O5 NAG OA . -38.29 40.70 1.74
O6 NAG OA . -36.61 41.85 0.10
O7 NAG OA . -38.69 42.45 6.30
C1 BMA OA . -38.97 45.13 0.49
C2 BMA OA . -39.78 46.04 -0.43
C3 BMA OA . -39.02 47.25 -0.80
C4 BMA OA . -38.70 47.99 0.49
C5 BMA OA . -37.86 47.06 1.43
C6 BMA OA . -37.58 47.72 2.83
O2 BMA OA . -40.88 46.41 0.25
O3 BMA OA . -39.83 48.11 -1.66
O4 BMA OA . -37.96 49.12 0.16
O5 BMA OA . -38.64 45.88 1.70
O6 BMA OA . -38.14 49.07 3.04
C1 MAN OA . -39.59 47.91 -3.11
C2 MAN OA . -40.11 49.15 -3.84
C3 MAN OA . -41.60 49.27 -3.72
C4 MAN OA . -42.21 48.04 -4.34
C5 MAN OA . -41.68 46.81 -3.56
C6 MAN OA . -42.27 45.49 -4.15
O2 MAN OA . -39.75 49.02 -5.15
O3 MAN OA . -42.06 50.47 -4.38
O4 MAN OA . -43.60 48.11 -4.26
O5 MAN OA . -40.25 46.74 -3.67
O6 MAN OA . -43.74 45.53 -4.31
C1 MAN OA . -39.03 50.20 -5.67
C2 MAN OA . -39.21 50.26 -7.17
C3 MAN OA . -38.50 49.14 -7.84
C4 MAN OA . -37.03 49.25 -7.48
C5 MAN OA . -36.91 49.12 -5.95
C6 MAN OA . -35.40 49.20 -5.53
O2 MAN OA . -38.77 51.44 -7.65
O3 MAN OA . -38.65 49.21 -9.27
O4 MAN OA . -36.32 48.24 -8.11
O5 MAN OA . -37.61 50.22 -5.33
O6 MAN OA . -34.54 48.20 -6.18
C1 MAN OA . -39.77 52.05 -8.55
C2 MAN OA . -39.13 53.17 -9.36
C3 MAN OA . -38.76 54.30 -8.50
C4 MAN OA . -40.03 54.83 -7.87
C5 MAN OA . -40.64 53.68 -7.02
C6 MAN OA . -41.99 54.11 -6.38
O2 MAN OA . -40.04 53.63 -10.24
O3 MAN OA . -38.14 55.31 -9.29
O4 MAN OA . -39.74 55.97 -7.11
O5 MAN OA . -40.94 52.58 -7.87
O6 MAN OA . -43.17 53.63 -7.10
C1 MAN OA . -38.47 49.34 4.46
C2 MAN OA . -39.99 49.24 4.64
C3 MAN OA . -40.71 50.30 3.87
C4 MAN OA . -40.22 51.63 4.42
C5 MAN OA . -38.67 51.75 4.22
C6 MAN OA . -38.13 53.07 4.90
O2 MAN OA . -40.26 49.42 5.94
O3 MAN OA . -42.14 50.15 4.09
O4 MAN OA . -40.89 52.66 3.76
O5 MAN OA . -38.06 50.66 4.93
O6 MAN OA . -37.33 54.00 4.05
C1 MAN OA . -42.97 50.55 2.93
C2 MAN OA . -44.08 51.50 3.43
C3 MAN OA . -45.03 50.82 4.33
C4 MAN OA . -45.66 49.68 3.56
C5 MAN OA . -44.53 48.72 3.09
C6 MAN OA . -45.12 47.53 2.24
O2 MAN OA . -44.73 51.93 2.34
O3 MAN OA . -46.04 51.77 4.76
O4 MAN OA . -46.56 49.00 4.36
O5 MAN OA . -43.60 49.43 2.24
O6 MAN OA . -46.40 47.00 2.74
C1 MAN OA . -38.05 54.50 2.87
C2 MAN OA . -37.29 55.66 2.22
C3 MAN OA . -37.28 56.89 3.05
C4 MAN OA . -38.73 57.30 3.23
C5 MAN OA . -39.49 56.14 3.96
C6 MAN OA . -41.01 56.50 4.12
O2 MAN OA . -37.94 55.92 1.08
O3 MAN OA . -36.54 57.93 2.35
O4 MAN OA . -38.81 58.47 3.97
O5 MAN OA . -39.40 54.97 3.12
O6 MAN OA . -41.25 57.76 4.85
C1 NAG PA . -28.23 33.44 1.54
C2 NAG PA . -27.07 34.31 1.87
C3 NAG PA . -27.53 35.48 2.63
C4 NAG PA . -28.55 36.31 1.80
C5 NAG PA . -29.74 35.35 1.50
C6 NAG PA . -30.83 35.96 0.67
C7 NAG PA . -24.86 33.63 2.54
C8 NAG PA . -24.04 32.80 3.46
N2 NAG PA . -26.15 33.57 2.70
O3 NAG PA . -26.38 36.28 3.00
O4 NAG PA . -28.98 37.40 2.58
O5 NAG PA . -29.26 34.23 0.75
O6 NAG PA . -30.35 36.61 -0.49
O7 NAG PA . -24.36 34.33 1.65
C1 NAG PA . -28.85 38.69 1.89
C2 NAG PA . -29.73 39.69 2.56
C3 NAG PA . -29.65 40.98 1.84
C4 NAG PA . -28.19 41.56 1.87
C5 NAG PA . -27.30 40.45 1.21
C6 NAG PA . -25.82 40.74 1.28
C7 NAG PA . -31.69 38.87 3.69
C8 NAG PA . -33.08 38.34 3.61
N2 NAG PA . -31.09 39.20 2.57
O3 NAG PA . -30.59 41.89 2.46
O4 NAG PA . -28.22 42.73 1.07
O5 NAG PA . -27.40 39.20 1.90
O6 NAG PA . -25.25 40.93 0.00
O7 NAG PA . -31.10 39.02 4.77
C1 BMA PA . -27.45 43.90 1.60
C2 BMA PA . -26.48 44.34 0.50
C3 BMA PA . -25.65 45.49 0.93
C4 BMA PA . -26.62 46.63 1.24
C5 BMA PA . -27.61 46.18 2.36
C6 BMA PA . -28.67 47.32 2.62
O2 BMA PA . -27.21 44.70 -0.56
O3 BMA PA . -24.75 45.86 -0.16
O4 BMA PA . -25.90 47.74 1.66
O5 BMA PA . -28.33 45.02 1.89
O6 BMA PA . -30.08 46.88 2.69
C1 MAN PA . -23.43 46.36 0.28
C2 MAN PA . -23.14 47.68 -0.47
C3 MAN PA . -23.01 47.48 -1.92
C4 MAN PA . -21.86 46.52 -2.14
C5 MAN PA . -22.19 45.18 -1.40
C6 MAN PA . -21.02 44.14 -1.59
O2 MAN PA . -21.99 48.16 0.03
O3 MAN PA . -22.74 48.75 -2.55
O4 MAN PA . -21.70 46.28 -3.50
O5 MAN PA . -22.32 45.43 0.01
O6 MAN PA . -20.53 44.02 -2.97
C1 MAN PA . -31.02 48.01 2.56
C2 MAN PA . -32.43 47.50 2.81
C3 MAN PA . -32.89 46.56 1.75
C4 MAN PA . -32.86 47.33 0.44
C5 MAN PA . -31.41 47.81 0.17
C6 MAN PA . -31.40 48.63 -1.18
O2 MAN PA . -33.24 48.57 2.81
O3 MAN PA . -34.22 46.07 2.05
O4 MAN PA . -33.29 46.54 -0.62
O5 MAN PA . -31.00 48.67 1.25
O6 MAN PA . -32.37 48.13 -2.16
C1 NAG QA . -34.46 29.61 -13.03
C2 NAG QA . -33.69 29.23 -14.25
C3 NAG QA . -33.08 30.44 -14.79
C4 NAG QA . -34.22 31.45 -15.16
C5 NAG QA . -35.00 31.79 -13.86
C6 NAG QA . -36.14 32.76 -14.04
C7 NAG QA . -32.44 27.19 -14.47
C8 NAG QA . -31.43 26.28 -13.86
N2 NAG QA . -32.62 28.32 -13.87
O3 NAG QA . -32.27 30.11 -15.93
O4 NAG QA . -33.63 32.60 -15.70
O5 NAG QA . -35.58 30.59 -13.35
O6 NAG QA . -37.18 32.23 -14.83
O7 NAG QA . -33.07 26.89 -15.49
C1 NAG QA . -34.20 32.92 -17.01
C2 NAG QA . -33.82 34.31 -17.35
C3 NAG QA . -34.39 34.67 -18.66
C4 NAG QA . -33.83 33.69 -19.75
C5 NAG QA . -34.23 32.25 -19.35
C6 NAG QA . -33.64 31.25 -20.28
C7 NAG QA . -33.60 36.08 -15.73
C8 NAG QA . -34.29 36.96 -14.74
N2 NAG QA . -34.36 35.22 -16.36
O3 NAG QA . -34.05 36.05 -18.92
O4 NAG QA . -34.43 33.96 -20.98
O5 NAG QA . -33.67 31.95 -18.08
O6 NAG QA . -32.23 31.17 -20.16
O7 NAG QA . -32.40 36.16 -15.95
C1 BMA QA . -33.74 34.97 -21.79
C2 BMA QA . -33.77 34.54 -23.25
C3 BMA QA . -33.07 35.52 -24.12
C4 BMA QA . -33.80 36.84 -23.95
C5 BMA QA . -33.75 37.27 -22.46
C6 BMA QA . -34.55 38.59 -22.24
O2 BMA QA . -35.06 34.49 -23.62
O3 BMA QA . -33.13 35.10 -25.52
O4 BMA QA . -33.20 37.80 -24.74
O5 BMA QA . -34.39 36.26 -21.67
O6 BMA QA . -34.86 39.30 -23.51
C1 MAN QA . -35.63 40.52 -23.29
C2 MAN QA . -37.10 40.26 -23.62
C3 MAN QA . -37.29 39.88 -25.05
C4 MAN QA . -36.80 41.06 -25.86
C5 MAN QA . -35.30 41.33 -25.54
C6 MAN QA . -34.74 42.59 -26.30
O2 MAN QA . -37.72 41.41 -23.37
O3 MAN QA . -38.70 39.59 -25.28
O4 MAN QA . -36.95 40.78 -27.21
O5 MAN QA . -35.17 41.62 -24.12
O6 MAN QA . -34.81 43.86 -25.55
C1 MAN QA . -38.94 38.36 -26.08
C2 MAN QA . -40.16 38.56 -26.99
C3 MAN QA . -41.40 38.72 -26.19
C4 MAN QA . -41.63 37.45 -25.40
C5 MAN QA . -40.38 37.27 -24.49
C6 MAN QA . -40.46 35.93 -23.67
O2 MAN QA . -40.30 37.43 -27.75
O3 MAN QA . -42.52 38.94 -27.08
O4 MAN QA . -42.79 37.60 -24.67
O5 MAN QA . -39.18 37.16 -25.28
O6 MAN QA . -40.01 36.06 -22.28
C1 MAN QA . -39.60 37.51 -29.06
C2 MAN QA . -40.63 37.78 -30.17
C3 MAN QA . -41.62 36.69 -30.33
C4 MAN QA . -40.83 35.43 -30.67
C5 MAN QA . -39.82 35.15 -29.53
C6 MAN QA . -39.00 33.85 -29.84
O2 MAN QA . -39.95 37.91 -31.31
O3 MAN QA . -42.51 37.04 -31.40
O4 MAN QA . -41.69 34.35 -30.80
O5 MAN QA . -38.91 36.27 -29.40
O6 MAN QA . -39.84 32.71 -30.21
C1 MAN QA . -34.37 45.01 -26.35
C2 MAN QA . -34.53 46.29 -25.51
C3 MAN QA . -35.95 46.54 -25.22
C4 MAN QA . -36.70 46.71 -26.52
C5 MAN QA . -36.54 45.41 -27.36
C6 MAN QA . -37.22 45.56 -28.77
O2 MAN QA . -34.03 47.31 -26.23
O3 MAN QA . -36.10 47.71 -24.39
O4 MAN QA . -38.05 46.91 -26.25
O5 MAN QA . -35.13 45.18 -27.59
O6 MAN QA . -38.42 46.40 -28.76
C1 MAN QA . -32.15 34.06 -25.87
C2 MAN QA . -31.74 34.24 -27.33
C3 MAN QA . -32.89 34.05 -28.26
C4 MAN QA . -33.39 32.63 -28.06
C5 MAN QA . -33.81 32.46 -26.58
C6 MAN QA . -34.34 31.01 -26.29
O2 MAN QA . -30.80 33.32 -27.61
O3 MAN QA . -32.43 34.24 -29.62
O4 MAN QA . -34.49 32.41 -28.88
O5 MAN QA . -32.67 32.69 -25.73
O6 MAN QA . -35.33 30.52 -27.26
C1 NAG RA . -36.22 21.33 -14.87
C2 NAG RA . -37.51 22.05 -14.71
C3 NAG RA . -38.55 21.18 -15.25
C4 NAG RA . -38.26 20.88 -16.76
C5 NAG RA . -36.88 20.17 -16.84
C6 NAG RA . -36.41 19.85 -18.24
C7 NAG RA . -37.79 23.48 -12.78
C8 NAG RA . -37.88 23.57 -11.30
N2 NAG RA . -37.77 22.29 -13.31
O3 NAG RA . -39.84 21.81 -15.07
O4 NAG RA . -39.25 20.01 -17.24
O5 NAG RA . -35.89 21.04 -16.33
O6 NAG RA . -36.73 20.84 -19.19
O7 NAG RA . -37.77 24.48 -13.50
C1 NAG RA . -39.95 20.56 -18.38
C2 NAG RA . -40.53 19.43 -19.15
C3 NAG RA . -41.23 19.93 -20.32
C4 NAG RA . -42.37 20.86 -19.82
C5 NAG RA . -41.77 22.04 -19.01
C6 NAG RA . -42.81 22.94 -18.42
C7 NAG RA . -39.34 17.33 -19.13
C8 NAG RA . -38.21 16.53 -19.68
N2 NAG RA . -39.46 18.55 -19.59
O3 NAG RA . -41.75 18.83 -21.09
O4 NAG RA . -43.02 21.37 -20.93
O5 NAG RA . -41.07 21.51 -17.90
O6 NAG RA . -43.61 22.25 -17.45
O7 NAG RA . -40.12 16.87 -18.30
C1 BMA RA . -44.42 20.94 -21.01
C2 BMA RA . -45.17 21.96 -21.85
C3 BMA RA . -46.59 21.60 -21.95
C4 BMA RA . -46.66 20.23 -22.62
C5 BMA RA . -45.89 19.20 -21.73
C6 BMA RA . -45.86 17.79 -22.44
O2 BMA RA . -44.62 21.96 -23.07
O3 BMA RA . -47.27 22.58 -22.76
O4 BMA RA . -47.99 19.86 -22.75
O5 BMA RA . -44.53 19.63 -21.61
O6 BMA RA . -46.23 17.81 -23.87
C1 MAN RA . -48.06 23.53 -21.98
C2 MAN RA . -49.10 24.14 -22.91
C3 MAN RA . -48.45 24.98 -23.93
C4 MAN RA . -47.68 26.09 -23.24
C5 MAN RA . -46.63 25.42 -22.33
C6 MAN RA . -45.77 26.52 -21.59
O2 MAN RA . -49.92 24.87 -22.12
O3 MAN RA . -49.44 25.54 -24.80
O4 MAN RA . -47.06 26.91 -24.17
O5 MAN RA . -47.29 24.60 -21.35
O6 MAN RA . -45.21 27.54 -22.50
C1 MAN RA . -51.33 24.70 -22.51
C2 MAN RA . -52.07 26.00 -22.23
C3 MAN RA . -52.17 26.26 -20.78
C4 MAN RA . -52.93 25.12 -20.14
C5 MAN RA . -52.11 23.82 -20.40
C6 MAN RA . -52.86 22.58 -19.79
O2 MAN RA . -53.30 25.85 -22.80
O3 MAN RA . -52.80 27.53 -20.53
O4 MAN RA . -53.04 25.34 -18.77
O5 MAN RA . -52.02 23.60 -21.82
O6 MAN RA . -53.45 22.84 -18.47
C1 MAN RA . -53.65 27.01 -23.62
C2 MAN RA . -55.09 26.90 -24.12
C3 MAN RA . -55.25 25.78 -25.06
C4 MAN RA . -54.35 26.03 -26.25
C5 MAN RA . -52.89 26.11 -25.73
C6 MAN RA . -51.92 26.48 -26.88
O2 MAN RA . -55.39 28.04 -24.78
O3 MAN RA . -56.61 25.73 -25.50
O4 MAN RA . -54.48 25.00 -27.17
O5 MAN RA . -52.79 27.19 -24.78
O6 MAN RA . -52.05 27.87 -27.32
C1 MAN RA . -45.80 16.63 -24.62
C2 MAN RA . -44.43 16.90 -25.27
C3 MAN RA . -44.49 17.98 -26.28
C4 MAN RA . -45.47 17.52 -27.34
C5 MAN RA . -46.86 17.27 -26.68
C6 MAN RA . -47.86 16.77 -27.77
O2 MAN RA . -44.04 15.76 -25.87
O3 MAN RA . -43.18 18.18 -26.84
O4 MAN RA . -45.58 18.47 -28.35
O5 MAN RA . -46.73 16.25 -25.68
O6 MAN RA . -47.63 17.39 -29.10
C1 NAG SA . -47.31 29.29 -1.41
C2 NAG SA . -47.74 30.44 -0.55
C3 NAG SA . -48.97 30.96 -1.18
C4 NAG SA . -48.70 31.43 -2.65
C5 NAG SA . -48.17 30.22 -3.45
C6 NAG SA . -47.81 30.56 -4.87
C7 NAG SA . -47.46 30.49 1.87
C8 NAG SA . -47.80 29.86 3.18
N2 NAG SA . -48.02 29.95 0.79
O3 NAG SA . -49.49 32.03 -0.36
O4 NAG SA . -49.92 31.73 -3.25
O5 NAG SA . -47.00 29.73 -2.84
O6 NAG SA . -46.82 29.67 -5.39
O7 NAG SA . -46.73 31.46 1.78
C1 NAG SA . -50.13 33.16 -3.50
C2 NAG SA . -51.15 33.27 -4.57
C3 NAG SA . -51.48 34.67 -4.82
C4 NAG SA . -52.06 35.25 -3.49
C5 NAG SA . -50.97 35.18 -2.37
C6 NAG SA . -51.49 35.61 -1.02
C7 NAG SA . -51.32 31.87 -6.52
C8 NAG SA . -50.65 31.33 -7.74
N2 NAG SA . -50.62 32.69 -5.78
O3 NAG SA . -52.45 34.75 -5.90
O4 NAG SA . -52.44 36.57 -3.73
O5 NAG SA . -50.65 33.81 -2.22
O6 NAG SA . -52.61 34.84 -0.62
O7 NAG SA . -52.47 31.55 -6.22
C1 BMA SA . -53.82 36.85 -3.33
C2 BMA SA . -53.86 38.30 -2.85
C3 BMA SA . -55.23 38.64 -2.39
C4 BMA SA . -56.16 38.48 -3.58
C5 BMA SA . -56.10 37.00 -4.07
C6 BMA SA . -57.00 36.82 -5.35
O2 BMA SA . -53.52 39.08 -3.88
O3 BMA SA . -55.25 40.01 -1.90
O4 BMA SA . -57.45 38.80 -3.19
O5 BMA SA . -54.75 36.69 -4.45
O6 BMA SA . -57.06 38.02 -6.20
C1 MAN SA . -56.46 37.84 -7.52
C2 MAN SA . -55.86 39.17 -8.00
C3 MAN SA . -56.90 40.22 -8.17
C4 MAN SA . -57.87 39.69 -9.21
C5 MAN SA . -58.50 38.33 -8.73
C6 MAN SA . -59.40 37.70 -9.86
O2 MAN SA . -55.27 38.96 -9.18
O3 MAN SA . -56.26 41.43 -8.70
O4 MAN SA . -58.86 40.64 -9.40
O5 MAN SA . -57.42 37.40 -8.52
O6 MAN SA . -60.86 37.62 -9.58
C1 MAN SA . -55.89 42.44 -7.69
C2 MAN SA . -55.98 43.83 -8.33
C3 MAN SA . -54.99 43.98 -9.42
C4 MAN SA . -53.60 43.83 -8.82
C5 MAN SA . -53.52 42.41 -8.19
C6 MAN SA . -52.16 42.19 -7.44
O2 MAN SA . -55.64 44.73 -7.37
O3 MAN SA . -55.14 45.28 -10.03
O4 MAN SA . -52.69 43.98 -9.87
O5 MAN SA . -54.54 42.28 -7.18
O6 MAN SA . -50.98 41.99 -8.28
C1 MAN SA . -56.81 45.30 -6.66
C2 MAN SA . -57.08 46.72 -7.15
C3 MAN SA . -55.98 47.66 -6.82
C4 MAN SA . -55.84 47.66 -5.31
C5 MAN SA . -55.53 46.22 -4.84
C6 MAN SA . -55.33 46.20 -3.28
O2 MAN SA . -58.20 47.15 -6.56
O3 MAN SA . -56.32 48.98 -7.31
O4 MAN SA . -54.83 48.52 -4.91
O5 MAN SA . -56.62 45.35 -5.21
O6 MAN SA . -54.36 47.20 -2.82
C1 MAN SA . -61.59 38.88 -9.72
C2 MAN SA . -63.10 38.61 -9.76
C3 MAN SA . -63.52 37.86 -10.98
C4 MAN SA . -63.16 38.74 -12.17
C5 MAN SA . -61.62 38.98 -12.14
C6 MAN SA . -61.19 39.90 -13.34
O2 MAN SA . -63.70 39.80 -9.77
O3 MAN SA . -64.95 37.62 -10.94
O4 MAN SA . -63.51 38.08 -13.34
O5 MAN SA . -61.26 39.66 -10.91
O6 MAN SA . -61.55 39.35 -14.66
C1 MAN SA . -55.84 40.06 -0.56
C2 MAN SA . -56.26 41.49 -0.22
C3 MAN SA . -55.06 42.37 -0.08
C4 MAN SA . -54.19 41.80 1.03
C5 MAN SA . -53.77 40.36 0.64
C6 MAN SA . -52.90 39.71 1.77
O2 MAN SA . -56.94 41.39 0.96
O3 MAN SA . -55.47 43.72 0.23
O4 MAN SA . -53.08 42.60 1.20
O5 MAN SA . -54.96 39.56 0.49
O6 MAN SA . -51.87 40.59 2.34
C1 MAN SA . -58.29 42.02 0.87
C2 MAN SA . -58.91 42.06 2.26
C3 MAN SA . -59.23 40.71 2.80
C4 MAN SA . -60.22 40.06 1.84
C5 MAN SA . -59.54 39.99 0.44
C6 MAN SA . -60.53 39.35 -0.61
O2 MAN SA . -60.06 42.75 2.15
O3 MAN SA . -59.81 40.83 4.12
O4 MAN SA . -60.53 38.77 2.26
O5 MAN SA . -59.23 41.32 -0.01
O6 MAN SA . -60.98 37.99 -0.26
C1 NAG TA . -38.93 11.85 -9.64
C2 NAG TA . -38.08 11.00 -10.53
C3 NAG TA . -38.85 10.54 -11.69
C4 NAG TA . -40.05 9.66 -11.17
C5 NAG TA . -40.91 10.57 -10.25
C6 NAG TA . -42.10 9.87 -9.65
C7 NAG TA . -35.72 11.48 -10.68
C8 NAG TA . -34.68 12.50 -11.02
N2 NAG TA . -36.95 11.78 -10.99
O3 NAG TA . -38.00 9.79 -12.58
O4 NAG TA . -40.80 9.22 -12.28
O5 NAG TA . -40.12 11.02 -9.14
O6 NAG TA . -41.76 8.64 -9.02
O7 NAG TA . -35.45 10.41 -10.13
C1 NAG TA . -40.96 7.76 -12.33
C2 NAG TA . -42.09 7.46 -13.26
C3 NAG TA . -42.32 6.01 -13.33
C4 NAG TA . -41.01 5.33 -13.85
C5 NAG TA . -39.85 5.66 -12.86
C6 NAG TA . -38.55 5.06 -13.33
C7 NAG TA . -44.06 8.83 -13.54
C8 NAG TA . -45.27 9.43 -12.90
N2 NAG TA . -43.29 8.09 -12.77
O3 NAG TA . -43.45 5.73 -14.19
O4 NAG TA . -41.22 3.95 -13.91
O5 NAG TA . -39.68 7.07 -12.81
O6 NAG TA . -38.74 3.80 -13.95
O7 NAG TA . -43.78 9.03 -14.72
C1 NAG UA . -18.02 26.01 -24.93
C2 NAG UA . -19.20 25.75 -25.81
C3 NAG UA . -18.82 24.72 -26.79
C4 NAG UA . -17.62 25.25 -27.66
C5 NAG UA . -16.44 25.56 -26.69
C6 NAG UA . -15.22 26.12 -27.40
C7 NAG UA . -21.40 25.96 -24.86
C8 NAG UA . -22.45 25.37 -23.99
N2 NAG UA . -20.31 25.27 -25.01
O3 NAG UA . -19.96 24.39 -27.62
O4 NAG UA . -17.19 24.23 -28.52
O5 NAG UA . -16.84 26.55 -25.75
O6 NAG UA . -15.47 27.36 -28.04
O7 NAG UA . -21.54 27.05 -25.41
C1 NAG UA . -17.43 24.50 -29.94
C2 NAG UA . -16.55 23.60 -30.74
C3 NAG UA . -16.76 23.81 -32.18
C4 NAG UA . -18.27 23.49 -32.50
C5 NAG UA . -19.18 24.45 -31.67
C6 NAG UA . -20.63 24.13 -31.90
C7 NAG UA . -14.33 23.01 -29.95
C8 NAG UA . -12.97 23.49 -29.62
N2 NAG UA . -15.18 23.91 -30.41
O3 NAG UA . -15.85 22.97 -32.92
O4 NAG UA . -18.48 23.66 -33.86
O5 NAG UA . -18.91 24.23 -30.28
O6 NAG UA . -20.88 23.69 -33.23
O7 NAG UA . -14.67 21.83 -29.82
C1 NAG VA . -4.83 35.39 -15.93
C2 NAG VA . -5.65 35.79 -17.10
C3 NAG VA . -4.92 35.37 -18.30
C4 NAG VA . -3.50 36.02 -18.41
C5 NAG VA . -2.74 35.56 -17.12
C6 NAG VA . -1.32 36.04 -17.01
C7 NAG VA . -8.03 35.61 -16.77
C8 NAG VA . -9.23 34.72 -16.73
N2 NAG VA . -6.89 35.06 -17.06
O3 NAG VA . -5.71 35.70 -19.46
O4 NAG VA . -2.87 35.47 -19.53
O5 NAG VA . -3.42 36.02 -15.96
O6 NAG VA . -0.70 35.61 -15.81
O7 NAG VA . -8.10 36.82 -16.55
C1 NAG VA . -2.27 36.48 -20.41
C2 NAG VA . -1.40 35.76 -21.38
C3 NAG VA . -0.73 36.72 -22.27
C4 NAG VA . -1.83 37.51 -23.06
C5 NAG VA . -2.73 38.25 -22.03
C6 NAG VA . -3.83 39.00 -22.73
C7 NAG VA . -0.33 33.74 -20.55
C8 NAG VA . 0.82 33.19 -19.76
N2 NAG VA . -0.37 35.05 -20.64
O3 NAG VA . 0.16 36.00 -23.16
O4 NAG VA . -1.21 38.41 -23.91
O5 NAG VA . -3.34 37.30 -21.17
O6 NAG VA . -3.38 39.59 -23.94
O7 NAG VA . -1.17 33.01 -21.08
C1 NAG WA . 28.42 11.45 -30.87
C2 NAG WA . 28.98 12.77 -31.27
C3 NAG WA . 28.03 13.49 -32.14
C4 NAG WA . 27.80 12.62 -33.42
C5 NAG WA . 27.23 11.24 -32.99
C6 NAG WA . 27.02 10.33 -34.18
C7 NAG WA . 30.45 13.86 -29.69
C8 NAG WA . 30.56 14.64 -28.43
N2 NAG WA . 29.23 13.59 -30.10
O3 NAG WA . 28.55 14.80 -32.44
O4 NAG WA . 26.88 13.27 -34.24
O5 NAG WA . 28.18 10.58 -32.13
O6 NAG WA . 26.46 11.04 -35.27
O7 NAG WA . 31.44 13.50 -30.33
C1 NAG XA . -8.35 -27.95 -37.77
C2 NAG XA . -8.67 -26.75 -38.63
C3 NAG XA . -10.13 -26.67 -38.82
C4 NAG XA . -10.61 -27.98 -39.52
C5 NAG XA . -10.25 -29.18 -38.63
C6 NAG XA . -10.68 -30.49 -39.23
C7 NAG XA . -7.16 -24.86 -38.37
C8 NAG XA . -6.76 -23.67 -37.55
N2 NAG XA . -8.22 -25.53 -37.98
O3 NAG XA . -10.46 -25.49 -39.57
O4 NAG XA . -11.99 -27.92 -39.70
O5 NAG XA . -8.83 -29.25 -38.45
O6 NAG XA . -11.99 -30.40 -39.77
O7 NAG XA . -6.53 -25.20 -39.38
C1 NAG YA . 25.16 21.28 -11.29
C2 NAG YA . 25.31 21.19 -12.78
C3 NAG YA . 26.21 22.25 -13.26
C4 NAG YA . 25.64 23.65 -12.89
C5 NAG YA . 25.53 23.73 -11.35
C6 NAG YA . 24.96 25.04 -10.90
C7 NAG YA . 25.41 19.11 -13.99
C8 NAG YA . 26.25 17.93 -14.34
N2 NAG YA . 25.93 19.95 -13.14
O3 NAG YA . 26.37 22.10 -14.69
O4 NAG YA . 26.50 24.64 -13.36
O5 NAG YA . 24.64 22.69 -10.91
O6 NAG YA . 25.46 26.12 -11.67
O7 NAG YA . 24.29 19.29 -14.45
C1 NAG ZA . 8.21 12.62 -24.33
C2 NAG ZA . 6.88 12.90 -24.95
C3 NAG ZA . 6.75 12.34 -26.31
C4 NAG ZA . 7.85 13.03 -27.16
C5 NAG ZA . 9.25 12.73 -26.57
C6 NAG ZA . 10.30 13.41 -27.39
C7 NAG ZA . 5.14 13.13 -23.31
C8 NAG ZA . 4.14 12.48 -22.44
N2 NAG ZA . 5.81 12.37 -24.13
O3 NAG ZA . 5.42 12.58 -26.81
O4 NAG ZA . 7.79 12.57 -28.48
O5 NAG ZA . 9.30 13.25 -25.23
O6 NAG ZA . 9.87 13.56 -28.73
O7 NAG ZA . 5.35 14.35 -23.28
C1 NAG AB . -44.75 -37.15 -17.22
C2 NAG AB . -45.95 -37.97 -16.85
C3 NAG AB . -47.17 -37.31 -17.36
C4 NAG AB . -47.28 -35.87 -16.74
C5 NAG AB . -46.02 -35.06 -17.14
C6 NAG AB . -46.04 -33.66 -16.57
C7 NAG AB . -45.62 -40.38 -16.77
C8 NAG AB . -45.47 -41.64 -17.55
N2 NAG AB . -45.85 -39.28 -17.46
O3 NAG AB . -48.32 -38.13 -17.05
O4 NAG AB . -48.43 -35.26 -17.22
O5 NAG AB . -44.86 -35.72 -16.63
O6 NAG AB . -47.34 -33.09 -16.65
O7 NAG AB . -45.53 -40.36 -15.55
C1 NAG BB . -37.19 -51.82 -26.59
C2 NAG BB . -38.11 -50.71 -26.99
C3 NAG BB . -39.35 -51.27 -27.56
C4 NAG BB . -38.98 -52.14 -28.81
C5 NAG BB . -38.02 -53.28 -28.37
C6 NAG BB . -37.58 -54.13 -29.53
C7 NAG BB . -38.11 -48.59 -25.80
C8 NAG BB . -38.49 -47.83 -24.58
N2 NAG BB . -38.44 -49.87 -25.85
O3 NAG BB . -40.26 -50.20 -27.89
O4 NAG BB . -40.13 -52.67 -29.36
O5 NAG BB . -36.84 -52.70 -27.81
O6 NAG BB . -38.62 -54.30 -30.49
O7 NAG BB . -37.48 -48.08 -26.74
C1 NAG CB . -33.37 -29.72 -24.59
C2 NAG CB . -33.80 -30.53 -25.79
C3 NAG CB . -33.16 -29.99 -26.99
C4 NAG CB . -33.59 -28.49 -27.17
C5 NAG CB . -33.15 -27.68 -25.93
C6 NAG CB . -33.57 -26.24 -26.01
C7 NAG CB . -34.27 -32.89 -25.47
C8 NAG CB . -33.70 -34.24 -25.18
N2 NAG CB . -33.41 -31.91 -25.62
O3 NAG CB . -33.52 -30.81 -28.14
O4 NAG CB . -33.00 -27.98 -28.32
O5 NAG CB . -33.79 -28.24 -24.77
O6 NAG CB . -33.41 -25.73 -27.32
O7 NAG CB . -35.49 -32.69 -25.56
C1 NAG DB . 30.37 19.73 24.09
C2 NAG DB . 31.40 20.76 23.75
C3 NAG DB . 32.58 20.12 23.12
C4 NAG DB . 33.18 19.11 24.13
C5 NAG DB . 32.09 18.06 24.51
C6 NAG DB . 32.60 17.06 25.51
C7 NAG DB . 30.60 22.97 23.18
C8 NAG DB . 29.97 23.83 22.15
N2 NAG DB . 30.86 21.73 22.82
O3 NAG DB . 33.52 21.14 22.72
O4 NAG DB . 34.27 18.48 23.55
O5 NAG DB . 30.97 18.72 25.09
O6 NAG DB . 33.94 16.66 25.23
O7 NAG DB . 30.88 23.38 24.31
C1 NAG EB . 16.63 -32.39 30.84
C2 NAG EB . 18.03 -32.27 30.27
C3 NAG EB . 18.31 -33.45 29.44
C4 NAG EB . 18.21 -34.73 30.32
C5 NAG EB . 16.78 -34.81 30.91
C6 NAG EB . 16.60 -36.03 31.78
C7 NAG EB . 18.77 -29.99 29.83
C8 NAG EB . 18.71 -28.81 28.91
N2 NAG EB . 18.13 -31.08 29.45
O3 NAG EB . 19.61 -33.31 28.82
O4 NAG EB . 18.48 -35.85 29.54
O5 NAG EB . 16.51 -33.66 31.71
O6 NAG EB . 17.18 -37.18 31.19
O7 NAG EB . 19.37 -29.96 30.90
C1 NAG FB . 19.64 28.02 6.56
C2 NAG FB . 20.82 27.65 7.40
C3 NAG FB . 21.74 28.79 7.49
C4 NAG FB . 22.25 29.18 6.06
C5 NAG FB . 21.01 29.58 5.23
C6 NAG FB . 21.38 29.95 3.82
C7 NAG FB . 20.67 26.28 9.39
C8 NAG FB . 20.27 26.23 10.82
N2 NAG FB . 20.40 27.39 8.76
O3 NAG FB . 22.85 28.42 8.36
O4 NAG FB . 23.12 30.25 6.16
O5 NAG FB . 20.12 28.46 5.16
O6 NAG FB . 22.58 30.70 3.79
O7 NAG FB . 21.23 25.35 8.81
C1 NAG GB . 26.74 6.12 8.14
C2 NAG GB . 27.49 5.02 7.45
C3 NAG GB . 28.32 4.23 8.38
C4 NAG GB . 29.35 5.22 9.00
C5 NAG GB . 28.60 6.35 9.74
C6 NAG GB . 29.60 7.32 10.31
C7 NAG GB . 26.35 4.23 5.49
C8 NAG GB . 25.32 3.34 4.90
N2 NAG GB . 26.58 4.13 6.78
O3 NAG GB . 28.95 3.14 7.65
O4 NAG GB . 30.19 4.55 9.87
O5 NAG GB . 27.77 7.06 8.81
O6 NAG GB . 30.83 6.65 10.58
O7 NAG GB . 26.98 5.05 4.81
C1 NAG HB . -3.43 -60.32 5.35
C2 NAG HB . -4.13 -61.61 5.00
C3 NAG HB . -3.27 -62.38 4.08
C4 NAG HB . -3.00 -61.53 2.79
C5 NAG HB . -2.27 -60.21 3.20
C6 NAG HB . -1.99 -59.32 2.02
C7 NAG HB . -5.53 -62.59 6.73
C8 NAG HB . -5.58 -63.36 8.00
N2 NAG HB . -4.34 -62.40 6.20
O3 NAG HB . -3.91 -63.64 3.77
O4 NAG HB . -2.19 -62.26 1.93
O5 NAG HB . -3.13 -59.48 4.09
O6 NAG HB . -1.53 -60.09 0.91
O7 NAG HB . -6.55 -62.15 6.19
C1 NAG IB . -4.11 -64.75 23.81
C2 NAG IB . -3.11 -65.02 22.72
C3 NAG IB . -2.88 -66.47 22.60
C4 NAG IB . -2.33 -66.99 23.98
C5 NAG IB . -3.38 -66.69 25.09
C6 NAG IB . -2.91 -67.13 26.45
C7 NAG IB . -2.96 -63.54 20.79
C8 NAG IB . -3.52 -63.10 19.48
N2 NAG IB . -3.59 -64.50 21.44
O3 NAG IB . -1.96 -66.73 21.51
O4 NAG IB . -2.10 -68.35 23.88
O5 NAG IB . -3.60 -65.28 25.16
O6 NAG IB . -2.14 -68.33 26.38
O7 NAG IB . -1.92 -63.05 21.26
C1 NAG JB . 6.12 -49.47 10.81
C2 NAG JB . 6.70 -50.59 11.63
C3 NAG JB . 7.97 -50.14 12.25
C4 NAG JB . 8.97 -49.75 11.10
C5 NAG JB . 8.34 -48.61 10.24
C6 NAG JB . 9.23 -48.21 9.11
C7 NAG JB . 5.18 -52.11 12.74
C8 NAG JB . 4.16 -52.29 13.82
N2 NAG JB . 5.78 -50.95 12.70
O3 NAG JB . 8.50 -51.20 13.09
O4 NAG JB . 10.17 -49.34 11.66
O5 NAG JB . 7.11 -49.07 9.69
O6 NAG JB . 10.60 -48.19 9.48
O7 NAG JB . 5.43 -53.00 11.93
C1 NAG KB . -11.01 41.66 -5.90
C2 NAG KB . -10.23 42.93 -5.78
C3 NAG KB . -10.12 43.35 -4.38
C4 NAG KB . -11.56 43.59 -3.83
C5 NAG KB . -12.38 42.28 -3.97
C6 NAG KB . -13.80 42.45 -3.49
C7 NAG KB . -8.50 43.29 -7.43
C8 NAG KB . -7.12 42.93 -7.89
N2 NAG KB . -8.89 42.73 -6.30
O3 NAG KB . -9.28 44.51 -4.28
O4 NAG KB . -11.48 43.96 -2.49
O5 NAG KB . -12.45 41.90 -5.35
O6 NAG KB . -13.86 43.22 -2.30
O7 NAG KB . -9.22 44.05 -8.06
C1 NAG LB . -44.47 5.20 16.53
C2 NAG LB . -44.00 6.21 17.55
C3 NAG LB . -43.97 5.57 18.88
C4 NAG LB . -45.40 5.07 19.23
C5 NAG LB . -45.86 4.06 18.15
C6 NAG LB . -47.24 3.53 18.42
C7 NAG LB . -42.43 7.87 16.72
C8 NAG LB . -41.01 8.18 16.35
N2 NAG LB . -42.67 6.68 17.23
O3 NAG LB . -43.46 6.50 19.85
O4 NAG LB . -45.38 4.47 20.48
O5 NAG LB . -45.88 4.68 16.87
O6 NAG LB . -47.42 3.21 19.79
O7 NAG LB . -43.34 8.68 16.56
C1 NAG MB . 8.77 32.35 -9.49
C2 NAG MB . 7.80 33.35 -8.93
C3 NAG MB . 8.29 34.72 -9.15
C4 NAG MB . 9.67 34.90 -8.45
C5 NAG MB . 10.66 33.88 -9.06
C6 NAG MB . 12.01 33.97 -8.40
C7 NAG MB . 5.40 33.09 -9.06
C8 NAG MB . 4.20 33.15 -9.94
N2 NAG MB . 6.55 33.27 -9.65
O3 NAG MB . 7.31 35.65 -8.66
O4 NAG MB . 10.12 36.20 -8.65
O5 NAG MB . 10.15 32.56 -8.82
O6 NAG MB . 12.38 35.31 -8.15
O7 NAG MB . 5.33 32.87 -7.85
C1 NAG NB . -4.98 26.94 8.24
C2 NAG NB . -5.05 26.77 9.73
C3 NAG NB . -6.30 27.28 10.30
C4 NAG NB . -6.33 28.80 9.99
C5 NAG NB . -6.30 29.02 8.45
C6 NAG NB . -6.31 30.50 8.15
C7 NAG NB . -3.78 24.86 10.47
C8 NAG NB . -3.72 23.41 10.71
N2 NAG NB . -4.93 25.37 10.08
O3 NAG NB . -6.33 27.00 11.72
O4 NAG NB . -7.49 29.38 10.52
O5 NAG NB . -5.09 28.46 7.93
O6 NAG NB . -6.96 31.20 9.19
O7 NAG NB . -2.80 25.61 10.64
C1 NAG OB . -37.38 -32.97 34.58
C2 NAG OB . -37.74 -34.31 35.16
C3 NAG OB . -37.46 -34.29 36.60
C4 NAG OB . -35.93 -34.00 36.81
C5 NAG OB . -35.59 -32.62 36.20
C6 NAG OB . -34.14 -32.26 36.35
C7 NAG OB . -39.65 -35.44 34.14
C8 NAG OB . -41.13 -35.52 34.01
N2 NAG OB . -39.16 -34.54 34.97
O3 NAG OB . -37.85 -35.56 37.18
O4 NAG OB . -35.66 -34.00 38.18
O5 NAG OB . -35.88 -32.66 34.80
O6 NAG OB . -33.65 -32.62 37.65
O7 NAG OB . -38.89 -36.18 33.50
C1 NAG PB . -55.15 -30.47 28.37
C2 NAG PB . -54.45 -30.13 29.67
C3 NAG PB . -55.16 -30.75 30.80
C4 NAG PB . -56.63 -30.18 30.82
C5 NAG PB . -57.33 -30.54 29.47
C6 NAG PB . -58.74 -30.00 29.41
C7 NAG PB . -52.05 -29.79 29.72
C8 NAG PB . -50.68 -30.39 29.68
N2 NAG PB . -53.08 -30.61 29.64
O3 NAG PB . -54.45 -30.46 32.03
O4 NAG PB . -57.32 -30.73 31.89
O5 NAG PB . -56.60 -29.95 28.40
O6 NAG PB . -59.38 -30.03 30.68
O7 NAG PB . -52.24 -28.56 29.79
C1 NAG QB . -36.52 -18.03 30.70
C2 NAG QB . -37.86 -17.92 31.38
C3 NAG QB . -38.20 -16.49 31.58
C4 NAG QB . -37.09 -15.82 32.46
C5 NAG QB . -35.72 -15.97 31.73
C6 NAG QB . -34.59 -15.38 32.54
C7 NAG QB . -39.54 -19.62 30.93
C8 NAG QB . -40.47 -20.20 29.93
N2 NAG QB . -38.88 -18.54 30.57
O3 NAG QB . -39.51 -16.38 32.17
O4 NAG QB . -37.40 -14.49 32.63
O5 NAG QB . -35.42 -17.36 31.56
O6 NAG QB . -34.98 -14.17 33.17
O7 NAG QB . -39.36 -20.12 32.05
#